data_9O62
#
_entry.id   9O62
#
_cell.length_a   1.00
_cell.length_b   1.00
_cell.length_c   1.00
_cell.angle_alpha   90.00
_cell.angle_beta   90.00
_cell.angle_gamma   90.00
#
_symmetry.space_group_name_H-M   'P 1'
#
loop_
_entity.id
_entity.type
_entity.pdbx_description
1 polymer 'R-phycoerythrin class I alpha subunit'
2 polymer 'R-phycoerythrin class I beta subunit'
3 polymer '1C5H TCR delta chain'
4 polymer 'TCR gamma chain'
5 non-polymer PHYCOERYTHROBILIN
6 non-polymer PHYCOUROBILIN
#
loop_
_entity_poly.entity_id
_entity_poly.type
_entity_poly.pdbx_seq_one_letter_code
_entity_poly.pdbx_strand_id
1 'polypeptide(L)'
;MKSVITTTISAADAAGRFPSSSDLESVQGNIQRAASRLEAAEKLAGNHEAVVKEAGDACFAKYPYLKNPGEAGDSQEKIN
KCYRDIDHYMRLINYSLVVGGTGPLDEWGIAGAREVYRALNLPGSSYIAAFVFTRDRLCVPRDMSAQAAVEFSGALDYVI
NSLC
;
A,C,E,G,I,K
2 'polypeptide(L)'
;MLDAFSRVVVNSDSKAAYVSGSDLQALKTFIADGNKRLDAVNSIVSNASCIVSDAVSGMICENPGLIAPGGNCYTNRRMA
ACLRDGEIILRYTSYALLAGDSSVLEDRCLNGLKETYIALGVPTNSTARAVSIMKSSAVAFISNTAPQRKMATAAGDCSA
LSSEVASYCDKVSAAI
;
B,D,F,H,J,L
3 'polypeptide(L)'
;AQKVTQAQSSVSMPVRKAVTLNCLYETSWWSYYIFWYKQLPSKEMIFLIRQGSDEQNAKSGRYSVNFKKAAKSVALTISA
LQLEDSAKYFCALGAPHTYWGISTDLSSWDTRQMFFGTGIKLFVEPRSQPHTKPSVFVMKNGTNVACLVKEFYPKDIRIN
LVSSKKITEFDPAIVISPSGKYNAVKLGKYEDSNSVTCSVQHDNKTVHSTDFEVKTDSTDHVKPKETENTKQPSKSASG
;
a
4 'polypeptide(L)'
;SSNLEGGTKSVTRPTRSSAEITCDLTVINAFYIHWYLHQEGKAPQRLLYYDVSNSKDVLESGLSPGKYYTHTPRRWSWIL
ILRNLIENDSGVYYCATWDRPSKLFGSGTTLVVTDKQLDADVSPKPTIFLPSIAETKLQKAGTYLCLLEKFFPDVIKIHW
QEKKSNTILGSQEGNTMKTNDTYMKFSWLTVPEESLDKEHRCIVRHENNKNGVDQEIIFPPIKTDVITMDPKDNASG
;
b
#
loop_
_chem_comp.id
_chem_comp.type
_chem_comp.name
_chem_comp.formula
PEB non-polymer PHYCOERYTHROBILIN 'C33 H40 N4 O6'
PUB non-polymer PHYCOUROBILIN 'C33 H42 N4 O6'
#
# COMPACT_ATOMS: atom_id res chain seq x y z
N MET A 1 7.58 10.93 -27.87
CA MET A 1 6.57 11.74 -28.53
C MET A 1 5.21 11.61 -27.85
N LYS A 2 4.17 12.12 -28.49
CA LYS A 2 2.82 12.01 -27.97
C LYS A 2 1.87 11.92 -29.17
N SER A 3 1.30 10.74 -29.38
CA SER A 3 0.35 10.51 -30.46
C SER A 3 -0.68 9.50 -29.96
N VAL A 4 -1.62 9.14 -30.84
CA VAL A 4 -2.58 8.10 -30.50
C VAL A 4 -1.85 6.79 -30.23
N ILE A 5 -0.99 6.38 -31.16
CA ILE A 5 -0.25 5.13 -31.02
C ILE A 5 0.63 5.19 -29.78
N THR A 6 1.38 6.28 -29.62
CA THR A 6 2.28 6.41 -28.48
C THR A 6 1.50 6.38 -27.18
N THR A 7 0.38 7.10 -27.11
CA THR A 7 -0.40 7.14 -25.87
C THR A 7 -0.92 5.76 -25.50
N THR A 8 -1.56 5.07 -26.45
CA THR A 8 -2.16 3.78 -26.12
C THR A 8 -1.11 2.72 -25.86
N ILE A 9 0.00 2.72 -26.60
CA ILE A 9 1.06 1.75 -26.34
C ILE A 9 1.70 2.02 -24.98
N SER A 10 1.89 3.29 -24.62
CA SER A 10 2.45 3.62 -23.32
C SER A 10 1.51 3.19 -22.20
N ALA A 11 0.20 3.37 -22.39
CA ALA A 11 -0.75 2.91 -21.38
C ALA A 11 -0.70 1.38 -21.23
N ALA A 12 -0.66 0.67 -22.36
CA ALA A 12 -0.58 -0.79 -22.32
C ALA A 12 0.70 -1.24 -21.63
N ASP A 13 1.83 -0.59 -21.93
CA ASP A 13 3.09 -0.95 -21.32
C ASP A 13 3.09 -0.66 -19.82
N ALA A 14 2.50 0.47 -19.42
CA ALA A 14 2.37 0.78 -18.00
C ALA A 14 1.55 -0.29 -17.29
N ALA A 15 0.47 -0.75 -17.92
CA ALA A 15 -0.28 -1.87 -17.38
C ALA A 15 0.33 -3.22 -17.73
N GLY A 16 1.38 -3.25 -18.55
CA GLY A 16 2.04 -4.49 -18.90
C GLY A 16 1.18 -5.45 -19.69
N ARG A 17 0.36 -4.94 -20.61
CA ARG A 17 -0.58 -5.77 -21.34
C ARG A 17 -0.31 -5.68 -22.84
N PHE A 18 -0.63 -6.77 -23.53
CA PHE A 18 -0.57 -6.77 -24.98
C PHE A 18 -1.58 -5.77 -25.55
N PRO A 19 -1.34 -5.25 -26.74
CA PRO A 19 -2.34 -4.38 -27.38
C PRO A 19 -3.67 -5.09 -27.47
N SER A 20 -4.74 -4.39 -27.07
CA SER A 20 -6.07 -4.96 -26.97
C SER A 20 -6.99 -4.23 -27.94
N SER A 21 -8.29 -4.52 -27.82
CA SER A 21 -9.28 -3.94 -28.72
C SER A 21 -9.25 -2.42 -28.69
N SER A 22 -9.09 -1.83 -27.51
CA SER A 22 -9.09 -0.37 -27.40
C SER A 22 -7.91 0.27 -28.11
N ASP A 23 -6.72 -0.32 -27.98
CA ASP A 23 -5.54 0.24 -28.65
C ASP A 23 -5.68 0.17 -30.17
N LEU A 24 -6.16 -0.96 -30.68
CA LEU A 24 -6.39 -1.08 -32.12
C LEU A 24 -7.47 -0.11 -32.58
N GLU A 25 -8.49 0.10 -31.76
CA GLU A 25 -9.54 1.06 -32.06
C GLU A 25 -8.99 2.48 -32.17
N SER A 26 -8.12 2.86 -31.22
CA SER A 26 -7.50 4.17 -31.27
C SER A 26 -6.63 4.33 -32.50
N VAL A 27 -5.86 3.30 -32.86
CA VAL A 27 -5.07 3.37 -34.08
C VAL A 27 -5.97 3.44 -35.31
N GLN A 28 -7.16 2.84 -35.22
CA GLN A 28 -8.14 2.96 -36.30
C GLN A 28 -8.55 4.42 -36.46
N GLY A 29 -8.71 5.12 -35.34
CA GLY A 29 -9.00 6.55 -35.40
C GLY A 29 -7.84 7.37 -35.95
N ASN A 30 -6.62 6.99 -35.60
CA ASN A 30 -5.44 7.53 -36.26
C ASN A 30 -5.59 7.41 -37.77
N ILE A 31 -5.96 6.21 -38.24
CA ILE A 31 -6.16 5.96 -39.66
C ILE A 31 -7.20 6.89 -40.23
N GLN A 32 -8.32 7.06 -39.52
CA GLN A 32 -9.45 7.80 -40.07
C GLN A 32 -9.15 9.30 -40.17
N ARG A 33 -8.55 9.88 -39.15
CA ARG A 33 -8.27 11.31 -39.15
C ARG A 33 -6.94 11.66 -39.82
N ALA A 34 -6.15 10.64 -40.20
CA ALA A 34 -4.89 10.89 -40.87
C ALA A 34 -5.09 11.63 -42.18
N ALA A 35 -6.18 11.34 -42.90
CA ALA A 35 -6.40 12.01 -44.19
C ALA A 35 -6.43 13.52 -44.02
N SER A 36 -7.29 14.02 -43.13
CA SER A 36 -7.41 15.45 -42.93
C SER A 36 -6.16 16.05 -42.32
N ARG A 37 -5.60 15.40 -41.30
CA ARG A 37 -4.44 15.99 -40.63
C ARG A 37 -3.20 15.98 -41.53
N LEU A 38 -3.06 14.97 -42.39
CA LEU A 38 -1.95 14.93 -43.33
C LEU A 38 -2.17 15.90 -44.49
N GLU A 39 -3.43 16.14 -44.90
CA GLU A 39 -3.66 17.18 -45.90
C GLU A 39 -3.28 18.54 -45.35
N ALA A 40 -3.63 18.81 -44.09
CA ALA A 40 -3.22 20.06 -43.46
C ALA A 40 -1.70 20.15 -43.38
N ALA A 41 -1.04 19.06 -42.98
CA ALA A 41 0.41 19.06 -42.90
C ALA A 41 1.05 19.28 -44.27
N GLU A 42 0.47 18.68 -45.31
CA GLU A 42 1.01 18.84 -46.67
C GLU A 42 0.88 20.28 -47.15
N LYS A 43 -0.29 20.90 -46.93
CA LYS A 43 -0.46 22.28 -47.33
C LYS A 43 0.50 23.20 -46.57
N LEU A 44 0.66 22.95 -45.26
CA LEU A 44 1.58 23.75 -44.47
C LEU A 44 3.02 23.58 -44.97
N ALA A 45 3.42 22.35 -45.29
CA ALA A 45 4.76 22.10 -45.80
C ALA A 45 4.98 22.77 -47.14
N GLY A 46 3.97 22.75 -48.01
CA GLY A 46 4.10 23.36 -49.32
C GLY A 46 4.01 24.86 -49.36
N ASN A 47 3.40 25.49 -48.35
CA ASN A 47 3.27 26.95 -48.35
C ASN A 47 3.72 27.55 -47.03
N HIS A 48 4.71 26.95 -46.38
CA HIS A 48 5.12 27.42 -45.06
C HIS A 48 5.82 28.78 -45.11
N GLU A 49 6.58 29.06 -46.17
CA GLU A 49 7.31 30.31 -46.24
C GLU A 49 6.38 31.51 -46.23
N ALA A 50 5.32 31.45 -47.06
CA ALA A 50 4.36 32.55 -47.07
C ALA A 50 3.62 32.67 -45.75
N VAL A 51 3.22 31.53 -45.17
CA VAL A 51 2.51 31.55 -43.89
C VAL A 51 3.39 32.13 -42.79
N VAL A 52 4.66 31.69 -42.75
CA VAL A 52 5.58 32.18 -41.73
C VAL A 52 5.83 33.67 -41.90
N LYS A 53 6.03 34.11 -43.15
CA LYS A 53 6.26 35.52 -43.41
C LYS A 53 5.06 36.35 -42.98
N GLU A 54 3.85 35.90 -43.31
CA GLU A 54 2.65 36.63 -42.92
C GLU A 54 2.51 36.68 -41.41
N ALA A 55 2.79 35.57 -40.72
CA ALA A 55 2.69 35.55 -39.27
C ALA A 55 3.69 36.51 -38.64
N GLY A 56 4.92 36.53 -39.15
CA GLY A 56 5.90 37.45 -38.61
C GLY A 56 5.56 38.91 -38.87
N ASP A 57 5.06 39.21 -40.07
CA ASP A 57 4.63 40.57 -40.39
C ASP A 57 3.50 41.00 -39.48
N ALA A 58 2.54 40.12 -39.23
CA ALA A 58 1.44 40.45 -38.32
C ALA A 58 1.94 40.65 -36.90
N CYS A 59 2.88 39.80 -36.46
CA CYS A 59 3.43 39.94 -35.11
C CYS A 59 4.12 41.29 -34.95
N PHE A 60 4.91 41.71 -35.94
CA PHE A 60 5.58 42.99 -35.84
C PHE A 60 4.65 44.17 -36.07
N ALA A 61 3.55 43.98 -36.81
CA ALA A 61 2.60 45.06 -37.02
C ALA A 61 1.76 45.31 -35.77
N LYS A 62 1.35 44.25 -35.08
CA LYS A 62 0.61 44.43 -33.84
C LYS A 62 1.50 45.01 -32.74
N TYR A 63 2.80 44.68 -32.76
CA TYR A 63 3.74 45.11 -31.73
C TYR A 63 4.95 45.77 -32.38
N PRO A 64 4.80 46.99 -32.89
CA PRO A 64 5.97 47.71 -33.42
C PRO A 64 7.00 48.05 -32.35
N TYR A 65 6.61 48.03 -31.07
CA TYR A 65 7.55 48.34 -29.99
C TYR A 65 8.71 47.34 -29.94
N LEU A 66 8.54 46.16 -30.53
CA LEU A 66 9.63 45.20 -30.59
C LEU A 66 10.82 45.76 -31.37
N LYS A 67 10.57 46.69 -32.29
CA LYS A 67 11.66 47.32 -33.03
C LYS A 67 12.47 48.28 -32.18
N ASN A 68 11.93 48.72 -31.05
CA ASN A 68 12.62 49.69 -30.21
C ASN A 68 13.90 49.08 -29.62
N PRO A 69 14.93 49.89 -29.39
CA PRO A 69 16.17 49.37 -28.82
C PRO A 69 15.94 48.75 -27.44
N GLY A 70 16.64 47.67 -27.16
CA GLY A 70 16.48 46.92 -25.93
C GLY A 70 15.36 45.90 -25.95
N GLU A 71 14.60 45.84 -27.03
CA GLU A 71 13.49 44.89 -27.17
C GLU A 71 13.87 43.77 -28.13
N ALA A 72 13.12 42.67 -28.03
CA ALA A 72 13.30 41.56 -28.95
C ALA A 72 12.88 41.97 -30.35
N GLY A 73 13.84 42.23 -31.23
CA GLY A 73 13.53 42.66 -32.57
C GLY A 73 14.09 44.03 -32.91
N ASP A 74 15.02 44.52 -32.09
CA ASP A 74 15.65 45.81 -32.32
C ASP A 74 16.78 45.76 -33.33
N SER A 75 17.10 44.57 -33.83
CA SER A 75 18.11 44.40 -34.86
C SER A 75 17.57 43.47 -35.93
N GLN A 76 18.11 43.60 -37.15
CA GLN A 76 17.67 42.74 -38.24
C GLN A 76 17.96 41.28 -37.94
N GLU A 77 19.05 40.99 -37.21
CA GLU A 77 19.32 39.62 -36.80
C GLU A 77 18.22 39.10 -35.87
N LYS A 78 17.75 39.93 -34.95
CA LYS A 78 16.70 39.50 -34.04
C LYS A 78 15.35 39.38 -34.74
N ILE A 79 15.08 40.23 -35.72
CA ILE A 79 13.87 40.06 -36.53
C ILE A 79 13.94 38.78 -37.34
N ASN A 80 15.12 38.48 -37.91
CA ASN A 80 15.30 37.22 -38.62
C ASN A 80 15.12 36.04 -37.69
N LYS A 81 15.59 36.15 -36.45
CA LYS A 81 15.38 35.08 -35.48
C LYS A 81 13.92 34.97 -35.07
N CYS A 82 13.20 36.09 -35.06
CA CYS A 82 11.75 36.03 -34.84
C CYS A 82 11.07 35.22 -35.93
N TYR A 83 11.36 35.53 -37.19
CA TYR A 83 10.80 34.75 -38.28
C TYR A 83 11.30 33.31 -38.23
N ARG A 84 12.53 33.10 -37.77
CA ARG A 84 13.09 31.75 -37.68
C ARG A 84 12.35 30.91 -36.64
N ASP A 85 12.07 31.48 -35.47
CA ASP A 85 11.35 30.71 -34.46
C ASP A 85 9.87 30.57 -34.81
N ILE A 86 9.32 31.54 -35.55
CA ILE A 86 7.97 31.34 -36.08
C ILE A 86 7.97 30.17 -37.06
N ASP A 87 8.98 30.09 -37.92
CA ASP A 87 9.13 28.95 -38.81
C ASP A 87 9.33 27.66 -38.04
N HIS A 88 10.08 27.71 -36.93
CA HIS A 88 10.27 26.54 -36.09
C HIS A 88 8.94 26.06 -35.53
N TYR A 89 8.12 26.99 -35.04
CA TYR A 89 6.81 26.63 -34.51
C TYR A 89 5.91 26.06 -35.61
N MET A 90 5.95 26.66 -36.80
CA MET A 90 5.09 26.17 -37.88
C MET A 90 5.54 24.79 -38.35
N ARG A 91 6.86 24.56 -38.37
CA ARG A 91 7.39 23.22 -38.68
C ARG A 91 6.98 22.22 -37.62
N LEU A 92 6.99 22.62 -36.35
CA LEU A 92 6.54 21.74 -35.29
C LEU A 92 5.04 21.47 -35.39
N ILE A 93 4.27 22.45 -35.86
CA ILE A 93 2.85 22.23 -36.12
C ILE A 93 2.66 21.22 -37.24
N ASN A 94 3.47 21.35 -38.31
CA ASN A 94 3.45 20.35 -39.38
C ASN A 94 3.81 18.97 -38.84
N TYR A 95 4.81 18.91 -37.96
CA TYR A 95 5.19 17.64 -37.34
C TYR A 95 4.06 17.09 -36.49
N SER A 96 3.34 17.95 -35.77
CA SER A 96 2.23 17.51 -34.95
C SER A 96 1.10 16.96 -35.81
N LEU A 97 0.80 17.64 -36.92
CA LEU A 97 -0.21 17.13 -37.85
C LEU A 97 0.20 15.80 -38.45
N VAL A 98 1.48 15.64 -38.80
CA VAL A 98 1.96 14.37 -39.33
C VAL A 98 1.87 13.27 -38.28
N VAL A 99 2.31 13.57 -37.06
CA VAL A 99 2.29 12.60 -35.97
C VAL A 99 0.87 12.29 -35.54
N GLY A 100 -0.01 13.28 -35.55
CA GLY A 100 -1.35 13.10 -35.02
C GLY A 100 -1.51 13.48 -33.57
N GLY A 101 -0.48 14.08 -32.96
CA GLY A 101 -0.55 14.53 -31.60
C GLY A 101 0.39 15.70 -31.40
N THR A 102 0.27 16.33 -30.23
CA THR A 102 1.08 17.50 -29.91
C THR A 102 2.49 17.13 -29.45
N GLY A 103 2.89 15.87 -29.56
CA GLY A 103 4.19 15.41 -29.13
C GLY A 103 5.36 16.25 -29.62
N PRO A 104 5.50 16.40 -30.94
CA PRO A 104 6.61 17.23 -31.44
C PRO A 104 6.58 18.64 -30.88
N LEU A 105 5.41 19.27 -30.86
CA LEU A 105 5.29 20.61 -30.29
C LEU A 105 5.69 20.60 -28.82
N ASP A 106 5.07 19.71 -28.04
CA ASP A 106 5.34 19.66 -26.60
C ASP A 106 6.82 19.52 -26.30
N GLU A 107 7.50 18.59 -26.99
CA GLU A 107 8.88 18.31 -26.62
C GLU A 107 9.87 19.30 -27.23
N TRP A 108 9.59 19.86 -28.41
CA TRP A 108 10.62 20.63 -29.09
C TRP A 108 10.37 22.13 -29.13
N GLY A 109 9.14 22.60 -28.93
CA GLY A 109 8.90 24.02 -29.00
C GLY A 109 8.24 24.61 -27.77
N ILE A 110 7.56 23.77 -26.99
CA ILE A 110 6.81 24.23 -25.83
C ILE A 110 7.57 24.00 -24.54
N ALA A 111 8.10 22.80 -24.35
CA ALA A 111 8.86 22.50 -23.14
C ALA A 111 10.07 23.41 -23.04
N GLY A 112 10.13 24.19 -21.96
CA GLY A 112 11.22 25.10 -21.73
C GLY A 112 11.10 26.43 -22.46
N ALA A 113 10.16 26.56 -23.41
CA ALA A 113 10.00 27.83 -24.11
C ALA A 113 9.65 28.96 -23.15
N ARG A 114 8.97 28.63 -22.07
CA ARG A 114 8.64 29.63 -21.06
C ARG A 114 9.90 30.24 -20.46
N GLU A 115 10.82 29.40 -20.01
CA GLU A 115 12.07 29.88 -19.43
C GLU A 115 12.93 30.59 -20.49
N VAL A 116 12.97 30.06 -21.70
CA VAL A 116 13.76 30.69 -22.76
C VAL A 116 13.24 32.11 -23.03
N TYR A 117 11.93 32.24 -23.18
CA TYR A 117 11.35 33.54 -23.53
C TYR A 117 11.42 34.52 -22.38
N ARG A 118 11.32 34.03 -21.14
CA ARG A 118 11.53 34.91 -20.00
C ARG A 118 12.98 35.38 -19.92
N ALA A 119 13.93 34.47 -20.16
CA ALA A 119 15.34 34.83 -20.06
C ALA A 119 15.77 35.79 -21.17
N LEU A 120 15.29 35.56 -22.39
CA LEU A 120 15.69 36.34 -23.55
C LEU A 120 14.77 37.52 -23.82
N ASN A 121 13.83 37.80 -22.90
CA ASN A 121 12.87 38.90 -23.05
C ASN A 121 12.10 38.77 -24.36
N LEU A 122 11.63 37.56 -24.64
CA LEU A 122 10.76 37.34 -25.80
C LEU A 122 9.32 37.29 -25.30
N PRO A 123 8.54 38.34 -25.54
CA PRO A 123 7.15 38.35 -25.06
C PRO A 123 6.34 37.28 -25.77
N GLY A 124 5.73 36.38 -24.97
CA GLY A 124 4.91 35.33 -25.55
C GLY A 124 3.70 35.87 -26.30
N SER A 125 3.28 37.09 -25.99
CA SER A 125 2.15 37.69 -26.68
C SER A 125 2.45 37.92 -28.15
N SER A 126 3.72 38.13 -28.51
CA SER A 126 4.08 38.28 -29.92
C SER A 126 3.93 36.97 -30.68
N TYR A 127 4.43 35.88 -30.11
CA TYR A 127 4.18 34.56 -30.68
C TYR A 127 2.69 34.29 -30.78
N ILE A 128 1.94 34.66 -29.74
CA ILE A 128 0.49 34.46 -29.74
C ILE A 128 -0.15 35.24 -30.88
N ALA A 129 0.29 36.48 -31.10
CA ALA A 129 -0.26 37.29 -32.19
C ALA A 129 0.04 36.64 -33.54
N ALA A 130 1.25 36.15 -33.73
CA ALA A 130 1.59 35.50 -35.00
C ALA A 130 0.71 34.26 -35.22
N PHE A 131 0.55 33.44 -34.19
CA PHE A 131 -0.23 32.20 -34.35
C PHE A 131 -1.71 32.50 -34.50
N VAL A 132 -2.20 33.53 -33.82
CA VAL A 132 -3.60 33.93 -33.97
C VAL A 132 -3.86 34.46 -35.38
N PHE A 133 -2.92 35.22 -35.93
CA PHE A 133 -3.06 35.67 -37.31
C PHE A 133 -3.06 34.49 -38.26
N THR A 134 -2.18 33.51 -38.02
CA THR A 134 -2.17 32.32 -38.86
C THR A 134 -3.49 31.57 -38.76
N ARG A 135 -4.03 31.44 -37.56
CA ARG A 135 -5.27 30.68 -37.35
C ARG A 135 -6.46 31.37 -37.99
N ASP A 136 -6.61 32.68 -37.77
CA ASP A 136 -7.73 33.41 -38.32
C ASP A 136 -7.57 33.72 -39.80
N ARG A 137 -6.35 33.64 -40.33
CA ARG A 137 -6.11 33.85 -41.76
C ARG A 137 -6.53 32.63 -42.57
N LEU A 138 -6.61 31.47 -41.94
CA LEU A 138 -6.99 30.25 -42.62
C LEU A 138 -8.38 30.36 -43.23
N CYS A 139 -8.50 29.96 -44.49
CA CYS A 139 -9.75 30.05 -45.25
C CYS A 139 -10.16 28.66 -45.70
N VAL A 140 -11.44 28.33 -45.53
CA VAL A 140 -11.99 27.05 -45.97
C VAL A 140 -12.97 27.33 -47.10
N PRO A 141 -12.89 26.59 -48.22
CA PRO A 141 -11.92 25.53 -48.54
C PRO A 141 -10.74 26.04 -49.37
N ARG A 142 -10.47 27.34 -49.36
CA ARG A 142 -9.38 27.89 -50.18
C ARG A 142 -8.04 27.30 -49.78
N ASP A 143 -7.72 27.32 -48.48
CA ASP A 143 -6.42 26.85 -48.04
C ASP A 143 -6.39 25.34 -47.85
N MET A 144 -7.43 24.78 -47.24
CA MET A 144 -7.51 23.35 -47.00
C MET A 144 -8.95 22.98 -46.68
N SER A 145 -9.20 21.68 -46.53
CA SER A 145 -10.54 21.19 -46.26
C SER A 145 -10.97 21.59 -44.84
N ALA A 146 -12.26 21.38 -44.56
CA ALA A 146 -12.80 21.78 -43.26
C ALA A 146 -12.12 21.02 -42.12
N GLN A 147 -11.93 19.72 -42.28
CA GLN A 147 -11.30 18.94 -41.21
C GLN A 147 -9.79 19.16 -41.14
N ALA A 148 -9.14 19.36 -42.29
CA ALA A 148 -7.75 19.78 -42.26
C ALA A 148 -7.61 21.13 -41.57
N ALA A 149 -8.54 22.04 -41.83
CA ALA A 149 -8.56 23.32 -41.13
C ALA A 149 -8.76 23.13 -39.64
N VAL A 150 -9.62 22.18 -39.25
CA VAL A 150 -9.84 21.91 -37.84
C VAL A 150 -8.54 21.43 -37.19
N GLU A 151 -7.82 20.52 -37.85
CA GLU A 151 -6.56 20.04 -37.31
C GLU A 151 -5.53 21.16 -37.21
N PHE A 152 -5.40 21.96 -38.26
CA PHE A 152 -4.41 23.04 -38.28
C PHE A 152 -4.71 24.07 -37.20
N SER A 153 -5.98 24.48 -37.08
CA SER A 153 -6.36 25.44 -36.07
C SER A 153 -6.26 24.85 -34.67
N GLY A 154 -6.48 23.55 -34.51
CA GLY A 154 -6.28 22.93 -33.21
C GLY A 154 -4.83 22.93 -32.79
N ALA A 155 -3.92 22.65 -33.73
CA ALA A 155 -2.50 22.75 -33.43
C ALA A 155 -2.10 24.18 -33.07
N LEU A 156 -2.59 25.15 -33.85
CA LEU A 156 -2.28 26.55 -33.56
C LEU A 156 -2.81 26.98 -32.20
N ASP A 157 -4.04 26.55 -31.88
CA ASP A 157 -4.63 26.88 -30.58
C ASP A 157 -3.88 26.20 -29.45
N TYR A 158 -3.37 24.99 -29.69
CA TYR A 158 -2.55 24.33 -28.68
C TYR A 158 -1.28 25.13 -28.40
N VAL A 159 -0.62 25.62 -29.46
CA VAL A 159 0.56 26.46 -29.26
C VAL A 159 0.18 27.74 -28.50
N ILE A 160 -0.92 28.37 -28.90
CA ILE A 160 -1.35 29.63 -28.28
C ILE A 160 -1.61 29.42 -26.79
N ASN A 161 -2.33 28.36 -26.44
CA ASN A 161 -2.61 28.06 -25.05
C ASN A 161 -1.35 27.64 -24.29
N SER A 162 -0.37 27.05 -24.98
CA SER A 162 0.91 26.78 -24.35
C SER A 162 1.64 28.07 -24.02
N LEU A 163 1.44 29.12 -24.82
CA LEU A 163 2.06 30.41 -24.54
C LEU A 163 1.25 31.27 -23.58
N CYS A 164 -0.08 31.19 -23.63
CA CYS A 164 -0.92 31.99 -22.73
C CYS A 164 -1.46 31.14 -21.59
N MET B 1 -12.19 5.21 -14.04
CA MET B 1 -13.14 6.16 -14.57
C MET B 1 -14.07 5.50 -15.59
N LEU B 2 -15.26 6.06 -15.76
CA LEU B 2 -16.26 5.53 -16.68
C LEU B 2 -16.57 6.53 -17.78
N ASP B 3 -16.86 6.01 -18.97
CA ASP B 3 -17.42 6.79 -20.06
C ASP B 3 -18.90 6.43 -20.20
N ALA B 4 -19.55 6.97 -21.24
CA ALA B 4 -20.95 6.67 -21.46
C ALA B 4 -21.17 5.18 -21.70
N PHE B 5 -20.31 4.55 -22.50
CA PHE B 5 -20.43 3.13 -22.76
C PHE B 5 -20.21 2.32 -21.49
N SER B 6 -19.17 2.66 -20.72
CA SER B 6 -18.93 1.97 -19.47
C SER B 6 -20.02 2.27 -18.44
N ARG B 7 -20.60 3.46 -18.47
CA ARG B 7 -21.73 3.76 -17.60
C ARG B 7 -22.92 2.86 -17.93
N VAL B 8 -23.22 2.70 -19.22
CA VAL B 8 -24.28 1.80 -19.64
C VAL B 8 -23.98 0.38 -19.21
N VAL B 9 -22.73 -0.05 -19.35
CA VAL B 9 -22.34 -1.40 -18.97
C VAL B 9 -22.53 -1.61 -17.47
N VAL B 10 -22.10 -0.64 -16.67
CA VAL B 10 -22.24 -0.72 -15.22
C VAL B 10 -23.72 -0.81 -14.84
N ASN B 11 -24.56 0.01 -15.48
CA ASN B 11 -25.99 -0.07 -15.21
C ASN B 11 -26.55 -1.44 -15.60
N SER B 12 -26.08 -2.00 -16.71
CA SER B 12 -26.50 -3.34 -17.11
C SER B 12 -25.96 -4.40 -16.17
N ASP B 13 -24.75 -4.21 -15.64
CA ASP B 13 -24.17 -5.19 -14.74
C ASP B 13 -24.89 -5.24 -13.40
N SER B 14 -25.48 -4.12 -12.96
CA SER B 14 -26.27 -4.14 -11.74
C SER B 14 -27.47 -5.06 -11.86
N LYS B 15 -27.97 -5.27 -13.07
CA LYS B 15 -29.07 -6.18 -13.33
C LYS B 15 -28.61 -7.54 -13.84
N ALA B 16 -27.30 -7.77 -13.95
CA ALA B 16 -26.74 -8.98 -14.55
C ALA B 16 -27.33 -9.22 -15.93
N ALA B 17 -27.54 -8.15 -16.67
CA ALA B 17 -28.17 -8.21 -17.98
C ALA B 17 -27.19 -7.82 -19.06
N TYR B 18 -27.32 -8.49 -20.21
CA TYR B 18 -26.62 -8.04 -21.41
C TYR B 18 -27.16 -6.68 -21.82
N VAL B 19 -26.30 -5.87 -22.44
CA VAL B 19 -26.68 -4.52 -22.80
C VAL B 19 -27.91 -4.58 -23.71
N SER B 20 -29.02 -4.02 -23.23
CA SER B 20 -30.29 -4.15 -23.92
C SER B 20 -30.30 -3.35 -25.22
N GLY B 21 -31.35 -3.57 -26.01
CA GLY B 21 -31.49 -2.83 -27.26
C GLY B 21 -31.64 -1.34 -27.05
N SER B 22 -32.32 -0.94 -25.98
CA SER B 22 -32.49 0.48 -25.70
C SER B 22 -31.15 1.13 -25.33
N ASP B 23 -30.38 0.48 -24.47
CA ASP B 23 -29.06 1.01 -24.11
C ASP B 23 -28.12 1.01 -25.32
N LEU B 24 -28.19 -0.04 -26.14
CA LEU B 24 -27.39 -0.08 -27.36
C LEU B 24 -27.77 1.06 -28.30
N GLN B 25 -29.07 1.35 -28.41
CA GLN B 25 -29.52 2.46 -29.23
C GLN B 25 -29.03 3.80 -28.69
N ALA B 26 -29.06 3.96 -27.37
CA ALA B 26 -28.55 5.19 -26.76
C ALA B 26 -27.07 5.37 -27.07
N LEU B 27 -26.29 4.29 -26.96
CA LEU B 27 -24.87 4.39 -27.27
C LEU B 27 -24.62 4.59 -28.76
N LYS B 28 -25.47 4.03 -29.61
CA LYS B 28 -25.37 4.31 -31.05
C LYS B 28 -25.65 5.77 -31.34
N THR B 29 -26.61 6.37 -30.64
CA THR B 29 -26.85 7.80 -30.76
C THR B 29 -25.64 8.60 -30.29
N PHE B 30 -25.04 8.17 -29.17
CA PHE B 30 -23.80 8.78 -28.70
C PHE B 30 -22.73 8.74 -29.78
N ILE B 31 -22.59 7.61 -30.45
CA ILE B 31 -21.59 7.47 -31.52
C ILE B 31 -21.93 8.36 -32.70
N ALA B 32 -23.21 8.40 -33.10
CA ALA B 32 -23.62 9.23 -34.22
C ALA B 32 -23.40 10.71 -33.95
N ASP B 33 -23.53 11.12 -32.69
CA ASP B 33 -23.18 12.47 -32.27
C ASP B 33 -21.72 12.60 -31.87
N GLY B 34 -20.91 11.58 -32.15
CA GLY B 34 -19.53 11.58 -31.69
C GLY B 34 -18.70 12.68 -32.31
N ASN B 35 -18.92 12.95 -33.60
CA ASN B 35 -18.20 14.05 -34.25
C ASN B 35 -18.57 15.40 -33.64
N LYS B 36 -19.85 15.58 -33.34
CA LYS B 36 -20.29 16.80 -32.66
C LYS B 36 -19.63 16.91 -31.28
N ARG B 37 -19.55 15.79 -30.56
CA ARG B 37 -18.92 15.80 -29.25
C ARG B 37 -17.43 16.14 -29.35
N LEU B 38 -16.76 15.59 -30.36
CA LEU B 38 -15.34 15.90 -30.57
C LEU B 38 -15.16 17.38 -30.90
N ASP B 39 -16.05 17.94 -31.71
CA ASP B 39 -16.00 19.37 -32.00
C ASP B 39 -16.23 20.20 -30.73
N ALA B 40 -17.15 19.76 -29.88
CA ALA B 40 -17.40 20.47 -28.63
C ALA B 40 -16.17 20.45 -27.73
N VAL B 41 -15.54 19.28 -27.60
CA VAL B 41 -14.33 19.18 -26.79
C VAL B 41 -13.23 20.04 -27.37
N ASN B 42 -13.10 20.05 -28.70
CA ASN B 42 -12.11 20.90 -29.35
C ASN B 42 -12.39 22.38 -29.09
N SER B 43 -13.66 22.76 -29.10
CA SER B 43 -14.03 24.15 -28.81
C SER B 43 -13.63 24.53 -27.40
N ILE B 44 -13.87 23.64 -26.44
CA ILE B 44 -13.52 23.94 -25.06
C ILE B 44 -12.01 24.03 -24.88
N VAL B 45 -11.27 23.03 -25.39
CA VAL B 45 -9.84 22.98 -25.14
C VAL B 45 -9.08 24.03 -25.95
N SER B 46 -9.61 24.44 -27.11
CA SER B 46 -8.94 25.45 -27.91
C SER B 46 -9.07 26.84 -27.29
N ASN B 47 -9.99 27.03 -26.36
CA ASN B 47 -10.17 28.29 -25.66
C ASN B 47 -10.11 28.13 -24.15
N ALA B 48 -9.44 27.07 -23.68
CA ALA B 48 -9.43 26.76 -22.26
C ALA B 48 -8.77 27.87 -21.44
N SER B 49 -7.64 28.38 -21.91
CA SER B 49 -6.99 29.49 -21.21
C SER B 49 -7.90 30.70 -21.17
N CYS B 50 -8.54 31.01 -22.29
CA CYS B 50 -9.49 32.13 -22.33
C CYS B 50 -10.64 31.91 -21.36
N ILE B 51 -11.22 30.71 -21.37
CA ILE B 51 -12.35 30.42 -20.51
C ILE B 51 -11.96 30.61 -19.05
N VAL B 52 -10.83 30.01 -18.64
CA VAL B 52 -10.43 30.02 -17.24
C VAL B 52 -10.09 31.45 -16.80
N SER B 53 -9.28 32.15 -17.60
CA SER B 53 -8.89 33.50 -17.23
C SER B 53 -10.09 34.43 -17.17
N ASP B 54 -10.99 34.34 -18.15
CA ASP B 54 -12.18 35.18 -18.15
C ASP B 54 -13.06 34.89 -16.95
N ALA B 55 -13.22 33.61 -16.60
CA ALA B 55 -14.07 33.27 -15.46
C ALA B 55 -13.48 33.76 -14.15
N VAL B 56 -12.17 33.57 -13.96
CA VAL B 56 -11.54 34.06 -12.74
C VAL B 56 -11.62 35.58 -12.66
N SER B 57 -11.39 36.26 -13.79
CA SER B 57 -11.47 37.71 -13.81
C SER B 57 -12.87 38.21 -13.52
N GLY B 58 -13.89 37.54 -14.07
CA GLY B 58 -15.27 37.94 -13.77
C GLY B 58 -15.65 37.68 -12.32
N MET B 59 -15.21 36.54 -11.78
CA MET B 59 -15.43 36.26 -10.37
C MET B 59 -14.80 37.33 -9.49
N ILE B 60 -13.61 37.79 -9.85
CA ILE B 60 -12.94 38.83 -9.08
C ILE B 60 -13.64 40.17 -9.25
N CYS B 61 -14.05 40.51 -10.48
CA CYS B 61 -14.68 41.80 -10.71
C CYS B 61 -16.04 41.90 -10.04
N GLU B 62 -16.79 40.81 -9.96
CA GLU B 62 -18.04 40.81 -9.22
C GLU B 62 -17.83 40.78 -7.71
N ASN B 63 -16.71 40.24 -7.25
CA ASN B 63 -16.37 40.18 -5.82
C ASN B 63 -14.98 40.74 -5.62
N PRO B 64 -14.84 42.07 -5.64
CA PRO B 64 -13.50 42.68 -5.50
C PRO B 64 -12.82 42.37 -4.18
N GLY B 65 -13.57 41.93 -3.17
CA GLY B 65 -12.95 41.53 -1.91
C GLY B 65 -12.02 40.34 -2.04
N LEU B 66 -12.13 39.58 -3.12
CA LEU B 66 -11.25 38.43 -3.32
C LEU B 66 -9.79 38.84 -3.47
N ILE B 67 -9.54 39.97 -4.12
CA ILE B 67 -8.17 40.46 -4.30
C ILE B 67 -7.76 41.44 -3.21
N ALA B 68 -8.67 41.78 -2.29
CA ALA B 68 -8.31 42.58 -1.14
C ALA B 68 -7.48 41.75 -0.16
N PRO B 69 -6.73 42.40 0.73
CA PRO B 69 -5.99 41.65 1.74
C PRO B 69 -6.93 40.78 2.57
N GLY B 70 -6.48 39.56 2.87
CA GLY B 70 -7.34 38.55 3.42
C GLY B 70 -8.23 37.86 2.41
N GLY B 71 -8.48 38.49 1.25
CA GLY B 71 -9.21 37.82 0.20
C GLY B 71 -8.43 36.66 -0.36
N ASN B 72 -9.16 35.72 -0.95
CA ASN B 72 -8.56 34.46 -1.37
C ASN B 72 -7.90 34.53 -2.74
N CYS B 73 -8.01 35.66 -3.45
CA CYS B 73 -7.33 35.84 -4.72
C CYS B 73 -6.18 36.84 -4.65
N TYR B 74 -6.09 37.59 -3.54
CA TYR B 74 -4.91 38.36 -3.23
C TYR B 74 -3.69 37.43 -3.14
N THR B 75 -2.48 37.99 -3.20
CA THR B 75 -1.29 37.16 -3.25
C THR B 75 -1.20 36.30 -4.51
N ASN B 76 -0.55 36.86 -5.54
CA ASN B 76 -0.28 36.16 -6.80
C ASN B 76 -0.12 34.66 -6.66
N ARG B 77 0.47 34.19 -5.55
CA ARG B 77 0.43 32.75 -5.27
C ARG B 77 -1.00 32.24 -5.25
N ARG B 78 -1.88 32.90 -4.48
CA ARG B 78 -3.28 32.46 -4.43
C ARG B 78 -3.97 32.67 -5.76
N MET B 79 -3.64 33.75 -6.48
CA MET B 79 -4.22 33.92 -7.81
C MET B 79 -3.83 32.80 -8.76
N ALA B 80 -2.55 32.41 -8.76
CA ALA B 80 -2.11 31.32 -9.61
C ALA B 80 -2.77 30.01 -9.21
N ALA B 81 -2.91 29.77 -7.91
CA ALA B 81 -3.61 28.57 -7.45
C ALA B 81 -5.06 28.59 -7.88
N CYS B 82 -5.70 29.76 -7.84
CA CYS B 82 -7.09 29.88 -8.28
C CYS B 82 -7.22 29.61 -9.78
N LEU B 83 -6.35 30.20 -10.58
CA LEU B 83 -6.37 29.95 -12.02
C LEU B 83 -6.09 28.48 -12.31
N ARG B 84 -5.16 27.88 -11.57
CA ARG B 84 -4.85 26.47 -11.75
C ARG B 84 -6.02 25.58 -11.39
N ASP B 85 -6.72 25.87 -10.28
CA ASP B 85 -7.84 25.03 -9.88
C ASP B 85 -9.03 25.22 -10.83
N GLY B 86 -9.22 26.44 -11.34
CA GLY B 86 -10.23 26.63 -12.38
C GLY B 86 -9.90 25.90 -13.66
N GLU B 87 -8.62 25.92 -14.06
CA GLU B 87 -8.20 25.17 -15.23
C GLU B 87 -8.36 23.67 -15.02
N ILE B 88 -8.10 23.18 -13.80
CA ILE B 88 -8.30 21.78 -13.49
C ILE B 88 -9.77 21.41 -13.58
N ILE B 89 -10.65 22.29 -13.06
CA ILE B 89 -12.08 22.03 -13.14
C ILE B 89 -12.53 21.98 -14.59
N LEU B 90 -12.06 22.93 -15.41
CA LEU B 90 -12.41 22.91 -16.83
C LEU B 90 -11.83 21.69 -17.54
N ARG B 91 -10.63 21.25 -17.14
CA ARG B 91 -10.02 20.07 -17.72
C ARG B 91 -10.86 18.83 -17.44
N TYR B 92 -11.33 18.69 -16.20
CA TYR B 92 -12.15 17.53 -15.87
C TYR B 92 -13.55 17.64 -16.47
N THR B 93 -14.07 18.86 -16.62
CA THR B 93 -15.32 19.03 -17.35
C THR B 93 -15.16 18.61 -18.81
N SER B 94 -14.03 18.96 -19.43
CA SER B 94 -13.75 18.53 -20.79
C SER B 94 -13.56 17.02 -20.87
N TYR B 95 -12.95 16.42 -19.84
CA TYR B 95 -12.88 14.96 -19.78
C TYR B 95 -14.27 14.34 -19.74
N ALA B 96 -15.16 14.91 -18.92
CA ALA B 96 -16.52 14.39 -18.83
C ALA B 96 -17.25 14.54 -20.15
N LEU B 97 -17.07 15.68 -20.82
CA LEU B 97 -17.71 15.90 -22.12
C LEU B 97 -17.19 14.92 -23.15
N LEU B 98 -15.88 14.69 -23.18
CA LEU B 98 -15.29 13.74 -24.12
C LEU B 98 -15.78 12.32 -23.83
N ALA B 99 -15.86 11.95 -22.55
CA ALA B 99 -16.31 10.63 -22.15
C ALA B 99 -17.83 10.48 -22.21
N GLY B 100 -18.57 11.57 -22.18
CA GLY B 100 -20.01 11.48 -22.11
C GLY B 100 -20.53 11.08 -20.75
N ASP B 101 -19.68 11.10 -19.73
CA ASP B 101 -20.09 10.70 -18.38
C ASP B 101 -19.29 11.52 -17.38
N SER B 102 -19.92 11.83 -16.24
CA SER B 102 -19.32 12.67 -15.22
C SER B 102 -18.48 11.90 -14.21
N SER B 103 -18.29 10.59 -14.41
CA SER B 103 -17.57 9.80 -13.42
C SER B 103 -16.15 10.30 -13.22
N VAL B 104 -15.43 10.58 -14.30
CA VAL B 104 -14.06 11.08 -14.17
C VAL B 104 -14.06 12.40 -13.40
N LEU B 105 -15.00 13.29 -13.74
CA LEU B 105 -15.09 14.58 -13.07
C LEU B 105 -15.23 14.41 -11.56
N GLU B 106 -16.29 13.74 -11.12
CA GLU B 106 -16.50 13.55 -9.68
C GLU B 106 -15.31 12.83 -9.04
N ASP B 107 -14.91 11.68 -9.57
CA ASP B 107 -13.93 10.84 -8.89
C ASP B 107 -12.57 11.51 -8.78
N ARG B 108 -12.11 12.22 -9.81
CA ARG B 108 -10.76 12.76 -9.79
C ARG B 108 -10.68 14.24 -9.48
N CYS B 109 -11.80 14.96 -9.47
CA CYS B 109 -11.81 16.38 -9.14
C CYS B 109 -12.71 16.71 -7.96
N LEU B 110 -13.95 16.22 -7.98
CA LEU B 110 -14.96 16.71 -7.06
C LEU B 110 -15.01 15.92 -5.75
N ASN B 111 -14.38 14.75 -5.69
CA ASN B 111 -14.36 13.96 -4.47
C ASN B 111 -13.44 14.63 -3.46
N GLY B 112 -14.04 15.18 -2.40
CA GLY B 112 -13.27 15.88 -1.40
C GLY B 112 -12.90 17.31 -1.75
N LEU B 113 -13.37 17.83 -2.88
CA LEU B 113 -13.06 19.21 -3.25
C LEU B 113 -13.73 20.19 -2.31
N LYS B 114 -14.98 19.90 -1.91
CA LYS B 114 -15.67 20.77 -0.96
C LYS B 114 -14.94 20.80 0.39
N GLU B 115 -14.55 19.63 0.89
CA GLU B 115 -13.82 19.57 2.15
C GLU B 115 -12.46 20.25 2.02
N THR B 116 -11.78 20.05 0.90
CA THR B 116 -10.48 20.69 0.67
C THR B 116 -10.62 22.21 0.67
N TYR B 117 -11.64 22.72 -0.01
CA TYR B 117 -11.84 24.16 -0.08
C TYR B 117 -12.25 24.73 1.28
N ILE B 118 -13.05 23.98 2.06
CA ILE B 118 -13.39 24.43 3.40
C ILE B 118 -12.14 24.51 4.27
N ALA B 119 -11.29 23.49 4.19
CA ALA B 119 -10.05 23.50 4.97
C ALA B 119 -9.14 24.66 4.56
N LEU B 120 -9.03 24.89 3.25
CA LEU B 120 -8.17 25.97 2.75
C LEU B 120 -8.78 27.34 3.00
N GLY B 121 -10.08 27.42 3.25
CA GLY B 121 -10.74 28.71 3.34
C GLY B 121 -11.15 29.28 2.00
N VAL B 122 -11.10 28.48 0.94
CA VAL B 122 -11.52 28.93 -0.39
C VAL B 122 -13.02 29.19 -0.36
N PRO B 123 -13.47 30.39 -0.77
CA PRO B 123 -14.89 30.70 -0.69
C PRO B 123 -15.71 29.86 -1.67
N THR B 124 -16.71 29.16 -1.14
CA THR B 124 -17.54 28.30 -1.98
C THR B 124 -18.36 29.11 -2.98
N ASN B 125 -18.89 30.25 -2.54
CA ASN B 125 -19.74 31.06 -3.44
C ASN B 125 -18.93 31.65 -4.59
N SER B 126 -17.73 32.14 -4.31
CA SER B 126 -16.89 32.69 -5.38
C SER B 126 -16.42 31.59 -6.32
N THR B 127 -16.09 30.42 -5.79
CA THR B 127 -15.71 29.29 -6.64
C THR B 127 -16.89 28.89 -7.52
N ALA B 128 -18.10 28.87 -6.96
CA ALA B 128 -19.29 28.55 -7.74
C ALA B 128 -19.52 29.58 -8.83
N ARG B 129 -19.29 30.86 -8.52
CA ARG B 129 -19.42 31.90 -9.55
C ARG B 129 -18.41 31.70 -10.67
N ALA B 130 -17.16 31.37 -10.32
CA ALA B 130 -16.16 31.11 -11.34
C ALA B 130 -16.54 29.91 -12.19
N VAL B 131 -17.03 28.85 -11.55
CA VAL B 131 -17.45 27.66 -12.28
C VAL B 131 -18.63 27.96 -13.19
N SER B 132 -19.54 28.84 -12.74
CA SER B 132 -20.68 29.20 -13.55
C SER B 132 -20.29 30.08 -14.74
N ILE B 133 -19.31 30.96 -14.57
CA ILE B 133 -18.82 31.73 -15.71
C ILE B 133 -18.11 30.81 -16.70
N MET B 134 -17.35 29.83 -16.18
CA MET B 134 -16.80 28.80 -17.06
C MET B 134 -17.91 28.05 -17.77
N LYS B 135 -19.00 27.76 -17.07
CA LYS B 135 -20.14 27.09 -17.69
C LYS B 135 -20.67 27.90 -18.86
N SER B 136 -20.92 29.19 -18.65
CA SER B 136 -21.47 30.03 -19.71
C SER B 136 -20.52 30.15 -20.88
N SER B 137 -19.22 30.37 -20.60
CA SER B 137 -18.25 30.51 -21.68
C SER B 137 -18.09 29.21 -22.45
N ALA B 138 -18.00 28.07 -21.75
CA ALA B 138 -17.88 26.78 -22.42
C ALA B 138 -19.13 26.47 -23.24
N VAL B 139 -20.31 26.79 -22.71
CA VAL B 139 -21.55 26.58 -23.45
C VAL B 139 -21.56 27.42 -24.71
N ALA B 140 -21.13 28.68 -24.60
CA ALA B 140 -21.06 29.54 -25.79
C ALA B 140 -20.09 28.98 -26.82
N PHE B 141 -18.96 28.45 -26.36
CA PHE B 141 -17.99 27.87 -27.29
C PHE B 141 -18.53 26.60 -27.94
N ILE B 142 -19.30 25.81 -27.20
CA ILE B 142 -19.94 24.63 -27.78
C ILE B 142 -20.89 25.04 -28.89
N SER B 143 -21.73 26.03 -28.59
CA SER B 143 -22.74 26.51 -29.57
C SER B 143 -22.09 27.55 -30.50
N ASN B 144 -20.78 27.74 -30.40
CA ASN B 144 -20.06 28.74 -31.25
C ASN B 144 -20.82 30.07 -31.23
N THR B 145 -21.26 30.52 -30.04
CA THR B 145 -21.94 31.83 -29.92
C THR B 145 -20.97 32.77 -29.25
N ALA B 146 -19.85 32.25 -28.76
CA ALA B 146 -18.80 33.07 -28.11
C ALA B 146 -18.58 34.33 -28.95
N PRO B 147 -18.87 35.54 -28.43
CA PRO B 147 -18.77 36.75 -29.23
C PRO B 147 -17.36 37.05 -29.73
N GLN B 148 -16.36 36.41 -29.13
CA GLN B 148 -14.95 36.74 -29.50
C GLN B 148 -14.21 35.49 -30.00
N ARG B 149 -14.93 34.52 -30.56
CA ARG B 149 -14.27 33.32 -31.15
C ARG B 149 -15.30 32.48 -31.93
N LYS B 150 -15.04 32.24 -33.21
CA LYS B 150 -15.98 31.45 -34.06
C LYS B 150 -15.28 30.20 -34.59
N MET B 151 -15.47 29.05 -33.94
CA MET B 151 -14.86 27.78 -34.41
C MET B 151 -15.65 27.25 -35.62
N ALA B 152 -15.02 27.17 -36.80
CA ALA B 152 -15.68 26.70 -38.01
C ALA B 152 -16.11 25.25 -37.81
N THR B 153 -17.42 25.01 -37.74
CA THR B 153 -17.98 23.69 -37.67
C THR B 153 -19.16 23.59 -38.62
N ALA B 154 -19.47 22.37 -39.05
CA ALA B 154 -20.63 22.14 -39.88
C ALA B 154 -21.90 22.52 -39.12
N ALA B 155 -22.85 23.11 -39.83
CA ALA B 155 -24.07 23.60 -39.19
C ALA B 155 -24.86 22.44 -38.60
N GLY B 156 -25.40 22.66 -37.40
CA GLY B 156 -26.19 21.64 -36.73
C GLY B 156 -26.45 22.04 -35.30
N ASP B 157 -27.15 21.16 -34.59
CA ASP B 157 -27.56 21.40 -33.22
C ASP B 157 -26.59 20.66 -32.30
N CYS B 158 -25.87 21.41 -31.48
CA CYS B 158 -25.03 20.86 -30.43
C CYS B 158 -25.57 21.18 -29.05
N SER B 159 -26.86 21.51 -28.95
CA SER B 159 -27.46 21.86 -27.67
C SER B 159 -27.44 20.71 -26.69
N ALA B 160 -27.41 19.47 -27.17
CA ALA B 160 -27.27 18.34 -26.25
C ALA B 160 -25.92 18.35 -25.56
N LEU B 161 -24.84 18.58 -26.31
CA LEU B 161 -23.52 18.67 -25.71
C LEU B 161 -23.37 19.93 -24.86
N SER B 162 -24.02 21.02 -25.26
CA SER B 162 -24.02 22.22 -24.44
C SER B 162 -24.71 21.96 -23.10
N SER B 163 -25.84 21.25 -23.13
CA SER B 163 -26.52 20.87 -21.90
C SER B 163 -25.68 19.92 -21.07
N GLU B 164 -24.92 19.04 -21.73
CA GLU B 164 -24.02 18.15 -21.00
C GLU B 164 -22.93 18.94 -20.28
N VAL B 165 -22.34 19.91 -20.96
CA VAL B 165 -21.32 20.76 -20.33
C VAL B 165 -21.94 21.53 -19.17
N ALA B 166 -23.14 22.06 -19.37
CA ALA B 166 -23.83 22.78 -18.29
C ALA B 166 -24.09 21.85 -17.10
N SER B 167 -24.46 20.60 -17.38
CA SER B 167 -24.73 19.65 -16.30
C SER B 167 -23.45 19.30 -15.54
N TYR B 168 -22.34 19.15 -16.25
CA TYR B 168 -21.07 18.90 -15.58
C TYR B 168 -20.66 20.08 -14.70
N CYS B 169 -20.84 21.30 -15.21
CA CYS B 169 -20.53 22.47 -14.41
C CYS B 169 -21.46 22.60 -13.20
N ASP B 170 -22.74 22.27 -13.39
CA ASP B 170 -23.67 22.25 -12.27
C ASP B 170 -23.28 21.21 -11.24
N LYS B 171 -22.79 20.05 -11.69
CA LYS B 171 -22.33 19.03 -10.77
C LYS B 171 -21.11 19.51 -9.99
N VAL B 172 -20.22 20.25 -10.65
CA VAL B 172 -19.08 20.86 -9.96
C VAL B 172 -19.57 21.85 -8.90
N SER B 173 -20.51 22.72 -9.28
CA SER B 173 -21.01 23.72 -8.34
C SER B 173 -21.74 23.10 -7.17
N ALA B 174 -22.52 22.04 -7.40
CA ALA B 174 -23.22 21.36 -6.32
C ALA B 174 -22.29 20.54 -5.45
N ALA B 175 -21.15 20.08 -6.01
CA ALA B 175 -20.19 19.36 -5.21
C ALA B 175 -19.60 20.25 -4.12
N ILE B 176 -19.35 21.51 -4.44
CA ILE B 176 -18.81 22.46 -3.48
C ILE B 176 -19.95 23.22 -2.80
N MET C 1 30.56 21.13 7.28
CA MET C 1 31.01 22.02 8.33
C MET C 1 29.98 23.11 8.62
N LYS C 2 29.21 22.92 9.69
CA LYS C 2 28.18 23.91 10.03
C LYS C 2 28.82 25.21 10.45
N SER C 3 28.53 26.26 9.70
CA SER C 3 28.88 27.63 10.05
C SER C 3 27.80 28.53 9.46
N VAL C 4 27.93 29.83 9.71
CA VAL C 4 26.94 30.77 9.18
C VAL C 4 26.93 30.69 7.66
N ILE C 5 28.11 30.79 7.05
CA ILE C 5 28.21 30.80 5.59
C ILE C 5 27.69 29.49 5.01
N THR C 6 28.17 28.37 5.55
CA THR C 6 27.74 27.07 5.03
C THR C 6 26.25 26.85 5.24
N THR C 7 25.71 27.25 6.39
CA THR C 7 24.29 27.06 6.64
C THR C 7 23.45 27.84 5.64
N THR C 8 23.77 29.13 5.46
CA THR C 8 22.96 29.93 4.53
C THR C 8 23.14 29.47 3.09
N ILE C 9 24.35 29.08 2.70
CA ILE C 9 24.57 28.62 1.33
C ILE C 9 23.86 27.29 1.10
N SER C 10 23.87 26.41 2.09
CA SER C 10 23.15 25.15 1.95
C SER C 10 21.65 25.37 1.86
N ALA C 11 21.11 26.31 2.63
CA ALA C 11 19.69 26.64 2.50
C ALA C 11 19.38 27.18 1.12
N ALA C 12 20.21 28.09 0.61
CA ALA C 12 20.00 28.66 -0.71
C ALA C 12 20.07 27.60 -1.80
N ASP C 13 21.04 26.68 -1.68
CA ASP C 13 21.21 25.63 -2.68
C ASP C 13 20.06 24.64 -2.63
N ALA C 14 19.60 24.29 -1.43
CA ALA C 14 18.44 23.42 -1.31
C ALA C 14 17.21 24.07 -1.93
N ALA C 15 17.04 25.37 -1.72
CA ALA C 15 16.01 26.12 -2.42
C ALA C 15 16.40 26.45 -3.86
N GLY C 16 17.65 26.20 -4.24
CA GLY C 16 18.08 26.47 -5.60
C GLY C 16 18.08 27.94 -5.97
N ARG C 17 18.41 28.81 -5.02
CA ARG C 17 18.36 30.24 -5.23
C ARG C 17 19.74 30.86 -5.06
N PHE C 18 19.95 31.98 -5.72
CA PHE C 18 21.17 32.75 -5.54
C PHE C 18 21.21 33.32 -4.13
N PRO C 19 22.41 33.62 -3.61
CA PRO C 19 22.51 34.31 -2.32
C PRO C 19 21.72 35.60 -2.34
N SER C 20 20.76 35.71 -1.42
CA SER C 20 19.86 36.85 -1.34
C SER C 20 20.30 37.75 -0.18
N SER C 21 19.47 38.76 0.12
CA SER C 21 19.81 39.71 1.16
C SER C 21 20.03 39.02 2.50
N SER C 22 19.26 37.98 2.79
CA SER C 22 19.39 37.30 4.08
C SER C 22 20.74 36.59 4.21
N ASP C 23 21.22 35.96 3.14
CA ASP C 23 22.51 35.28 3.19
C ASP C 23 23.65 36.27 3.41
N LEU C 24 23.63 37.39 2.68
CA LEU C 24 24.64 38.42 2.89
C LEU C 24 24.54 39.00 4.30
N GLU C 25 23.32 39.13 4.81
CA GLU C 25 23.11 39.56 6.19
C GLU C 25 23.80 38.63 7.17
N SER C 26 23.60 37.32 6.98
CA SER C 26 24.21 36.33 7.87
C SER C 26 25.73 36.40 7.80
N VAL C 27 26.28 36.55 6.58
CA VAL C 27 27.72 36.67 6.46
C VAL C 27 28.22 37.95 7.13
N GLN C 28 27.43 39.02 7.09
CA GLN C 28 27.79 40.24 7.81
C GLN C 28 27.85 39.99 9.30
N GLY C 29 26.93 39.20 9.83
CA GLY C 29 27.00 38.83 11.24
C GLY C 29 28.22 37.99 11.56
N ASN C 30 28.58 37.09 10.63
CA ASN C 30 29.84 36.38 10.76
C ASN C 30 31.01 37.34 10.86
N ILE C 31 30.99 38.38 10.01
CA ILE C 31 32.03 39.40 10.03
C ILE C 31 32.09 40.09 11.39
N GLN C 32 30.93 40.46 11.93
CA GLN C 32 30.90 41.19 13.20
C GLN C 32 31.37 40.34 14.37
N ARG C 33 30.96 39.08 14.42
CA ARG C 33 31.38 38.23 15.54
C ARG C 33 32.74 37.58 15.33
N ALA C 34 33.34 37.76 14.15
CA ALA C 34 34.64 37.18 13.87
C ALA C 34 35.70 37.66 14.85
N ALA C 35 35.72 38.95 15.17
CA ALA C 35 36.72 39.46 16.10
C ALA C 35 36.63 38.74 17.44
N SER C 36 35.41 38.59 17.95
CA SER C 36 35.18 37.87 19.20
C SER C 36 35.71 36.45 19.13
N ARG C 37 35.19 35.65 18.19
CA ARG C 37 35.55 34.24 18.18
C ARG C 37 37.01 34.03 17.82
N LEU C 38 37.59 34.93 17.03
CA LEU C 38 38.99 34.81 16.66
C LEU C 38 39.91 35.20 17.80
N GLU C 39 39.53 36.16 18.64
CA GLU C 39 40.29 36.40 19.86
C GLU C 39 40.24 35.19 20.78
N ALA C 40 39.06 34.59 20.92
CA ALA C 40 38.96 33.37 21.71
C ALA C 40 39.83 32.27 21.14
N ALA C 41 39.83 32.13 19.81
CA ALA C 41 40.65 31.11 19.16
C ALA C 41 42.14 31.41 19.32
N GLU C 42 42.52 32.69 19.31
CA GLU C 42 43.92 33.05 19.51
C GLU C 42 44.38 32.67 20.90
N LYS C 43 43.60 33.02 21.92
CA LYS C 43 43.87 32.53 23.27
C LYS C 43 43.98 31.02 23.33
N LEU C 44 43.03 30.30 22.74
CA LEU C 44 43.06 28.84 22.84
C LEU C 44 44.29 28.26 22.14
N ALA C 45 44.63 28.78 20.96
CA ALA C 45 45.78 28.29 20.22
C ALA C 45 47.10 28.67 20.86
N GLY C 46 47.19 29.83 21.51
CA GLY C 46 48.41 30.23 22.16
C GLY C 46 48.63 29.64 23.53
N ASN C 47 47.57 29.20 24.20
CA ASN C 47 47.69 28.68 25.56
C ASN C 47 47.01 27.33 25.73
N HIS C 48 46.87 26.55 24.64
CA HIS C 48 46.12 25.30 24.72
C HIS C 48 46.80 24.26 25.59
N GLU C 49 48.13 24.17 25.54
CA GLU C 49 48.84 23.11 26.27
C GLU C 49 48.58 23.22 27.76
N ALA C 50 48.67 24.42 28.31
CA ALA C 50 48.40 24.61 29.74
C ALA C 50 46.92 24.47 30.05
N VAL C 51 46.06 24.97 29.15
CA VAL C 51 44.61 24.81 29.34
C VAL C 51 44.25 23.33 29.35
N VAL C 52 44.80 22.57 28.40
CA VAL C 52 44.52 21.14 28.33
C VAL C 52 45.07 20.43 29.56
N LYS C 53 46.26 20.82 30.02
CA LYS C 53 46.83 20.22 31.21
C LYS C 53 45.94 20.46 32.43
N GLU C 54 45.46 21.69 32.60
CA GLU C 54 44.56 21.99 33.71
C GLU C 54 43.26 21.22 33.60
N ALA C 55 42.71 21.11 32.39
CA ALA C 55 41.46 20.37 32.21
C ALA C 55 41.64 18.90 32.56
N GLY C 56 42.73 18.29 32.12
CA GLY C 56 42.99 16.90 32.46
C GLY C 56 43.26 16.69 33.94
N ASP C 57 44.00 17.62 34.56
CA ASP C 57 44.23 17.53 35.99
C ASP C 57 42.92 17.60 36.77
N ALA C 58 42.03 18.51 36.37
CA ALA C 58 40.72 18.60 37.02
C ALA C 58 39.90 17.34 36.78
N CYS C 59 39.96 16.80 35.57
CA CYS C 59 39.20 15.58 35.26
C CYS C 59 39.65 14.42 36.14
N PHE C 60 40.96 14.27 36.32
CA PHE C 60 41.45 13.17 37.15
C PHE C 60 41.36 13.46 38.64
N ALA C 61 41.32 14.73 39.04
CA ALA C 61 41.13 15.05 40.45
C ALA C 61 39.68 14.86 40.88
N LYS C 62 38.72 15.17 39.99
CA LYS C 62 37.33 14.90 40.30
C LYS C 62 37.02 13.42 40.29
N TYR C 63 37.72 12.65 39.46
CA TYR C 63 37.48 11.22 39.30
C TYR C 63 38.78 10.45 39.47
N PRO C 64 39.28 10.35 40.71
CA PRO C 64 40.46 9.51 40.95
C PRO C 64 40.23 8.04 40.68
N TYR C 65 38.96 7.59 40.64
CA TYR C 65 38.66 6.20 40.35
C TYR C 65 39.11 5.81 38.95
N LEU C 66 39.27 6.79 38.05
CA LEU C 66 39.74 6.49 36.70
C LEU C 66 41.12 5.86 36.70
N LYS C 67 41.93 6.10 37.74
CA LYS C 67 43.24 5.48 37.84
C LYS C 67 43.16 4.01 38.22
N ASN C 68 42.01 3.55 38.71
CA ASN C 68 41.88 2.16 39.15
C ASN C 68 41.98 1.22 37.96
N PRO C 69 42.51 0.02 38.16
CA PRO C 69 42.65 -0.93 37.06
C PRO C 69 41.31 -1.25 36.41
N GLY C 70 41.34 -1.44 35.09
CA GLY C 70 40.15 -1.63 34.31
C GLY C 70 39.45 -0.36 33.88
N GLU C 71 39.57 0.71 34.67
CA GLU C 71 38.99 2.00 34.31
C GLU C 71 39.87 2.72 33.32
N ALA C 72 39.27 3.67 32.58
CA ALA C 72 40.01 4.51 31.66
C ALA C 72 40.97 5.40 32.44
N GLY C 73 42.26 5.30 32.14
CA GLY C 73 43.28 6.03 32.87
C GLY C 73 44.05 5.23 33.88
N ASP C 74 43.94 3.90 33.88
CA ASP C 74 44.68 3.07 34.81
C ASP C 74 46.16 2.92 34.44
N SER C 75 46.54 3.31 33.23
CA SER C 75 47.91 3.27 32.79
C SER C 75 48.37 4.67 32.40
N GLN C 76 49.69 4.88 32.43
CA GLN C 76 50.23 6.17 32.01
C GLN C 76 49.89 6.46 30.56
N GLU C 77 49.89 5.43 29.72
CA GLU C 77 49.48 5.62 28.32
C GLU C 77 48.04 6.07 28.23
N LYS C 78 47.17 5.51 29.06
CA LYS C 78 45.75 5.90 29.01
C LYS C 78 45.54 7.30 29.57
N ILE C 79 46.32 7.69 30.58
CA ILE C 79 46.26 9.07 31.07
C ILE C 79 46.73 10.04 30.01
N ASN C 80 47.82 9.70 29.31
CA ASN C 80 48.29 10.53 28.22
C ASN C 80 47.26 10.60 27.10
N LYS C 81 46.58 9.48 26.84
CA LYS C 81 45.49 9.48 25.86
C LYS C 81 44.34 10.36 26.33
N CYS C 82 44.10 10.42 27.64
CA CYS C 82 43.08 11.33 28.17
C CYS C 82 43.46 12.78 27.91
N TYR C 83 44.70 13.14 28.21
CA TYR C 83 45.14 14.52 27.97
C TYR C 83 45.12 14.87 26.49
N ARG C 84 45.54 13.93 25.64
CA ARG C 84 45.45 14.12 24.20
C ARG C 84 44.01 14.18 23.74
N ASP C 85 43.13 13.46 24.42
CA ASP C 85 41.71 13.42 24.09
C ASP C 85 41.09 14.80 24.34
N ILE C 86 41.41 15.37 25.51
CA ILE C 86 40.98 16.73 25.83
C ILE C 86 41.65 17.74 24.90
N ASP C 87 42.89 17.47 24.51
CA ASP C 87 43.58 18.36 23.56
C ASP C 87 42.88 18.36 22.21
N HIS C 88 42.44 17.18 21.76
CA HIS C 88 41.66 17.09 20.53
C HIS C 88 40.38 17.89 20.65
N TYR C 89 39.69 17.77 21.79
CA TYR C 89 38.46 18.53 21.98
C TYR C 89 38.73 20.04 21.98
N MET C 90 39.81 20.47 22.64
CA MET C 90 40.13 21.89 22.67
C MET C 90 40.52 22.40 21.28
N ARG C 91 41.24 21.59 20.51
CA ARG C 91 41.55 21.96 19.13
C ARG C 91 40.29 22.08 18.29
N LEU C 92 39.33 21.17 18.52
CA LEU C 92 38.05 21.28 17.83
C LEU C 92 37.28 22.51 18.24
N ILE C 93 37.37 22.91 19.51
CA ILE C 93 36.75 24.14 19.97
C ILE C 93 37.41 25.35 19.31
N ASN C 94 38.73 25.32 19.19
CA ASN C 94 39.46 26.36 18.46
C ASN C 94 38.99 26.44 17.01
N TYR C 95 38.81 25.28 16.38
CA TYR C 95 38.29 25.22 15.02
C TYR C 95 36.89 25.79 14.94
N SER C 96 36.04 25.48 15.92
CA SER C 96 34.68 25.99 15.95
C SER C 96 34.66 27.51 16.07
N LEU C 97 35.53 28.05 16.93
CA LEU C 97 35.66 29.50 17.05
C LEU C 97 36.16 30.11 15.75
N VAL C 98 37.08 29.44 15.07
CA VAL C 98 37.60 29.95 13.81
C VAL C 98 36.51 30.00 12.74
N VAL C 99 35.71 28.94 12.64
CA VAL C 99 34.67 28.90 11.62
C VAL C 99 33.40 29.62 12.05
N GLY C 100 33.25 29.93 13.33
CA GLY C 100 32.00 30.50 13.82
C GLY C 100 30.83 29.54 13.76
N GLY C 101 31.07 28.28 14.08
CA GLY C 101 30.01 27.28 14.08
C GLY C 101 30.54 26.00 14.68
N THR C 102 29.60 25.10 14.99
CA THR C 102 29.94 23.84 15.63
C THR C 102 30.32 22.74 14.65
N GLY C 103 30.40 23.07 13.36
CA GLY C 103 30.73 22.11 12.32
C GLY C 103 31.92 21.22 12.61
N PRO C 104 33.09 21.82 12.88
CA PRO C 104 34.25 20.98 13.20
C PRO C 104 34.03 20.09 14.41
N LEU C 105 33.48 20.64 15.50
CA LEU C 105 33.16 19.82 16.65
C LEU C 105 32.18 18.71 16.28
N ASP C 106 31.06 19.09 15.64
CA ASP C 106 30.04 18.12 15.28
C ASP C 106 30.62 16.96 14.48
N GLU C 107 31.43 17.25 13.48
CA GLU C 107 31.90 16.22 12.57
C GLU C 107 33.12 15.46 13.07
N TRP C 108 33.90 16.04 13.99
CA TRP C 108 35.18 15.43 14.33
C TRP C 108 35.28 14.95 15.77
N GLY C 109 34.47 15.46 16.69
CA GLY C 109 34.60 15.06 18.08
C GLY C 109 33.31 14.61 18.73
N ILE C 110 32.18 14.94 18.12
CA ILE C 110 30.88 14.63 18.69
C ILE C 110 30.21 13.49 17.96
N ALA C 111 30.20 13.52 16.63
CA ALA C 111 29.62 12.43 15.85
C ALA C 111 30.34 11.14 16.17
N GLY C 112 29.60 10.16 16.69
CA GLY C 112 30.16 8.88 17.02
C GLY C 112 30.92 8.83 18.32
N ALA C 113 31.15 9.97 18.99
CA ALA C 113 31.87 9.95 20.25
C ALA C 113 31.13 9.14 21.30
N ARG C 114 29.80 9.15 21.24
CA ARG C 114 29.00 8.36 22.17
C ARG C 114 29.31 6.88 22.05
N GLU C 115 29.28 6.35 20.82
CA GLU C 115 29.59 4.95 20.59
C GLU C 115 31.02 4.62 20.99
N VAL C 116 31.96 5.51 20.65
CA VAL C 116 33.36 5.27 20.97
C VAL C 116 33.56 5.20 22.48
N TYR C 117 32.93 6.13 23.20
CA TYR C 117 33.16 6.24 24.63
C TYR C 117 32.47 5.13 25.41
N ARG C 118 31.31 4.65 24.93
CA ARG C 118 30.73 3.49 25.59
C ARG C 118 31.44 2.20 25.19
N ALA C 119 32.04 2.15 24.00
CA ALA C 119 32.78 0.96 23.59
C ALA C 119 34.11 0.87 24.34
N LEU C 120 34.78 1.99 24.54
CA LEU C 120 36.07 2.03 25.21
C LEU C 120 35.96 2.30 26.70
N ASN C 121 34.75 2.32 27.24
CA ASN C 121 34.50 2.58 28.66
C ASN C 121 35.13 3.91 29.08
N LEU C 122 34.85 4.94 28.29
CA LEU C 122 35.27 6.30 28.63
C LEU C 122 34.05 7.05 29.15
N PRO C 123 33.94 7.29 30.45
CA PRO C 123 32.76 7.99 30.97
C PRO C 123 32.68 9.41 30.45
N GLY C 124 31.51 9.79 29.93
CA GLY C 124 31.32 11.15 29.47
C GLY C 124 31.40 12.15 30.59
N SER C 125 31.16 11.72 31.83
CA SER C 125 31.26 12.62 32.97
C SER C 125 32.67 13.17 33.14
N SER C 126 33.69 12.39 32.77
CA SER C 126 35.06 12.87 32.89
C SER C 126 35.36 13.99 31.89
N TYR C 127 34.97 13.79 30.63
CA TYR C 127 35.09 14.86 29.64
C TYR C 127 34.30 16.09 30.08
N ILE C 128 33.08 15.86 30.60
CA ILE C 128 32.25 16.97 31.06
C ILE C 128 32.94 17.72 32.19
N ALA C 129 33.58 16.99 33.10
CA ALA C 129 34.31 17.64 34.20
C ALA C 129 35.45 18.48 33.66
N ALA C 130 36.21 17.95 32.70
CA ALA C 130 37.31 18.70 32.12
C ALA C 130 36.81 19.99 31.47
N PHE C 131 35.74 19.89 30.69
CA PHE C 131 35.26 21.06 29.96
C PHE C 131 34.56 22.05 30.89
N VAL C 132 33.89 21.56 31.93
CA VAL C 132 33.31 22.45 32.93
C VAL C 132 34.40 23.21 33.66
N PHE C 133 35.49 22.52 34.01
CA PHE C 133 36.61 23.20 34.64
C PHE C 133 37.20 24.25 33.71
N THR C 134 37.34 23.92 32.41
CA THR C 134 37.86 24.90 31.46
C THR C 134 36.93 26.10 31.35
N ARG C 135 35.62 25.86 31.34
CA ARG C 135 34.65 26.95 31.20
C ARG C 135 34.64 27.85 32.43
N ASP C 136 34.62 27.27 33.63
CA ASP C 136 34.56 28.05 34.85
C ASP C 136 35.92 28.63 35.24
N ARG C 137 37.00 28.11 34.67
CA ARG C 137 38.32 28.68 34.91
C ARG C 137 38.50 29.98 34.14
N LEU C 138 37.79 30.13 33.03
CA LEU C 138 37.88 31.32 32.21
C LEU C 138 37.51 32.57 33.00
N CYS C 139 38.35 33.60 32.88
CA CYS C 139 38.18 34.87 33.59
C CYS C 139 38.23 36.02 32.60
N VAL C 140 37.43 37.05 32.86
CA VAL C 140 37.44 38.26 31.98
C VAL C 140 38.05 39.42 32.78
N PRO C 141 38.94 40.25 32.18
CA PRO C 141 39.63 39.88 30.96
C PRO C 141 40.95 39.18 31.20
N ARG C 142 41.19 38.70 32.43
CA ARG C 142 42.43 37.96 32.75
C ARG C 142 42.74 37.02 31.57
N ASP C 143 41.74 36.25 31.14
CA ASP C 143 41.93 35.30 30.01
C ASP C 143 41.60 36.04 28.70
N MET C 144 40.34 36.42 28.49
CA MET C 144 39.95 37.07 27.21
C MET C 144 38.82 38.08 27.42
N SER C 145 38.44 38.81 26.37
CA SER C 145 37.37 39.80 26.46
C SER C 145 36.05 39.12 26.77
N ALA C 146 35.04 39.94 27.11
CA ALA C 146 33.75 39.40 27.51
C ALA C 146 33.10 38.62 26.37
N GLN C 147 33.17 39.15 25.15
CA GLN C 147 32.54 38.47 24.02
C GLN C 147 33.35 37.25 23.58
N ALA C 148 34.68 37.34 23.59
CA ALA C 148 35.49 36.17 23.33
C ALA C 148 35.22 35.09 24.36
N ALA C 149 35.05 35.50 25.63
CA ALA C 149 34.67 34.56 26.67
C ALA C 149 33.32 33.93 26.38
N VAL C 150 32.37 34.73 25.88
CA VAL C 150 31.05 34.19 25.53
C VAL C 150 31.19 33.11 24.46
N GLU C 151 31.98 33.39 23.43
CA GLU C 151 32.17 32.40 22.37
C GLU C 151 32.84 31.14 22.88
N PHE C 152 33.90 31.30 23.70
CA PHE C 152 34.63 30.16 24.23
C PHE C 152 33.75 29.30 25.12
N SER C 153 33.01 29.94 26.04
CA SER C 153 32.11 29.20 26.91
C SER C 153 30.95 28.59 26.15
N GLY C 154 30.50 29.23 25.06
CA GLY C 154 29.47 28.63 24.24
C GLY C 154 29.94 27.36 23.57
N ALA C 155 31.17 27.38 23.04
CA ALA C 155 31.73 26.16 22.45
C ALA C 155 31.88 25.07 23.51
N LEU C 156 32.39 25.43 24.70
CA LEU C 156 32.56 24.44 25.75
C LEU C 156 31.21 23.87 26.19
N ASP C 157 30.19 24.73 26.32
CA ASP C 157 28.86 24.26 26.67
C ASP C 157 28.27 23.36 25.59
N TYR C 158 28.56 23.67 24.32
CA TYR C 158 28.10 22.80 23.25
C TYR C 158 28.72 21.41 23.36
N VAL C 159 30.02 21.35 23.65
CA VAL C 159 30.66 20.05 23.86
C VAL C 159 30.05 19.33 25.05
N ILE C 160 29.84 20.05 26.14
CA ILE C 160 29.29 19.44 27.35
C ILE C 160 27.90 18.88 27.08
N ASN C 161 27.03 19.67 26.45
CA ASN C 161 25.69 19.21 26.13
C ASN C 161 25.72 18.04 25.15
N SER C 162 26.73 18.01 24.27
CA SER C 162 26.91 16.85 23.40
C SER C 162 27.26 15.61 24.19
N LEU C 163 27.96 15.77 25.31
CA LEU C 163 28.35 14.64 26.14
C LEU C 163 27.31 14.27 27.19
N CYS C 164 26.22 15.02 27.31
CA CYS C 164 25.17 14.67 28.26
C CYS C 164 23.79 14.79 27.61
N MET D 1 7.71 29.61 8.54
CA MET D 1 7.43 30.18 9.86
C MET D 1 7.53 31.70 9.81
N LEU D 2 7.36 32.34 10.96
CA LEU D 2 7.48 33.79 11.07
C LEU D 2 8.33 34.16 12.27
N ASP D 3 9.15 35.20 12.09
CA ASP D 3 9.86 35.85 13.18
C ASP D 3 9.13 37.14 13.54
N ALA D 4 9.74 37.95 14.40
CA ALA D 4 9.11 39.19 14.82
C ALA D 4 8.90 40.14 13.64
N PHE D 5 9.90 40.27 12.78
CA PHE D 5 9.78 41.15 11.62
C PHE D 5 8.76 40.61 10.63
N SER D 6 8.79 39.30 10.37
CA SER D 6 7.79 38.70 9.51
C SER D 6 6.41 38.75 10.14
N ARG D 7 6.32 38.65 11.46
CA ARG D 7 5.03 38.86 12.12
C ARG D 7 4.51 40.27 11.88
N VAL D 8 5.40 41.26 11.96
CA VAL D 8 5.00 42.64 11.72
C VAL D 8 4.52 42.82 10.29
N VAL D 9 5.25 42.26 9.32
CA VAL D 9 4.84 42.43 7.93
C VAL D 9 3.56 41.64 7.63
N VAL D 10 3.34 40.51 8.29
CA VAL D 10 2.08 39.79 8.13
C VAL D 10 0.93 40.62 8.66
N ASN D 11 1.11 41.25 9.83
CA ASN D 11 0.08 42.12 10.37
C ASN D 11 -0.16 43.31 9.45
N SER D 12 0.90 43.89 8.88
CA SER D 12 0.75 44.99 7.94
C SER D 12 0.08 44.53 6.65
N ASP D 13 0.39 43.31 6.19
CA ASP D 13 -0.20 42.80 4.97
C ASP D 13 -1.70 42.59 5.12
N SER D 14 -2.19 42.45 6.35
CA SER D 14 -3.62 42.27 6.58
C SER D 14 -4.44 43.46 6.13
N LYS D 15 -3.81 44.63 5.96
CA LYS D 15 -4.51 45.84 5.56
C LYS D 15 -3.86 46.51 4.34
N ALA D 16 -3.03 45.79 3.60
CA ALA D 16 -2.29 46.34 2.46
C ALA D 16 -1.55 47.60 2.84
N ALA D 17 -0.96 47.61 4.03
CA ALA D 17 -0.29 48.78 4.56
C ALA D 17 1.21 48.55 4.61
N TYR D 18 1.97 49.57 4.22
CA TYR D 18 3.40 49.56 4.45
C TYR D 18 3.68 49.56 5.94
N VAL D 19 4.84 49.01 6.33
CA VAL D 19 5.16 48.89 7.74
C VAL D 19 5.19 50.27 8.37
N SER D 20 4.29 50.49 9.34
CA SER D 20 4.11 51.81 9.92
C SER D 20 5.30 52.20 10.79
N GLY D 21 5.35 53.49 11.11
CA GLY D 21 6.42 53.98 11.96
C GLY D 21 6.42 53.36 13.35
N SER D 22 5.25 53.08 13.90
CA SER D 22 5.18 52.44 15.21
C SER D 22 5.73 51.02 15.15
N ASP D 23 5.35 50.25 14.13
CA ASP D 23 5.89 48.91 13.97
C ASP D 23 7.38 48.93 13.69
N LEU D 24 7.84 49.90 12.91
CA LEU D 24 9.26 50.05 12.65
C LEU D 24 10.02 50.37 13.93
N GLN D 25 9.44 51.21 14.79
CA GLN D 25 10.07 51.51 16.07
C GLN D 25 10.11 50.28 16.97
N ALA D 26 9.04 49.48 16.97
CA ALA D 26 9.04 48.25 17.74
C ALA D 26 10.14 47.30 17.26
N LEU D 27 10.31 47.17 15.94
CA LEU D 27 11.36 46.31 15.42
C LEU D 27 12.75 46.89 15.66
N LYS D 28 12.87 48.22 15.67
CA LYS D 28 14.15 48.83 16.04
C LYS D 28 14.49 48.56 17.50
N THR D 29 13.49 48.57 18.39
CA THR D 29 13.71 48.16 19.76
C THR D 29 14.11 46.69 19.84
N PHE D 30 13.47 45.85 19.02
CA PHE D 30 13.85 44.45 18.92
C PHE D 30 15.31 44.29 18.52
N ILE D 31 15.76 45.08 17.55
CA ILE D 31 17.15 45.02 17.10
C ILE D 31 18.09 45.54 18.17
N ALA D 32 17.73 46.64 18.84
CA ALA D 32 18.58 47.20 19.88
C ALA D 32 18.79 46.23 21.03
N ASP D 33 17.79 45.40 21.31
CA ASP D 33 17.92 44.31 22.26
C ASP D 33 18.42 43.03 21.59
N GLY D 34 19.21 43.15 20.52
CA GLY D 34 19.62 41.98 19.77
C GLY D 34 20.47 41.02 20.59
N ASN D 35 21.58 41.50 21.15
CA ASN D 35 22.29 40.76 22.19
C ASN D 35 21.50 40.49 23.46
N LYS D 36 20.54 41.33 23.83
CA LYS D 36 19.70 40.88 24.94
C LYS D 36 19.06 39.53 24.61
N ARG D 37 18.43 39.45 23.43
CA ARG D 37 17.78 38.22 23.00
C ARG D 37 18.80 37.11 22.75
N LEU D 38 19.95 37.45 22.16
CA LEU D 38 20.95 36.44 21.84
C LEU D 38 21.59 35.86 23.09
N ASP D 39 21.87 36.69 24.09
CA ASP D 39 22.36 36.19 25.37
C ASP D 39 21.31 35.34 26.06
N ALA D 40 20.03 35.72 25.94
CA ALA D 40 18.97 34.87 26.47
C ALA D 40 18.97 33.50 25.80
N VAL D 41 19.05 33.48 24.48
CA VAL D 41 19.06 32.21 23.73
C VAL D 41 20.29 31.39 24.09
N ASN D 42 21.44 32.06 24.24
CA ASN D 42 22.66 31.36 24.63
C ASN D 42 22.53 30.78 26.03
N SER D 43 21.89 31.51 26.93
CA SER D 43 21.66 30.99 28.28
C SER D 43 20.79 29.75 28.26
N ILE D 44 19.75 29.76 27.43
CA ILE D 44 18.88 28.59 27.33
C ILE D 44 19.61 27.41 26.70
N VAL D 45 20.31 27.66 25.59
CA VAL D 45 20.91 26.59 24.81
C VAL D 45 22.08 25.97 25.56
N SER D 46 22.93 26.80 26.16
CA SER D 46 24.11 26.31 26.87
C SER D 46 23.74 25.46 28.08
N ASN D 47 22.50 25.57 28.57
CA ASN D 47 22.02 24.78 29.69
C ASN D 47 20.81 23.94 29.30
N ALA D 48 20.68 23.60 28.01
CA ALA D 48 19.48 22.91 27.54
C ALA D 48 19.32 21.54 28.18
N SER D 49 20.40 20.75 28.21
CA SER D 49 20.32 19.44 28.84
C SER D 49 20.00 19.56 30.31
N CYS D 50 20.66 20.51 30.99
CA CYS D 50 20.33 20.81 32.38
C CYS D 50 18.85 21.10 32.55
N ILE D 51 18.31 22.01 31.73
CA ILE D 51 16.91 22.41 31.85
C ILE D 51 15.99 21.22 31.65
N VAL D 52 16.20 20.45 30.59
CA VAL D 52 15.30 19.35 30.26
C VAL D 52 15.36 18.26 31.31
N SER D 53 16.57 17.84 31.69
CA SER D 53 16.72 16.78 32.68
C SER D 53 16.14 17.21 34.02
N ASP D 54 16.41 18.45 34.45
CA ASP D 54 15.87 18.94 35.70
C ASP D 54 14.34 18.98 35.68
N ALA D 55 13.76 19.44 34.56
CA ALA D 55 12.31 19.52 34.48
C ALA D 55 11.68 18.14 34.52
N VAL D 56 12.22 17.18 33.77
CA VAL D 56 11.66 15.84 33.76
C VAL D 56 11.80 15.19 35.12
N SER D 57 12.97 15.37 35.76
CA SER D 57 13.18 14.80 37.08
C SER D 57 12.24 15.42 38.11
N GLY D 58 12.01 16.73 38.03
CA GLY D 58 11.08 17.36 38.96
C GLY D 58 9.65 16.92 38.74
N MET D 59 9.23 16.79 37.48
CA MET D 59 7.90 16.29 37.19
C MET D 59 7.73 14.87 37.70
N ILE D 60 8.78 14.05 37.60
CA ILE D 60 8.71 12.68 38.11
C ILE D 60 8.68 12.66 39.64
N CYS D 61 9.50 13.48 40.29
CA CYS D 61 9.53 13.49 41.74
C CYS D 61 8.22 13.99 42.32
N GLU D 62 7.60 15.00 41.70
CA GLU D 62 6.30 15.48 42.16
C GLU D 62 5.17 14.54 41.78
N ASN D 63 5.38 13.63 40.83
CA ASN D 63 4.38 12.63 40.43
C ASN D 63 5.06 11.29 40.30
N PRO D 64 5.31 10.61 41.42
CA PRO D 64 6.00 9.31 41.35
C PRO D 64 5.24 8.24 40.58
N GLY D 65 3.94 8.42 40.34
CA GLY D 65 3.19 7.49 39.53
C GLY D 65 3.65 7.41 38.09
N LEU D 66 4.37 8.43 37.62
CA LEU D 66 4.86 8.41 36.24
C LEU D 66 5.90 7.32 36.02
N ILE D 67 6.69 7.00 37.04
CA ILE D 67 7.71 5.96 36.93
C ILE D 67 7.23 4.63 37.51
N ALA D 68 6.01 4.59 38.04
CA ALA D 68 5.40 3.33 38.42
C ALA D 68 4.93 2.58 37.17
N PRO D 69 4.76 1.27 37.27
CA PRO D 69 4.23 0.52 36.12
C PRO D 69 2.87 1.06 35.70
N GLY D 70 2.71 1.22 34.39
CA GLY D 70 1.57 1.94 33.83
C GLY D 70 1.79 3.44 33.72
N GLY D 71 2.74 3.98 34.47
CA GLY D 71 3.08 5.38 34.31
C GLY D 71 3.79 5.63 33.00
N ASN D 72 3.70 6.87 32.53
CA ASN D 72 4.19 7.23 31.22
C ASN D 72 5.71 7.44 31.17
N CYS D 73 6.39 7.39 32.31
CA CYS D 73 7.85 7.52 32.33
C CYS D 73 8.56 6.22 32.74
N TYR D 74 7.81 5.25 33.24
CA TYR D 74 8.33 3.89 33.38
C TYR D 74 8.72 3.36 32.01
N THR D 75 9.54 2.30 31.98
CA THR D 75 10.13 1.86 30.71
C THR D 75 11.06 2.91 30.10
N ASN D 76 12.35 2.82 30.44
CA ASN D 76 13.42 3.66 29.89
C ASN D 76 13.14 4.14 28.47
N ARG D 77 12.52 3.30 27.62
CA ARG D 77 12.04 3.79 26.34
C ARG D 77 11.12 4.99 26.51
N ARG D 78 10.10 4.86 27.36
CA ARG D 78 9.19 5.98 27.58
C ARG D 78 9.89 7.15 28.27
N MET D 79 10.81 6.85 29.19
CA MET D 79 11.52 7.94 29.86
C MET D 79 12.39 8.72 28.88
N ALA D 80 13.07 8.02 27.97
CA ALA D 80 13.85 8.69 26.95
C ALA D 80 12.97 9.46 25.99
N ALA D 81 11.78 8.94 25.69
CA ALA D 81 10.83 9.68 24.87
C ALA D 81 10.39 10.96 25.57
N CYS D 82 10.19 10.89 26.89
CA CYS D 82 9.83 12.07 27.67
C CYS D 82 10.96 13.10 27.68
N LEU D 83 12.20 12.64 27.87
CA LEU D 83 13.34 13.55 27.82
C LEU D 83 13.48 14.16 26.44
N ARG D 84 13.27 13.36 25.39
CA ARG D 84 13.32 13.86 24.03
C ARG D 84 12.24 14.90 23.77
N ASP D 85 11.03 14.67 24.27
CA ASP D 85 9.95 15.64 24.10
C ASP D 85 10.25 16.93 24.86
N GLY D 86 10.80 16.81 26.06
CA GLY D 86 11.22 18.01 26.77
C GLY D 86 12.29 18.77 26.02
N GLU D 87 13.27 18.05 25.46
CA GLU D 87 14.30 18.69 24.66
C GLU D 87 13.72 19.37 23.42
N ILE D 88 12.76 18.72 22.78
CA ILE D 88 12.13 19.28 21.58
C ILE D 88 11.34 20.54 21.94
N ILE D 89 10.58 20.49 23.03
CA ILE D 89 9.82 21.66 23.43
C ILE D 89 10.74 22.81 23.80
N LEU D 90 11.83 22.53 24.53
CA LEU D 90 12.79 23.57 24.85
C LEU D 90 13.49 24.10 23.60
N ARG D 91 13.75 23.21 22.63
CA ARG D 91 14.37 23.63 21.38
C ARG D 91 13.47 24.59 20.62
N TYR D 92 12.18 24.28 20.55
CA TYR D 92 11.27 25.15 19.84
C TYR D 92 10.99 26.43 20.62
N THR D 93 11.03 26.37 21.95
CA THR D 93 10.94 27.59 22.75
C THR D 93 12.15 28.49 22.52
N SER D 94 13.34 27.89 22.41
CA SER D 94 14.53 28.66 22.07
C SER D 94 14.43 29.23 20.66
N TYR D 95 13.84 28.47 19.73
CA TYR D 95 13.59 29.00 18.39
C TYR D 95 12.68 30.21 18.45
N ALA D 96 11.61 30.13 19.23
CA ALA D 96 10.68 31.24 19.35
C ALA D 96 11.34 32.45 20.00
N LEU D 97 12.17 32.21 21.03
CA LEU D 97 12.90 33.30 21.67
C LEU D 97 13.86 33.97 20.69
N LEU D 98 14.58 33.15 19.90
CA LEU D 98 15.50 33.70 18.92
C LEU D 98 14.77 34.50 17.86
N ALA D 99 13.62 34.00 17.41
CA ALA D 99 12.84 34.67 16.37
C ALA D 99 12.01 35.82 16.90
N GLY D 100 11.78 35.89 18.21
CA GLY D 100 10.87 36.88 18.74
C GLY D 100 9.43 36.63 18.41
N ASP D 101 9.10 35.42 17.96
CA ASP D 101 7.73 35.07 17.60
C ASP D 101 7.51 33.59 17.85
N SER D 102 6.29 33.24 18.22
CA SER D 102 5.93 31.87 18.55
C SER D 102 5.43 31.07 17.37
N SER D 103 5.48 31.62 16.15
CA SER D 103 4.95 30.91 14.98
C SER D 103 5.68 29.61 14.76
N VAL D 104 7.01 29.62 14.87
CA VAL D 104 7.76 28.37 14.71
C VAL D 104 7.36 27.37 15.78
N LEU D 105 7.27 27.82 17.03
CA LEU D 105 6.91 26.91 18.12
C LEU D 105 5.55 26.29 17.87
N GLU D 106 4.52 27.11 17.66
CA GLU D 106 3.18 26.58 17.46
C GLU D 106 3.14 25.65 16.25
N ASP D 107 3.60 26.15 15.10
CA ASP D 107 3.44 25.43 13.83
C ASP D 107 4.20 24.10 13.81
N ARG D 108 5.42 24.06 14.35
CA ARG D 108 6.25 22.89 14.20
C ARG D 108 6.31 22.01 15.43
N CYS D 109 5.82 22.45 16.59
CA CYS D 109 5.76 21.62 17.78
C CYS D 109 4.36 21.48 18.33
N LEU D 110 3.63 22.58 18.47
CA LEU D 110 2.36 22.54 19.19
C LEU D 110 1.20 22.09 18.30
N ASN D 111 1.33 22.25 16.99
CA ASN D 111 0.28 21.80 16.09
C ASN D 111 0.13 20.28 16.16
N GLY D 112 -1.01 19.84 16.68
CA GLY D 112 -1.28 18.43 16.82
C GLY D 112 -0.63 17.76 18.02
N LEU D 113 0.11 18.51 18.85
CA LEU D 113 0.76 17.90 20.01
C LEU D 113 -0.27 17.42 21.02
N LYS D 114 -1.36 18.17 21.21
CA LYS D 114 -2.39 17.76 22.15
C LYS D 114 -3.04 16.45 21.71
N GLU D 115 -3.44 16.37 20.44
CA GLU D 115 -4.04 15.14 19.93
C GLU D 115 -3.05 13.98 19.96
N THR D 116 -1.78 14.27 19.64
CA THR D 116 -0.76 13.22 19.70
C THR D 116 -0.61 12.67 21.11
N TYR D 117 -0.55 13.56 22.10
CA TYR D 117 -0.40 13.12 23.48
C TYR D 117 -1.63 12.39 23.99
N ILE D 118 -2.82 12.82 23.56
CA ILE D 118 -4.03 12.09 23.92
C ILE D 118 -4.02 10.69 23.31
N ALA D 119 -3.60 10.58 22.05
CA ALA D 119 -3.53 9.28 21.40
C ALA D 119 -2.53 8.36 22.07
N LEU D 120 -1.37 8.90 22.45
CA LEU D 120 -0.34 8.10 23.12
C LEU D 120 -0.58 7.93 24.61
N GLY D 121 -1.58 8.60 25.17
CA GLY D 121 -1.83 8.52 26.59
C GLY D 121 -0.85 9.29 27.44
N VAL D 122 -0.14 10.26 26.86
CA VAL D 122 0.79 11.10 27.59
C VAL D 122 -0.01 12.02 28.50
N PRO D 123 0.25 12.04 29.80
CA PRO D 123 -0.56 12.87 30.72
C PRO D 123 -0.35 14.35 30.44
N THR D 124 -1.44 15.06 30.18
CA THR D 124 -1.35 16.49 29.92
C THR D 124 -0.94 17.27 31.15
N ASN D 125 -1.39 16.85 32.34
CA ASN D 125 -1.00 17.54 33.56
C ASN D 125 0.49 17.38 33.84
N SER D 126 1.03 16.16 33.67
CA SER D 126 2.46 15.96 33.90
C SER D 126 3.29 16.67 32.85
N THR D 127 2.83 16.69 31.60
CA THR D 127 3.53 17.43 30.57
C THR D 127 3.54 18.92 30.88
N ALA D 128 2.40 19.44 31.35
CA ALA D 128 2.32 20.84 31.71
C ALA D 128 3.25 21.15 32.89
N ARG D 129 3.33 20.24 33.86
CA ARG D 129 4.24 20.45 34.99
C ARG D 129 5.70 20.47 34.52
N ALA D 130 6.06 19.54 33.65
CA ALA D 130 7.44 19.52 33.13
C ALA D 130 7.74 20.79 32.33
N VAL D 131 6.77 21.24 31.52
CA VAL D 131 6.97 22.46 30.74
C VAL D 131 7.08 23.67 31.66
N SER D 132 6.32 23.68 32.75
CA SER D 132 6.40 24.79 33.70
C SER D 132 7.73 24.80 34.43
N ILE D 133 8.28 23.63 34.77
CA ILE D 133 9.61 23.60 35.38
C ILE D 133 10.67 24.05 34.38
N MET D 134 10.53 23.63 33.11
CA MET D 134 11.38 24.15 32.06
C MET D 134 11.27 25.66 31.97
N LYS D 135 10.06 26.19 32.10
CA LYS D 135 9.85 27.64 32.06
C LYS D 135 10.58 28.33 33.20
N SER D 136 10.44 27.81 34.41
CA SER D 136 11.10 28.44 35.56
C SER D 136 12.60 28.40 35.41
N SER D 137 13.16 27.24 35.03
CA SER D 137 14.61 27.13 34.89
C SER D 137 15.12 28.01 33.75
N ALA D 138 14.41 28.02 32.61
CA ALA D 138 14.84 28.83 31.49
C ALA D 138 14.78 30.32 31.82
N VAL D 139 13.73 30.76 32.53
CA VAL D 139 13.62 32.15 32.93
C VAL D 139 14.77 32.50 33.89
N ALA D 140 15.06 31.60 34.82
CA ALA D 140 16.20 31.83 35.71
C ALA D 140 17.50 31.96 34.94
N PHE D 141 17.66 31.16 33.88
CA PHE D 141 18.88 31.26 33.08
C PHE D 141 18.92 32.55 32.28
N ILE D 142 17.75 33.03 31.82
CA ILE D 142 17.71 34.31 31.11
C ILE D 142 18.18 35.44 32.02
N SER D 143 17.62 35.49 33.23
CA SER D 143 17.94 36.53 34.20
C SER D 143 19.22 36.25 34.95
N ASN D 144 19.91 35.15 34.62
CA ASN D 144 21.15 34.75 35.30
C ASN D 144 20.93 34.60 36.81
N THR D 145 19.79 34.02 37.17
CA THR D 145 19.46 33.76 38.58
C THR D 145 19.49 32.28 38.90
N ALA D 146 20.08 31.47 38.04
CA ALA D 146 20.21 30.04 38.33
C ALA D 146 21.18 29.83 39.47
N PRO D 147 20.79 29.12 40.54
CA PRO D 147 21.67 29.01 41.71
C PRO D 147 23.02 28.36 41.42
N GLN D 148 23.07 27.37 40.53
CA GLN D 148 24.27 26.56 40.37
C GLN D 148 25.06 26.88 39.11
N ARG D 149 24.55 27.73 38.22
CA ARG D 149 25.26 28.08 36.99
C ARG D 149 24.97 29.54 36.67
N LYS D 150 26.04 30.35 36.61
CA LYS D 150 25.94 31.74 36.23
C LYS D 150 26.70 31.97 34.94
N MET D 151 26.08 32.69 34.01
CA MET D 151 26.69 33.05 32.74
C MET D 151 26.99 34.55 32.75
N ALA D 152 28.21 34.91 32.39
CA ALA D 152 28.66 36.30 32.47
C ALA D 152 28.09 37.09 31.30
N THR D 153 27.26 38.08 31.61
CA THR D 153 26.72 39.01 30.62
C THR D 153 26.82 40.42 31.19
N ALA D 154 26.72 41.40 30.29
CA ALA D 154 26.70 42.78 30.71
C ALA D 154 25.45 43.05 31.55
N ALA D 155 25.61 43.86 32.59
CA ALA D 155 24.51 44.16 33.49
C ALA D 155 23.36 44.83 32.76
N GLY D 156 22.15 44.36 33.00
CA GLY D 156 20.99 44.91 32.33
C GLY D 156 19.74 44.18 32.77
N ASP D 157 18.61 44.61 32.22
CA ASP D 157 17.30 44.07 32.55
C ASP D 157 16.78 43.29 31.36
N CYS D 158 16.78 41.97 31.47
CA CYS D 158 16.23 41.08 30.46
C CYS D 158 14.85 40.55 30.83
N SER D 159 14.09 41.32 31.61
CA SER D 159 12.77 40.87 32.05
C SER D 159 11.82 40.69 30.88
N ALA D 160 11.98 41.48 29.82
CA ALA D 160 11.15 41.30 28.64
C ALA D 160 11.39 39.93 28.01
N LEU D 161 12.65 39.51 27.93
CA LEU D 161 12.97 38.21 27.35
C LEU D 161 12.55 37.07 28.26
N SER D 162 12.70 37.24 29.58
CA SER D 162 12.22 36.23 30.51
C SER D 162 10.70 36.07 30.38
N SER D 163 9.98 37.19 30.28
CA SER D 163 8.54 37.13 30.07
C SER D 163 8.19 36.50 28.73
N GLU D 164 8.99 36.75 27.70
CA GLU D 164 8.75 36.13 26.40
C GLU D 164 8.93 34.62 26.46
N VAL D 165 9.99 34.16 27.15
CA VAL D 165 10.19 32.72 27.34
C VAL D 165 9.03 32.13 28.12
N ALA D 166 8.61 32.82 29.17
CA ALA D 166 7.48 32.36 29.96
C ALA D 166 6.22 32.29 29.11
N SER D 167 6.00 33.27 28.23
CA SER D 167 4.83 33.26 27.36
C SER D 167 4.88 32.11 26.37
N TYR D 168 6.06 31.80 25.82
CA TYR D 168 6.17 30.64 24.94
C TYR D 168 5.86 29.35 25.69
N CYS D 169 6.35 29.24 26.92
CA CYS D 169 6.05 28.04 27.71
C CYS D 169 4.57 27.97 28.09
N ASP D 170 3.94 29.11 28.34
CA ASP D 170 2.49 29.11 28.57
C ASP D 170 1.74 28.72 27.31
N LYS D 171 2.23 29.14 26.15
CA LYS D 171 1.65 28.68 24.89
C LYS D 171 1.75 27.16 24.76
N VAL D 172 2.91 26.61 25.14
CA VAL D 172 3.07 25.15 25.11
C VAL D 172 2.09 24.48 26.06
N SER D 173 1.97 25.02 27.27
CA SER D 173 1.10 24.42 28.28
C SER D 173 -0.37 24.53 27.89
N ALA D 174 -0.78 25.63 27.29
CA ALA D 174 -2.16 25.80 26.84
C ALA D 174 -2.46 25.00 25.59
N ALA D 175 -1.46 24.73 24.76
CA ALA D 175 -1.69 23.89 23.58
C ALA D 175 -2.05 22.47 23.96
N ILE D 176 -1.59 22.01 25.12
CA ILE D 176 -1.89 20.67 25.59
C ILE D 176 -2.97 20.72 26.66
N MET E 1 16.94 -19.40 1.46
CA MET E 1 16.39 -20.72 1.74
C MET E 1 15.76 -20.75 3.12
N LYS E 2 14.43 -20.68 3.19
CA LYS E 2 13.75 -20.59 4.47
C LYS E 2 13.97 -21.85 5.30
N SER E 3 14.61 -21.66 6.44
CA SER E 3 14.75 -22.70 7.45
C SER E 3 14.68 -22.02 8.81
N VAL E 4 14.82 -22.81 9.87
CA VAL E 4 14.88 -22.22 11.21
C VAL E 4 16.07 -21.28 11.32
N ILE E 5 17.25 -21.78 10.94
CA ILE E 5 18.47 -21.00 11.07
C ILE E 5 18.40 -19.74 10.22
N THR E 6 18.02 -19.89 8.95
CA THR E 6 17.97 -18.74 8.06
C THR E 6 16.92 -17.73 8.51
N THR E 7 15.76 -18.20 8.97
CA THR E 7 14.72 -17.28 9.43
C THR E 7 15.20 -16.47 10.62
N THR E 8 15.76 -17.12 11.64
CA THR E 8 16.19 -16.39 12.82
C THR E 8 17.38 -15.49 12.52
N ILE E 9 18.32 -15.95 11.71
CA ILE E 9 19.47 -15.12 11.35
C ILE E 9 19.03 -13.91 10.54
N SER E 10 18.07 -14.10 9.62
CA SER E 10 17.56 -12.99 8.84
C SER E 10 16.83 -11.98 9.71
N ALA E 11 16.07 -12.46 10.69
CA ALA E 11 15.41 -11.54 11.62
C ALA E 11 16.44 -10.74 12.41
N ALA E 12 17.46 -11.42 12.93
CA ALA E 12 18.50 -10.72 13.69
C ALA E 12 19.24 -9.73 12.83
N ASP E 13 19.54 -10.09 11.58
CA ASP E 13 20.23 -9.19 10.66
C ASP E 13 19.37 -7.99 10.31
N ALA E 14 18.06 -8.20 10.10
CA ALA E 14 17.16 -7.09 9.85
C ALA E 14 17.14 -6.14 11.05
N ALA E 15 17.13 -6.69 12.25
CA ALA E 15 17.29 -5.86 13.44
C ALA E 15 18.74 -5.49 13.71
N GLY E 16 19.68 -6.04 12.95
CA GLY E 16 21.09 -5.71 13.13
C GLY E 16 21.66 -6.10 14.47
N ARG E 17 21.27 -7.25 14.99
CA ARG E 17 21.71 -7.69 16.31
C ARG E 17 22.41 -9.03 16.23
N PHE E 18 23.26 -9.29 17.22
CA PHE E 18 23.92 -10.57 17.34
C PHE E 18 22.89 -11.66 17.65
N PRO E 19 23.20 -12.92 17.36
CA PRO E 19 22.32 -14.00 17.79
C PRO E 19 22.09 -13.96 19.29
N SER E 20 20.84 -14.11 19.69
CA SER E 20 20.43 -13.97 21.08
C SER E 20 19.83 -15.29 21.56
N SER E 21 19.22 -15.25 22.75
CA SER E 21 18.69 -16.47 23.35
C SER E 21 17.63 -17.12 22.46
N SER E 22 16.78 -16.32 21.84
CA SER E 22 15.72 -16.87 21.00
C SER E 22 16.28 -17.55 19.75
N ASP E 23 17.32 -16.98 19.13
CA ASP E 23 17.92 -17.60 17.96
C ASP E 23 18.54 -18.95 18.31
N LEU E 24 19.26 -19.02 19.43
CA LEU E 24 19.84 -20.28 19.86
C LEU E 24 18.76 -21.28 20.22
N GLU E 25 17.66 -20.81 20.82
CA GLU E 25 16.51 -21.68 21.10
C GLU E 25 15.94 -22.27 19.82
N SER E 26 15.79 -21.44 18.78
CA SER E 26 15.27 -21.94 17.51
C SER E 26 16.21 -22.97 16.91
N VAL E 27 17.52 -22.73 16.98
CA VAL E 27 18.46 -23.74 16.47
C VAL E 27 18.40 -25.00 17.32
N GLN E 28 18.08 -24.87 18.62
CA GLN E 28 17.84 -26.06 19.43
C GLN E 28 16.63 -26.83 18.91
N GLY E 29 15.62 -26.12 18.42
CA GLY E 29 14.50 -26.79 17.79
C GLY E 29 14.89 -27.49 16.50
N ASN E 30 15.76 -26.85 15.72
CA ASN E 30 16.39 -27.52 14.58
C ASN E 30 17.00 -28.84 15.03
N ILE E 31 17.77 -28.81 16.12
CA ILE E 31 18.43 -30.01 16.63
C ILE E 31 17.40 -31.06 17.01
N GLN E 32 16.35 -30.65 17.71
CA GLN E 32 15.37 -31.60 18.23
C GLN E 32 14.60 -32.29 17.12
N ARG E 33 14.17 -31.52 16.11
CA ARG E 33 13.33 -32.07 15.04
C ARG E 33 14.14 -32.65 13.88
N ALA E 34 15.46 -32.46 13.89
CA ALA E 34 16.30 -32.97 12.82
C ALA E 34 16.22 -34.48 12.72
N ALA E 35 16.14 -35.18 13.85
CA ALA E 35 16.08 -36.64 13.79
C ALA E 35 14.91 -37.11 12.94
N SER E 36 13.70 -36.61 13.24
CA SER E 36 12.51 -37.04 12.51
C SER E 36 12.57 -36.59 11.06
N ARG E 37 12.88 -35.32 10.83
CA ARG E 37 12.80 -34.83 9.45
C ARG E 37 13.92 -35.43 8.58
N LEU E 38 15.08 -35.70 9.16
CA LEU E 38 16.15 -36.35 8.40
C LEU E 38 15.87 -37.83 8.19
N GLU E 39 15.18 -38.49 9.12
CA GLU E 39 14.73 -39.85 8.86
C GLU E 39 13.77 -39.89 7.68
N ALA E 40 12.83 -38.94 7.65
CA ALA E 40 11.93 -38.84 6.51
C ALA E 40 12.68 -38.58 5.22
N ALA E 41 13.67 -37.67 5.27
CA ALA E 41 14.47 -37.36 4.09
C ALA E 41 15.25 -38.58 3.61
N GLU E 42 15.84 -39.33 4.54
CA GLU E 42 16.59 -40.52 4.17
C GLU E 42 15.70 -41.57 3.55
N LYS E 43 14.52 -41.81 4.13
CA LYS E 43 13.60 -42.79 3.55
C LYS E 43 13.15 -42.36 2.16
N LEU E 44 12.83 -41.08 1.98
CA LEU E 44 12.40 -40.59 0.68
C LEU E 44 13.53 -40.70 -0.34
N ALA E 45 14.76 -40.37 0.07
CA ALA E 45 15.89 -40.47 -0.84
C ALA E 45 16.16 -41.91 -1.24
N GLY E 46 16.02 -42.85 -0.30
CA GLY E 46 16.26 -44.25 -0.61
C GLY E 46 15.16 -44.91 -1.41
N ASN E 47 13.92 -44.41 -1.31
CA ASN E 47 12.80 -45.04 -2.02
C ASN E 47 12.08 -44.08 -2.95
N HIS E 48 12.78 -43.07 -3.48
CA HIS E 48 12.10 -42.03 -4.24
C HIS E 48 11.61 -42.51 -5.60
N GLU E 49 12.36 -43.39 -6.26
CA GLU E 49 11.97 -43.83 -7.60
C GLU E 49 10.62 -44.53 -7.57
N ALA E 50 10.44 -45.45 -6.63
CA ALA E 50 9.16 -46.15 -6.53
C ALA E 50 8.05 -45.23 -6.04
N VAL E 51 8.37 -44.32 -5.11
CA VAL E 51 7.37 -43.36 -4.65
C VAL E 51 6.91 -42.48 -5.81
N VAL E 52 7.86 -41.99 -6.61
CA VAL E 52 7.52 -41.14 -7.74
C VAL E 52 6.72 -41.92 -8.78
N LYS E 53 7.11 -43.18 -9.02
CA LYS E 53 6.36 -44.01 -9.96
C LYS E 53 4.92 -44.19 -9.50
N GLU E 54 4.71 -44.49 -8.21
CA GLU E 54 3.36 -44.66 -7.69
C GLU E 54 2.57 -43.36 -7.78
N ALA E 55 3.21 -42.24 -7.45
CA ALA E 55 2.51 -40.94 -7.51
C ALA E 55 2.09 -40.63 -8.94
N GLY E 56 2.97 -40.85 -9.91
CA GLY E 56 2.60 -40.60 -11.30
C GLY E 56 1.53 -41.54 -11.80
N ASP E 57 1.59 -42.81 -11.41
CA ASP E 57 0.55 -43.76 -11.80
C ASP E 57 -0.80 -43.34 -11.23
N ALA E 58 -0.83 -42.90 -9.97
CA ALA E 58 -2.07 -42.44 -9.37
C ALA E 58 -2.57 -41.17 -10.05
N CYS E 59 -1.66 -40.27 -10.40
CA CYS E 59 -2.04 -39.04 -11.09
C CYS E 59 -2.71 -39.35 -12.42
N PHE E 60 -2.13 -40.27 -13.19
CA PHE E 60 -2.69 -40.60 -14.49
C PHE E 60 -3.90 -41.52 -14.40
N ALA E 61 -4.06 -42.26 -13.30
CA ALA E 61 -5.27 -43.04 -13.10
C ALA E 61 -6.44 -42.17 -12.66
N LYS E 62 -6.17 -41.13 -11.87
CA LYS E 62 -7.22 -40.20 -11.48
C LYS E 62 -7.71 -39.38 -12.68
N TYR E 63 -6.79 -39.00 -13.57
CA TYR E 63 -7.10 -38.16 -14.72
C TYR E 63 -6.58 -38.84 -15.98
N PRO E 64 -7.28 -39.87 -16.47
CA PRO E 64 -6.90 -40.45 -17.77
C PRO E 64 -7.06 -39.48 -18.93
N TYR E 65 -7.87 -38.43 -18.77
CA TYR E 65 -8.05 -37.43 -19.82
C TYR E 65 -6.74 -36.74 -20.19
N LEU E 66 -5.75 -36.77 -19.30
CA LEU E 66 -4.45 -36.17 -19.61
C LEU E 66 -3.79 -36.83 -20.81
N LYS E 67 -4.17 -38.06 -21.14
CA LYS E 67 -3.61 -38.75 -22.30
C LYS E 67 -4.26 -38.32 -23.61
N ASN E 68 -5.40 -37.64 -23.56
CA ASN E 68 -6.07 -37.21 -24.77
C ASN E 68 -5.21 -36.21 -25.53
N PRO E 69 -5.29 -36.20 -26.87
CA PRO E 69 -4.45 -35.28 -27.65
C PRO E 69 -4.71 -33.83 -27.28
N GLY E 70 -3.65 -33.03 -27.31
CA GLY E 70 -3.71 -31.64 -26.91
C GLY E 70 -3.65 -31.40 -25.42
N GLU E 71 -3.58 -32.46 -24.62
CA GLU E 71 -3.51 -32.36 -23.17
C GLU E 71 -2.11 -32.73 -22.69
N ALA E 72 -1.80 -32.29 -21.48
CA ALA E 72 -0.51 -32.60 -20.86
C ALA E 72 -0.47 -34.10 -20.59
N GLY E 73 0.41 -34.80 -21.32
CA GLY E 73 0.50 -36.24 -21.16
C GLY E 73 -0.04 -37.01 -22.36
N ASP E 74 -0.27 -36.32 -23.47
CA ASP E 74 -0.75 -36.99 -24.68
C ASP E 74 0.36 -37.67 -25.45
N SER E 75 1.61 -37.51 -25.04
CA SER E 75 2.74 -38.20 -25.64
C SER E 75 3.57 -38.85 -24.54
N GLN E 76 4.34 -39.87 -24.93
CA GLN E 76 5.20 -40.54 -23.96
C GLN E 76 6.22 -39.58 -23.36
N GLU E 77 6.70 -38.63 -24.17
CA GLU E 77 7.61 -37.62 -23.64
C GLU E 77 6.95 -36.77 -22.57
N LYS E 78 5.68 -36.40 -22.78
CA LYS E 78 4.99 -35.58 -21.79
C LYS E 78 4.69 -36.38 -20.51
N ILE E 79 4.37 -37.67 -20.65
CA ILE E 79 4.20 -38.51 -19.47
C ILE E 79 5.51 -38.63 -18.70
N ASN E 80 6.61 -38.81 -19.43
CA ASN E 80 7.92 -38.87 -18.79
C ASN E 80 8.24 -37.55 -18.09
N LYS E 81 7.85 -36.42 -18.69
CA LYS E 81 8.04 -35.14 -18.03
C LYS E 81 7.16 -35.00 -16.81
N CYS E 82 5.96 -35.59 -16.83
CA CYS E 82 5.12 -35.61 -15.62
C CYS E 82 5.80 -36.38 -14.50
N TYR E 83 6.32 -37.56 -14.80
CA TYR E 83 7.01 -38.34 -13.78
C TYR E 83 8.27 -37.62 -13.31
N ARG E 84 8.96 -36.94 -14.23
CA ARG E 84 10.13 -36.16 -13.85
C ARG E 84 9.76 -34.97 -12.98
N ASP E 85 8.61 -34.35 -13.24
CA ASP E 85 8.13 -33.27 -12.39
C ASP E 85 7.82 -33.76 -10.99
N ILE E 86 7.17 -34.92 -10.89
CA ILE E 86 6.91 -35.50 -9.58
C ILE E 86 8.22 -35.84 -8.89
N ASP E 87 9.21 -36.33 -9.64
CA ASP E 87 10.53 -36.58 -9.09
C ASP E 87 11.17 -35.28 -8.60
N HIS E 88 11.03 -34.20 -9.36
CA HIS E 88 11.57 -32.91 -8.94
C HIS E 88 10.93 -32.45 -7.64
N TYR E 89 9.61 -32.59 -7.55
CA TYR E 89 8.90 -32.19 -6.34
C TYR E 89 9.30 -33.05 -5.15
N MET E 90 9.47 -34.35 -5.36
CA MET E 90 9.90 -35.21 -4.26
C MET E 90 11.32 -34.90 -3.84
N ARG E 91 12.19 -34.57 -4.80
CA ARG E 91 13.54 -34.14 -4.47
C ARG E 91 13.53 -32.84 -3.67
N LEU E 92 12.65 -31.90 -4.04
CA LEU E 92 12.53 -30.67 -3.28
C LEU E 92 11.94 -30.91 -1.91
N ILE E 93 11.05 -31.91 -1.78
CA ILE E 93 10.52 -32.28 -0.47
C ILE E 93 11.61 -32.89 0.39
N ASN E 94 12.46 -33.73 -0.20
CA ASN E 94 13.63 -34.25 0.50
C ASN E 94 14.55 -33.12 0.93
N TYR E 95 14.74 -32.13 0.06
CA TYR E 95 15.54 -30.95 0.39
C TYR E 95 14.92 -30.16 1.54
N SER E 96 13.59 -30.04 1.54
CA SER E 96 12.91 -29.33 2.63
C SER E 96 13.07 -30.08 3.94
N LEU E 97 12.96 -31.40 3.90
CA LEU E 97 13.14 -32.21 5.10
C LEU E 97 14.56 -32.08 5.63
N VAL E 98 15.55 -32.11 4.73
CA VAL E 98 16.95 -31.93 5.15
C VAL E 98 17.17 -30.54 5.72
N VAL E 99 16.65 -29.52 5.03
CA VAL E 99 16.83 -28.13 5.43
C VAL E 99 16.04 -27.82 6.70
N GLY E 100 14.85 -28.40 6.85
CA GLY E 100 13.99 -28.10 7.97
C GLY E 100 12.97 -27.01 7.69
N GLY E 101 12.94 -26.47 6.48
CA GLY E 101 11.95 -25.48 6.11
C GLY E 101 11.56 -25.65 4.66
N THR E 102 10.53 -24.91 4.27
CA THR E 102 10.02 -24.98 2.91
C THR E 102 10.87 -24.22 1.90
N GLY E 103 12.03 -23.73 2.31
CA GLY E 103 12.91 -22.96 1.47
C GLY E 103 13.16 -23.55 0.08
N PRO E 104 13.72 -24.75 0.02
CA PRO E 104 13.97 -25.36 -1.30
C PRO E 104 12.71 -25.48 -2.13
N LEU E 105 11.60 -25.91 -1.53
CA LEU E 105 10.35 -25.98 -2.25
C LEU E 105 9.94 -24.61 -2.77
N ASP E 106 9.91 -23.62 -1.89
CA ASP E 106 9.48 -22.28 -2.27
C ASP E 106 10.29 -21.74 -3.44
N GLU E 107 11.62 -21.84 -3.35
CA GLU E 107 12.45 -21.23 -4.38
C GLU E 107 12.49 -22.02 -5.67
N TRP E 108 12.43 -23.36 -5.60
CA TRP E 108 12.74 -24.15 -6.78
C TRP E 108 11.55 -24.84 -7.43
N GLY E 109 10.46 -25.09 -6.70
CA GLY E 109 9.32 -25.74 -7.30
C GLY E 109 8.05 -24.94 -7.27
N ILE E 110 7.90 -24.09 -6.26
CA ILE E 110 6.63 -23.38 -6.06
C ILE E 110 6.64 -22.01 -6.72
N ALA E 111 7.69 -21.21 -6.50
CA ALA E 111 7.76 -19.88 -7.10
C ALA E 111 7.68 -19.99 -8.61
N GLY E 112 6.70 -19.31 -9.21
CA GLY E 112 6.51 -19.32 -10.63
C GLY E 112 5.84 -20.56 -11.18
N ALA E 113 5.58 -21.58 -10.35
CA ALA E 113 4.92 -22.79 -10.84
C ALA E 113 3.53 -22.48 -11.36
N ARG E 114 2.84 -21.51 -10.74
CA ARG E 114 1.53 -21.09 -11.21
C ARG E 114 1.60 -20.64 -12.67
N GLU E 115 2.52 -19.73 -12.98
CA GLU E 115 2.64 -19.22 -14.34
C GLU E 115 3.10 -20.31 -15.30
N VAL E 116 4.04 -21.15 -14.88
CA VAL E 116 4.53 -22.22 -15.74
C VAL E 116 3.40 -23.17 -16.10
N TYR E 117 2.60 -23.57 -15.11
CA TYR E 117 1.56 -24.56 -15.35
C TYR E 117 0.39 -23.96 -16.12
N ARG E 118 0.09 -22.68 -15.92
CA ARG E 118 -0.91 -22.02 -16.74
C ARG E 118 -0.45 -21.92 -18.19
N ALA E 119 0.83 -21.59 -18.40
CA ALA E 119 1.35 -21.42 -19.75
C ALA E 119 1.42 -22.73 -20.50
N LEU E 120 1.77 -23.82 -19.82
CA LEU E 120 1.98 -25.11 -20.45
C LEU E 120 0.77 -26.03 -20.33
N ASN E 121 -0.37 -25.51 -19.89
CA ASN E 121 -1.60 -26.28 -19.74
C ASN E 121 -1.35 -27.51 -18.87
N LEU E 122 -0.71 -27.29 -17.73
CA LEU E 122 -0.47 -28.36 -16.76
C LEU E 122 -1.47 -28.17 -15.62
N PRO E 123 -2.54 -28.97 -15.56
CA PRO E 123 -3.51 -28.79 -14.47
C PRO E 123 -2.88 -29.08 -13.12
N GLY E 124 -3.01 -28.11 -12.20
CA GLY E 124 -2.49 -28.31 -10.86
C GLY E 124 -3.16 -29.45 -10.14
N SER E 125 -4.37 -29.82 -10.55
CA SER E 125 -5.07 -30.95 -9.94
C SER E 125 -4.32 -32.25 -10.12
N SER E 126 -3.57 -32.40 -11.22
CA SER E 126 -2.78 -33.61 -11.43
C SER E 126 -1.65 -33.71 -10.42
N TYR E 127 -0.89 -32.62 -10.24
CA TYR E 127 0.14 -32.59 -9.21
C TYR E 127 -0.47 -32.84 -7.84
N ILE E 128 -1.61 -32.20 -7.57
CA ILE E 128 -2.27 -32.37 -6.28
C ILE E 128 -2.66 -33.81 -6.06
N ALA E 129 -3.18 -34.48 -7.09
CA ALA E 129 -3.54 -35.88 -6.97
C ALA E 129 -2.31 -36.74 -6.68
N ALA E 130 -1.20 -36.48 -7.37
CA ALA E 130 0.02 -37.24 -7.11
C ALA E 130 0.48 -37.07 -5.67
N PHE E 131 0.50 -35.83 -5.18
CA PHE E 131 1.00 -35.59 -3.83
C PHE E 131 0.03 -36.08 -2.78
N VAL E 132 -1.28 -35.98 -3.03
CA VAL E 132 -2.27 -36.52 -2.10
C VAL E 132 -2.14 -38.04 -2.01
N PHE E 133 -1.93 -38.70 -3.16
CA PHE E 133 -1.72 -40.14 -3.13
C PHE E 133 -0.46 -40.49 -2.35
N THR E 134 0.61 -39.73 -2.55
CA THR E 134 1.84 -39.99 -1.80
C THR E 134 1.62 -39.79 -0.31
N ARG E 135 0.88 -38.76 0.08
CA ARG E 135 0.64 -38.47 1.49
C ARG E 135 -0.22 -39.55 2.14
N ASP E 136 -1.33 -39.93 1.49
CA ASP E 136 -2.23 -40.93 2.04
C ASP E 136 -1.67 -42.34 1.95
N ARG E 137 -0.73 -42.57 1.03
CA ARG E 137 -0.14 -43.88 0.84
C ARG E 137 0.86 -44.21 1.94
N LEU E 138 1.44 -43.19 2.56
CA LEU E 138 2.43 -43.37 3.62
C LEU E 138 1.81 -44.08 4.82
N CYS E 139 2.55 -45.01 5.40
CA CYS E 139 2.09 -45.83 6.53
C CYS E 139 3.08 -45.70 7.68
N VAL E 140 2.55 -45.69 8.90
CA VAL E 140 3.41 -45.57 10.11
C VAL E 140 3.42 -46.93 10.84
N PRO E 141 4.59 -47.39 11.37
CA PRO E 141 5.87 -46.91 10.89
C PRO E 141 6.39 -47.72 9.71
N ARG E 142 5.50 -48.45 9.04
CA ARG E 142 5.91 -49.29 7.88
C ARG E 142 6.87 -48.48 7.00
N ASP E 143 6.50 -47.24 6.66
CA ASP E 143 7.36 -46.41 5.77
C ASP E 143 8.33 -45.58 6.63
N MET E 144 7.82 -44.87 7.64
CA MET E 144 8.71 -44.09 8.52
C MET E 144 8.06 -43.88 9.90
N SER E 145 8.85 -43.46 10.90
CA SER E 145 8.34 -43.19 12.24
C SER E 145 7.22 -42.15 12.18
N ALA E 146 6.50 -42.03 13.30
CA ALA E 146 5.34 -41.14 13.33
C ALA E 146 5.74 -39.70 13.03
N GLN E 147 6.83 -39.23 13.63
CA GLN E 147 7.20 -37.83 13.46
C GLN E 147 7.86 -37.58 12.10
N ALA E 148 8.62 -38.55 11.59
CA ALA E 148 9.10 -38.46 10.22
C ALA E 148 7.92 -38.42 9.26
N ALA E 149 6.89 -39.23 9.52
CA ALA E 149 5.67 -39.16 8.72
C ALA E 149 5.01 -37.80 8.83
N VAL E 150 5.02 -37.21 10.02
CA VAL E 150 4.43 -35.88 10.19
C VAL E 150 5.16 -34.86 9.32
N GLU E 151 6.50 -34.90 9.34
CA GLU E 151 7.26 -33.95 8.53
C GLU E 151 7.06 -34.20 7.03
N PHE E 152 7.04 -35.47 6.61
CA PHE E 152 6.85 -35.80 5.20
C PHE E 152 5.48 -35.35 4.71
N SER E 153 4.43 -35.67 5.47
CA SER E 153 3.08 -35.24 5.11
C SER E 153 2.94 -33.73 5.20
N GLY E 154 3.67 -33.07 6.10
CA GLY E 154 3.63 -31.63 6.15
C GLY E 154 4.22 -31.00 4.91
N ALA E 155 5.36 -31.52 4.45
CA ALA E 155 5.94 -31.02 3.20
C ALA E 155 4.99 -31.27 2.02
N LEU E 156 4.40 -32.46 1.96
CA LEU E 156 3.47 -32.76 0.88
C LEU E 156 2.25 -31.85 0.92
N ASP E 157 1.69 -31.61 2.11
CA ASP E 157 0.55 -30.72 2.24
C ASP E 157 0.95 -29.28 1.89
N TYR E 158 2.18 -28.89 2.20
CA TYR E 158 2.64 -27.57 1.79
C TYR E 158 2.66 -27.44 0.28
N VAL E 159 3.16 -28.47 -0.41
CA VAL E 159 3.15 -28.45 -1.88
C VAL E 159 1.71 -28.38 -2.38
N ILE E 160 0.83 -29.20 -1.81
CA ILE E 160 -0.57 -29.24 -2.24
C ILE E 160 -1.21 -27.87 -2.08
N ASN E 161 -1.02 -27.25 -0.91
CA ASN E 161 -1.58 -25.93 -0.67
C ASN E 161 -0.99 -24.88 -1.59
N SER E 162 0.29 -25.01 -1.93
CA SER E 162 0.88 -24.13 -2.94
C SER E 162 0.21 -24.32 -4.29
N LEU E 163 -0.31 -25.53 -4.55
CA LEU E 163 -0.96 -25.78 -5.83
C LEU E 163 -2.47 -25.51 -5.81
N CYS E 164 -3.11 -25.54 -4.65
CA CYS E 164 -4.54 -25.26 -4.58
C CYS E 164 -4.81 -23.93 -3.89
N MET F 1 4.19 -7.91 18.63
CA MET F 1 3.19 -8.91 19.00
C MET F 1 3.60 -9.66 20.27
N LEU F 2 2.67 -10.42 20.83
CA LEU F 2 2.90 -11.16 22.05
C LEU F 2 2.54 -12.63 21.85
N ASP F 3 3.13 -13.47 22.69
CA ASP F 3 2.76 -14.87 22.81
C ASP F 3 2.25 -15.10 24.23
N ALA F 4 2.01 -16.37 24.57
CA ALA F 4 1.54 -16.69 25.92
C ALA F 4 2.55 -16.25 26.98
N PHE F 5 3.84 -16.52 26.73
CA PHE F 5 4.88 -16.08 27.65
C PHE F 5 4.96 -14.56 27.70
N SER F 6 4.89 -13.91 26.53
CA SER F 6 4.91 -12.46 26.49
C SER F 6 3.68 -11.87 27.18
N ARG F 7 2.53 -12.52 27.01
CA ARG F 7 1.32 -12.07 27.70
C ARG F 7 1.48 -12.16 29.21
N VAL F 8 2.04 -13.28 29.70
CA VAL F 8 2.27 -13.44 31.12
C VAL F 8 3.22 -12.37 31.63
N VAL F 9 4.29 -12.10 30.87
CA VAL F 9 5.26 -11.09 31.28
C VAL F 9 4.63 -9.70 31.30
N VAL F 10 3.82 -9.37 30.30
CA VAL F 10 3.15 -8.08 30.26
C VAL F 10 2.22 -7.92 31.46
N ASN F 11 1.46 -8.99 31.77
CA ASN F 11 0.59 -8.94 32.94
C ASN F 11 1.39 -8.74 34.22
N SER F 12 2.51 -9.46 34.35
CA SER F 12 3.37 -9.31 35.53
C SER F 12 3.99 -7.91 35.57
N ASP F 13 4.38 -7.38 34.41
CA ASP F 13 5.01 -6.06 34.35
C ASP F 13 4.08 -4.98 34.88
N SER F 14 2.77 -5.20 34.77
CA SER F 14 1.80 -4.22 35.27
C SER F 14 1.93 -4.00 36.77
N LYS F 15 2.23 -5.05 37.53
CA LYS F 15 2.40 -4.95 38.97
C LYS F 15 3.86 -4.87 39.39
N ALA F 16 4.78 -4.66 38.44
CA ALA F 16 6.22 -4.66 38.73
C ALA F 16 6.63 -5.94 39.45
N ALA F 17 6.04 -7.06 39.04
CA ALA F 17 6.23 -8.32 39.72
C ALA F 17 7.03 -9.28 38.86
N TYR F 18 7.97 -9.97 39.47
CA TYR F 18 8.60 -11.10 38.83
C TYR F 18 7.55 -12.17 38.56
N VAL F 19 7.73 -12.91 37.47
CA VAL F 19 6.70 -13.86 37.04
C VAL F 19 6.46 -14.87 38.16
N SER F 20 5.23 -14.90 38.66
CA SER F 20 4.90 -15.65 39.85
C SER F 20 4.94 -17.14 39.58
N GLY F 21 4.82 -17.92 40.66
CA GLY F 21 4.82 -19.37 40.53
C GLY F 21 3.63 -19.89 39.75
N SER F 22 2.46 -19.30 39.95
CA SER F 22 1.27 -19.73 39.23
C SER F 22 1.40 -19.47 37.73
N ASP F 23 1.89 -18.28 37.35
CA ASP F 23 2.09 -17.97 35.94
C ASP F 23 3.17 -18.87 35.34
N LEU F 24 4.24 -19.14 36.10
CA LEU F 24 5.27 -20.03 35.63
C LEU F 24 4.74 -21.44 35.41
N GLN F 25 3.88 -21.91 36.31
CA GLN F 25 3.27 -23.24 36.14
C GLN F 25 2.34 -23.26 34.94
N ALA F 26 1.60 -22.17 34.72
CA ALA F 26 0.75 -22.08 33.52
C ALA F 26 1.58 -22.16 32.26
N LEU F 27 2.73 -21.47 32.22
CA LEU F 27 3.58 -21.52 31.04
C LEU F 27 4.27 -22.88 30.91
N LYS F 28 4.56 -23.54 32.03
CA LYS F 28 5.07 -24.91 31.96
C LYS F 28 4.03 -25.86 31.40
N THR F 29 2.75 -25.65 31.73
CA THR F 29 1.68 -26.41 31.11
C THR F 29 1.61 -26.12 29.61
N PHE F 30 1.77 -24.84 29.24
CA PHE F 30 1.81 -24.46 27.83
C PHE F 30 2.92 -25.21 27.10
N ILE F 31 4.11 -25.28 27.70
CA ILE F 31 5.22 -25.99 27.09
C ILE F 31 4.95 -27.49 27.04
N ALA F 32 4.43 -28.06 28.13
CA ALA F 32 4.12 -29.49 28.15
C ALA F 32 3.05 -29.85 27.14
N ASP F 33 2.16 -28.90 26.82
CA ASP F 33 1.19 -29.06 25.75
C ASP F 33 1.72 -28.51 24.43
N GLY F 34 2.99 -28.12 24.38
CA GLY F 34 3.53 -27.50 23.18
C GLY F 34 3.53 -28.43 21.98
N ASN F 35 3.80 -29.72 22.21
CA ASN F 35 3.72 -30.68 21.11
C ASN F 35 2.31 -30.79 20.58
N LYS F 36 1.31 -30.79 21.46
CA LYS F 36 -0.08 -30.77 21.03
C LYS F 36 -0.40 -29.49 20.27
N ARG F 37 0.13 -28.36 20.73
CA ARG F 37 -0.10 -27.10 20.04
C ARG F 37 0.49 -27.11 18.63
N LEU F 38 1.70 -27.67 18.49
CA LEU F 38 2.29 -27.81 17.17
C LEU F 38 1.49 -28.77 16.30
N ASP F 39 0.98 -29.86 16.89
CA ASP F 39 0.05 -30.74 16.19
C ASP F 39 -1.13 -29.95 15.64
N ALA F 40 -1.73 -29.11 16.48
CA ALA F 40 -2.92 -28.35 16.09
C ALA F 40 -2.60 -27.36 14.98
N VAL F 41 -1.49 -26.63 15.12
CA VAL F 41 -1.12 -25.66 14.09
C VAL F 41 -0.83 -26.36 12.78
N ASN F 42 -0.16 -27.52 12.83
CA ASN F 42 0.09 -28.28 11.62
C ASN F 42 -1.21 -28.75 10.98
N SER F 43 -2.17 -29.18 11.80
CA SER F 43 -3.45 -29.62 11.26
C SER F 43 -4.19 -28.47 10.58
N ILE F 44 -4.10 -27.26 11.13
CA ILE F 44 -4.75 -26.12 10.50
C ILE F 44 -4.04 -25.73 9.20
N VAL F 45 -2.72 -25.58 9.25
CA VAL F 45 -2.00 -25.07 8.09
C VAL F 45 -1.97 -26.08 6.94
N SER F 46 -1.90 -27.37 7.26
CA SER F 46 -1.91 -28.40 6.22
C SER F 46 -3.24 -28.49 5.51
N ASN F 47 -4.29 -27.86 6.05
CA ASN F 47 -5.61 -27.86 5.43
C ASN F 47 -6.12 -26.44 5.27
N ALA F 48 -5.22 -25.45 5.19
CA ALA F 48 -5.63 -24.05 5.17
C ALA F 48 -6.46 -23.74 3.93
N SER F 49 -6.01 -24.18 2.76
CA SER F 49 -6.78 -23.97 1.54
C SER F 49 -8.14 -24.66 1.63
N CYS F 50 -8.14 -25.89 2.14
CA CYS F 50 -9.40 -26.61 2.38
C CYS F 50 -10.33 -25.79 3.27
N ILE F 51 -9.82 -25.32 4.40
CA ILE F 51 -10.67 -24.60 5.36
C ILE F 51 -11.24 -23.35 4.73
N VAL F 52 -10.38 -22.55 4.08
CA VAL F 52 -10.82 -21.25 3.57
C VAL F 52 -11.80 -21.44 2.41
N SER F 53 -11.47 -22.31 1.47
CA SER F 53 -12.35 -22.54 0.33
C SER F 53 -13.70 -23.09 0.80
N ASP F 54 -13.68 -24.05 1.73
CA ASP F 54 -14.94 -24.58 2.24
C ASP F 54 -15.76 -23.52 2.94
N ALA F 55 -15.13 -22.69 3.77
CA ALA F 55 -15.87 -21.68 4.50
C ALA F 55 -16.50 -20.66 3.56
N VAL F 56 -15.73 -20.18 2.57
CA VAL F 56 -16.28 -19.19 1.64
C VAL F 56 -17.39 -19.82 0.79
N SER F 57 -17.18 -21.06 0.34
CA SER F 57 -18.20 -21.73 -0.45
C SER F 57 -19.49 -21.94 0.34
N GLY F 58 -19.37 -22.32 1.61
CA GLY F 58 -20.56 -22.47 2.44
C GLY F 58 -21.26 -21.15 2.70
N MET F 59 -20.49 -20.10 2.98
CA MET F 59 -21.07 -18.77 3.14
C MET F 59 -21.84 -18.36 1.89
N ILE F 60 -21.32 -18.70 0.71
CA ILE F 60 -22.02 -18.40 -0.53
C ILE F 60 -23.25 -19.27 -0.70
N CYS F 61 -23.15 -20.56 -0.36
CA CYS F 61 -24.27 -21.47 -0.57
C CYS F 61 -25.46 -21.11 0.31
N GLU F 62 -25.22 -20.74 1.58
CA GLU F 62 -26.33 -20.31 2.43
C GLU F 62 -26.87 -18.95 2.01
N ASN F 63 -26.03 -18.10 1.43
CA ASN F 63 -26.44 -16.75 1.00
C ASN F 63 -26.06 -16.57 -0.46
N PRO F 64 -26.88 -17.05 -1.39
CA PRO F 64 -26.61 -16.85 -2.82
C PRO F 64 -26.72 -15.39 -3.26
N GLY F 65 -27.23 -14.50 -2.41
CA GLY F 65 -27.22 -13.08 -2.75
C GLY F 65 -25.83 -12.49 -2.77
N LEU F 66 -24.86 -13.15 -2.14
CA LEU F 66 -23.48 -12.66 -2.17
C LEU F 66 -22.88 -12.73 -3.56
N ILE F 67 -23.24 -13.74 -4.35
CA ILE F 67 -22.72 -13.90 -5.70
C ILE F 67 -23.65 -13.30 -6.75
N ALA F 68 -24.83 -12.85 -6.35
CA ALA F 68 -25.71 -12.13 -7.27
C ALA F 68 -25.12 -10.75 -7.56
N PRO F 69 -25.49 -10.13 -8.67
CA PRO F 69 -25.00 -8.78 -8.96
C PRO F 69 -25.35 -7.82 -7.83
N GLY F 70 -24.39 -6.98 -7.47
CA GLY F 70 -24.49 -6.17 -6.28
C GLY F 70 -24.05 -6.89 -5.02
N GLY F 71 -24.01 -8.22 -5.04
CA GLY F 71 -23.47 -8.95 -3.91
C GLY F 71 -21.96 -8.79 -3.81
N ASN F 72 -21.45 -9.07 -2.62
CA ASN F 72 -20.04 -8.84 -2.32
C ASN F 72 -19.13 -9.95 -2.82
N CYS F 73 -19.67 -11.06 -3.31
CA CYS F 73 -18.87 -12.14 -3.86
C CYS F 73 -19.00 -12.27 -5.37
N TYR F 74 -19.92 -11.52 -5.98
CA TYR F 74 -19.95 -11.35 -7.42
C TYR F 74 -18.66 -10.68 -7.87
N THR F 75 -18.35 -10.76 -9.16
CA THR F 75 -17.07 -10.23 -9.66
C THR F 75 -15.87 -10.97 -9.07
N ASN F 76 -15.43 -12.03 -9.78
CA ASN F 76 -14.24 -12.80 -9.44
C ASN F 76 -13.16 -12.00 -8.71
N ARG F 77 -12.99 -10.72 -9.03
CA ARG F 77 -12.12 -9.88 -8.21
C ARG F 77 -12.58 -9.88 -6.76
N ARG F 78 -13.87 -9.60 -6.51
CA ARG F 78 -14.39 -9.63 -5.14
C ARG F 78 -14.33 -11.04 -4.58
N MET F 79 -14.57 -12.05 -5.41
CA MET F 79 -14.48 -13.44 -4.94
C MET F 79 -13.07 -13.76 -4.45
N ALA F 80 -12.05 -13.36 -5.21
CA ALA F 80 -10.67 -13.60 -4.82
C ALA F 80 -10.32 -12.78 -3.59
N ALA F 81 -10.86 -11.56 -3.48
CA ALA F 81 -10.65 -10.77 -2.28
C ALA F 81 -11.25 -11.47 -1.06
N CYS F 82 -12.43 -12.07 -1.22
CA CYS F 82 -13.06 -12.80 -0.12
C CYS F 82 -12.25 -14.02 0.27
N LEU F 83 -11.79 -14.80 -0.71
CA LEU F 83 -10.96 -15.96 -0.41
C LEU F 83 -9.65 -15.54 0.24
N ARG F 84 -9.07 -14.43 -0.22
CA ARG F 84 -7.85 -13.90 0.37
C ARG F 84 -8.09 -13.47 1.81
N ASP F 85 -9.22 -12.84 2.09
CA ASP F 85 -9.52 -12.42 3.46
C ASP F 85 -9.73 -13.62 4.37
N GLY F 86 -10.43 -14.65 3.86
CA GLY F 86 -10.55 -15.87 4.64
C GLY F 86 -9.20 -16.49 4.93
N GLU F 87 -8.33 -16.53 3.93
CA GLU F 87 -6.99 -17.07 4.13
C GLU F 87 -6.19 -16.24 5.13
N ILE F 88 -6.31 -14.92 5.06
CA ILE F 88 -5.60 -14.05 5.99
C ILE F 88 -6.11 -14.24 7.41
N ILE F 89 -7.42 -14.32 7.57
CA ILE F 89 -8.00 -14.52 8.90
C ILE F 89 -7.56 -15.86 9.47
N LEU F 90 -7.59 -16.92 8.64
CA LEU F 90 -7.12 -18.22 9.12
C LEU F 90 -5.63 -18.21 9.42
N ARG F 91 -4.84 -17.47 8.63
CA ARG F 91 -3.41 -17.37 8.88
C ARG F 91 -3.13 -16.69 10.21
N TYR F 92 -3.85 -15.61 10.52
CA TYR F 92 -3.64 -14.93 11.79
C TYR F 92 -4.21 -15.74 12.95
N THR F 93 -5.28 -16.50 12.71
CA THR F 93 -5.77 -17.43 13.72
C THR F 93 -4.74 -18.50 14.02
N SER F 94 -4.07 -19.02 12.99
CA SER F 94 -3.00 -19.99 13.18
C SER F 94 -1.82 -19.36 13.90
N TYR F 95 -1.52 -18.09 13.60
CA TYR F 95 -0.50 -17.37 14.34
C TYR F 95 -0.85 -17.30 15.82
N ALA F 96 -2.11 -16.95 16.12
CA ALA F 96 -2.54 -16.87 17.51
C ALA F 96 -2.47 -18.24 18.19
N LEU F 97 -2.89 -19.29 17.49
CA LEU F 97 -2.83 -20.63 18.06
C LEU F 97 -1.39 -21.05 18.35
N LEU F 98 -0.47 -20.77 17.42
CA LEU F 98 0.93 -21.09 17.62
C LEU F 98 1.51 -20.29 18.78
N ALA F 99 1.16 -19.01 18.86
CA ALA F 99 1.66 -18.14 19.92
C ALA F 99 0.98 -18.38 21.26
N GLY F 100 -0.20 -18.99 21.26
CA GLY F 100 -0.96 -19.10 22.49
C GLY F 100 -1.60 -17.81 22.95
N ASP F 101 -1.58 -16.77 22.11
CA ASP F 101 -2.13 -15.48 22.47
C ASP F 101 -2.72 -14.83 21.22
N SER F 102 -3.74 -14.02 21.43
CA SER F 102 -4.47 -13.39 20.33
C SER F 102 -3.92 -12.02 19.95
N SER F 103 -2.78 -11.61 20.52
CA SER F 103 -2.26 -10.27 20.25
C SER F 103 -1.92 -10.08 18.77
N VAL F 104 -1.31 -11.08 18.15
CA VAL F 104 -0.96 -10.96 16.74
C VAL F 104 -2.22 -10.80 15.89
N LEU F 105 -3.24 -11.62 16.16
CA LEU F 105 -4.49 -11.51 15.41
C LEU F 105 -5.12 -10.14 15.61
N GLU F 106 -5.34 -9.74 16.87
CA GLU F 106 -6.05 -8.50 17.16
C GLU F 106 -5.30 -7.28 16.66
N ASP F 107 -3.96 -7.35 16.63
CA ASP F 107 -3.15 -6.19 16.28
C ASP F 107 -2.83 -6.11 14.80
N ARG F 108 -2.85 -7.22 14.06
CA ARG F 108 -2.44 -7.20 12.67
C ARG F 108 -3.55 -7.54 11.68
N CYS F 109 -4.64 -8.17 12.12
CA CYS F 109 -5.75 -8.48 11.22
C CYS F 109 -7.03 -7.79 11.65
N LEU F 110 -7.42 -7.93 12.92
CA LEU F 110 -8.67 -7.35 13.40
C LEU F 110 -8.57 -5.86 13.66
N ASN F 111 -7.37 -5.32 13.80
CA ASN F 111 -7.21 -3.89 14.07
C ASN F 111 -7.68 -3.08 12.87
N GLY F 112 -8.84 -2.43 12.99
CA GLY F 112 -9.40 -1.65 11.90
C GLY F 112 -10.10 -2.45 10.84
N LEU F 113 -10.28 -3.76 11.04
CA LEU F 113 -10.92 -4.58 10.02
C LEU F 113 -12.41 -4.27 9.90
N LYS F 114 -13.07 -4.02 11.03
CA LYS F 114 -14.51 -3.76 11.00
C LYS F 114 -14.83 -2.49 10.20
N GLU F 115 -14.10 -1.41 10.49
CA GLU F 115 -14.34 -0.17 9.75
C GLU F 115 -13.92 -0.29 8.30
N THR F 116 -12.87 -1.07 8.02
CA THR F 116 -12.48 -1.31 6.63
C THR F 116 -13.59 -2.02 5.87
N TYR F 117 -14.19 -3.05 6.49
CA TYR F 117 -15.29 -3.77 5.85
C TYR F 117 -16.51 -2.88 5.67
N ILE F 118 -16.80 -2.05 6.68
CA ILE F 118 -17.94 -1.14 6.59
C ILE F 118 -17.76 -0.17 5.43
N ALA F 119 -16.55 0.41 5.32
CA ALA F 119 -16.26 1.32 4.22
C ALA F 119 -16.36 0.61 2.88
N LEU F 120 -15.85 -0.62 2.80
CA LEU F 120 -15.89 -1.37 1.56
C LEU F 120 -17.28 -1.92 1.26
N GLY F 121 -18.17 -1.96 2.25
CA GLY F 121 -19.47 -2.57 2.05
C GLY F 121 -19.48 -4.07 2.20
N VAL F 122 -18.43 -4.65 2.77
CA VAL F 122 -18.37 -6.08 3.04
C VAL F 122 -19.39 -6.42 4.12
N PRO F 123 -20.31 -7.35 3.87
CA PRO F 123 -21.37 -7.63 4.85
C PRO F 123 -20.79 -8.31 6.09
N THR F 124 -21.06 -7.73 7.26
CA THR F 124 -20.53 -8.29 8.50
C THR F 124 -21.17 -9.63 8.83
N ASN F 125 -22.45 -9.81 8.51
CA ASN F 125 -23.11 -11.09 8.77
C ASN F 125 -22.47 -12.21 7.94
N SER F 126 -22.24 -11.95 6.66
CA SER F 126 -21.62 -12.96 5.80
C SER F 126 -20.19 -13.24 6.21
N THR F 127 -19.45 -12.20 6.59
CA THR F 127 -18.08 -12.40 7.07
C THR F 127 -18.07 -13.23 8.35
N ALA F 128 -19.00 -12.95 9.25
CA ALA F 128 -19.11 -13.73 10.48
C ALA F 128 -19.47 -15.18 10.18
N ARG F 129 -20.35 -15.40 9.20
CA ARG F 129 -20.69 -16.78 8.81
C ARG F 129 -19.48 -17.51 8.26
N ALA F 130 -18.70 -16.84 7.41
CA ALA F 130 -17.49 -17.45 6.86
C ALA F 130 -16.49 -17.76 7.97
N VAL F 131 -16.32 -16.84 8.91
CA VAL F 131 -15.39 -17.06 10.01
C VAL F 131 -15.88 -18.19 10.90
N SER F 132 -17.19 -18.30 11.09
CA SER F 132 -17.72 -19.39 11.91
C SER F 132 -17.54 -20.75 11.23
N ILE F 133 -17.69 -20.80 9.91
CA ILE F 133 -17.42 -22.06 9.20
C ILE F 133 -15.94 -22.40 9.27
N MET F 134 -15.07 -21.39 9.12
CA MET F 134 -13.64 -21.60 9.33
C MET F 134 -13.37 -22.12 10.74
N LYS F 135 -14.08 -21.58 11.73
CA LYS F 135 -13.92 -22.04 13.11
C LYS F 135 -14.30 -23.51 13.24
N SER F 136 -15.45 -23.89 12.70
CA SER F 136 -15.89 -25.27 12.82
C SER F 136 -14.91 -26.22 12.12
N SER F 137 -14.49 -25.88 10.90
CA SER F 137 -13.56 -26.75 10.18
C SER F 137 -12.20 -26.81 10.86
N ALA F 138 -11.69 -25.67 11.33
CA ALA F 138 -10.40 -25.65 12.00
C ALA F 138 -10.46 -26.46 13.30
N VAL F 139 -11.53 -26.33 14.06
CA VAL F 139 -11.68 -27.10 15.29
C VAL F 139 -11.76 -28.59 14.98
N ALA F 140 -12.49 -28.95 13.93
CA ALA F 140 -12.55 -30.35 13.52
C ALA F 140 -11.17 -30.88 13.15
N PHE F 141 -10.37 -30.05 12.48
CA PHE F 141 -9.01 -30.46 12.13
C PHE F 141 -8.12 -30.57 13.37
N ILE F 142 -8.33 -29.69 14.36
CA ILE F 142 -7.59 -29.80 15.61
C ILE F 142 -7.90 -31.12 16.29
N SER F 143 -9.18 -31.45 16.38
CA SER F 143 -9.64 -32.68 17.02
C SER F 143 -9.56 -33.89 16.10
N ASN F 144 -9.07 -33.70 14.86
CA ASN F 144 -8.97 -34.78 13.88
C ASN F 144 -10.32 -35.44 13.65
N THR F 145 -11.38 -34.62 13.61
CA THR F 145 -12.73 -35.11 13.34
C THR F 145 -13.25 -34.68 11.98
N ALA F 146 -12.37 -34.22 11.10
CA ALA F 146 -12.77 -33.88 9.74
C ALA F 146 -13.13 -35.16 8.99
N PRO F 147 -14.35 -35.25 8.43
CA PRO F 147 -14.76 -36.53 7.82
C PRO F 147 -13.89 -36.98 6.67
N GLN F 148 -13.36 -36.06 5.87
CA GLN F 148 -12.68 -36.41 4.63
C GLN F 148 -11.17 -36.28 4.71
N ARG F 149 -10.61 -35.90 5.85
CA ARG F 149 -9.17 -35.76 5.98
C ARG F 149 -8.79 -36.00 7.44
N LYS F 150 -8.10 -37.10 7.70
CA LYS F 150 -7.62 -37.44 9.04
C LYS F 150 -6.10 -37.35 9.05
N MET F 151 -5.57 -36.59 10.00
CA MET F 151 -4.12 -36.46 10.19
C MET F 151 -3.72 -37.27 11.41
N ALA F 152 -2.71 -38.12 11.23
CA ALA F 152 -2.32 -39.05 12.30
C ALA F 152 -1.58 -38.31 13.40
N THR F 153 -2.11 -38.40 14.62
CA THR F 153 -1.45 -37.87 15.81
C THR F 153 -1.65 -38.87 16.94
N ALA F 154 -0.76 -38.82 17.92
CA ALA F 154 -0.88 -39.69 19.08
C ALA F 154 -2.18 -39.39 19.83
N ALA F 155 -2.80 -40.44 20.36
CA ALA F 155 -4.07 -40.28 21.05
C ALA F 155 -3.94 -39.34 22.23
N GLY F 156 -4.87 -38.41 22.34
CA GLY F 156 -4.84 -37.45 23.43
C GLY F 156 -6.02 -36.50 23.32
N ASP F 157 -6.05 -35.53 24.23
CA ASP F 157 -7.13 -34.55 24.30
C ASP F 157 -6.56 -33.19 23.92
N CYS F 158 -7.02 -32.66 22.78
CA CYS F 158 -6.66 -31.33 22.35
C CYS F 158 -7.85 -30.37 22.43
N SER F 159 -8.81 -30.65 23.31
CA SER F 159 -9.97 -29.78 23.44
C SER F 159 -9.58 -28.38 23.90
N ALA F 160 -8.49 -28.26 24.65
CA ALA F 160 -8.01 -26.92 25.01
C ALA F 160 -7.58 -26.13 23.78
N LEU F 161 -6.87 -26.78 22.86
CA LEU F 161 -6.44 -26.10 21.65
C LEU F 161 -7.61 -25.81 20.72
N SER F 162 -8.58 -26.74 20.65
CA SER F 162 -9.78 -26.48 19.86
C SER F 162 -10.56 -25.30 20.43
N SER F 163 -10.67 -25.24 21.76
CA SER F 163 -11.34 -24.10 22.39
C SER F 163 -10.58 -22.82 22.14
N GLU F 164 -9.24 -22.89 22.13
CA GLU F 164 -8.44 -21.70 21.83
C GLU F 164 -8.67 -21.22 20.40
N VAL F 165 -8.72 -22.15 19.44
CA VAL F 165 -9.01 -21.79 18.05
C VAL F 165 -10.39 -21.16 17.94
N ALA F 166 -11.37 -21.76 18.62
CA ALA F 166 -12.71 -21.20 18.63
C ALA F 166 -12.73 -19.82 19.26
N SER F 167 -11.93 -19.59 20.30
CA SER F 167 -11.87 -18.28 20.93
C SER F 167 -11.26 -17.24 19.98
N TYR F 168 -10.22 -17.62 19.24
CA TYR F 168 -9.65 -16.69 18.26
C TYR F 168 -10.65 -16.37 17.16
N CYS F 169 -11.38 -17.38 16.68
CA CYS F 169 -12.39 -17.13 15.64
C CYS F 169 -13.54 -16.27 16.18
N ASP F 170 -13.93 -16.51 17.44
CA ASP F 170 -14.96 -15.67 18.05
C ASP F 170 -14.47 -14.25 18.24
N LYS F 171 -13.18 -14.07 18.53
CA LYS F 171 -12.60 -12.73 18.58
C LYS F 171 -12.66 -12.06 17.21
N VAL F 172 -12.39 -12.83 16.14
CA VAL F 172 -12.51 -12.29 14.79
C VAL F 172 -13.95 -11.86 14.53
N SER F 173 -14.91 -12.71 14.88
CA SER F 173 -16.32 -12.39 14.65
C SER F 173 -16.77 -11.19 15.45
N ALA F 174 -16.33 -11.08 16.70
CA ALA F 174 -16.72 -9.94 17.55
C ALA F 174 -16.06 -8.66 17.10
N ALA F 175 -14.85 -8.74 16.54
CA ALA F 175 -14.17 -7.54 16.06
C ALA F 175 -14.97 -6.87 14.94
N ILE F 176 -15.56 -7.66 14.06
CA ILE F 176 -16.40 -7.14 12.99
C ILE F 176 -17.84 -6.98 13.48
N MET G 1 7.87 32.04 3.77
CA MET G 1 8.65 33.12 4.36
C MET G 1 10.14 32.81 4.28
N LYS G 2 10.96 33.86 4.33
CA LYS G 2 12.41 33.70 4.23
C LYS G 2 13.13 34.91 4.82
N SER G 3 13.92 34.68 5.86
CA SER G 3 14.72 35.72 6.49
C SER G 3 15.96 35.06 7.08
N VAL G 4 16.83 35.88 7.66
CA VAL G 4 18.01 35.36 8.33
C VAL G 4 17.59 34.44 9.48
N ILE G 5 16.70 34.95 10.35
CA ILE G 5 16.27 34.20 11.51
C ILE G 5 15.53 32.93 11.08
N THR G 6 14.61 33.08 10.14
CA THR G 6 13.85 31.91 9.67
C THR G 6 14.76 30.89 9.01
N THR G 7 15.72 31.34 8.20
CA THR G 7 16.64 30.41 7.55
C THR G 7 17.45 29.64 8.57
N THR G 8 18.07 30.35 9.51
CA THR G 8 18.94 29.67 10.47
C THR G 8 18.14 28.75 11.41
N ILE G 9 16.95 29.18 11.81
CA ILE G 9 16.13 28.34 12.69
C ILE G 9 15.61 27.13 11.95
N SER G 10 15.23 27.29 10.68
CA SER G 10 14.79 26.16 9.89
C SER G 10 15.91 25.16 9.67
N ALA G 11 17.14 25.66 9.44
CA ALA G 11 18.29 24.76 9.32
C ALA G 11 18.52 24.00 10.62
N ALA G 12 18.47 24.70 11.76
CA ALA G 12 18.66 24.03 13.05
C ALA G 12 17.56 23.00 13.30
N ASP G 13 16.32 23.33 12.98
CA ASP G 13 15.20 22.41 13.18
C ASP G 13 15.33 21.19 12.28
N ALA G 14 15.74 21.39 11.03
CA ALA G 14 15.98 20.27 10.13
C ALA G 14 17.07 19.37 10.69
N ALA G 15 18.12 19.95 11.24
CA ALA G 15 19.13 19.18 11.94
C ALA G 15 18.72 18.81 13.36
N GLY G 16 17.59 19.32 13.83
CA GLY G 16 17.09 18.98 15.15
C GLY G 16 18.01 19.38 16.28
N ARG G 17 18.58 20.57 16.22
CA ARG G 17 19.52 21.04 17.22
C ARG G 17 19.11 22.41 17.74
N PHE G 18 19.58 22.73 18.95
CA PHE G 18 19.37 24.05 19.50
C PHE G 18 20.14 25.09 18.70
N PRO G 19 19.69 26.34 18.70
CA PRO G 19 20.44 27.39 18.01
C PRO G 19 21.84 27.53 18.57
N SER G 20 22.81 27.22 17.73
CA SER G 20 24.22 27.22 18.12
C SER G 20 24.83 28.59 17.86
N SER G 21 26.15 28.67 17.91
CA SER G 21 26.85 29.94 17.74
C SER G 21 26.59 30.55 16.37
N SER G 22 26.49 29.70 15.34
CA SER G 22 26.27 30.21 13.99
C SER G 22 24.90 30.88 13.86
N ASP G 23 23.87 30.32 14.49
CA ASP G 23 22.55 30.94 14.43
C ASP G 23 22.54 32.32 15.09
N LEU G 24 23.17 32.42 16.27
CA LEU G 24 23.28 33.72 16.93
C LEU G 24 24.08 34.70 16.09
N GLU G 25 25.14 34.21 15.42
CA GLU G 25 25.93 35.05 14.54
C GLU G 25 25.10 35.59 13.38
N SER G 26 24.25 34.73 12.80
CA SER G 26 23.36 35.18 11.74
C SER G 26 22.38 36.23 12.26
N VAL G 27 21.85 36.03 13.47
CA VAL G 27 20.94 37.02 14.03
C VAL G 27 21.67 38.34 14.28
N GLN G 28 22.93 38.28 14.69
CA GLN G 28 23.73 39.51 14.75
C GLN G 28 23.89 40.15 13.39
N GLY G 29 23.97 39.34 12.33
CA GLY G 29 23.95 39.91 10.99
C GLY G 29 22.68 40.67 10.70
N ASN G 30 21.55 40.09 11.10
CA ASN G 30 20.27 40.81 11.01
C ASN G 30 20.35 42.14 11.77
N ILE G 31 20.84 42.06 13.01
CA ILE G 31 20.93 43.29 13.87
C ILE G 31 21.70 44.37 13.11
N GLN G 32 22.93 44.07 12.70
CA GLN G 32 23.77 45.10 12.04
C GLN G 32 23.05 45.66 10.82
N ARG G 33 22.48 44.78 9.99
CA ARG G 33 21.82 45.25 8.74
C ARG G 33 20.61 46.13 9.09
N ALA G 34 19.68 45.61 9.89
CA ALA G 34 18.45 46.36 10.26
C ALA G 34 18.56 47.83 9.87
N ALA G 35 19.30 48.62 10.64
CA ALA G 35 19.43 50.08 10.38
C ALA G 35 19.22 50.38 8.89
N SER G 36 20.11 49.87 8.02
CA SER G 36 20.04 50.18 6.58
C SER G 36 18.70 49.75 5.99
N ARG G 37 18.38 48.45 6.04
CA ARG G 37 17.14 47.95 5.40
C ARG G 37 15.92 48.64 6.04
N LEU G 38 15.89 48.74 7.37
CA LEU G 38 14.76 49.41 8.07
C LEU G 38 14.67 50.87 7.58
N GLU G 39 15.80 51.56 7.44
CA GLU G 39 15.78 52.94 6.89
C GLU G 39 15.18 52.89 5.49
N ALA G 40 15.78 52.10 4.59
CA ALA G 40 15.21 51.97 3.25
C ALA G 40 13.71 51.68 3.32
N ALA G 41 13.30 50.80 4.23
CA ALA G 41 11.88 50.48 4.38
C ALA G 41 11.08 51.70 4.84
N GLU G 42 11.62 52.48 5.77
CA GLU G 42 10.93 53.67 6.24
C GLU G 42 10.76 54.69 5.13
N LYS G 43 11.82 54.92 4.34
CA LYS G 43 11.70 55.86 3.25
C LYS G 43 10.71 55.36 2.19
N LEU G 44 10.72 54.06 1.90
CA LEU G 44 9.77 53.51 0.96
C LEU G 44 8.33 53.67 1.46
N ALA G 45 8.11 53.43 2.75
CA ALA G 45 6.77 53.58 3.32
C ALA G 45 6.31 55.02 3.28
N GLY G 46 7.21 55.97 3.55
CA GLY G 46 6.83 57.37 3.56
C GLY G 46 6.76 58.03 2.20
N ASN G 47 7.33 57.39 1.17
CA ASN G 47 7.40 57.97 -0.16
C ASN G 47 6.91 57.00 -1.23
N HIS G 48 6.11 56.00 -0.84
CA HIS G 48 5.71 54.97 -1.84
C HIS G 48 4.77 55.58 -2.88
N GLU G 49 3.77 56.32 -2.43
CA GLU G 49 2.77 56.91 -3.35
C GLU G 49 3.49 57.50 -4.57
N ALA G 50 4.42 58.42 -4.34
CA ALA G 50 5.16 59.06 -5.45
C ALA G 50 5.98 58.02 -6.21
N VAL G 51 6.68 57.13 -5.49
CA VAL G 51 7.53 56.16 -6.16
C VAL G 51 6.70 55.25 -7.06
N VAL G 52 5.55 54.80 -6.56
CA VAL G 52 4.69 53.92 -7.36
C VAL G 52 4.15 54.67 -8.57
N LYS G 53 3.74 55.92 -8.38
CA LYS G 53 3.25 56.71 -9.51
C LYS G 53 4.33 56.90 -10.56
N GLU G 54 5.56 57.22 -10.13
CA GLU G 54 6.65 57.39 -11.08
C GLU G 54 6.96 56.08 -11.81
N ALA G 55 6.96 54.96 -11.08
CA ALA G 55 7.24 53.68 -11.72
C ALA G 55 6.18 53.34 -12.74
N GLY G 56 4.90 53.58 -12.42
CA GLY G 56 3.85 53.31 -13.38
C GLY G 56 3.91 54.22 -14.60
N ASP G 57 4.23 55.50 -14.38
CA ASP G 57 4.37 56.43 -15.50
C ASP G 57 5.50 55.99 -16.42
N ALA G 58 6.64 55.58 -15.84
CA ALA G 58 7.75 55.11 -16.66
C ALA G 58 7.38 53.82 -17.39
N CYS G 59 6.65 52.92 -16.72
CA CYS G 59 6.23 51.67 -17.35
C CYS G 59 5.34 51.93 -18.55
N PHE G 60 4.36 52.82 -18.41
CA PHE G 60 3.45 53.09 -19.52
C PHE G 60 4.06 53.99 -20.57
N ALA G 61 5.09 54.77 -20.24
CA ALA G 61 5.78 55.57 -21.24
C ALA G 61 6.72 54.70 -22.07
N LYS G 62 7.39 53.74 -21.43
CA LYS G 62 8.30 52.86 -22.15
C LYS G 62 7.53 51.92 -23.08
N TYR G 63 6.32 51.51 -22.67
CA TYR G 63 5.47 50.63 -23.45
C TYR G 63 4.10 51.28 -23.63
N PRO G 64 4.00 52.28 -24.52
CA PRO G 64 2.66 52.84 -24.81
C PRO G 64 1.73 51.85 -25.49
N TYR G 65 2.26 50.76 -26.04
CA TYR G 65 1.43 49.75 -26.70
C TYR G 65 0.44 49.12 -25.73
N LEU G 66 0.70 49.18 -24.42
CA LEU G 66 -0.23 48.63 -23.45
C LEU G 66 -1.59 49.29 -23.51
N LYS G 67 -1.67 50.56 -23.92
CA LYS G 67 -2.93 51.26 -24.03
C LYS G 67 -3.77 50.79 -25.21
N ASN G 68 -3.20 50.00 -26.11
CA ASN G 68 -3.96 49.52 -27.27
C ASN G 68 -5.05 48.55 -26.81
N PRO G 69 -6.17 48.50 -27.54
CA PRO G 69 -7.24 47.57 -27.17
C PRO G 69 -6.76 46.13 -27.18
N GLY G 70 -7.25 45.36 -26.20
CA GLY G 70 -6.82 43.99 -26.04
C GLY G 70 -5.52 43.81 -25.30
N GLU G 71 -4.85 44.90 -24.93
CA GLU G 71 -3.61 44.83 -24.17
C GLU G 71 -3.87 45.07 -22.69
N ALA G 72 -2.82 44.95 -21.89
CA ALA G 72 -2.96 45.00 -20.45
C ALA G 72 -3.40 46.37 -19.93
N GLY G 73 -3.23 47.43 -20.73
CA GLY G 73 -3.60 48.75 -20.26
C GLY G 73 -4.59 49.48 -21.13
N ASP G 74 -5.52 48.74 -21.76
CA ASP G 74 -6.47 49.35 -22.69
C ASP G 74 -7.53 50.18 -21.99
N SER G 75 -7.74 49.99 -20.68
CA SER G 75 -8.77 50.70 -19.96
C SER G 75 -8.18 51.36 -18.73
N GLN G 76 -8.80 52.47 -18.31
CA GLN G 76 -8.34 53.18 -17.13
C GLN G 76 -8.41 52.30 -15.89
N GLU G 77 -9.39 51.40 -15.82
CA GLU G 77 -9.45 50.44 -14.72
C GLU G 77 -8.22 49.53 -14.74
N LYS G 78 -7.80 49.09 -15.93
CA LYS G 78 -6.63 48.23 -16.00
C LYS G 78 -5.34 49.01 -15.76
N ILE G 79 -5.30 50.29 -16.13
CA ILE G 79 -4.15 51.13 -15.78
C ILE G 79 -4.06 51.30 -14.26
N ASN G 80 -5.20 51.53 -13.60
CA ASN G 80 -5.22 51.60 -12.15
C ASN G 80 -4.80 50.27 -11.54
N LYS G 81 -5.19 49.16 -12.15
CA LYS G 81 -4.74 47.86 -11.68
C LYS G 81 -3.22 47.72 -11.83
N CYS G 82 -2.65 48.27 -12.90
CA CYS G 82 -1.20 48.23 -13.08
C CYS G 82 -0.49 49.03 -11.99
N TYR G 83 -0.98 50.24 -11.73
CA TYR G 83 -0.40 51.04 -10.65
C TYR G 83 -0.58 50.36 -9.30
N ARG G 84 -1.71 49.68 -9.10
CA ARG G 84 -1.94 48.94 -7.86
C ARG G 84 -0.99 47.75 -7.74
N ASP G 85 -0.69 47.08 -8.86
CA ASP G 85 0.30 45.99 -8.81
C ASP G 85 1.68 46.52 -8.49
N ILE G 86 2.05 47.67 -9.06
CA ILE G 86 3.33 48.27 -8.71
C ILE G 86 3.35 48.66 -7.24
N ASP G 87 2.23 49.15 -6.73
CA ASP G 87 2.11 49.45 -5.30
C ASP G 87 2.27 48.19 -4.47
N HIS G 88 1.66 47.09 -4.89
CA HIS G 88 1.78 45.82 -4.18
C HIS G 88 3.22 45.35 -4.16
N TYR G 89 3.90 45.44 -5.31
CA TYR G 89 5.30 45.03 -5.37
C TYR G 89 6.18 45.92 -4.49
N MET G 90 5.93 47.23 -4.49
CA MET G 90 6.70 48.12 -3.63
C MET G 90 6.44 47.82 -2.16
N ARG G 91 5.20 47.48 -1.81
CA ARG G 91 4.88 47.12 -0.44
C ARG G 91 5.57 45.82 -0.04
N LEU G 92 5.62 44.85 -0.96
CA LEU G 92 6.35 43.62 -0.68
C LEU G 92 7.84 43.86 -0.56
N ILE G 93 8.38 44.82 -1.33
CA ILE G 93 9.78 45.20 -1.17
C ILE G 93 10.01 45.82 0.19
N ASN G 94 9.09 46.68 0.65
CA ASN G 94 9.16 47.25 1.99
C ASN G 94 9.12 46.14 3.05
N TYR G 95 8.23 45.16 2.86
CA TYR G 95 8.15 44.03 3.77
C TYR G 95 9.45 43.24 3.78
N SER G 96 10.06 43.06 2.61
CA SER G 96 11.34 42.36 2.54
C SER G 96 12.45 43.13 3.26
N LEU G 97 12.48 44.45 3.09
CA LEU G 97 13.46 45.27 3.79
C LEU G 97 13.27 45.20 5.30
N VAL G 98 12.02 45.24 5.75
CA VAL G 98 11.74 45.10 7.19
C VAL G 98 12.14 43.72 7.69
N VAL G 99 11.79 42.68 6.92
CA VAL G 99 12.09 41.31 7.29
C VAL G 99 13.60 41.04 7.19
N GLY G 100 14.26 41.62 6.21
CA GLY G 100 15.65 41.30 5.95
C GLY G 100 15.85 40.13 5.02
N GLY G 101 14.83 39.77 4.26
CA GLY G 101 14.93 38.67 3.33
C GLY G 101 13.80 38.74 2.32
N THR G 102 13.98 38.00 1.23
CA THR G 102 13.02 37.99 0.12
C THR G 102 11.74 37.22 0.43
N GLY G 103 11.54 36.83 1.69
CA GLY G 103 10.40 36.04 2.10
C GLY G 103 9.06 36.58 1.65
N PRO G 104 8.71 37.80 2.07
CA PRO G 104 7.42 38.37 1.65
C PRO G 104 7.27 38.45 0.15
N LEU G 105 8.33 38.86 -0.55
CA LEU G 105 8.28 38.92 -2.01
C LEU G 105 8.04 37.53 -2.59
N ASP G 106 8.88 36.57 -2.20
CA ASP G 106 8.75 35.21 -2.73
C ASP G 106 7.36 34.65 -2.52
N GLU G 107 6.80 34.86 -1.33
CA GLU G 107 5.52 34.24 -1.00
C GLU G 107 4.35 34.96 -1.66
N TRP G 108 4.38 36.29 -1.74
CA TRP G 108 3.17 37.03 -2.07
C TRP G 108 3.17 37.72 -3.42
N GLY G 109 4.33 37.89 -4.06
CA GLY G 109 4.35 38.57 -5.34
C GLY G 109 5.11 37.85 -6.43
N ILE G 110 5.89 36.85 -6.05
CA ILE G 110 6.73 36.11 -6.99
C ILE G 110 6.18 34.73 -7.28
N ALA G 111 5.88 33.96 -6.23
CA ALA G 111 5.32 32.62 -6.42
C ALA G 111 4.01 32.72 -7.18
N GLY G 112 3.96 32.06 -8.34
CA GLY G 112 2.77 32.04 -9.15
C GLY G 112 2.53 33.29 -9.97
N ALA G 113 3.32 34.34 -9.80
CA ALA G 113 3.15 35.55 -10.59
C ALA G 113 3.37 35.27 -12.06
N ARG G 114 4.28 34.35 -12.39
CA ARG G 114 4.52 33.99 -13.77
C ARG G 114 3.25 33.44 -14.43
N GLU G 115 2.59 32.50 -13.76
CA GLU G 115 1.37 31.91 -14.30
C GLU G 115 0.26 32.95 -14.40
N VAL G 116 0.14 33.81 -13.38
CA VAL G 116 -0.90 34.83 -13.39
C VAL G 116 -0.70 35.79 -14.55
N TYR G 117 0.53 36.24 -14.75
CA TYR G 117 0.80 37.21 -15.82
C TYR G 117 0.68 36.57 -17.19
N ARG G 118 1.00 35.29 -17.32
CA ARG G 118 0.73 34.59 -18.57
C ARG G 118 -0.77 34.50 -18.83
N ALA G 119 -1.55 34.18 -17.79
CA ALA G 119 -2.99 34.00 -17.96
C ALA G 119 -3.70 35.31 -18.29
N LEU G 120 -3.26 36.42 -17.69
CA LEU G 120 -3.92 37.71 -17.87
C LEU G 120 -3.25 38.58 -18.92
N ASN G 121 -2.34 38.02 -19.72
CA ASN G 121 -1.65 38.76 -20.77
C ASN G 121 -0.95 39.99 -20.19
N LEU G 122 -0.24 39.79 -19.08
CA LEU G 122 0.52 40.86 -18.45
C LEU G 122 1.98 40.65 -18.76
N PRO G 123 2.60 41.42 -19.66
CA PRO G 123 4.01 41.21 -19.98
C PRO G 123 4.89 41.54 -18.79
N GLY G 124 5.77 40.59 -18.44
CA GLY G 124 6.71 40.82 -17.36
C GLY G 124 7.66 41.97 -17.64
N SER G 125 7.87 42.29 -18.91
CA SER G 125 8.73 43.41 -19.29
C SER G 125 8.22 44.73 -18.75
N SER G 126 6.90 44.89 -18.59
CA SER G 126 6.37 46.14 -18.04
C SER G 126 6.75 46.29 -16.57
N TYR G 127 6.54 45.25 -15.77
CA TYR G 127 7.00 45.27 -14.39
C TYR G 127 8.50 45.48 -14.31
N ILE G 128 9.25 44.82 -15.20
CA ILE G 128 10.70 44.97 -15.20
C ILE G 128 11.09 46.41 -15.48
N ALA G 129 10.43 47.05 -16.45
CA ALA G 129 10.71 48.45 -16.74
C ALA G 129 10.40 49.34 -15.55
N ALA G 130 9.27 49.10 -14.89
CA ALA G 130 8.91 49.91 -13.72
C ALA G 130 9.95 49.77 -12.62
N PHE G 131 10.37 48.54 -12.32
CA PHE G 131 11.31 48.33 -11.23
C PHE G 131 12.71 48.81 -11.60
N VAL G 132 13.10 48.69 -12.87
CA VAL G 132 14.38 49.22 -13.33
C VAL G 132 14.39 50.74 -13.21
N PHE G 133 13.28 51.39 -13.59
CA PHE G 133 13.20 52.83 -13.42
C PHE G 133 13.28 53.23 -11.95
N THR G 134 12.60 52.48 -11.07
CA THR G 134 12.68 52.78 -9.65
C THR G 134 14.11 52.60 -9.13
N ARG G 135 14.79 51.55 -9.59
CA ARG G 135 16.15 51.27 -9.12
C ARG G 135 17.13 52.35 -9.59
N ASP G 136 17.08 52.70 -10.87
CA ASP G 136 17.99 53.70 -11.40
C ASP G 136 17.62 55.12 -10.98
N ARG G 137 16.36 55.35 -10.58
CA ARG G 137 15.94 56.67 -10.17
C ARG G 137 16.44 57.00 -8.77
N LEU G 138 16.63 55.99 -7.94
CA LEU G 138 17.12 56.19 -6.58
C LEU G 138 18.50 56.84 -6.60
N CYS G 139 18.67 57.87 -5.76
CA CYS G 139 19.91 58.63 -5.69
C CYS G 139 20.40 58.67 -4.26
N VAL G 140 21.72 58.62 -4.11
CA VAL G 140 22.38 58.65 -2.80
C VAL G 140 23.13 59.98 -2.67
N PRO G 141 23.02 60.69 -1.55
CA PRO G 141 22.21 60.38 -0.36
C PRO G 141 20.94 61.21 -0.27
N ARG G 142 20.42 61.72 -1.38
CA ARG G 142 19.22 62.56 -1.32
C ARG G 142 17.99 61.73 -0.95
N ASP G 143 17.98 60.44 -1.31
CA ASP G 143 16.85 59.58 -0.99
C ASP G 143 17.12 58.71 0.23
N MET G 144 18.26 58.02 0.26
CA MET G 144 18.62 57.20 1.40
C MET G 144 20.14 57.09 1.45
N SER G 145 20.63 56.51 2.55
CA SER G 145 22.05 56.27 2.69
C SER G 145 22.52 55.24 1.66
N ALA G 146 23.85 55.08 1.58
CA ALA G 146 24.41 54.17 0.59
C ALA G 146 23.96 52.74 0.83
N GLN G 147 23.95 52.30 2.09
CA GLN G 147 23.57 50.91 2.38
C GLN G 147 22.06 50.71 2.33
N ALA G 148 21.27 51.70 2.72
CA ALA G 148 19.83 51.62 2.49
C ALA G 148 19.54 51.54 0.99
N ALA G 149 20.30 52.30 0.19
CA ALA G 149 20.18 52.18 -1.25
C ALA G 149 20.57 50.80 -1.74
N VAL G 150 21.60 50.20 -1.13
CA VAL G 150 22.00 48.84 -1.49
C VAL G 150 20.85 47.87 -1.23
N GLU G 151 20.20 47.98 -0.07
CA GLU G 151 19.06 47.11 0.23
C GLU G 151 17.91 47.33 -0.74
N PHE G 152 17.59 48.59 -1.02
CA PHE G 152 16.47 48.91 -1.89
C PHE G 152 16.71 48.38 -3.31
N SER G 153 17.91 48.63 -3.84
CA SER G 153 18.24 48.15 -5.17
C SER G 153 18.37 46.64 -5.20
N GLY G 154 18.82 46.01 -4.11
CA GLY G 154 18.87 44.56 -4.08
C GLY G 154 17.48 43.93 -4.12
N ALA G 155 16.54 44.50 -3.36
CA ALA G 155 15.17 44.01 -3.43
C ALA G 155 14.58 44.21 -4.83
N LEU G 156 14.79 45.39 -5.41
CA LEU G 156 14.27 45.65 -6.75
C LEU G 156 14.89 44.71 -7.77
N ASP G 157 16.19 44.47 -7.67
CA ASP G 157 16.87 43.54 -8.58
C ASP G 157 16.38 42.12 -8.39
N TYR G 158 16.07 41.72 -7.14
CA TYR G 158 15.51 40.41 -6.91
C TYR G 158 14.16 40.26 -7.60
N VAL G 159 13.30 41.29 -7.51
CA VAL G 159 12.02 41.24 -8.22
C VAL G 159 12.26 41.17 -9.72
N ILE G 160 13.19 41.98 -10.23
CA ILE G 160 13.45 42.00 -11.67
C ILE G 160 13.93 40.63 -12.15
N ASN G 161 14.86 40.03 -11.43
CA ASN G 161 15.36 38.70 -11.79
C ASN G 161 14.28 37.63 -11.65
N SER G 162 13.35 37.81 -10.72
CA SER G 162 12.20 36.90 -10.65
C SER G 162 11.31 37.04 -11.88
N LEU G 163 11.20 38.25 -12.41
CA LEU G 163 10.36 38.49 -13.59
C LEU G 163 11.08 38.25 -14.90
N CYS G 164 12.38 38.04 -14.89
CA CYS G 164 13.13 37.79 -16.13
C CYS G 164 13.94 36.50 -16.04
N MET H 1 29.86 21.04 2.75
CA MET H 1 30.69 22.02 2.06
C MET H 1 31.60 22.74 3.03
N LEU H 2 32.56 23.50 2.49
CA LEU H 2 33.50 24.26 3.30
C LEU H 2 33.51 25.72 2.85
N ASP H 3 33.77 26.61 3.80
CA ASP H 3 34.05 28.01 3.52
C ASP H 3 35.54 28.27 3.73
N ALA H 4 35.93 29.55 3.64
CA ALA H 4 37.34 29.89 3.83
C ALA H 4 37.83 29.51 5.22
N PHE H 5 37.04 29.82 6.25
CA PHE H 5 37.42 29.48 7.62
C PHE H 5 37.49 27.98 7.82
N SER H 6 36.49 27.25 7.31
CA SER H 6 36.52 25.80 7.40
C SER H 6 37.63 25.20 6.54
N ARG H 7 37.98 25.85 5.42
CA ARG H 7 39.14 25.40 4.65
C ARG H 7 40.42 25.53 5.47
N VAL H 8 40.58 26.66 6.15
CA VAL H 8 41.73 26.86 7.03
C VAL H 8 41.75 25.81 8.13
N VAL H 9 40.59 25.50 8.69
CA VAL H 9 40.48 24.48 9.72
C VAL H 9 40.88 23.11 9.18
N VAL H 10 40.37 22.75 8.00
CA VAL H 10 40.69 21.44 7.42
C VAL H 10 42.19 21.33 7.15
N ASN H 11 42.79 22.42 6.65
CA ASN H 11 44.24 22.42 6.46
C ASN H 11 44.98 22.27 7.78
N SER H 12 44.51 22.97 8.82
CA SER H 12 45.14 22.87 10.13
C SER H 12 44.90 21.49 10.76
N ASP H 13 43.73 20.90 10.51
CA ASP H 13 43.42 19.58 11.03
C ASP H 13 44.27 18.49 10.40
N SER H 14 44.81 18.72 9.21
CA SER H 14 45.65 17.72 8.56
C SER H 14 46.91 17.44 9.37
N LYS H 15 47.35 18.38 10.19
CA LYS H 15 48.53 18.20 11.03
C LYS H 15 48.20 18.28 12.52
N ALA H 16 46.92 18.18 12.87
CA ALA H 16 46.47 18.24 14.27
C ALA H 16 47.01 19.49 14.96
N ALA H 17 46.99 20.61 14.24
CA ALA H 17 47.53 21.86 14.73
C ALA H 17 46.41 22.86 14.96
N TYR H 18 46.50 23.61 16.06
CA TYR H 18 45.61 24.73 16.27
C TYR H 18 45.85 25.77 15.19
N VAL H 19 44.77 26.44 14.77
CA VAL H 19 44.85 27.42 13.69
C VAL H 19 45.93 28.45 14.03
N SER H 20 46.96 28.53 13.17
CA SER H 20 48.13 29.31 13.48
C SER H 20 47.85 30.80 13.30
N GLY H 21 48.83 31.61 13.73
CA GLY H 21 48.69 33.05 13.60
C GLY H 21 48.57 33.52 12.17
N SER H 22 49.31 32.90 11.25
CA SER H 22 49.23 33.29 9.85
C SER H 22 47.85 32.98 9.26
N ASP H 23 47.32 31.79 9.55
CA ASP H 23 45.98 31.46 9.07
C ASP H 23 44.93 32.36 9.71
N LEU H 24 45.09 32.66 11.00
CA LEU H 24 44.17 33.58 11.67
C LEU H 24 44.21 34.95 11.01
N GLN H 25 45.40 35.44 10.69
CA GLN H 25 45.54 36.74 10.03
C GLN H 25 44.91 36.72 8.63
N ALA H 26 45.08 35.62 7.90
CA ALA H 26 44.42 35.50 6.60
C ALA H 26 42.91 35.55 6.76
N LEU H 27 42.38 34.92 7.80
CA LEU H 27 40.94 34.96 8.03
C LEU H 27 40.46 36.34 8.47
N LYS H 28 41.25 37.08 9.25
CA LYS H 28 40.88 38.45 9.57
C LYS H 28 40.93 39.34 8.33
N THR H 29 41.85 39.05 7.40
CA THR H 29 41.85 39.75 6.13
C THR H 29 40.59 39.43 5.34
N PHE H 30 40.18 38.16 5.33
CA PHE H 30 38.92 37.77 4.71
C PHE H 30 37.75 38.54 5.31
N ILE H 31 37.74 38.67 6.64
CA ILE H 31 36.66 39.37 7.33
C ILE H 31 36.67 40.85 6.99
N ALA H 32 37.86 41.46 6.98
CA ALA H 32 37.97 42.89 6.68
C ALA H 32 37.49 43.19 5.27
N ASP H 33 37.82 42.33 4.31
CA ASP H 33 37.26 42.42 2.96
C ASP H 33 35.88 41.78 2.86
N GLY H 34 35.25 41.50 4.00
CA GLY H 34 33.96 40.83 3.97
C GLY H 34 32.87 41.68 3.34
N ASN H 35 32.87 42.99 3.63
CA ASN H 35 31.90 43.87 3.01
C ASN H 35 32.11 43.94 1.50
N LYS H 36 33.36 43.98 1.06
CA LYS H 36 33.66 43.95 -0.37
C LYS H 36 33.17 42.65 -1.00
N ARG H 37 33.36 41.53 -0.30
CA ARG H 37 32.91 40.24 -0.81
C ARG H 37 31.38 40.19 -0.90
N LEU H 38 30.69 40.74 0.10
CA LEU H 38 29.23 40.80 0.05
C LEU H 38 28.77 41.66 -1.11
N ASP H 39 29.44 42.78 -1.35
CA ASP H 39 29.09 43.62 -2.49
C ASP H 39 29.34 42.90 -3.80
N ALA H 40 30.42 42.12 -3.89
CA ALA H 40 30.69 41.34 -5.08
C ALA H 40 29.60 40.31 -5.33
N VAL H 41 29.20 39.59 -4.29
CA VAL H 41 28.13 38.60 -4.42
C VAL H 41 26.83 39.29 -4.81
N ASN H 42 26.55 40.46 -4.24
CA ASN H 42 25.36 41.21 -4.59
C ASN H 42 25.41 41.62 -6.06
N SER H 43 26.58 42.04 -6.54
CA SER H 43 26.72 42.42 -7.95
C SER H 43 26.45 41.23 -8.86
N ILE H 44 26.94 40.05 -8.49
CA ILE H 44 26.72 38.87 -9.32
C ILE H 44 25.25 38.48 -9.32
N VAL H 45 24.63 38.38 -8.13
CA VAL H 45 23.28 37.86 -8.05
C VAL H 45 22.27 38.86 -8.60
N SER H 46 22.48 40.16 -8.38
CA SER H 46 21.56 41.17 -8.88
C SER H 46 21.55 41.25 -10.39
N ASN H 47 22.60 40.75 -11.04
CA ASN H 47 22.69 40.69 -12.49
C ASN H 47 22.82 39.25 -12.98
N ALA H 48 22.36 38.28 -12.18
CA ALA H 48 22.54 36.87 -12.53
C ALA H 48 21.83 36.50 -13.81
N SER H 49 20.58 36.94 -13.97
CA SER H 49 19.84 36.64 -15.19
C SER H 49 20.52 37.27 -16.40
N CYS H 50 20.95 38.52 -16.25
CA CYS H 50 21.72 39.18 -17.30
C CYS H 50 22.96 38.37 -17.68
N ILE H 51 23.73 37.97 -16.66
CA ILE H 51 24.99 37.25 -16.91
C ILE H 51 24.70 35.94 -17.66
N VAL H 52 23.75 35.16 -17.17
CA VAL H 52 23.49 33.85 -17.75
C VAL H 52 22.94 33.97 -19.16
N SER H 53 21.93 34.83 -19.34
CA SER H 53 21.34 34.98 -20.67
C SER H 53 22.35 35.51 -21.67
N ASP H 54 23.15 36.51 -21.27
CA ASP H 54 24.16 37.05 -22.16
C ASP H 54 25.21 36.01 -22.51
N ALA H 55 25.63 35.19 -21.53
CA ALA H 55 26.65 34.19 -21.82
C ALA H 55 26.12 33.11 -22.76
N VAL H 56 24.89 32.65 -22.55
CA VAL H 56 24.34 31.64 -23.43
C VAL H 56 24.12 32.21 -24.83
N SER H 57 23.67 33.47 -24.91
CA SER H 57 23.49 34.11 -26.20
C SER H 57 24.81 34.29 -26.93
N GLY H 58 25.87 34.65 -26.21
CA GLY H 58 27.18 34.76 -26.82
C GLY H 58 27.72 33.42 -27.30
N MET H 59 27.52 32.38 -26.48
CA MET H 59 27.87 31.03 -26.89
C MET H 59 27.16 30.64 -28.18
N ILE H 60 25.88 30.97 -28.29
CA ILE H 60 25.10 30.62 -29.48
C ILE H 60 25.56 31.45 -30.69
N CYS H 61 25.80 32.75 -30.49
CA CYS H 61 26.16 33.61 -31.61
C CYS H 61 27.57 33.31 -32.12
N GLU H 62 28.47 32.87 -31.26
CA GLU H 62 29.81 32.46 -31.71
C GLU H 62 29.82 31.06 -32.28
N ASN H 63 28.85 30.22 -31.94
CA ASN H 63 28.72 28.87 -32.47
C ASN H 63 27.29 28.67 -32.91
N PRO H 64 26.91 29.21 -34.08
CA PRO H 64 25.51 29.10 -34.54
C PRO H 64 25.06 27.68 -34.80
N GLY H 65 25.95 26.68 -34.77
CA GLY H 65 25.55 25.31 -34.92
C GLY H 65 24.84 24.74 -33.71
N LEU H 66 24.98 25.38 -32.55
CA LEU H 66 24.32 24.90 -31.35
C LEU H 66 22.80 24.97 -31.45
N ILE H 67 22.27 25.92 -32.21
CA ILE H 67 20.82 26.06 -32.39
C ILE H 67 20.34 25.43 -33.69
N ALA H 68 21.24 24.93 -34.52
CA ALA H 68 20.86 24.15 -35.68
C ALA H 68 20.39 22.77 -35.23
N PRO H 69 19.62 22.08 -36.07
CA PRO H 69 19.20 20.71 -35.71
C PRO H 69 20.41 19.82 -35.48
N GLY H 70 20.30 18.95 -34.47
CA GLY H 70 21.43 18.22 -33.96
C GLY H 70 22.24 19.00 -32.95
N GLY H 71 22.20 20.33 -33.01
CA GLY H 71 22.87 21.13 -32.01
C GLY H 71 22.24 20.97 -30.64
N ASN H 72 23.06 21.14 -29.61
CA ASN H 72 22.61 20.88 -28.24
C ASN H 72 21.76 22.00 -27.67
N CYS H 73 21.60 23.12 -28.38
CA CYS H 73 20.83 24.26 -27.89
C CYS H 73 19.63 24.56 -28.78
N TYR H 74 19.43 23.77 -29.83
CA TYR H 74 18.16 23.70 -30.55
C TYR H 74 17.17 22.96 -29.67
N THR H 75 15.87 23.03 -30.00
CA THR H 75 14.85 22.49 -29.11
C THR H 75 14.78 23.24 -27.77
N ASN H 76 13.93 24.26 -27.73
CA ASN H 76 13.65 25.07 -26.55
C ASN H 76 13.83 24.32 -25.23
N ARG H 77 13.48 23.04 -25.17
CA ARG H 77 13.81 22.25 -23.98
C ARG H 77 15.32 22.22 -23.73
N ARG H 78 16.10 21.84 -24.75
CA ARG H 78 17.56 21.75 -24.59
C ARG H 78 18.16 23.11 -24.30
N MET H 79 17.55 24.15 -24.88
CA MET H 79 18.03 25.53 -24.71
C MET H 79 17.69 26.08 -23.34
N ALA H 80 16.48 25.84 -22.85
CA ALA H 80 16.10 26.26 -21.51
C ALA H 80 16.93 25.53 -20.47
N ALA H 81 17.26 24.26 -20.74
CA ALA H 81 18.14 23.56 -19.82
C ALA H 81 19.57 24.08 -19.92
N CYS H 82 19.96 24.59 -21.09
CA CYS H 82 21.25 25.30 -21.17
C CYS H 82 21.24 26.55 -20.31
N LEU H 83 20.16 27.33 -20.39
CA LEU H 83 20.04 28.51 -19.55
C LEU H 83 20.03 28.12 -18.06
N ARG H 84 19.34 27.03 -17.73
CA ARG H 84 19.31 26.57 -16.35
C ARG H 84 20.68 26.11 -15.89
N ASP H 85 21.44 25.45 -16.77
CA ASP H 85 22.79 25.01 -16.41
C ASP H 85 23.71 26.20 -16.21
N GLY H 86 23.61 27.21 -17.07
CA GLY H 86 24.37 28.43 -16.85
C GLY H 86 24.00 29.11 -15.55
N GLU H 87 22.70 29.15 -15.24
CA GLU H 87 22.25 29.74 -13.98
C GLU H 87 22.75 28.94 -12.79
N ILE H 88 22.77 27.62 -12.90
CA ILE H 88 23.26 26.78 -11.81
C ILE H 88 24.75 26.99 -11.60
N ILE H 89 25.51 27.05 -12.70
CA ILE H 89 26.95 27.27 -12.59
C ILE H 89 27.23 28.63 -11.97
N LEU H 90 26.50 29.67 -12.39
CA LEU H 90 26.68 30.98 -11.80
C LEU H 90 26.24 30.99 -10.32
N ARG H 91 25.20 30.23 -9.99
CA ARG H 91 24.73 30.14 -8.62
C ARG H 91 25.79 29.53 -7.72
N TYR H 92 26.43 28.46 -8.19
CA TYR H 92 27.48 27.84 -7.39
C TYR H 92 28.76 28.66 -7.38
N THR H 93 29.04 29.40 -8.45
CA THR H 93 30.15 30.35 -8.43
C THR H 93 29.91 31.44 -7.40
N SER H 94 28.67 31.95 -7.33
CA SER H 94 28.31 32.93 -6.31
C SER H 94 28.40 32.32 -4.92
N TYR H 95 28.00 31.06 -4.77
CA TYR H 95 28.17 30.36 -3.50
C TYR H 95 29.64 30.31 -3.09
N ALA H 96 30.51 29.96 -4.05
CA ALA H 96 31.94 29.90 -3.76
C ALA H 96 32.50 31.26 -3.41
N LEU H 97 32.06 32.31 -4.12
CA LEU H 97 32.51 33.65 -3.82
C LEU H 97 32.07 34.09 -2.43
N LEU H 98 30.81 33.81 -2.08
CA LEU H 98 30.31 34.14 -0.75
C LEU H 98 31.06 33.38 0.33
N ALA H 99 31.35 32.10 0.08
CA ALA H 99 32.07 31.27 1.03
C ALA H 99 33.57 31.50 1.02
N GLY H 100 34.10 32.16 0.00
CA GLY H 100 35.53 32.30 -0.11
C GLY H 100 36.26 30.99 -0.39
N ASP H 101 35.53 29.97 -0.83
CA ASP H 101 36.13 28.67 -1.10
C ASP H 101 35.29 27.97 -2.16
N SER H 102 35.96 27.18 -3.01
CA SER H 102 35.31 26.50 -4.12
C SER H 102 34.77 25.13 -3.75
N SER H 103 34.78 24.77 -2.46
CA SER H 103 34.35 23.44 -2.06
C SER H 103 32.89 23.20 -2.43
N VAL H 104 32.03 24.18 -2.19
CA VAL H 104 30.61 24.01 -2.53
C VAL H 104 30.46 23.80 -4.03
N LEU H 105 31.15 24.61 -4.83
CA LEU H 105 31.09 24.46 -6.28
C LEU H 105 31.56 23.08 -6.71
N GLU H 106 32.76 22.68 -6.28
CA GLU H 106 33.33 21.41 -6.71
C GLU H 106 32.46 20.24 -6.28
N ASP H 107 31.94 20.27 -5.05
CA ASP H 107 31.20 19.12 -4.54
C ASP H 107 29.78 19.04 -5.10
N ARG H 108 29.14 20.18 -5.38
CA ARG H 108 27.72 20.15 -5.69
C ARG H 108 27.39 20.46 -7.15
N CYS H 109 28.33 21.00 -7.93
CA CYS H 109 28.07 21.31 -9.33
C CYS H 109 29.01 20.58 -10.27
N LEU H 110 30.31 20.58 -9.98
CA LEU H 110 31.30 20.08 -10.91
C LEU H 110 31.60 18.60 -10.76
N ASN H 111 31.33 18.01 -9.59
CA ASN H 111 31.61 16.59 -9.37
C ASN H 111 30.72 15.76 -10.27
N GLY H 112 31.32 15.11 -11.26
CA GLY H 112 30.57 14.31 -12.22
C GLY H 112 29.89 15.12 -13.31
N LEU H 113 30.08 16.44 -13.33
CA LEU H 113 29.45 17.26 -14.37
C LEU H 113 30.02 16.96 -15.74
N LYS H 114 31.34 16.72 -15.83
CA LYS H 114 31.95 16.41 -17.11
C LYS H 114 31.43 15.09 -17.67
N GLU H 115 31.36 14.06 -16.82
CA GLU H 115 30.82 12.78 -17.27
C GLU H 115 29.34 12.90 -17.63
N THR H 116 28.59 13.68 -16.86
CA THR H 116 27.18 13.89 -17.17
C THR H 116 27.02 14.56 -18.53
N TYR H 117 27.82 15.59 -18.80
CA TYR H 117 27.74 16.28 -20.09
C TYR H 117 28.17 15.38 -21.23
N ILE H 118 29.18 14.54 -21.00
CA ILE H 118 29.60 13.58 -22.01
C ILE H 118 28.47 12.60 -22.32
N ALA H 119 27.80 12.10 -21.28
CA ALA H 119 26.68 11.18 -21.49
C ALA H 119 25.55 11.86 -22.25
N LEU H 120 25.22 13.10 -21.88
CA LEU H 120 24.15 13.82 -22.56
C LEU H 120 24.57 14.33 -23.93
N GLY H 121 25.85 14.33 -24.24
CA GLY H 121 26.31 14.92 -25.49
C GLY H 121 26.34 16.43 -25.47
N VAL H 122 26.42 17.03 -24.30
CA VAL H 122 26.56 18.49 -24.19
C VAL H 122 27.99 18.85 -24.58
N PRO H 123 28.19 19.70 -25.58
CA PRO H 123 29.56 20.02 -26.02
C PRO H 123 30.33 20.72 -24.92
N THR H 124 31.47 20.15 -24.55
CA THR H 124 32.30 20.72 -23.49
C THR H 124 32.94 22.03 -23.92
N ASN H 125 33.29 22.17 -25.20
CA ASN H 125 33.86 23.43 -25.67
C ASN H 125 32.85 24.56 -25.59
N SER H 126 31.60 24.30 -26.00
CA SER H 126 30.57 25.34 -25.91
C SER H 126 30.24 25.66 -24.46
N THR H 127 30.18 24.65 -23.60
CA THR H 127 29.95 24.91 -22.19
C THR H 127 31.07 25.75 -21.59
N ALA H 128 32.32 25.45 -21.97
CA ALA H 128 33.45 26.24 -21.52
C ALA H 128 33.36 27.67 -22.01
N ARG H 129 32.93 27.85 -23.26
CA ARG H 129 32.77 29.20 -23.80
C ARG H 129 31.70 29.98 -23.02
N ALA H 130 30.57 29.34 -22.73
CA ALA H 130 29.52 30.00 -21.96
C ALA H 130 30.02 30.34 -20.55
N VAL H 131 30.77 29.43 -19.94
CA VAL H 131 31.31 29.68 -18.60
C VAL H 131 32.31 30.81 -18.65
N SER H 132 33.12 30.90 -19.71
CA SER H 132 34.08 31.99 -19.84
C SER H 132 33.39 33.34 -20.05
N ILE H 133 32.29 33.35 -20.81
CA ILE H 133 31.55 34.60 -20.96
C ILE H 133 30.92 35.00 -19.62
N MET H 134 30.39 34.02 -18.87
CA MET H 134 29.92 34.31 -17.52
C MET H 134 31.05 34.84 -16.65
N LYS H 135 32.25 34.29 -16.82
CA LYS H 135 33.40 34.78 -16.06
C LYS H 135 33.68 36.24 -16.37
N SER H 136 33.71 36.58 -17.65
CA SER H 136 33.98 37.97 -18.04
C SER H 136 32.92 38.91 -17.50
N SER H 137 31.65 38.55 -17.68
CA SER H 137 30.56 39.42 -17.22
C SER H 137 30.55 39.54 -15.70
N ALA H 138 30.75 38.43 -14.99
CA ALA H 138 30.77 38.45 -13.54
C ALA H 138 31.93 39.28 -13.01
N VAL H 139 33.12 39.13 -13.62
CA VAL H 139 34.27 39.93 -13.22
C VAL H 139 33.99 41.41 -13.46
N ALA H 140 33.38 41.73 -14.60
CA ALA H 140 33.03 43.12 -14.87
C ALA H 140 32.06 43.67 -13.83
N PHE H 141 31.09 42.86 -13.42
CA PHE H 141 30.15 43.31 -12.40
C PHE H 141 30.82 43.44 -11.04
N ILE H 142 31.81 42.59 -10.74
CA ILE H 142 32.58 42.73 -9.51
C ILE H 142 33.33 44.06 -9.51
N SER H 143 34.05 44.32 -10.61
CA SER H 143 34.81 45.56 -10.75
C SER H 143 33.92 46.75 -11.09
N ASN H 144 32.62 46.54 -11.26
CA ASN H 144 31.67 47.59 -11.65
C ASN H 144 32.09 48.23 -12.97
N THR H 145 32.61 47.42 -13.89
CA THR H 145 32.98 47.87 -15.22
C THR H 145 32.00 47.39 -16.28
N ALA H 146 30.83 46.93 -15.83
CA ALA H 146 29.79 46.43 -16.76
C ALA H 146 29.30 47.57 -17.65
N PRO H 147 29.41 47.44 -18.99
CA PRO H 147 29.04 48.53 -19.88
C PRO H 147 27.58 48.99 -19.81
N GLN H 148 26.67 48.08 -19.47
CA GLN H 148 25.22 48.45 -19.50
C GLN H 148 24.61 48.39 -18.10
N ARG H 149 25.42 48.46 -17.04
CA ARG H 149 24.88 48.47 -15.66
C ARG H 149 25.97 48.86 -14.66
N LYS H 150 25.75 49.92 -13.87
CA LYS H 150 26.72 50.24 -12.84
C LYS H 150 26.05 50.13 -11.47
N MET H 151 26.70 49.41 -10.56
CA MET H 151 26.24 49.31 -9.18
C MET H 151 27.19 50.09 -8.28
N ALA H 152 26.64 51.04 -7.53
CA ALA H 152 27.46 51.95 -6.75
C ALA H 152 27.92 51.30 -5.46
N THR H 153 29.24 51.20 -5.28
CA THR H 153 29.84 50.87 -4.00
C THR H 153 30.90 51.92 -3.70
N ALA H 154 31.29 51.99 -2.43
CA ALA H 154 32.36 52.90 -2.06
C ALA H 154 33.63 52.55 -2.81
N ALA H 155 34.33 53.57 -3.30
CA ALA H 155 35.50 53.38 -4.13
C ALA H 155 36.56 52.55 -3.41
N GLY H 156 37.10 51.56 -4.12
CA GLY H 156 38.12 50.71 -3.53
C GLY H 156 38.53 49.64 -4.51
N ASP H 157 39.47 48.81 -4.07
CA ASP H 157 40.07 47.76 -4.91
C ASP H 157 39.41 46.43 -4.56
N CYS H 158 38.80 45.81 -5.57
CA CYS H 158 38.24 44.47 -5.44
C CYS H 158 38.79 43.53 -6.50
N SER H 159 40.01 43.75 -6.96
CA SER H 159 40.62 42.87 -7.94
C SER H 159 40.81 41.46 -7.39
N ALA H 160 41.01 41.33 -6.08
CA ALA H 160 41.12 40.01 -5.48
C ALA H 160 39.82 39.22 -5.61
N LEU H 161 38.68 39.88 -5.40
CA LEU H 161 37.40 39.19 -5.51
C LEU H 161 37.08 38.81 -6.95
N SER H 162 37.38 39.70 -7.90
CA SER H 162 37.19 39.35 -9.30
C SER H 162 38.14 38.23 -9.72
N SER H 163 39.36 38.22 -9.18
CA SER H 163 40.28 37.11 -9.42
C SER H 163 39.73 35.81 -8.85
N GLU H 164 39.10 35.88 -7.67
CA GLU H 164 38.47 34.70 -7.09
C GLU H 164 37.33 34.19 -7.97
N VAL H 165 36.52 35.11 -8.50
CA VAL H 165 35.42 34.73 -9.39
C VAL H 165 35.98 34.07 -10.65
N ALA H 166 37.03 34.67 -11.21
CA ALA H 166 37.67 34.10 -12.39
C ALA H 166 38.25 32.72 -12.09
N SER H 167 38.82 32.53 -10.90
CA SER H 167 39.35 31.23 -10.53
C SER H 167 38.25 30.20 -10.38
N TYR H 168 37.10 30.57 -9.81
CA TYR H 168 35.98 29.63 -9.73
C TYR H 168 35.47 29.25 -11.10
N CYS H 169 35.36 30.23 -12.01
CA CYS H 169 34.93 29.92 -13.36
C CYS H 169 35.95 29.07 -14.11
N ASP H 170 37.25 29.30 -13.85
CA ASP H 170 38.29 28.46 -14.43
C ASP H 170 38.24 27.04 -13.87
N LYS H 171 37.88 26.90 -12.59
CA LYS H 171 37.66 25.58 -12.03
C LYS H 171 36.50 24.89 -12.72
N VAL H 172 35.43 25.64 -13.01
CA VAL H 172 34.30 25.08 -13.73
C VAL H 172 34.74 24.61 -15.12
N SER H 173 35.50 25.44 -15.82
CA SER H 173 35.94 25.10 -17.17
C SER H 173 36.89 23.91 -17.16
N ALA H 174 37.80 23.85 -16.18
CA ALA H 174 38.73 22.74 -16.08
C ALA H 174 38.02 21.44 -15.73
N ALA H 175 36.99 21.52 -14.89
CA ALA H 175 36.24 20.32 -14.52
C ALA H 175 35.60 19.67 -15.75
N ILE H 176 35.22 20.47 -16.74
CA ILE H 176 34.63 19.94 -17.96
C ILE H 176 35.67 19.91 -19.08
N MET I 1 -12.89 1.63 -16.23
CA MET I 1 -13.10 0.63 -17.27
C MET I 1 -12.19 0.89 -18.47
N LYS I 2 -11.29 -0.04 -18.73
CA LYS I 2 -10.35 0.09 -19.85
C LYS I 2 -11.09 0.23 -21.17
N SER I 3 -10.96 1.38 -21.81
CA SER I 3 -11.53 1.64 -23.11
C SER I 3 -10.68 2.69 -23.81
N VAL I 4 -11.02 3.00 -25.06
CA VAL I 4 -10.30 4.04 -25.79
C VAL I 4 -10.45 5.38 -25.08
N ILE I 5 -11.69 5.74 -24.77
CA ILE I 5 -11.96 7.03 -24.14
C ILE I 5 -11.28 7.11 -22.79
N THR I 6 -11.46 6.07 -21.95
CA THR I 6 -10.88 6.09 -20.63
C THR I 6 -9.36 6.05 -20.67
N THR I 7 -8.77 5.28 -21.59
CA THR I 7 -7.32 5.25 -21.69
C THR I 7 -6.75 6.62 -22.04
N THR I 8 -7.32 7.25 -23.07
CA THR I 8 -6.83 8.57 -23.48
C THR I 8 -7.04 9.61 -22.38
N ILE I 9 -8.21 9.59 -21.73
CA ILE I 9 -8.49 10.58 -20.69
C ILE I 9 -7.59 10.35 -19.49
N SER I 10 -7.31 9.09 -19.14
CA SER I 10 -6.41 8.79 -18.04
C SER I 10 -4.99 9.26 -18.36
N ALA I 11 -4.54 9.04 -19.59
CA ALA I 11 -3.21 9.53 -19.98
C ALA I 11 -3.15 11.05 -19.89
N ALA I 12 -4.18 11.74 -20.40
CA ALA I 12 -4.20 13.19 -20.35
C ALA I 12 -4.23 13.69 -18.91
N ASP I 13 -5.01 13.04 -18.04
CA ASP I 13 -5.09 13.43 -16.64
C ASP I 13 -3.76 13.20 -15.92
N ALA I 14 -3.10 12.07 -16.21
CA ALA I 14 -1.79 11.82 -15.64
C ALA I 14 -0.79 12.88 -16.07
N ALA I 15 -0.86 13.30 -17.34
CA ALA I 15 -0.07 14.43 -17.80
C ALA I 15 -0.68 15.77 -17.43
N GLY I 16 -1.88 15.79 -16.86
CA GLY I 16 -2.52 17.03 -16.45
C GLY I 16 -2.80 17.97 -17.59
N ARG I 17 -3.18 17.44 -18.75
CA ARG I 17 -3.40 18.25 -19.94
C ARG I 17 -4.83 18.09 -20.43
N PHE I 18 -5.31 19.13 -21.12
CA PHE I 18 -6.62 19.06 -21.74
C PHE I 18 -6.61 18.03 -22.86
N PRO I 19 -7.78 17.50 -23.22
CA PRO I 19 -7.84 16.61 -24.39
C PRO I 19 -7.26 17.29 -25.62
N SER I 20 -6.35 16.59 -26.28
CA SER I 20 -5.62 17.12 -27.42
C SER I 20 -6.07 16.41 -28.69
N SER I 21 -5.36 16.69 -29.80
CA SER I 21 -5.74 16.12 -31.08
C SER I 21 -5.72 14.59 -31.05
N SER I 22 -4.73 14.01 -30.37
CA SER I 22 -4.63 12.55 -30.31
C SER I 22 -5.79 11.93 -29.55
N ASP I 23 -6.25 12.58 -28.48
CA ASP I 23 -7.39 12.06 -27.74
C ASP I 23 -8.65 12.04 -28.59
N LEU I 24 -8.91 13.14 -29.32
CA LEU I 24 -10.06 13.19 -30.20
C LEU I 24 -9.92 12.19 -31.34
N GLU I 25 -8.70 11.97 -31.82
CA GLU I 25 -8.47 10.96 -32.85
C GLU I 25 -8.81 9.57 -32.35
N SER I 26 -8.40 9.26 -31.11
CA SER I 26 -8.72 7.96 -30.53
C SER I 26 -10.23 7.80 -30.36
N VAL I 27 -10.91 8.85 -29.92
CA VAL I 27 -12.36 8.77 -29.81
C VAL I 27 -13.01 8.60 -31.18
N GLN I 28 -12.41 9.20 -32.21
CA GLN I 28 -12.88 8.97 -33.58
C GLN I 28 -12.76 7.51 -33.95
N GLY I 29 -11.66 6.87 -33.55
CA GLY I 29 -11.54 5.44 -33.76
C GLY I 29 -12.58 4.64 -33.01
N ASN I 30 -12.91 5.06 -31.79
CA ASN I 30 -14.03 4.46 -31.08
C ASN I 30 -15.30 4.57 -31.90
N ILE I 31 -15.53 5.75 -32.49
CA ILE I 31 -16.72 5.99 -33.31
C ILE I 31 -16.75 5.03 -34.50
N GLN I 32 -15.62 4.89 -35.19
CA GLN I 32 -15.60 4.07 -36.39
C GLN I 32 -15.76 2.59 -36.08
N ARG I 33 -15.10 2.10 -35.03
CA ARG I 33 -15.16 0.68 -34.70
C ARG I 33 -16.43 0.31 -33.95
N ALA I 34 -17.16 1.29 -33.43
CA ALA I 34 -18.37 1.01 -32.67
C ALA I 34 -19.40 0.25 -33.47
N ALA I 35 -19.44 0.43 -34.79
CA ALA I 35 -20.44 -0.28 -35.59
C ALA I 35 -20.27 -1.79 -35.45
N SER I 36 -19.07 -2.30 -35.74
CA SER I 36 -18.83 -3.73 -35.61
C SER I 36 -18.91 -4.16 -34.15
N ARG I 37 -18.37 -3.35 -33.23
CA ARG I 37 -18.41 -3.70 -31.81
C ARG I 37 -19.84 -3.91 -31.34
N LEU I 38 -20.71 -2.95 -31.60
CA LEU I 38 -22.09 -3.03 -31.15
C LEU I 38 -22.90 -4.05 -31.93
N GLU I 39 -22.54 -4.33 -33.19
CA GLU I 39 -23.20 -5.42 -33.89
C GLU I 39 -22.91 -6.75 -33.20
N ALA I 40 -21.64 -7.01 -32.89
CA ALA I 40 -21.29 -8.23 -32.18
C ALA I 40 -21.96 -8.26 -30.80
N ALA I 41 -21.95 -7.14 -30.10
CA ALA I 41 -22.55 -7.07 -28.77
C ALA I 41 -24.06 -7.35 -28.82
N GLU I 42 -24.75 -6.76 -29.80
CA GLU I 42 -26.19 -6.97 -29.91
C GLU I 42 -26.51 -8.41 -30.27
N LYS I 43 -25.75 -9.00 -31.19
CA LYS I 43 -25.98 -10.40 -31.54
C LYS I 43 -25.74 -11.31 -30.33
N LEU I 44 -24.68 -11.04 -29.57
CA LEU I 44 -24.40 -11.83 -28.39
C LEU I 44 -25.49 -11.66 -27.34
N ALA I 45 -25.98 -10.43 -27.16
CA ALA I 45 -27.04 -10.19 -26.21
C ALA I 45 -28.33 -10.89 -26.62
N GLY I 46 -28.61 -10.95 -27.92
CA GLY I 46 -29.83 -11.59 -28.38
C GLY I 46 -29.77 -13.09 -28.42
N ASN I 47 -28.57 -13.68 -28.55
CA ASN I 47 -28.45 -15.14 -28.66
C ASN I 47 -27.52 -15.73 -27.60
N HIS I 48 -27.39 -15.08 -26.45
CA HIS I 48 -26.40 -15.52 -25.47
C HIS I 48 -26.78 -16.85 -24.84
N GLU I 49 -28.06 -17.09 -24.60
CA GLU I 49 -28.48 -18.32 -23.92
C GLU I 49 -28.06 -19.55 -24.73
N ALA I 50 -28.33 -19.54 -26.04
CA ALA I 50 -27.91 -20.64 -26.88
C ALA I 50 -26.39 -20.75 -26.96
N VAL I 51 -25.71 -19.62 -27.07
CA VAL I 51 -24.25 -19.61 -27.11
C VAL I 51 -23.68 -20.19 -25.82
N VAL I 52 -24.24 -19.77 -24.68
CA VAL I 52 -23.75 -20.26 -23.39
C VAL I 52 -24.02 -21.76 -23.26
N LYS I 53 -25.20 -22.21 -23.69
CA LYS I 53 -25.49 -23.64 -23.66
C LYS I 53 -24.49 -24.43 -24.49
N GLU I 54 -24.21 -23.95 -25.71
CA GLU I 54 -23.27 -24.66 -26.57
C GLU I 54 -21.87 -24.68 -25.97
N ALA I 55 -21.44 -23.55 -25.40
CA ALA I 55 -20.11 -23.49 -24.80
C ALA I 55 -20.00 -24.43 -23.62
N GLY I 56 -21.01 -24.47 -22.76
CA GLY I 56 -20.99 -25.40 -21.64
C GLY I 56 -21.02 -26.85 -22.06
N ASP I 57 -21.84 -27.16 -23.06
CA ASP I 57 -21.89 -28.53 -23.58
C ASP I 57 -20.54 -28.95 -24.14
N ALA I 58 -19.89 -28.06 -24.89
CA ALA I 58 -18.56 -28.39 -25.42
C ALA I 58 -17.55 -28.53 -24.30
N CYS I 59 -17.62 -27.68 -23.28
CA CYS I 59 -16.70 -27.76 -22.16
C CYS I 59 -16.83 -29.12 -21.46
N PHE I 60 -18.05 -29.57 -21.20
CA PHE I 60 -18.24 -30.84 -20.53
C PHE I 60 -18.03 -32.04 -21.45
N ALA I 61 -18.17 -31.85 -22.76
CA ALA I 61 -17.88 -32.94 -23.70
C ALA I 61 -16.39 -33.17 -23.84
N LYS I 62 -15.61 -32.09 -23.94
CA LYS I 62 -14.16 -32.22 -24.03
C LYS I 62 -13.57 -32.75 -22.72
N TYR I 63 -14.18 -32.42 -21.58
CA TYR I 63 -13.69 -32.83 -20.27
C TYR I 63 -14.81 -33.53 -19.51
N PRO I 64 -15.15 -34.77 -19.90
CA PRO I 64 -16.15 -35.52 -19.13
C PRO I 64 -15.70 -35.83 -17.71
N TYR I 65 -14.39 -35.78 -17.44
CA TYR I 65 -13.90 -36.05 -16.09
C TYR I 65 -14.40 -35.04 -15.07
N LEU I 66 -14.88 -33.87 -15.53
CA LEU I 66 -15.43 -32.90 -14.61
C LEU I 66 -16.64 -33.46 -13.85
N LYS I 67 -17.39 -34.37 -14.47
CA LYS I 67 -18.54 -34.97 -13.81
C LYS I 67 -18.15 -36.00 -12.76
N ASN I 68 -16.88 -36.38 -12.67
CA ASN I 68 -16.45 -37.33 -11.67
C ASN I 68 -16.55 -36.71 -10.28
N PRO I 69 -16.78 -37.53 -9.25
CA PRO I 69 -16.84 -37.00 -7.89
C PRO I 69 -15.55 -36.32 -7.49
N GLY I 70 -15.68 -35.21 -6.75
CA GLY I 70 -14.54 -34.42 -6.36
C GLY I 70 -14.07 -33.43 -7.41
N GLU I 71 -14.68 -33.42 -8.60
CA GLU I 71 -14.34 -32.50 -9.66
C GLU I 71 -15.38 -31.39 -9.72
N ALA I 72 -15.14 -30.42 -10.61
CA ALA I 72 -15.95 -29.22 -10.64
C ALA I 72 -17.38 -29.47 -11.11
N GLY I 73 -17.60 -30.45 -11.99
CA GLY I 73 -18.95 -30.70 -12.48
C GLY I 73 -19.57 -31.93 -11.87
N ASP I 74 -19.26 -32.20 -10.60
CA ASP I 74 -19.70 -33.40 -9.91
C ASP I 74 -21.15 -33.34 -9.43
N SER I 75 -21.90 -32.31 -9.83
CA SER I 75 -23.30 -32.20 -9.45
C SER I 75 -24.00 -31.27 -10.44
N GLN I 76 -25.32 -31.41 -10.53
CA GLN I 76 -26.09 -30.51 -11.39
C GLN I 76 -25.99 -29.08 -10.90
N GLU I 77 -25.88 -28.87 -9.59
CA GLU I 77 -25.74 -27.52 -9.06
C GLU I 77 -24.53 -26.81 -9.66
N LYS I 78 -23.37 -27.46 -9.64
CA LYS I 78 -22.19 -26.76 -10.11
C LYS I 78 -21.98 -26.96 -11.61
N ILE I 79 -22.69 -27.89 -12.24
CA ILE I 79 -22.80 -27.82 -13.70
C ILE I 79 -23.56 -26.58 -14.12
N ASN I 80 -24.66 -26.27 -13.43
CA ASN I 80 -25.37 -25.02 -13.67
C ASN I 80 -24.51 -23.82 -13.30
N LYS I 81 -23.68 -23.95 -12.27
CA LYS I 81 -22.74 -22.87 -11.95
C LYS I 81 -21.69 -22.70 -13.05
N CYS I 82 -21.27 -23.80 -13.69
CA CYS I 82 -20.39 -23.69 -14.85
C CYS I 82 -21.06 -22.94 -15.98
N TYR I 83 -22.32 -23.28 -16.27
CA TYR I 83 -23.05 -22.57 -17.31
C TYR I 83 -23.26 -21.11 -16.93
N ARG I 84 -23.49 -20.84 -15.64
CA ARG I 84 -23.62 -19.46 -15.17
C ARG I 84 -22.32 -18.70 -15.28
N ASP I 85 -21.19 -19.38 -15.03
CA ASP I 85 -19.88 -18.76 -15.20
C ASP I 85 -19.64 -18.42 -16.67
N ILE I 86 -20.00 -19.33 -17.57
CA ILE I 86 -19.87 -19.05 -18.99
C ILE I 86 -20.78 -17.91 -19.40
N ASP I 87 -21.98 -17.85 -18.82
CA ASP I 87 -22.87 -16.73 -19.08
C ASP I 87 -22.28 -15.42 -18.54
N HIS I 88 -21.66 -15.47 -17.38
CA HIS I 88 -21.00 -14.28 -16.83
C HIS I 88 -19.91 -13.80 -17.76
N TYR I 89 -19.09 -14.73 -18.25
CA TYR I 89 -18.01 -14.36 -19.16
C TYR I 89 -18.55 -13.83 -20.48
N MET I 90 -19.63 -14.43 -20.99
CA MET I 90 -20.19 -13.94 -22.25
C MET I 90 -20.84 -12.58 -22.06
N ARG I 91 -21.45 -12.34 -20.89
CA ARG I 91 -21.99 -11.03 -20.58
C ARG I 91 -20.88 -9.99 -20.45
N LEU I 92 -19.75 -10.39 -19.86
CA LEU I 92 -18.61 -9.48 -19.77
C LEU I 92 -18.01 -9.22 -21.14
N ILE I 93 -18.04 -10.22 -22.03
CA ILE I 93 -17.59 -10.02 -23.41
C ILE I 93 -18.53 -9.05 -24.13
N ASN I 94 -19.84 -9.20 -23.91
CA ASN I 94 -20.81 -8.23 -24.44
C ASN I 94 -20.52 -6.84 -23.92
N TYR I 95 -20.20 -6.73 -22.63
CA TYR I 95 -19.82 -5.45 -22.04
C TYR I 95 -18.56 -4.90 -22.67
N SER I 96 -17.58 -5.77 -22.94
CA SER I 96 -16.33 -5.33 -23.57
C SER I 96 -16.58 -4.82 -24.98
N LEU I 97 -17.43 -5.50 -25.74
CA LEU I 97 -17.79 -5.05 -27.08
C LEU I 97 -18.52 -3.72 -27.03
N VAL I 98 -19.44 -3.55 -26.08
CA VAL I 98 -20.14 -2.29 -25.92
C VAL I 98 -19.18 -1.18 -25.53
N VAL I 99 -18.30 -1.45 -24.58
CA VAL I 99 -17.37 -0.46 -24.05
C VAL I 99 -16.29 -0.10 -25.07
N GLY I 100 -15.80 -1.07 -25.82
CA GLY I 100 -14.68 -0.82 -26.71
C GLY I 100 -13.33 -1.18 -26.12
N GLY I 101 -13.33 -1.97 -25.07
CA GLY I 101 -12.08 -2.36 -24.44
C GLY I 101 -12.34 -3.50 -23.47
N THR I 102 -11.23 -4.08 -23.00
CA THR I 102 -11.29 -5.23 -22.11
C THR I 102 -11.65 -4.86 -20.67
N GLY I 103 -11.93 -3.58 -20.40
CA GLY I 103 -12.24 -3.09 -19.08
C GLY I 103 -13.17 -3.95 -18.26
N PRO I 104 -14.40 -4.18 -18.75
CA PRO I 104 -15.34 -5.01 -17.98
C PRO I 104 -14.79 -6.40 -17.71
N LEU I 105 -14.22 -7.05 -18.72
CA LEU I 105 -13.62 -8.37 -18.51
C LEU I 105 -12.51 -8.30 -17.48
N ASP I 106 -11.55 -7.39 -17.68
CA ASP I 106 -10.42 -7.25 -16.77
C ASP I 106 -10.89 -7.09 -15.33
N GLU I 107 -11.85 -6.21 -15.09
CA GLU I 107 -12.21 -5.85 -13.73
C GLU I 107 -13.17 -6.84 -13.09
N TRP I 108 -13.98 -7.56 -13.87
CA TRP I 108 -15.05 -8.36 -13.29
C TRP I 108 -14.92 -9.86 -13.49
N GLY I 109 -14.16 -10.33 -14.49
CA GLY I 109 -14.06 -11.76 -14.70
C GLY I 109 -12.64 -12.28 -14.69
N ILE I 110 -11.67 -11.40 -14.97
CA ILE I 110 -10.27 -11.82 -15.06
C ILE I 110 -9.52 -11.52 -13.76
N ALA I 111 -9.69 -10.32 -13.22
CA ALA I 111 -9.02 -9.97 -11.98
C ALA I 111 -9.41 -10.95 -10.88
N GLY I 112 -8.42 -11.61 -10.31
CA GLY I 112 -8.65 -12.58 -9.26
C GLY I 112 -9.23 -13.90 -9.70
N ALA I 113 -9.49 -14.07 -11.00
CA ALA I 113 -10.06 -15.33 -11.48
C ALA I 113 -9.13 -16.49 -11.23
N ARG I 114 -7.82 -16.28 -11.42
CA ARG I 114 -6.85 -17.34 -11.21
C ARG I 114 -6.89 -17.85 -9.76
N GLU I 115 -6.93 -16.93 -8.80
CA GLU I 115 -6.97 -17.32 -7.40
C GLU I 115 -8.26 -18.07 -7.08
N VAL I 116 -9.39 -17.58 -7.59
CA VAL I 116 -10.67 -18.24 -7.34
C VAL I 116 -10.67 -19.65 -7.90
N TYR I 117 -10.20 -19.80 -9.14
CA TYR I 117 -10.25 -21.10 -9.79
C TYR I 117 -9.27 -22.09 -9.16
N ARG I 118 -8.11 -21.61 -8.72
CA ARG I 118 -7.21 -22.48 -7.97
C ARG I 118 -7.83 -22.88 -6.64
N ALA I 119 -8.46 -21.93 -5.94
CA ALA I 119 -9.03 -22.23 -4.63
C ALA I 119 -10.25 -23.14 -4.73
N LEU I 120 -10.99 -23.06 -5.83
CA LEU I 120 -12.22 -23.81 -6.00
C LEU I 120 -12.03 -25.03 -6.91
N ASN I 121 -10.79 -25.38 -7.25
CA ASN I 121 -10.50 -26.54 -8.09
C ASN I 121 -11.22 -26.45 -9.43
N LEU I 122 -11.20 -25.26 -10.04
CA LEU I 122 -11.81 -25.06 -11.35
C LEU I 122 -10.71 -24.99 -12.39
N PRO I 123 -10.49 -26.04 -13.18
CA PRO I 123 -9.42 -26.00 -14.18
C PRO I 123 -9.71 -24.93 -15.23
N GLY I 124 -8.73 -24.05 -15.45
CA GLY I 124 -8.87 -23.04 -16.48
C GLY I 124 -9.01 -23.62 -17.88
N SER I 125 -8.58 -24.86 -18.07
CA SER I 125 -8.73 -25.52 -19.36
C SER I 125 -10.19 -25.70 -19.75
N SER I 126 -11.09 -25.85 -18.79
CA SER I 126 -12.51 -26.01 -19.10
C SER I 126 -13.11 -24.71 -19.63
N TYR I 127 -12.83 -23.61 -18.94
CA TYR I 127 -13.21 -22.29 -19.45
C TYR I 127 -12.62 -22.06 -20.83
N ILE I 128 -11.32 -22.40 -20.99
CA ILE I 128 -10.65 -22.20 -22.27
C ILE I 128 -11.34 -23.02 -23.36
N ALA I 129 -11.73 -24.25 -23.05
CA ALA I 129 -12.43 -25.08 -24.02
C ALA I 129 -13.76 -24.46 -24.42
N ALA I 130 -14.51 -23.96 -23.44
CA ALA I 130 -15.79 -23.31 -23.75
C ALA I 130 -15.59 -22.11 -24.67
N PHE I 131 -14.60 -21.27 -24.36
CA PHE I 131 -14.41 -20.06 -25.14
C PHE I 131 -13.81 -20.36 -26.52
N VAL I 132 -12.95 -21.37 -26.60
CA VAL I 132 -12.42 -21.79 -27.89
C VAL I 132 -13.54 -22.32 -28.77
N PHE I 133 -14.45 -23.11 -28.18
CA PHE I 133 -15.59 -23.60 -28.94
C PHE I 133 -16.48 -22.46 -29.42
N THR I 134 -16.71 -21.48 -28.55
CA THR I 134 -17.50 -20.32 -28.96
C THR I 134 -16.82 -19.55 -30.08
N ARG I 135 -15.50 -19.40 -29.99
CA ARG I 135 -14.75 -18.66 -31.00
C ARG I 135 -14.77 -19.36 -32.34
N ASP I 136 -14.53 -20.68 -32.34
CA ASP I 136 -14.47 -21.44 -33.58
C ASP I 136 -15.85 -21.78 -34.13
N ARG I 137 -16.89 -21.69 -33.31
CA ARG I 137 -18.26 -21.91 -33.74
C ARG I 137 -18.81 -20.72 -34.52
N LEU I 138 -18.29 -19.53 -34.26
CA LEU I 138 -18.76 -18.32 -34.94
C LEU I 138 -18.54 -18.43 -36.45
N CYS I 139 -19.59 -18.11 -37.21
CA CYS I 139 -19.58 -18.26 -38.65
C CYS I 139 -19.91 -16.92 -39.30
N VAL I 140 -19.17 -16.58 -40.35
CA VAL I 140 -19.34 -15.31 -41.06
C VAL I 140 -19.81 -15.60 -42.48
N PRO I 141 -20.82 -14.89 -42.99
CA PRO I 141 -21.58 -13.82 -42.35
C PRO I 141 -22.83 -14.31 -41.64
N ARG I 142 -22.92 -15.62 -41.37
CA ARG I 142 -24.15 -16.18 -40.81
C ARG I 142 -24.46 -15.59 -39.44
N ASP I 143 -23.48 -15.61 -38.54
CA ASP I 143 -23.71 -15.14 -37.18
C ASP I 143 -23.54 -13.64 -37.03
N MET I 144 -22.57 -13.04 -37.70
CA MET I 144 -22.35 -11.60 -37.66
C MET I 144 -21.42 -11.23 -38.81
N SER I 145 -21.21 -9.94 -38.99
CA SER I 145 -20.31 -9.46 -40.03
C SER I 145 -18.87 -9.82 -39.69
N ALA I 146 -18.00 -9.65 -40.69
CA ALA I 146 -16.60 -10.04 -40.52
C ALA I 146 -15.93 -9.23 -39.42
N GLN I 147 -16.18 -7.92 -39.36
CA GLN I 147 -15.53 -7.09 -38.35
C GLN I 147 -16.15 -7.28 -36.97
N ALA I 148 -17.47 -7.48 -36.90
CA ALA I 148 -18.08 -7.88 -35.64
C ALA I 148 -17.50 -9.21 -35.17
N ALA I 149 -17.25 -10.12 -36.11
CA ALA I 149 -16.59 -11.37 -35.76
C ALA I 149 -15.18 -11.13 -35.24
N VAL I 150 -14.46 -10.18 -35.83
CA VAL I 150 -13.13 -9.86 -35.34
C VAL I 150 -13.20 -9.37 -33.90
N GLU I 151 -14.15 -8.49 -33.60
CA GLU I 151 -14.30 -7.99 -32.24
C GLU I 151 -14.67 -9.11 -31.28
N PHE I 152 -15.62 -9.96 -31.67
CA PHE I 152 -16.09 -11.03 -30.80
C PHE I 152 -14.99 -12.05 -30.54
N SER I 153 -14.31 -12.49 -31.59
CA SER I 153 -13.20 -13.42 -31.45
C SER I 153 -12.04 -12.80 -30.69
N GLY I 154 -11.83 -11.49 -30.83
CA GLY I 154 -10.79 -10.84 -30.05
C GLY I 154 -11.10 -10.83 -28.57
N ALA I 155 -12.35 -10.56 -28.21
CA ALA I 155 -12.74 -10.64 -26.81
C ALA I 155 -12.57 -12.06 -26.28
N LEU I 156 -13.01 -13.06 -27.05
CA LEU I 156 -12.88 -14.45 -26.61
C LEU I 156 -11.41 -14.84 -26.46
N ASP I 157 -10.57 -14.43 -27.42
CA ASP I 157 -9.14 -14.74 -27.36
C ASP I 157 -8.49 -14.04 -26.17
N TYR I 158 -8.95 -12.83 -25.85
CA TYR I 158 -8.45 -12.13 -24.68
C TYR I 158 -8.78 -12.90 -23.40
N VAL I 159 -10.02 -13.41 -23.31
CA VAL I 159 -10.39 -14.22 -22.15
C VAL I 159 -9.52 -15.48 -22.08
N ILE I 160 -9.34 -16.13 -23.23
CA ILE I 160 -8.56 -17.36 -23.28
C ILE I 160 -7.12 -17.10 -22.83
N ASN I 161 -6.52 -16.02 -23.33
CA ASN I 161 -5.16 -15.67 -22.94
C ASN I 161 -5.08 -15.30 -21.47
N SER I 162 -6.14 -14.69 -20.92
CA SER I 162 -6.17 -14.44 -19.49
C SER I 162 -6.25 -15.73 -18.70
N LEU I 163 -6.81 -16.79 -19.28
CA LEU I 163 -6.90 -18.07 -18.59
C LEU I 163 -5.70 -18.97 -18.82
N CYS I 164 -5.00 -18.82 -19.94
CA CYS I 164 -3.83 -19.65 -20.22
C CYS I 164 -2.54 -18.85 -20.07
N MET J 1 9.02 7.55 -26.69
CA MET J 1 8.89 6.47 -27.66
C MET J 1 8.34 7.01 -28.98
N LEU J 2 8.71 6.36 -30.09
CA LEU J 2 8.33 6.80 -31.42
C LEU J 2 7.48 5.76 -32.12
N ASP J 3 6.67 6.24 -33.06
CA ASP J 3 5.97 5.41 -34.03
C ASP J 3 6.46 5.78 -35.43
N ALA J 4 5.81 5.22 -36.45
CA ALA J 4 6.25 5.47 -37.81
C ALA J 4 6.15 6.96 -38.16
N PHE J 5 5.04 7.60 -37.79
CA PHE J 5 4.87 9.02 -38.07
C PHE J 5 5.88 9.84 -37.29
N SER J 6 6.06 9.53 -36.01
CA SER J 6 7.06 10.23 -35.22
C SER J 6 8.48 9.92 -35.69
N ARG J 7 8.73 8.72 -36.21
CA ARG J 7 10.03 8.42 -36.81
C ARG J 7 10.28 9.32 -38.01
N VAL J 8 9.28 9.48 -38.87
CA VAL J 8 9.40 10.36 -40.03
C VAL J 8 9.65 11.80 -39.58
N VAL J 9 8.91 12.23 -38.56
CA VAL J 9 9.06 13.59 -38.06
C VAL J 9 10.47 13.81 -37.49
N VAL J 10 10.97 12.84 -36.72
CA VAL J 10 12.30 12.94 -36.15
C VAL J 10 13.35 12.99 -37.26
N ASN J 11 13.18 12.17 -38.30
CA ASN J 11 14.11 12.21 -39.42
C ASN J 11 14.08 13.56 -40.13
N SER J 12 12.88 14.12 -40.32
CA SER J 12 12.78 15.42 -40.97
C SER J 12 13.25 16.55 -40.07
N ASP J 13 13.13 16.39 -38.74
CA ASP J 13 13.62 17.40 -37.83
C ASP J 13 15.13 17.54 -37.88
N SER J 14 15.83 16.45 -38.22
CA SER J 14 17.29 16.50 -38.33
C SER J 14 17.72 17.45 -39.44
N LYS J 15 16.90 17.63 -40.46
CA LYS J 15 17.20 18.53 -41.57
C LYS J 15 16.50 19.87 -41.45
N ALA J 16 15.84 20.13 -40.32
CA ALA J 16 15.04 21.34 -40.14
C ALA J 16 14.01 21.47 -41.27
N ALA J 17 13.51 20.34 -41.74
CA ALA J 17 12.66 20.30 -42.93
C ALA J 17 11.24 19.91 -42.56
N TYR J 18 10.29 20.57 -43.22
CA TYR J 18 8.91 20.12 -43.17
C TYR J 18 8.81 18.74 -43.80
N VAL J 19 7.88 17.93 -43.29
CA VAL J 19 7.75 16.55 -43.74
C VAL J 19 7.52 16.54 -45.25
N SER J 20 8.46 15.94 -45.98
CA SER J 20 8.46 16.01 -47.43
C SER J 20 7.32 15.19 -48.01
N GLY J 21 7.06 15.41 -49.30
CA GLY J 21 6.01 14.68 -49.98
C GLY J 21 6.24 13.18 -50.03
N SER J 22 7.51 12.76 -50.16
CA SER J 22 7.80 11.34 -50.20
C SER J 22 7.51 10.67 -48.86
N ASP J 23 7.95 11.29 -47.77
CA ASP J 23 7.64 10.75 -46.44
C ASP J 23 6.15 10.81 -46.15
N LEU J 24 5.47 11.86 -46.61
CA LEU J 24 4.03 11.94 -46.44
C LEU J 24 3.32 10.83 -47.19
N GLN J 25 3.78 10.51 -48.40
CA GLN J 25 3.19 9.40 -49.14
C GLN J 25 3.51 8.07 -48.47
N ALA J 26 4.70 7.92 -47.89
CA ALA J 26 5.01 6.70 -47.15
C ALA J 26 4.09 6.53 -45.95
N LEU J 27 3.82 7.61 -45.23
CA LEU J 27 2.90 7.54 -44.10
C LEU J 27 1.46 7.32 -44.55
N LYS J 28 1.10 7.86 -45.71
CA LYS J 28 -0.22 7.56 -46.29
C LYS J 28 -0.35 6.09 -46.63
N THR J 29 0.72 5.49 -47.15
CA THR J 29 0.74 4.04 -47.38
C THR J 29 0.62 3.28 -46.07
N PHE J 30 1.32 3.75 -45.04
CA PHE J 30 1.19 3.16 -43.70
C PHE J 30 -0.26 3.17 -43.25
N ILE J 31 -0.94 4.30 -43.44
CA ILE J 31 -2.33 4.42 -43.01
C ILE J 31 -3.23 3.52 -43.85
N ALA J 32 -3.03 3.51 -45.16
CA ALA J 32 -3.85 2.66 -46.04
C ALA J 32 -3.65 1.19 -45.73
N ASP J 33 -2.47 0.81 -45.26
CA ASP J 33 -2.22 -0.53 -44.75
C ASP J 33 -2.53 -0.65 -43.26
N GLY J 34 -3.09 0.41 -42.67
CA GLY J 34 -3.33 0.41 -41.24
C GLY J 34 -4.29 -0.68 -40.79
N ASN J 35 -5.33 -0.95 -41.58
CA ASN J 35 -6.24 -2.04 -41.25
C ASN J 35 -5.50 -3.38 -41.23
N LYS J 36 -4.63 -3.60 -42.21
CA LYS J 36 -3.82 -4.82 -42.23
C LYS J 36 -2.91 -4.88 -41.02
N ARG J 37 -2.32 -3.75 -40.63
CA ARG J 37 -1.45 -3.72 -39.46
C ARG J 37 -2.23 -4.04 -38.18
N LEU J 38 -3.44 -3.50 -38.05
CA LEU J 38 -4.28 -3.83 -36.90
C LEU J 38 -4.63 -5.30 -36.89
N ASP J 39 -4.93 -5.87 -38.06
CA ASP J 39 -5.20 -7.31 -38.14
C ASP J 39 -3.97 -8.11 -37.73
N ALA J 40 -2.78 -7.67 -38.13
CA ALA J 40 -1.55 -8.35 -37.76
C ALA J 40 -1.32 -8.32 -36.26
N VAL J 41 -1.50 -7.14 -35.64
CA VAL J 41 -1.36 -7.02 -34.19
C VAL J 41 -2.40 -7.88 -33.49
N ASN J 42 -3.62 -7.92 -34.02
CA ASN J 42 -4.66 -8.77 -33.45
C ASN J 42 -4.28 -10.24 -33.53
N SER J 43 -3.70 -10.65 -34.65
CA SER J 43 -3.29 -12.04 -34.81
C SER J 43 -2.19 -12.39 -33.81
N ILE J 44 -1.26 -11.46 -33.57
CA ILE J 44 -0.18 -11.74 -32.62
C ILE J 44 -0.73 -11.80 -31.19
N VAL J 45 -1.51 -10.80 -30.79
CA VAL J 45 -1.94 -10.73 -29.39
C VAL J 45 -2.97 -11.79 -29.08
N SER J 46 -3.80 -12.16 -30.06
CA SER J 46 -4.80 -13.21 -29.85
C SER J 46 -4.15 -14.58 -29.65
N ASN J 47 -2.90 -14.74 -30.09
CA ASN J 47 -2.16 -15.98 -29.93
C ASN J 47 -0.87 -15.76 -29.15
N ALA J 48 -0.82 -14.73 -28.32
CA ALA J 48 0.41 -14.38 -27.61
C ALA J 48 0.86 -15.51 -26.69
N SER J 49 -0.07 -16.05 -25.90
CA SER J 49 0.27 -17.14 -25.01
C SER J 49 0.75 -18.36 -25.79
N CYS J 50 0.06 -18.69 -26.88
CA CYS J 50 0.50 -19.79 -27.73
C CYS J 50 1.91 -19.55 -28.25
N ILE J 51 2.17 -18.34 -28.77
CA ILE J 51 3.47 -18.04 -29.33
C ILE J 51 4.56 -18.18 -28.28
N VAL J 52 4.36 -17.59 -27.12
CA VAL J 52 5.40 -17.58 -26.09
C VAL J 52 5.63 -18.98 -25.55
N SER J 53 4.55 -19.70 -25.20
CA SER J 53 4.72 -21.04 -24.66
C SER J 53 5.35 -21.97 -25.68
N ASP J 54 4.92 -21.90 -26.94
CA ASP J 54 5.50 -22.73 -27.97
C ASP J 54 6.98 -22.41 -28.19
N ALA J 55 7.34 -21.13 -28.17
CA ALA J 55 8.74 -20.76 -28.39
C ALA J 55 9.62 -21.24 -27.24
N VAL J 56 9.18 -21.04 -25.99
CA VAL J 56 9.98 -21.48 -24.86
C VAL J 56 10.08 -23.00 -24.84
N SER J 57 8.99 -23.70 -25.17
CA SER J 57 9.00 -25.15 -25.20
C SER J 57 9.92 -25.67 -26.30
N GLY J 58 9.92 -25.03 -27.47
CA GLY J 58 10.82 -25.43 -28.53
C GLY J 58 12.27 -25.17 -28.19
N MET J 59 12.54 -24.05 -27.53
CA MET J 59 13.89 -23.78 -27.06
C MET J 59 14.34 -24.85 -26.08
N ILE J 60 13.44 -25.27 -25.17
CA ILE J 60 13.78 -26.33 -24.22
C ILE J 60 14.01 -27.65 -24.93
N CYS J 61 13.14 -27.99 -25.90
CA CYS J 61 13.25 -29.27 -26.59
C CYS J 61 14.51 -29.36 -27.42
N GLU J 62 14.91 -28.26 -28.07
CA GLU J 62 16.16 -28.25 -28.83
C GLU J 62 17.39 -28.17 -27.93
N ASN J 63 17.26 -27.64 -26.73
CA ASN J 63 18.36 -27.55 -25.78
C ASN J 63 17.91 -28.10 -24.44
N PRO J 64 17.88 -29.44 -24.30
CA PRO J 64 17.42 -30.04 -23.04
C PRO J 64 18.28 -29.68 -21.85
N GLY J 65 19.52 -29.24 -22.07
CA GLY J 65 20.37 -28.83 -20.97
C GLY J 65 19.88 -27.60 -20.23
N LEU J 66 18.92 -26.88 -20.79
CA LEU J 66 18.38 -25.69 -20.13
C LEU J 66 17.54 -26.03 -18.91
N ILE J 67 16.89 -27.19 -18.91
CA ILE J 67 16.07 -27.62 -17.79
C ILE J 67 16.80 -28.58 -16.88
N ALA J 68 18.04 -28.92 -17.20
CA ALA J 68 18.89 -29.68 -16.31
C ALA J 68 19.36 -28.78 -15.17
N PRO J 69 19.77 -29.38 -14.04
CA PRO J 69 20.31 -28.57 -12.94
C PRO J 69 21.48 -27.71 -13.43
N GLY J 70 21.48 -26.45 -13.01
CA GLY J 70 22.38 -25.46 -13.55
C GLY J 70 21.91 -24.80 -14.82
N GLY J 71 20.89 -25.36 -15.48
CA GLY J 71 20.32 -24.71 -16.64
C GLY J 71 19.47 -23.51 -16.24
N ASN J 72 19.23 -22.64 -17.22
CA ASN J 72 18.52 -21.40 -16.94
C ASN J 72 17.00 -21.56 -16.93
N CYS J 73 16.48 -22.73 -17.27
CA CYS J 73 15.04 -22.97 -17.23
C CYS J 73 14.64 -24.03 -16.22
N TYR J 74 15.60 -24.73 -15.63
CA TYR J 74 15.36 -25.52 -14.43
C TYR J 74 14.88 -24.58 -13.32
N THR J 75 14.27 -25.15 -12.26
CA THR J 75 13.67 -24.32 -11.22
C THR J 75 12.51 -23.47 -11.75
N ASN J 76 11.29 -24.02 -11.65
CA ASN J 76 10.05 -23.35 -12.04
C ASN J 76 10.09 -21.84 -11.85
N ARG J 77 10.77 -21.34 -10.83
CA ARG J 77 11.01 -19.89 -10.75
C ARG J 77 11.70 -19.39 -12.02
N ARG J 78 12.82 -20.03 -12.39
CA ARG J 78 13.50 -19.61 -13.62
C ARG J 78 12.66 -19.89 -14.85
N MET J 79 11.91 -20.98 -14.85
CA MET J 79 11.08 -21.28 -16.02
C MET J 79 9.99 -20.22 -16.22
N ALA J 80 9.34 -19.81 -15.14
CA ALA J 80 8.33 -18.76 -15.24
C ALA J 80 8.97 -17.42 -15.57
N ALA J 81 10.18 -17.18 -15.06
CA ALA J 81 10.90 -15.98 -15.46
C ALA J 81 11.18 -15.99 -16.95
N CYS J 82 11.52 -17.16 -17.50
CA CYS J 82 11.75 -17.28 -18.93
C CYS J 82 10.47 -17.08 -19.74
N LEU J 83 9.37 -17.66 -19.28
CA LEU J 83 8.09 -17.46 -19.96
C LEU J 83 7.67 -16.00 -19.95
N ARG J 84 7.79 -15.35 -18.78
CA ARG J 84 7.47 -13.93 -18.70
C ARG J 84 8.44 -13.10 -19.52
N ASP J 85 9.71 -13.52 -19.59
CA ASP J 85 10.74 -12.83 -20.35
C ASP J 85 10.37 -12.85 -21.84
N GLY J 86 10.00 -14.02 -22.36
CA GLY J 86 9.56 -14.13 -23.73
C GLY J 86 8.24 -13.42 -23.99
N GLU J 87 7.33 -13.46 -23.02
CA GLU J 87 6.06 -12.74 -23.16
C GLU J 87 6.30 -11.24 -23.26
N ILE J 88 7.23 -10.72 -22.45
CA ILE J 88 7.59 -9.30 -22.53
C ILE J 88 8.20 -8.98 -23.89
N ILE J 89 9.09 -9.85 -24.37
CA ILE J 89 9.70 -9.61 -25.68
C ILE J 89 8.62 -9.58 -26.77
N LEU J 90 7.69 -10.52 -26.73
CA LEU J 90 6.60 -10.54 -27.71
C LEU J 90 5.69 -9.33 -27.57
N ARG J 91 5.44 -8.89 -26.33
CA ARG J 91 4.59 -7.73 -26.11
C ARG J 91 5.22 -6.47 -26.70
N TYR J 92 6.52 -6.29 -26.51
CA TYR J 92 7.18 -5.13 -27.10
C TYR J 92 7.31 -5.27 -28.61
N THR J 93 7.45 -6.50 -29.12
CA THR J 93 7.40 -6.70 -30.57
C THR J 93 6.05 -6.30 -31.14
N SER J 94 4.96 -6.66 -30.43
CA SER J 94 3.63 -6.26 -30.85
C SER J 94 3.46 -4.76 -30.77
N TYR J 95 4.04 -4.12 -29.76
CA TYR J 95 4.04 -2.66 -29.69
C TYR J 95 4.73 -2.06 -30.90
N ALA J 96 5.89 -2.62 -31.27
CA ALA J 96 6.61 -2.12 -32.43
C ALA J 96 5.80 -2.31 -33.71
N LEU J 97 5.16 -3.47 -33.85
CA LEU J 97 4.34 -3.72 -35.03
C LEU J 97 3.16 -2.75 -35.09
N LEU J 98 2.51 -2.50 -33.95
CA LEU J 98 1.41 -1.54 -33.92
C LEU J 98 1.88 -0.14 -34.27
N ALA J 99 3.04 0.26 -33.74
CA ALA J 99 3.57 1.59 -33.98
C ALA J 99 4.23 1.73 -35.33
N GLY J 100 4.61 0.62 -35.97
CA GLY J 100 5.38 0.71 -37.19
C GLY J 100 6.83 1.12 -36.98
N ASP J 101 7.28 1.18 -35.73
CA ASP J 101 8.64 1.58 -35.41
C ASP J 101 9.13 0.76 -34.24
N SER J 102 10.42 0.44 -34.25
CA SER J 102 11.04 -0.36 -33.20
C SER J 102 11.51 0.47 -32.02
N SER J 103 11.21 1.76 -32.00
CA SER J 103 11.68 2.63 -30.92
C SER J 103 11.21 2.14 -29.56
N VAL J 104 9.92 1.81 -29.45
CA VAL J 104 9.39 1.33 -28.18
C VAL J 104 10.07 0.03 -27.78
N LEU J 105 10.18 -0.91 -28.73
CA LEU J 105 10.84 -2.18 -28.45
C LEU J 105 12.27 -1.97 -27.98
N GLU J 106 13.08 -1.26 -28.77
CA GLU J 106 14.47 -1.03 -28.40
C GLU J 106 14.57 -0.38 -27.03
N ASP J 107 13.99 0.81 -26.88
CA ASP J 107 14.18 1.62 -25.70
C ASP J 107 13.63 0.97 -24.43
N ARG J 108 12.48 0.31 -24.50
CA ARG J 108 11.82 -0.17 -23.29
C ARG J 108 12.02 -1.66 -23.02
N CYS J 109 12.56 -2.43 -23.98
CA CYS J 109 12.83 -3.84 -23.76
C CYS J 109 14.30 -4.18 -23.98
N LEU J 110 14.90 -3.73 -25.09
CA LEU J 110 16.23 -4.19 -25.45
C LEU J 110 17.33 -3.35 -24.86
N ASN J 111 17.02 -2.14 -24.40
CA ASN J 111 18.02 -1.27 -23.79
C ASN J 111 18.48 -1.88 -22.47
N GLY J 112 19.72 -2.39 -22.45
CA GLY J 112 20.25 -3.05 -21.28
C GLY J 112 19.85 -4.50 -21.13
N LEU J 113 19.09 -5.05 -22.08
CA LEU J 113 18.68 -6.45 -21.99
C LEU J 113 19.87 -7.39 -22.09
N LYS J 114 20.80 -7.10 -22.99
CA LYS J 114 21.98 -7.96 -23.15
C LYS J 114 22.83 -7.95 -21.90
N GLU J 115 23.08 -6.77 -21.33
CA GLU J 115 23.87 -6.69 -20.11
C GLU J 115 23.15 -7.36 -18.94
N THR J 116 21.83 -7.19 -18.85
CA THR J 116 21.07 -7.84 -17.80
C THR J 116 21.14 -9.36 -17.92
N TYR J 117 21.03 -9.87 -19.14
CA TYR J 117 21.09 -11.32 -19.35
C TYR J 117 22.48 -11.86 -19.06
N ILE J 118 23.53 -11.10 -19.41
CA ILE J 118 24.89 -11.51 -19.08
C ILE J 118 25.08 -11.56 -17.57
N ALA J 119 24.58 -10.54 -16.87
CA ALA J 119 24.70 -10.51 -15.41
C ALA J 119 23.94 -11.66 -14.76
N LEU J 120 22.75 -11.97 -15.28
CA LEU J 120 21.96 -13.07 -14.73
C LEU J 120 22.43 -14.44 -15.21
N GLY J 121 23.31 -14.49 -16.22
CA GLY J 121 23.72 -15.76 -16.78
C GLY J 121 22.73 -16.37 -17.74
N VAL J 122 21.79 -15.58 -18.27
CA VAL J 122 20.83 -16.07 -19.25
C VAL J 122 21.55 -16.34 -20.56
N PRO J 123 21.51 -17.57 -21.08
CA PRO J 123 22.24 -17.86 -22.32
C PRO J 123 21.67 -17.08 -23.49
N THR J 124 22.55 -16.35 -24.18
CA THR J 124 22.13 -15.54 -25.31
C THR J 124 21.75 -16.38 -26.52
N ASN J 125 22.41 -17.53 -26.73
CA ASN J 125 22.04 -18.40 -27.82
C ASN J 125 20.64 -18.98 -27.63
N SER J 126 20.32 -19.40 -26.41
CA SER J 126 18.98 -19.91 -26.14
C SER J 126 17.93 -18.81 -26.23
N THR J 127 18.26 -17.61 -25.75
CA THR J 127 17.34 -16.49 -25.90
C THR J 127 17.10 -16.18 -27.37
N ALA J 128 18.15 -16.20 -28.18
CA ALA J 128 18.01 -15.96 -29.61
C ALA J 128 17.16 -17.05 -30.26
N ARG J 129 17.33 -18.30 -29.84
CA ARG J 129 16.52 -19.37 -30.38
C ARG J 129 15.05 -19.21 -30.02
N ALA J 130 14.76 -18.86 -28.77
CA ALA J 130 13.38 -18.63 -28.37
C ALA J 130 12.77 -17.45 -29.13
N VAL J 131 13.55 -16.39 -29.30
CA VAL J 131 13.06 -15.22 -30.03
C VAL J 131 12.83 -15.57 -31.50
N SER J 132 13.68 -16.42 -32.08
CA SER J 132 13.50 -16.82 -33.47
C SER J 132 12.29 -17.72 -33.64
N ILE J 133 12.00 -18.59 -32.67
CA ILE J 133 10.78 -19.38 -32.74
C ILE J 133 9.57 -18.48 -32.59
N MET J 134 9.63 -17.49 -31.69
CA MET J 134 8.60 -16.46 -31.61
C MET J 134 8.43 -15.77 -32.95
N LYS J 135 9.54 -15.47 -33.63
CA LYS J 135 9.49 -14.79 -34.92
C LYS J 135 8.76 -15.64 -35.95
N SER J 136 9.12 -16.93 -36.03
CA SER J 136 8.49 -17.81 -37.00
C SER J 136 7.00 -17.95 -36.72
N SER J 137 6.63 -18.19 -35.46
CA SER J 137 5.23 -18.35 -35.11
C SER J 137 4.44 -17.07 -35.34
N ALA J 138 5.02 -15.93 -34.94
CA ALA J 138 4.34 -14.66 -35.12
C ALA J 138 4.16 -14.34 -36.60
N VAL J 139 5.18 -14.59 -37.42
CA VAL J 139 5.07 -14.36 -38.85
C VAL J 139 4.00 -15.26 -39.46
N ALA J 140 3.94 -16.52 -39.02
CA ALA J 140 2.90 -17.41 -39.49
C ALA J 140 1.51 -16.88 -39.11
N PHE J 141 1.37 -16.36 -37.90
CA PHE J 141 0.09 -15.80 -37.48
C PHE J 141 -0.26 -14.54 -38.27
N ILE J 142 0.75 -13.73 -38.61
CA ILE J 142 0.52 -12.55 -39.44
C ILE J 142 -0.03 -12.96 -40.81
N SER J 143 0.60 -13.96 -41.42
CA SER J 143 0.22 -14.44 -42.73
C SER J 143 -0.91 -15.46 -42.67
N ASN J 144 -1.43 -15.75 -41.47
CA ASN J 144 -2.51 -16.71 -41.27
C ASN J 144 -2.12 -18.09 -41.81
N THR J 145 -0.84 -18.44 -41.66
CA THR J 145 -0.32 -19.74 -42.08
C THR J 145 -0.05 -20.64 -40.89
N ALA J 146 -0.56 -20.31 -39.72
CA ALA J 146 -0.41 -21.18 -38.55
C ALA J 146 -1.23 -22.44 -38.75
N PRO J 147 -0.62 -23.63 -38.68
CA PRO J 147 -1.36 -24.85 -39.00
C PRO J 147 -2.55 -25.13 -38.10
N GLN J 148 -2.46 -24.80 -36.81
CA GLN J 148 -3.47 -25.20 -35.84
C GLN J 148 -4.39 -24.06 -35.42
N ARG J 149 -4.27 -22.88 -36.01
CA ARG J 149 -5.14 -21.77 -35.65
C ARG J 149 -5.20 -20.81 -36.83
N LYS J 150 -6.38 -20.65 -37.41
CA LYS J 150 -6.61 -19.73 -38.51
C LYS J 150 -7.57 -18.63 -38.05
N MET J 151 -7.26 -17.40 -38.45
CA MET J 151 -8.07 -16.24 -38.09
C MET J 151 -8.65 -15.65 -39.38
N ALA J 152 -9.95 -15.37 -39.36
CA ALA J 152 -10.66 -14.89 -40.54
C ALA J 152 -10.27 -13.44 -40.80
N THR J 153 -9.51 -13.21 -41.86
CA THR J 153 -9.13 -11.87 -42.29
C THR J 153 -9.38 -11.73 -43.78
N ALA J 154 -9.30 -10.50 -44.26
CA ALA J 154 -9.43 -10.25 -45.69
C ALA J 154 -8.19 -10.75 -46.42
N ALA J 155 -8.42 -11.32 -47.60
CA ALA J 155 -7.32 -11.81 -48.42
C ALA J 155 -6.46 -10.66 -48.93
N GLY J 156 -5.16 -10.81 -48.79
CA GLY J 156 -4.24 -9.77 -49.24
C GLY J 156 -2.83 -10.13 -48.88
N ASP J 157 -1.91 -9.27 -49.30
CA ASP J 157 -0.48 -9.46 -49.06
C ASP J 157 -0.11 -8.75 -47.76
N CYS J 158 0.10 -9.53 -46.70
CA CYS J 158 0.60 -9.01 -45.44
C CYS J 158 2.08 -9.30 -45.25
N SER J 159 2.79 -9.59 -46.34
CA SER J 159 4.21 -9.91 -46.24
C SER J 159 5.02 -8.72 -45.72
N ALA J 160 4.55 -7.49 -45.96
CA ALA J 160 5.24 -6.33 -45.39
C ALA J 160 5.18 -6.35 -43.87
N LEU J 161 4.01 -6.65 -43.31
CA LEU J 161 3.89 -6.69 -41.85
C LEU J 161 4.60 -7.90 -41.27
N SER J 162 4.57 -9.03 -41.98
CA SER J 162 5.31 -10.20 -41.53
C SER J 162 6.81 -9.92 -41.52
N SER J 163 7.31 -9.22 -42.55
CA SER J 163 8.72 -8.84 -42.57
C SER J 163 9.03 -7.81 -41.50
N GLU J 164 8.08 -6.94 -41.17
CA GLU J 164 8.28 -6.00 -40.06
C GLU J 164 8.41 -6.74 -38.74
N VAL J 165 7.55 -7.74 -38.51
CA VAL J 165 7.64 -8.54 -37.30
C VAL J 165 8.96 -9.29 -37.25
N ALA J 166 9.37 -9.85 -38.39
CA ALA J 166 10.66 -10.53 -38.47
C ALA J 166 11.80 -9.57 -38.16
N SER J 167 11.71 -8.33 -38.65
CA SER J 167 12.75 -7.35 -38.39
C SER J 167 12.80 -6.97 -36.92
N TYR J 168 11.65 -6.84 -36.26
CA TYR J 168 11.64 -6.53 -34.83
C TYR J 168 12.23 -7.69 -34.03
N CYS J 169 11.88 -8.92 -34.38
CA CYS J 169 12.46 -10.06 -33.69
C CYS J 169 13.95 -10.19 -33.96
N ASP J 170 14.39 -9.85 -35.17
CA ASP J 170 15.82 -9.86 -35.47
C ASP J 170 16.55 -8.76 -34.71
N LYS J 171 15.90 -7.63 -34.50
CA LYS J 171 16.47 -6.60 -33.64
C LYS J 171 16.62 -7.10 -32.21
N VAL J 172 15.61 -7.83 -31.73
CA VAL J 172 15.70 -8.43 -30.40
C VAL J 172 16.87 -9.40 -30.33
N SER J 173 17.00 -10.25 -31.35
CA SER J 173 18.07 -11.25 -31.36
C SER J 173 19.45 -10.61 -31.44
N ALA J 174 19.58 -9.55 -32.26
CA ALA J 174 20.86 -8.87 -32.37
C ALA J 174 21.20 -8.11 -31.10
N ALA J 175 20.18 -7.58 -30.41
CA ALA J 175 20.41 -6.84 -29.18
C ALA J 175 21.04 -7.71 -28.10
N ILE J 176 20.58 -8.95 -27.97
CA ILE J 176 21.10 -9.84 -26.95
C ILE J 176 22.34 -10.57 -27.44
N MET K 1 7.54 -7.91 21.53
CA MET K 1 8.33 -8.71 22.46
C MET K 1 9.04 -9.83 21.73
N LYS K 2 10.33 -9.64 21.46
CA LYS K 2 11.09 -10.62 20.70
C LYS K 2 11.22 -11.92 21.48
N SER K 3 10.80 -13.01 20.85
CA SER K 3 11.02 -14.36 21.35
C SER K 3 11.09 -15.27 20.14
N VAL K 4 11.20 -16.58 20.39
CA VAL K 4 11.20 -17.53 19.29
C VAL K 4 9.88 -17.46 18.54
N ILE K 5 8.78 -17.56 19.27
CA ILE K 5 7.46 -17.60 18.65
C ILE K 5 7.18 -16.31 17.89
N THR K 6 7.43 -15.17 18.55
CA THR K 6 7.18 -13.89 17.89
C THR K 6 8.08 -13.68 16.69
N THR K 7 9.35 -14.09 16.77
CA THR K 7 10.25 -13.95 15.63
C THR K 7 9.74 -14.75 14.42
N THR K 8 9.44 -16.03 14.64
CA THR K 8 8.99 -16.86 13.51
C THR K 8 7.65 -16.39 12.97
N ILE K 9 6.71 -16.02 13.85
CA ILE K 9 5.40 -15.56 13.38
C ILE K 9 5.54 -14.26 12.62
N SER K 10 6.40 -13.34 13.10
CA SER K 10 6.61 -12.09 12.40
C SER K 10 7.24 -12.31 11.03
N ALA K 11 8.19 -13.24 10.95
CA ALA K 11 8.79 -13.55 9.64
C ALA K 11 7.75 -14.12 8.68
N ALA K 12 6.92 -15.06 9.17
CA ALA K 12 5.88 -15.64 8.33
C ALA K 12 4.86 -14.59 7.89
N ASP K 13 4.49 -13.67 8.79
CA ASP K 13 3.55 -12.61 8.45
C ASP K 13 4.16 -11.65 7.44
N ALA K 14 5.45 -11.33 7.58
CA ALA K 14 6.12 -10.48 6.60
C ALA K 14 6.14 -11.14 5.23
N ALA K 15 6.36 -12.45 5.19
CA ALA K 15 6.25 -13.20 3.96
C ALA K 15 4.81 -13.61 3.64
N GLY K 16 3.87 -13.32 4.53
CA GLY K 16 2.46 -13.62 4.30
C GLY K 16 2.16 -15.10 4.15
N ARG K 17 2.77 -15.94 5.00
CA ARG K 17 2.62 -17.38 4.89
C ARG K 17 2.12 -17.96 6.21
N PHE K 18 1.44 -19.10 6.11
CA PHE K 18 1.06 -19.85 7.28
C PHE K 18 2.30 -20.39 7.99
N PRO K 19 2.20 -20.67 9.29
CA PRO K 19 3.32 -21.31 9.99
C PRO K 19 3.69 -22.63 9.32
N SER K 20 4.94 -22.71 8.87
CA SER K 20 5.45 -23.85 8.15
C SER K 20 6.26 -24.74 9.09
N SER K 21 6.95 -25.72 8.52
CA SER K 21 7.72 -26.66 9.33
C SER K 21 8.78 -25.95 10.17
N SER K 22 9.43 -24.93 9.59
CA SER K 22 10.47 -24.21 10.33
C SER K 22 9.91 -23.48 11.54
N ASP K 23 8.71 -22.89 11.42
CA ASP K 23 8.11 -22.18 12.55
C ASP K 23 7.80 -23.15 13.68
N LEU K 24 7.16 -24.28 13.36
CA LEU K 24 6.87 -25.29 14.38
C LEU K 24 8.16 -25.82 14.99
N GLU K 25 9.21 -25.95 14.18
CA GLU K 25 10.49 -26.44 14.68
C GLU K 25 11.12 -25.46 15.67
N SER K 26 11.04 -24.17 15.36
CA SER K 26 11.53 -23.15 16.30
C SER K 26 10.74 -23.19 17.60
N VAL K 27 9.41 -23.34 17.51
CA VAL K 27 8.60 -23.45 18.72
C VAL K 27 8.97 -24.71 19.50
N GLN K 28 9.34 -25.78 18.79
CA GLN K 28 9.82 -26.98 19.47
C GLN K 28 11.10 -26.69 20.23
N GLY K 29 11.98 -25.86 19.66
CA GLY K 29 13.16 -25.43 20.40
C GLY K 29 12.81 -24.62 21.62
N ASN K 30 11.80 -23.77 21.51
CA ASN K 30 11.26 -23.09 22.69
C ASN K 30 10.85 -24.10 23.75
N ILE K 31 10.18 -25.17 23.33
CA ILE K 31 9.76 -26.22 24.25
C ILE K 31 10.96 -26.85 24.93
N GLN K 32 12.00 -27.16 24.14
CA GLN K 32 13.18 -27.83 24.69
C GLN K 32 13.92 -26.95 25.69
N ARG K 33 14.08 -25.67 25.39
CA ARG K 33 14.89 -24.77 26.22
C ARG K 33 14.10 -24.12 27.34
N ALA K 34 12.77 -24.24 27.31
CA ALA K 34 11.94 -23.63 28.34
C ALA K 34 12.26 -24.17 29.72
N ALA K 35 12.61 -25.44 29.85
CA ALA K 35 12.93 -25.99 31.16
C ALA K 35 14.06 -25.20 31.81
N SER K 36 15.17 -25.04 31.09
CA SER K 36 16.32 -24.33 31.66
C SER K 36 15.99 -22.86 31.92
N ARG K 37 15.40 -22.18 30.93
CA ARG K 37 15.20 -20.74 31.12
C ARG K 37 14.15 -20.45 32.17
N LEU K 38 13.13 -21.32 32.30
CA LEU K 38 12.13 -21.14 33.34
C LEU K 38 12.66 -21.52 34.72
N GLU K 39 13.58 -22.48 34.81
CA GLU K 39 14.25 -22.71 36.08
C GLU K 39 15.04 -21.48 36.51
N ALA K 40 15.76 -20.88 35.56
CA ALA K 40 16.48 -19.65 35.86
C ALA K 40 15.54 -18.54 36.29
N ALA K 41 14.41 -18.41 35.58
CA ALA K 41 13.44 -17.37 35.91
C ALA K 41 12.84 -17.60 37.30
N GLU K 42 12.52 -18.86 37.63
CA GLU K 42 11.97 -19.16 38.94
C GLU K 42 12.96 -18.85 40.05
N LYS K 43 14.22 -19.25 39.87
CA LYS K 43 15.23 -18.97 40.88
C LYS K 43 15.42 -17.46 41.06
N LEU K 44 15.48 -16.73 39.95
CA LEU K 44 15.65 -15.28 40.04
C LEU K 44 14.46 -14.61 40.69
N ALA K 45 13.25 -15.07 40.37
CA ALA K 45 12.06 -14.50 40.98
C ALA K 45 11.98 -14.81 42.47
N GLY K 46 12.47 -15.98 42.88
CA GLY K 46 12.44 -16.34 44.29
C GLY K 46 13.53 -15.68 45.11
N ASN K 47 14.68 -15.36 44.51
CA ASN K 47 15.78 -14.78 45.26
C ASN K 47 16.22 -13.42 44.70
N HIS K 48 15.31 -12.68 44.08
CA HIS K 48 15.72 -11.45 43.41
C HIS K 48 16.12 -10.36 44.39
N GLU K 49 15.45 -10.27 45.55
CA GLU K 49 15.74 -9.20 46.50
C GLU K 49 17.19 -9.26 46.96
N ALA K 50 17.65 -10.45 47.34
CA ALA K 50 19.06 -10.61 47.71
C ALA K 50 19.98 -10.32 46.55
N VAL K 51 19.63 -10.83 45.36
CA VAL K 51 20.46 -10.61 44.18
C VAL K 51 20.56 -9.14 43.84
N VAL K 52 19.43 -8.42 43.92
CA VAL K 52 19.41 -7.00 43.59
C VAL K 52 20.21 -6.19 44.61
N LYS K 53 19.96 -6.44 45.90
CA LYS K 53 20.71 -5.75 46.95
C LYS K 53 22.20 -5.99 46.79
N GLU K 54 22.57 -7.21 46.41
CA GLU K 54 23.97 -7.60 46.35
C GLU K 54 24.66 -7.02 45.11
N ALA K 55 23.94 -6.98 43.98
CA ALA K 55 24.45 -6.29 42.81
C ALA K 55 24.62 -4.80 43.07
N GLY K 56 23.69 -4.19 43.80
CA GLY K 56 23.84 -2.79 44.15
C GLY K 56 25.01 -2.53 45.07
N ASP K 57 25.21 -3.41 46.06
CA ASP K 57 26.36 -3.29 46.93
C ASP K 57 27.66 -3.41 46.14
N ALA K 58 27.72 -4.34 45.20
CA ALA K 58 28.91 -4.48 44.36
C ALA K 58 29.12 -3.23 43.51
N CYS K 59 28.04 -2.69 42.94
CA CYS K 59 28.14 -1.51 42.10
C CYS K 59 28.70 -0.33 42.89
N PHE K 60 28.20 -0.12 44.11
CA PHE K 60 28.69 1.00 44.91
C PHE K 60 30.03 0.73 45.56
N ALA K 61 30.42 -0.54 45.70
CA ALA K 61 31.76 -0.84 46.19
C ALA K 61 32.81 -0.63 45.12
N LYS K 62 32.49 -0.97 43.87
CA LYS K 62 33.42 -0.72 42.77
C LYS K 62 33.54 0.76 42.46
N TYR K 63 32.48 1.53 42.66
CA TYR K 63 32.44 2.96 42.34
C TYR K 63 31.95 3.75 43.56
N PRO K 64 32.78 3.85 44.60
CA PRO K 64 32.39 4.67 45.75
C PRO K 64 32.27 6.15 45.43
N TYR K 65 32.85 6.60 44.31
CA TYR K 65 32.71 8.00 43.91
C TYR K 65 31.28 8.38 43.61
N LEU K 66 30.40 7.41 43.40
CA LEU K 66 28.99 7.70 43.12
C LEU K 66 28.30 8.36 44.31
N LYS K 67 28.83 8.19 45.52
CA LYS K 67 28.27 8.85 46.70
C LYS K 67 28.68 10.31 46.81
N ASN K 68 29.65 10.76 46.02
CA ASN K 68 30.10 12.14 46.09
C ASN K 68 29.00 13.08 45.61
N PRO K 69 28.90 14.29 46.16
CA PRO K 69 27.87 15.23 45.72
C PRO K 69 27.98 15.54 44.24
N GLY K 70 26.83 15.66 43.59
CA GLY K 70 26.77 15.87 42.16
C GLY K 70 26.79 14.61 41.33
N GLU K 71 26.97 13.45 41.95
CA GLU K 71 27.02 12.18 41.25
C GLU K 71 25.75 11.38 41.51
N ALA K 72 25.48 10.43 40.62
CA ALA K 72 24.37 9.52 40.82
C ALA K 72 24.61 8.69 42.07
N GLY K 73 23.68 8.76 43.02
CA GLY K 73 23.86 8.12 44.30
C GLY K 73 24.40 9.01 45.39
N ASP K 74 24.43 10.32 45.20
CA ASP K 74 24.89 11.25 46.22
C ASP K 74 23.93 11.40 47.39
N SER K 75 22.72 10.85 47.27
CA SER K 75 21.73 10.88 48.33
C SER K 75 21.15 9.48 48.49
N GLN K 76 20.56 9.23 49.66
CA GLN K 76 19.93 7.94 49.91
C GLN K 76 18.79 7.69 48.93
N GLU K 77 18.10 8.75 48.50
CA GLU K 77 17.07 8.62 47.48
C GLU K 77 17.65 8.08 46.18
N LYS K 78 18.78 8.62 45.75
CA LYS K 78 19.39 8.17 44.51
C LYS K 78 20.02 6.79 44.65
N ILE K 79 20.52 6.44 45.83
CA ILE K 79 21.02 5.08 46.06
C ILE K 79 19.86 4.07 45.97
N ASN K 80 18.73 4.42 46.60
CA ASN K 80 17.56 3.56 46.50
C ASN K 80 17.07 3.47 45.06
N LYS K 81 17.18 4.56 44.31
CA LYS K 81 16.83 4.50 42.89
C LYS K 81 17.80 3.60 42.11
N CYS K 82 19.08 3.59 42.50
CA CYS K 82 20.03 2.66 41.89
C CYS K 82 19.63 1.22 42.14
N TYR K 83 19.31 0.89 43.38
CA TYR K 83 18.87 -0.47 43.70
C TYR K 83 17.56 -0.80 42.99
N ARG K 84 16.67 0.18 42.87
CA ARG K 84 15.42 -0.02 42.15
C ARG K 84 15.68 -0.26 40.66
N ASP K 85 16.65 0.43 40.09
CA ASP K 85 17.01 0.20 38.68
C ASP K 85 17.58 -1.19 38.48
N ILE K 86 18.43 -1.63 39.40
CA ILE K 86 18.96 -2.99 39.32
C ILE K 86 17.83 -4.01 39.47
N ASP K 87 16.86 -3.71 40.34
CA ASP K 87 15.69 -4.56 40.47
C ASP K 87 14.88 -4.59 39.18
N HIS K 88 14.72 -3.43 38.53
CA HIS K 88 14.02 -3.38 37.25
C HIS K 88 14.71 -4.22 36.20
N TYR K 89 16.04 -4.13 36.13
CA TYR K 89 16.79 -4.92 35.18
C TYR K 89 16.70 -6.40 35.48
N MET K 90 16.78 -6.78 36.76
CA MET K 90 16.65 -8.19 37.11
C MET K 90 15.26 -8.72 36.81
N ARG K 91 14.23 -7.90 37.01
CA ARG K 91 12.88 -8.29 36.65
C ARG K 91 12.73 -8.44 35.14
N LEU K 92 13.36 -7.55 34.38
CA LEU K 92 13.34 -7.68 32.92
C LEU K 92 14.12 -8.90 32.47
N ILE K 93 15.19 -9.26 33.17
CA ILE K 93 15.91 -10.49 32.87
C ILE K 93 15.05 -11.71 33.16
N ASN K 94 14.32 -11.67 34.28
CA ASN K 94 13.36 -12.72 34.57
C ASN K 94 12.32 -12.83 33.47
N TYR K 95 11.82 -11.69 32.99
CA TYR K 95 10.87 -11.67 31.88
C TYR K 95 11.49 -12.27 30.62
N SER K 96 12.75 -11.93 30.34
CA SER K 96 13.42 -12.46 29.16
C SER K 96 13.57 -13.98 29.25
N LEU K 97 13.92 -14.48 30.43
CA LEU K 97 13.99 -15.93 30.64
C LEU K 97 12.63 -16.57 30.46
N VAL K 98 11.57 -15.91 30.94
CA VAL K 98 10.22 -16.45 30.81
C VAL K 98 9.81 -16.53 29.35
N VAL K 99 10.03 -15.46 28.58
CA VAL K 99 9.62 -15.44 27.18
C VAL K 99 10.63 -16.16 26.30
N GLY K 100 11.86 -16.38 26.77
CA GLY K 100 12.87 -17.00 25.94
C GLY K 100 13.50 -16.09 24.91
N GLY K 101 13.40 -14.77 25.10
CA GLY K 101 14.00 -13.83 24.18
C GLY K 101 14.28 -12.52 24.90
N THR K 102 15.06 -11.68 24.23
CA THR K 102 15.47 -10.40 24.80
C THR K 102 14.38 -9.34 24.71
N GLY K 103 13.20 -9.69 24.21
CA GLY K 103 12.11 -8.75 24.01
C GLY K 103 11.84 -7.81 25.16
N PRO K 104 11.51 -8.35 26.34
CA PRO K 104 11.23 -7.47 27.48
C PRO K 104 12.38 -6.52 27.79
N LEU K 105 13.61 -7.04 27.78
CA LEU K 105 14.76 -6.17 27.99
C LEU K 105 14.85 -5.11 26.91
N ASP K 106 14.81 -5.53 25.64
CA ASP K 106 14.93 -4.60 24.51
C ASP K 106 13.94 -3.46 24.62
N GLU K 107 12.68 -3.77 24.91
CA GLU K 107 11.64 -2.74 24.87
C GLU K 107 11.50 -1.95 26.16
N TRP K 108 11.89 -2.51 27.31
CA TRP K 108 11.59 -1.84 28.57
C TRP K 108 12.81 -1.37 29.36
N GLY K 109 13.99 -1.92 29.11
CA GLY K 109 15.15 -1.51 29.88
C GLY K 109 16.32 -1.01 29.06
N ILE K 110 16.38 -1.42 27.79
CA ILE K 110 17.51 -1.09 26.92
C ILE K 110 17.17 0.05 25.98
N ALA K 111 16.04 -0.02 25.31
CA ALA K 111 15.63 1.05 24.40
C ALA K 111 15.54 2.37 25.16
N GLY K 112 16.29 3.36 24.69
CA GLY K 112 16.31 4.67 25.30
C GLY K 112 17.09 4.76 26.60
N ALA K 113 17.57 3.63 27.13
CA ALA K 113 18.36 3.69 28.36
C ALA K 113 19.62 4.51 28.18
N ARG K 114 20.20 4.47 26.98
CA ARG K 114 21.39 5.26 26.69
C ARG K 114 21.12 6.74 26.87
N GLU K 115 20.04 7.25 26.25
CA GLU K 115 19.69 8.66 26.38
C GLU K 115 19.30 9.01 27.80
N VAL K 116 18.57 8.12 28.47
CA VAL K 116 18.15 8.38 29.85
C VAL K 116 19.37 8.51 30.75
N TYR K 117 20.32 7.58 30.62
CA TYR K 117 21.48 7.57 31.50
C TYR K 117 22.42 8.72 31.20
N ARG K 118 22.53 9.11 29.93
CA ARG K 118 23.32 10.29 29.59
C ARG K 118 22.68 11.55 30.16
N ALA K 119 21.36 11.67 30.06
CA ALA K 119 20.67 12.86 30.53
C ALA K 119 20.72 12.96 32.05
N LEU K 120 20.64 11.83 32.75
CA LEU K 120 20.59 11.81 34.20
C LEU K 120 21.94 11.53 34.84
N ASN K 121 23.02 11.56 34.06
CA ASN K 121 24.37 11.35 34.57
C ASN K 121 24.49 10.01 35.29
N LEU K 122 23.91 8.97 34.68
CA LEU K 122 24.03 7.63 35.24
C LEU K 122 25.07 6.88 34.42
N PRO K 123 26.28 6.67 34.93
CA PRO K 123 27.30 5.98 34.14
C PRO K 123 26.91 4.53 33.88
N GLY K 124 27.11 4.10 32.64
CA GLY K 124 26.83 2.72 32.30
C GLY K 124 27.76 1.74 32.98
N SER K 125 28.95 2.21 33.39
CA SER K 125 29.90 1.34 34.07
C SER K 125 29.34 0.82 35.40
N SER K 126 28.52 1.62 36.07
CA SER K 126 27.93 1.16 37.34
C SER K 126 26.96 0.02 37.12
N TYR K 127 26.04 0.18 36.15
CA TYR K 127 25.14 -0.91 35.80
C TYR K 127 25.93 -2.14 35.36
N ILE K 128 26.96 -1.93 34.54
CA ILE K 128 27.78 -3.04 34.07
C ILE K 128 28.44 -3.75 35.23
N ALA K 129 28.92 -2.98 36.22
CA ALA K 129 29.53 -3.59 37.40
C ALA K 129 28.52 -4.44 38.15
N ALA K 130 27.30 -3.93 38.34
CA ALA K 130 26.27 -4.70 39.03
C ALA K 130 25.98 -6.00 38.30
N PHE K 131 25.81 -5.93 36.98
CA PHE K 131 25.43 -7.12 36.22
C PHE K 131 26.59 -8.10 36.07
N VAL K 132 27.82 -7.60 35.95
CA VAL K 132 28.98 -8.47 35.90
C VAL K 132 29.16 -9.19 37.23
N PHE K 133 28.94 -8.48 38.34
CA PHE K 133 28.99 -9.14 39.65
C PHE K 133 27.92 -10.21 39.75
N THR K 134 26.70 -9.91 39.29
CA THR K 134 25.64 -10.91 39.34
C THR K 134 25.98 -12.13 38.48
N ARG K 135 26.57 -11.89 37.31
CA ARG K 135 26.90 -12.98 36.40
C ARG K 135 28.01 -13.86 36.97
N ASP K 136 29.10 -13.25 37.43
CA ASP K 136 30.23 -14.01 37.96
C ASP K 136 29.94 -14.58 39.35
N ARG K 137 28.92 -14.07 40.04
CA ARG K 137 28.56 -14.56 41.36
C ARG K 137 27.81 -15.88 41.29
N LEU K 138 27.08 -16.11 40.20
CA LEU K 138 26.32 -17.34 40.03
C LEU K 138 27.24 -18.56 40.04
N CYS K 139 26.77 -19.64 40.65
CA CYS K 139 27.55 -20.86 40.81
C CYS K 139 26.67 -22.06 40.44
N VAL K 140 27.28 -23.03 39.78
CA VAL K 140 26.58 -24.19 39.22
C VAL K 140 27.08 -25.44 39.94
N PRO K 141 26.21 -26.36 40.36
CA PRO K 141 24.74 -26.32 40.31
C PRO K 141 24.19 -25.64 41.54
N ARG K 142 25.08 -24.84 42.14
CA ARG K 142 24.86 -24.27 43.45
C ARG K 142 23.59 -23.43 43.49
N ASP K 143 23.46 -22.50 42.54
CA ASP K 143 22.30 -21.61 42.47
C ASP K 143 21.26 -22.06 41.48
N MET K 144 21.67 -22.70 40.38
CA MET K 144 20.75 -23.21 39.38
C MET K 144 21.51 -24.22 38.52
N SER K 145 20.76 -24.95 37.69
CA SER K 145 21.37 -25.94 36.82
C SER K 145 22.29 -25.27 35.80
N ALA K 146 23.07 -26.10 35.10
CA ALA K 146 24.06 -25.56 34.17
C ALA K 146 23.39 -24.75 33.06
N GLN K 147 22.31 -25.26 32.48
CA GLN K 147 21.67 -24.57 31.37
C GLN K 147 20.83 -23.40 31.84
N ALA K 148 20.19 -23.50 33.01
CA ALA K 148 19.56 -22.32 33.60
C ALA K 148 20.59 -21.23 33.84
N ALA K 149 21.78 -21.62 34.29
CA ALA K 149 22.87 -20.65 34.45
C ALA K 149 23.29 -20.07 33.11
N VAL K 150 23.31 -20.90 32.05
CA VAL K 150 23.67 -20.40 30.73
C VAL K 150 22.68 -19.32 30.29
N GLU K 151 21.39 -19.58 30.47
CA GLU K 151 20.38 -18.59 30.08
C GLU K 151 20.45 -17.33 30.94
N PHE K 152 20.64 -17.49 32.24
CA PHE K 152 20.71 -16.34 33.14
C PHE K 152 21.92 -15.47 32.80
N SER K 153 23.09 -16.10 32.63
CA SER K 153 24.29 -15.36 32.26
C SER K 153 24.17 -14.77 30.85
N GLY K 154 23.46 -15.44 29.96
CA GLY K 154 23.25 -14.87 28.63
C GLY K 154 22.42 -13.61 28.67
N ALA K 155 21.36 -13.63 29.47
CA ALA K 155 20.56 -12.41 29.65
C ALA K 155 21.40 -11.30 30.27
N LEU K 156 22.18 -11.63 31.29
CA LEU K 156 23.03 -10.62 31.93
C LEU K 156 24.06 -10.06 30.95
N ASP K 157 24.67 -10.93 30.15
CA ASP K 157 25.64 -10.49 29.16
C ASP K 157 24.99 -9.64 28.08
N TYR K 158 23.75 -9.96 27.72
CA TYR K 158 23.02 -9.12 26.77
C TYR K 158 22.80 -7.73 27.34
N VAL K 159 22.42 -7.65 28.61
CA VAL K 159 22.25 -6.34 29.25
C VAL K 159 23.59 -5.58 29.26
N ILE K 160 24.67 -6.27 29.62
CA ILE K 160 25.98 -5.62 29.68
C ILE K 160 26.38 -5.10 28.31
N ASN K 161 26.22 -5.93 27.28
CA ASN K 161 26.55 -5.52 25.92
C ASN K 161 25.68 -4.36 25.47
N SER K 162 24.42 -4.32 25.91
CA SER K 162 23.58 -3.17 25.64
C SER K 162 24.09 -1.92 26.35
N LEU K 163 24.77 -2.08 27.48
CA LEU K 163 25.32 -0.94 28.21
C LEU K 163 26.75 -0.59 27.83
N CYS K 164 27.43 -1.44 27.05
CA CYS K 164 28.81 -1.15 26.67
C CYS K 164 28.98 -1.19 25.15
N MET L 1 20.15 -16.39 2.05
CA MET L 1 21.29 -16.97 2.76
C MET L 1 21.13 -18.48 2.91
N LEU L 2 22.24 -19.17 3.04
CA LEU L 2 22.26 -20.62 3.21
C LEU L 2 22.90 -20.99 4.54
N ASP L 3 22.41 -22.09 5.11
CA ASP L 3 23.03 -22.72 6.26
C ASP L 3 23.71 -24.02 5.81
N ALA L 4 24.22 -24.78 6.77
CA ALA L 4 24.90 -26.03 6.43
C ALA L 4 23.95 -26.99 5.72
N PHE L 5 22.71 -27.11 6.22
CA PHE L 5 21.72 -27.95 5.57
C PHE L 5 21.35 -27.39 4.20
N SER L 6 21.16 -26.08 4.12
CA SER L 6 20.89 -25.45 2.83
C SER L 6 22.07 -25.59 1.89
N ARG L 7 23.30 -25.51 2.40
CA ARG L 7 24.48 -25.71 1.57
C ARG L 7 24.51 -27.12 1.01
N VAL L 8 24.21 -28.12 1.85
CA VAL L 8 24.17 -29.51 1.40
C VAL L 8 23.10 -29.69 0.34
N VAL L 9 21.93 -29.08 0.54
CA VAL L 9 20.84 -29.18 -0.42
C VAL L 9 21.23 -28.54 -1.75
N VAL L 10 21.87 -27.37 -1.70
CA VAL L 10 22.31 -26.69 -2.91
C VAL L 10 23.32 -27.54 -3.66
N ASN L 11 24.27 -28.14 -2.93
CA ASN L 11 25.24 -29.02 -3.56
C ASN L 11 24.56 -30.22 -4.20
N SER L 12 23.58 -30.80 -3.52
CA SER L 12 22.84 -31.92 -4.09
C SER L 12 21.98 -31.50 -5.26
N ASP L 13 21.45 -30.28 -5.23
CA ASP L 13 20.60 -29.81 -6.32
C ASP L 13 21.38 -29.63 -7.61
N SER L 14 22.67 -29.30 -7.52
CA SER L 14 23.49 -29.14 -8.72
C SER L 14 23.56 -30.44 -9.51
N LYS L 15 23.46 -31.57 -8.85
CA LYS L 15 23.46 -32.88 -9.50
C LYS L 15 22.04 -33.44 -9.68
N ALA L 16 21.02 -32.66 -9.35
CA ALA L 16 19.63 -33.14 -9.34
C ALA L 16 19.53 -34.43 -8.55
N ALA L 17 20.22 -34.49 -7.42
CA ALA L 17 20.31 -35.71 -6.62
C ALA L 17 19.68 -35.49 -5.26
N TYR L 18 19.02 -36.52 -4.77
CA TYR L 18 18.54 -36.50 -3.39
C TYR L 18 19.74 -36.47 -2.46
N VAL L 19 19.54 -35.90 -1.27
CA VAL L 19 20.66 -35.73 -0.33
C VAL L 19 21.21 -37.10 0.02
N SER L 20 22.50 -37.29 -0.25
CA SER L 20 23.13 -38.59 -0.13
C SER L 20 23.28 -39.00 1.33
N GLY L 21 23.65 -40.27 1.53
CA GLY L 21 23.87 -40.77 2.88
C GLY L 21 25.05 -40.10 3.55
N SER L 22 26.12 -39.83 2.81
CA SER L 22 27.27 -39.15 3.39
C SER L 22 26.92 -37.73 3.80
N ASP L 23 26.18 -37.01 2.97
CA ASP L 23 25.74 -35.66 3.32
C ASP L 23 24.79 -35.69 4.52
N LEU L 24 23.90 -36.68 4.57
CA LEU L 24 23.01 -36.81 5.70
C LEU L 24 23.78 -37.08 6.99
N GLN L 25 24.82 -37.92 6.91
CA GLN L 25 25.65 -38.19 8.07
C GLN L 25 26.42 -36.95 8.51
N ALA L 26 26.91 -36.17 7.55
CA ALA L 26 27.59 -34.91 7.88
C ALA L 26 26.65 -33.96 8.59
N LEU L 27 25.41 -33.86 8.11
CA LEU L 27 24.44 -32.98 8.76
C LEU L 27 24.00 -33.53 10.12
N LYS L 28 23.97 -34.85 10.27
CA LYS L 28 23.71 -35.43 11.59
C LYS L 28 24.84 -35.11 12.56
N THR L 29 26.09 -35.12 12.08
CA THR L 29 27.21 -34.67 12.91
C THR L 29 27.06 -33.19 13.27
N PHE L 30 26.61 -32.38 12.31
CA PHE L 30 26.32 -30.97 12.59
C PHE L 30 25.29 -30.84 13.70
N ILE L 31 24.24 -31.66 13.65
CA ILE L 31 23.18 -31.59 14.66
C ILE L 31 23.70 -32.07 16.02
N ALA L 32 24.47 -33.16 16.02
CA ALA L 32 25.01 -33.67 17.28
C ALA L 32 25.96 -32.68 17.93
N ASP L 33 26.71 -31.93 17.13
CA ASP L 33 27.52 -30.83 17.62
C ASP L 33 26.72 -29.54 17.72
N GLY L 34 25.40 -29.60 17.49
CA GLY L 34 24.59 -28.40 17.52
C GLY L 34 24.60 -27.72 18.88
N ASN L 35 24.57 -28.50 19.96
CA ASN L 35 24.70 -27.90 21.29
C ASN L 35 26.05 -27.23 21.46
N LYS L 36 27.12 -27.86 20.96
CA LYS L 36 28.43 -27.22 20.95
C LYS L 36 28.42 -25.94 20.14
N ARG L 37 27.73 -25.96 18.99
CA ARG L 37 27.67 -24.77 18.14
C ARG L 37 26.94 -23.63 18.84
N LEU L 38 25.84 -23.94 19.53
CA LEU L 38 25.13 -22.92 20.30
C LEU L 38 26.00 -22.42 21.45
N ASP L 39 26.74 -23.32 22.11
CA ASP L 39 27.71 -22.92 23.11
C ASP L 39 28.68 -21.89 22.54
N ALA L 40 29.23 -22.17 21.37
CA ALA L 40 30.22 -21.30 20.74
C ALA L 40 29.62 -19.95 20.36
N VAL L 41 28.43 -19.97 19.77
CA VAL L 41 27.77 -18.72 19.38
C VAL L 41 27.46 -17.88 20.60
N ASN L 42 27.01 -18.53 21.69
CA ASN L 42 26.75 -17.81 22.93
C ASN L 42 28.04 -17.19 23.47
N SER L 43 29.14 -17.94 23.40
CA SER L 43 30.42 -17.41 23.87
C SER L 43 30.85 -16.19 23.07
N ILE L 44 30.64 -16.22 21.75
CA ILE L 44 31.02 -15.07 20.93
C ILE L 44 30.12 -13.87 21.22
N VAL L 45 28.81 -14.08 21.23
CA VAL L 45 27.88 -12.94 21.33
C VAL L 45 27.89 -12.35 22.73
N SER L 46 28.09 -13.17 23.77
CA SER L 46 28.17 -12.66 25.13
C SER L 46 29.40 -11.81 25.35
N ASN L 47 30.37 -11.86 24.45
CA ASN L 47 31.59 -11.06 24.54
C ASN L 47 31.81 -10.25 23.26
N ALA L 48 30.73 -9.92 22.55
CA ALA L 48 30.86 -9.26 21.26
C ALA L 48 31.53 -7.89 21.39
N SER L 49 31.02 -7.06 22.29
CA SER L 49 31.63 -5.75 22.51
C SER L 49 33.07 -5.90 23.02
N CYS L 50 33.28 -6.86 23.91
CA CYS L 50 34.64 -7.19 24.36
C CYS L 50 35.56 -7.47 23.17
N ILE L 51 35.11 -8.34 22.26
CA ILE L 51 35.94 -8.74 21.13
C ILE L 51 36.21 -7.55 20.22
N VAL L 52 35.18 -6.76 19.94
CA VAL L 52 35.32 -5.65 19.01
C VAL L 52 36.26 -4.59 19.57
N SER L 53 36.10 -4.26 20.85
CA SER L 53 37.01 -3.31 21.47
C SER L 53 38.44 -3.85 21.52
N ASP L 54 38.59 -5.13 21.88
CA ASP L 54 39.91 -5.79 21.85
C ASP L 54 40.57 -5.60 20.50
N ALA L 55 39.84 -5.90 19.42
CA ALA L 55 40.42 -5.87 18.08
C ALA L 55 40.74 -4.45 17.64
N VAL L 56 39.80 -3.53 17.81
CA VAL L 56 40.03 -2.17 17.31
C VAL L 56 41.14 -1.49 18.11
N SER L 57 41.16 -1.69 19.43
CA SER L 57 42.22 -1.13 20.25
C SER L 57 43.57 -1.73 19.89
N GLY L 58 43.64 -3.04 19.65
CA GLY L 58 44.90 -3.64 19.25
C GLY L 58 45.38 -3.15 17.90
N MET L 59 44.45 -3.01 16.96
CA MET L 59 44.81 -2.50 15.64
C MET L 59 45.33 -1.07 15.74
N ILE L 60 44.72 -0.26 16.60
CA ILE L 60 45.19 1.11 16.78
C ILE L 60 46.56 1.16 17.46
N CYS L 61 46.76 0.34 18.49
CA CYS L 61 48.03 0.34 19.21
C CYS L 61 49.17 -0.19 18.35
N GLU L 62 48.91 -1.18 17.49
CA GLU L 62 49.94 -1.67 16.59
C GLU L 62 50.29 -0.65 15.52
N ASN L 63 49.30 0.12 15.06
CA ASN L 63 49.47 1.12 14.01
C ASN L 63 48.94 2.45 14.54
N PRO L 64 49.76 3.19 15.30
CA PRO L 64 49.31 4.48 15.84
C PRO L 64 48.96 5.50 14.77
N GLY L 65 49.39 5.30 13.52
CA GLY L 65 49.03 6.21 12.46
C GLY L 65 47.54 6.24 12.15
N LEU L 66 46.81 5.22 12.57
CA LEU L 66 45.37 5.19 12.34
C LEU L 66 44.65 6.31 13.10
N ILE L 67 45.17 6.69 14.27
CA ILE L 67 44.57 7.75 15.07
C ILE L 67 45.29 9.09 14.91
N ALA L 68 46.40 9.12 14.18
CA ALA L 68 47.04 10.38 13.84
C ALA L 68 46.17 11.13 12.82
N PRO L 69 46.33 12.45 12.72
CA PRO L 69 45.55 13.20 11.72
C PRO L 69 45.77 12.65 10.33
N GLY L 70 44.68 12.50 9.59
CA GLY L 70 44.69 11.78 8.34
C GLY L 70 44.55 10.29 8.47
N GLY L 71 44.71 9.74 9.68
CA GLY L 71 44.47 8.33 9.89
C GLY L 71 42.99 8.01 9.83
N ASN L 72 42.69 6.74 9.58
CA ASN L 72 41.31 6.33 9.36
C ASN L 72 40.54 6.08 10.65
N CYS L 73 41.18 6.15 11.81
CA CYS L 73 40.50 5.97 13.09
C CYS L 73 40.51 7.24 13.93
N TYR L 74 41.18 8.29 13.46
CA TYR L 74 41.10 9.61 14.06
C TYR L 74 39.75 10.22 13.68
N THR L 75 39.32 11.26 14.41
CA THR L 75 37.92 11.70 14.30
C THR L 75 36.92 10.67 14.79
N ASN L 76 36.54 10.78 16.07
CA ASN L 76 35.52 9.95 16.70
C ASN L 76 34.46 9.44 15.72
N ARG L 77 34.06 10.23 14.73
CA ARG L 77 33.17 9.71 13.70
C ARG L 77 33.78 8.49 13.01
N ARG L 78 35.02 8.62 12.52
CA ARG L 78 35.67 7.47 11.90
C ARG L 78 35.95 6.37 12.91
N MET L 79 36.27 6.74 14.15
CA MET L 79 36.50 5.71 15.17
C MET L 79 35.25 4.89 15.44
N ALA L 80 34.09 5.55 15.54
CA ALA L 80 32.84 4.85 15.74
C ALA L 80 32.45 4.05 14.50
N ALA L 81 32.78 4.56 13.32
CA ALA L 81 32.56 3.78 12.11
C ALA L 81 33.39 2.51 12.11
N CYS L 82 34.65 2.61 12.58
CA CYS L 82 35.50 1.43 12.70
C CYS L 82 34.96 0.44 13.71
N LEU L 83 34.51 0.92 14.87
CA LEU L 83 33.94 0.04 15.87
C LEU L 83 32.66 -0.62 15.36
N ARG L 84 31.83 0.14 14.66
CA ARG L 84 30.61 -0.41 14.08
C ARG L 84 30.94 -1.46 13.02
N ASP L 85 31.96 -1.21 12.19
CA ASP L 85 32.35 -2.20 11.19
C ASP L 85 32.87 -3.46 11.84
N GLY L 86 33.68 -3.33 12.90
CA GLY L 86 34.14 -4.51 13.61
C GLY L 86 32.98 -5.28 14.22
N GLU L 87 32.02 -4.58 14.81
CA GLU L 87 30.84 -5.23 15.36
C GLU L 87 30.03 -5.92 14.27
N ILE L 88 29.90 -5.29 13.11
CA ILE L 88 29.14 -5.88 12.01
C ILE L 88 29.83 -7.13 11.49
N ILE L 89 31.15 -7.07 11.34
CA ILE L 89 31.90 -8.23 10.86
C ILE L 89 31.78 -9.38 11.87
N LEU L 90 31.90 -9.06 13.16
CA LEU L 90 31.74 -10.09 14.19
C LEU L 90 30.32 -10.65 14.18
N ARG L 91 29.33 -9.79 13.96
CA ARG L 91 27.94 -10.24 13.92
C ARG L 91 27.71 -11.20 12.77
N TYR L 92 28.27 -10.89 11.60
CA TYR L 92 28.10 -11.78 10.45
C TYR L 92 28.94 -13.05 10.60
N THR L 93 30.07 -12.96 11.28
CA THR L 93 30.84 -14.17 11.59
C THR L 93 30.06 -15.07 12.55
N SER L 94 29.38 -14.47 13.53
CA SER L 94 28.52 -15.25 14.42
C SER L 94 27.33 -15.83 13.67
N TYR L 95 26.79 -15.09 12.69
CA TYR L 95 25.74 -15.64 11.84
C TYR L 95 26.24 -16.85 11.07
N ALA L 96 27.45 -16.76 10.52
CA ALA L 96 28.02 -17.89 9.80
C ALA L 96 28.26 -19.07 10.72
N LEU L 97 28.75 -18.80 11.94
CA LEU L 97 28.98 -19.88 12.90
C LEU L 97 27.67 -20.55 13.30
N LEU L 98 26.64 -19.77 13.57
CA LEU L 98 25.34 -20.33 13.93
C LEU L 98 24.75 -21.14 12.76
N ALA L 99 24.88 -20.62 11.55
CA ALA L 99 24.39 -21.30 10.36
C ALA L 99 25.28 -22.44 9.92
N GLY L 100 26.55 -22.45 10.34
CA GLY L 100 27.51 -23.40 9.83
C GLY L 100 27.80 -23.24 8.35
N ASP L 101 27.71 -22.01 7.84
CA ASP L 101 27.97 -21.75 6.44
C ASP L 101 28.32 -20.28 6.26
N SER L 102 29.17 -20.00 5.27
CA SER L 102 29.63 -18.63 5.02
C SER L 102 28.66 -17.82 4.17
N SER L 103 27.54 -18.41 3.74
CA SER L 103 26.68 -17.75 2.77
C SER L 103 26.20 -16.39 3.26
N VAL L 104 25.72 -16.33 4.50
CA VAL L 104 25.21 -15.06 5.02
C VAL L 104 26.32 -14.02 5.08
N LEU L 105 27.50 -14.42 5.57
CA LEU L 105 28.62 -13.49 5.64
C LEU L 105 28.99 -12.97 4.26
N GLU L 106 29.22 -13.88 3.31
CA GLU L 106 29.63 -13.47 1.97
C GLU L 106 28.59 -12.56 1.32
N ASP L 107 27.32 -12.94 1.41
CA ASP L 107 26.29 -12.22 0.67
C ASP L 107 25.91 -10.89 1.33
N ARG L 108 26.07 -10.74 2.64
CA ARG L 108 25.52 -9.57 3.29
C ARG L 108 26.56 -8.66 3.93
N CYS L 109 27.79 -9.11 4.14
CA CYS L 109 28.84 -8.27 4.71
C CYS L 109 30.01 -8.10 3.75
N LEU L 110 30.55 -9.19 3.23
CA LEU L 110 31.77 -9.14 2.42
C LEU L 110 31.50 -8.78 0.96
N ASN L 111 30.26 -8.91 0.50
CA ASN L 111 29.95 -8.63 -0.90
C ASN L 111 30.10 -7.13 -1.16
N GLY L 112 31.14 -6.76 -1.88
CA GLY L 112 31.43 -5.37 -2.14
C GLY L 112 32.12 -4.64 -1.02
N LEU L 113 32.48 -5.33 0.07
CA LEU L 113 33.16 -4.66 1.17
C LEU L 113 34.54 -4.17 0.77
N LYS L 114 35.26 -4.95 -0.03
CA LYS L 114 36.61 -4.56 -0.43
C LYS L 114 36.58 -3.28 -1.26
N GLU L 115 35.68 -3.21 -2.26
CA GLU L 115 35.60 -2.02 -3.09
C GLU L 115 35.06 -0.83 -2.30
N THR L 116 34.14 -1.06 -1.36
CA THR L 116 33.66 0.01 -0.51
C THR L 116 34.80 0.58 0.34
N TYR L 117 35.61 -0.30 0.92
CA TYR L 117 36.75 0.15 1.73
C TYR L 117 37.78 0.87 0.88
N ILE L 118 38.03 0.40 -0.34
CA ILE L 118 38.97 1.07 -1.22
C ILE L 118 38.47 2.47 -1.58
N ALA L 119 37.18 2.59 -1.90
CA ALA L 119 36.62 3.89 -2.22
C ALA L 119 36.68 4.83 -1.02
N LEU L 120 36.38 4.31 0.18
CA LEU L 120 36.44 5.13 1.38
C LEU L 120 37.88 5.39 1.84
N GLY L 121 38.85 4.66 1.31
CA GLY L 121 40.21 4.77 1.79
C GLY L 121 40.51 3.99 3.04
N VAL L 122 39.62 3.09 3.45
CA VAL L 122 39.85 2.27 4.64
C VAL L 122 41.06 1.39 4.39
N PRO L 123 42.07 1.41 5.27
CA PRO L 123 43.28 0.61 5.04
C PRO L 123 42.98 -0.88 5.16
N THR L 124 43.20 -1.61 4.06
CA THR L 124 42.92 -3.04 4.06
C THR L 124 43.83 -3.79 5.04
N ASN L 125 45.08 -3.35 5.18
CA ASN L 125 45.99 -4.02 6.12
C ASN L 125 45.51 -3.84 7.56
N SER L 126 45.08 -2.63 7.93
CA SER L 126 44.61 -2.41 9.29
C SER L 126 43.27 -3.10 9.53
N THR L 127 42.39 -3.11 8.54
CA THR L 127 41.13 -3.84 8.68
C THR L 127 41.39 -5.33 8.85
N ALA L 128 42.34 -5.88 8.08
CA ALA L 128 42.69 -7.28 8.21
C ALA L 128 43.31 -7.56 9.57
N ARG L 129 44.13 -6.65 10.09
CA ARG L 129 44.68 -6.82 11.43
C ARG L 129 43.57 -6.86 12.48
N ALA L 130 42.60 -5.95 12.36
CA ALA L 130 41.48 -5.95 13.29
C ALA L 130 40.68 -7.24 13.18
N VAL L 131 40.48 -7.73 11.95
CA VAL L 131 39.73 -8.98 11.77
C VAL L 131 40.50 -10.15 12.34
N SER L 132 41.83 -10.16 12.20
CA SER L 132 42.64 -11.25 12.76
C SER L 132 42.63 -11.21 14.28
N ILE L 133 42.64 -10.02 14.88
CA ILE L 133 42.56 -9.93 16.33
C ILE L 133 41.17 -10.37 16.82
N MET L 134 40.12 -10.00 16.08
CA MET L 134 38.79 -10.56 16.35
C MET L 134 38.79 -12.07 16.24
N LYS L 135 39.51 -12.61 15.25
CA LYS L 135 39.60 -14.05 15.10
C LYS L 135 40.25 -14.70 16.32
N SER L 136 41.34 -14.10 16.78
CA SER L 136 42.02 -14.63 17.96
C SER L 136 41.12 -14.59 19.19
N SER L 137 40.46 -13.46 19.43
CA SER L 137 39.59 -13.34 20.59
C SER L 137 38.40 -14.28 20.50
N ALA L 138 37.78 -14.37 19.33
CA ALA L 138 36.63 -15.26 19.14
C ALA L 138 37.04 -16.71 19.31
N VAL L 139 38.20 -17.09 18.77
CA VAL L 139 38.69 -18.45 18.94
C VAL L 139 38.95 -18.75 20.42
N ALA L 140 39.53 -17.80 21.14
CA ALA L 140 39.76 -17.98 22.57
C ALA L 140 38.44 -18.15 23.31
N PHE L 141 37.41 -17.39 22.93
CA PHE L 141 36.11 -17.51 23.59
C PHE L 141 35.40 -18.81 23.23
N ILE L 142 35.59 -19.30 22.00
CA ILE L 142 35.03 -20.59 21.61
C ILE L 142 35.63 -21.69 22.47
N SER L 143 36.96 -21.71 22.58
CA SER L 143 37.67 -22.70 23.37
C SER L 143 37.70 -22.35 24.84
N ASN L 144 37.08 -21.25 25.24
CA ASN L 144 37.04 -20.80 26.64
C ASN L 144 38.46 -20.64 27.19
N THR L 145 39.36 -20.12 26.36
CA THR L 145 40.73 -19.84 26.74
C THR L 145 41.00 -18.36 26.87
N ALA L 146 39.95 -17.55 26.98
CA ALA L 146 40.14 -16.12 27.20
C ALA L 146 40.66 -15.89 28.62
N PRO L 147 41.78 -15.20 28.78
CA PRO L 147 42.39 -15.09 30.12
C PRO L 147 41.51 -14.40 31.16
N GLN L 148 40.71 -13.41 30.75
CA GLN L 148 39.99 -12.59 31.72
C GLN L 148 38.59 -13.09 32.04
N ARG L 149 37.89 -13.72 31.09
CA ARG L 149 36.55 -14.23 31.35
C ARG L 149 36.45 -15.67 30.87
N LYS L 150 35.86 -16.51 31.71
CA LYS L 150 35.56 -17.89 31.38
C LYS L 150 34.05 -18.11 31.41
N MET L 151 33.55 -18.90 30.46
CA MET L 151 32.14 -19.22 30.39
C MET L 151 31.97 -20.72 30.65
N ALA L 152 31.09 -21.05 31.59
CA ALA L 152 30.95 -22.43 32.04
C ALA L 152 30.23 -23.27 30.99
N THR L 153 30.95 -24.24 30.43
CA THR L 153 30.39 -25.21 29.50
C THR L 153 30.88 -26.60 29.87
N ALA L 154 30.11 -27.60 29.47
CA ALA L 154 30.52 -28.98 29.69
C ALA L 154 31.81 -29.28 28.93
N ALA L 155 32.68 -30.06 29.56
CA ALA L 155 34.00 -30.36 28.98
C ALA L 155 33.84 -31.09 27.66
N GLY L 156 34.55 -30.63 26.65
CA GLY L 156 34.51 -31.26 25.34
C GLY L 156 35.38 -30.49 24.37
N ASP L 157 35.58 -31.09 23.21
CA ASP L 157 36.44 -30.53 22.17
C ASP L 157 35.60 -29.71 21.22
N CYS L 158 35.80 -28.39 21.24
CA CYS L 158 35.15 -27.47 20.31
C CYS L 158 36.13 -26.95 19.26
N SER L 159 37.18 -27.70 18.96
CA SER L 159 38.17 -27.26 17.99
C SER L 159 37.57 -27.13 16.59
N ALA L 160 36.55 -27.92 16.28
CA ALA L 160 35.90 -27.78 14.98
C ALA L 160 35.22 -26.44 14.84
N LEU L 161 34.50 -26.00 15.87
CA LEU L 161 33.82 -24.70 15.82
C LEU L 161 34.84 -23.57 15.87
N SER L 162 35.93 -23.74 16.63
CA SER L 162 36.98 -22.74 16.64
C SER L 162 37.60 -22.59 15.26
N SER L 163 37.85 -23.72 14.58
CA SER L 163 38.37 -23.68 13.23
C SER L 163 37.36 -23.07 12.26
N GLU L 164 36.07 -23.32 12.48
CA GLU L 164 35.05 -22.68 11.64
C GLU L 164 35.06 -21.17 11.81
N VAL L 165 35.17 -20.69 13.06
CA VAL L 165 35.25 -19.25 13.32
C VAL L 165 36.49 -18.67 12.66
N ALA L 166 37.61 -19.37 12.80
CA ALA L 166 38.85 -18.92 12.16
C ALA L 166 38.71 -18.87 10.65
N SER L 167 38.03 -19.87 10.07
CA SER L 167 37.82 -19.88 8.63
C SER L 167 36.95 -18.72 8.18
N TYR L 168 35.90 -18.41 8.94
CA TYR L 168 35.06 -17.25 8.60
C TYR L 168 35.85 -15.95 8.67
N CYS L 169 36.67 -15.79 9.72
CA CYS L 169 37.45 -14.56 9.84
C CYS L 169 38.51 -14.47 8.75
N ASP L 170 39.15 -15.60 8.40
CA ASP L 170 40.11 -15.59 7.31
C ASP L 170 39.43 -15.34 5.97
N LYS L 171 38.19 -15.78 5.82
CA LYS L 171 37.42 -15.46 4.62
C LYS L 171 37.14 -13.96 4.55
N VAL L 172 36.83 -13.35 5.70
CA VAL L 172 36.68 -11.90 5.75
C VAL L 172 37.97 -11.21 5.33
N SER L 173 39.10 -11.71 5.85
CA SER L 173 40.39 -11.11 5.52
C SER L 173 40.72 -11.27 4.03
N ALA L 174 40.38 -12.42 3.45
CA ALA L 174 40.60 -12.64 2.03
C ALA L 174 39.72 -11.74 1.18
N ALA L 175 38.48 -11.52 1.61
CA ALA L 175 37.57 -10.67 0.85
C ALA L 175 38.08 -9.24 0.76
N ILE L 176 38.61 -8.71 1.86
CA ILE L 176 39.11 -7.34 1.89
C ILE L 176 40.49 -7.26 1.27
N LYS M 3 -45.51 -25.14 -13.76
CA LYS M 3 -46.78 -25.81 -13.47
C LYS M 3 -46.60 -27.31 -13.33
N VAL M 4 -47.32 -27.89 -12.37
CA VAL M 4 -47.28 -29.33 -12.11
C VAL M 4 -48.68 -29.89 -12.33
N THR M 5 -48.74 -31.04 -13.00
CA THR M 5 -50.01 -31.69 -13.33
C THR M 5 -49.96 -33.14 -12.82
N GLN M 6 -50.56 -33.37 -11.66
CA GLN M 6 -50.80 -34.72 -11.16
C GLN M 6 -52.24 -35.07 -11.50
N ALA M 7 -52.44 -35.83 -12.58
CA ALA M 7 -53.77 -36.06 -13.12
C ALA M 7 -54.59 -36.98 -12.22
N GLN M 8 -53.96 -37.98 -11.63
CA GLN M 8 -54.67 -39.01 -10.87
C GLN M 8 -54.41 -38.84 -9.37
N SER M 9 -55.47 -38.94 -8.59
CA SER M 9 -55.40 -38.89 -7.13
C SER M 9 -56.06 -40.14 -6.56
N SER M 10 -55.90 -40.32 -5.25
CA SER M 10 -56.50 -41.41 -4.48
C SER M 10 -56.12 -42.80 -5.00
N VAL M 11 -54.89 -43.00 -5.45
CA VAL M 11 -54.48 -44.32 -5.91
C VAL M 11 -54.45 -45.30 -4.75
N SER M 12 -54.70 -46.56 -5.04
CA SER M 12 -54.69 -47.63 -4.05
C SER M 12 -53.68 -48.70 -4.44
N MET M 13 -52.94 -49.19 -3.46
CA MET M 13 -51.94 -50.22 -3.69
C MET M 13 -51.74 -51.00 -2.40
N PRO M 14 -51.56 -52.35 -2.42
CA PRO M 14 -51.45 -53.10 -1.17
C PRO M 14 -50.11 -52.89 -0.48
N VAL M 15 -49.96 -53.52 0.70
CA VAL M 15 -48.68 -53.41 1.46
C VAL M 15 -47.63 -54.29 0.76
N ARG M 16 -46.34 -54.06 1.04
CA ARG M 16 -45.25 -54.83 0.38
C ARG M 16 -45.52 -54.88 -1.14
N LYS M 17 -45.74 -53.73 -1.76
CA LYS M 17 -46.00 -53.66 -3.23
C LYS M 17 -45.29 -52.43 -3.78
N ALA M 18 -45.28 -52.26 -5.11
CA ALA M 18 -44.71 -51.03 -5.62
C ALA M 18 -45.75 -50.22 -6.37
N VAL M 19 -45.83 -48.94 -6.07
CA VAL M 19 -46.78 -48.03 -6.70
C VAL M 19 -46.00 -46.88 -7.32
N THR M 20 -46.36 -46.52 -8.55
CA THR M 20 -45.72 -45.42 -9.26
C THR M 20 -46.71 -44.28 -9.33
N LEU M 21 -46.32 -43.13 -8.77
CA LEU M 21 -47.15 -41.93 -8.78
C LEU M 21 -46.76 -41.06 -9.96
N ASN M 22 -47.63 -41.03 -10.97
CA ASN M 22 -47.33 -40.38 -12.24
C ASN M 22 -47.60 -38.88 -12.13
N CYS M 23 -46.54 -38.10 -12.06
CA CYS M 23 -46.64 -36.64 -12.07
C CYS M 23 -45.95 -36.09 -13.31
N LEU M 24 -46.61 -35.14 -13.96
CA LEU M 24 -46.05 -34.39 -15.08
C LEU M 24 -45.72 -32.98 -14.63
N TYR M 25 -45.08 -32.23 -15.50
CA TYR M 25 -44.78 -30.84 -15.20
C TYR M 25 -44.63 -30.05 -16.49
N GLU M 26 -44.93 -28.76 -16.41
CA GLU M 26 -44.65 -27.80 -17.46
C GLU M 26 -43.59 -26.83 -16.96
N THR M 27 -42.63 -26.52 -17.83
CA THR M 27 -41.53 -25.66 -17.39
C THR M 27 -40.91 -24.98 -18.60
N SER M 28 -40.33 -23.80 -18.36
CA SER M 28 -39.48 -23.11 -19.32
C SER M 28 -38.05 -23.00 -18.81
N TRP M 29 -37.68 -23.83 -17.84
CA TRP M 29 -36.39 -23.76 -17.18
C TRP M 29 -35.42 -24.75 -17.81
N TRP M 30 -34.20 -24.27 -18.10
CA TRP M 30 -33.17 -25.14 -18.66
C TRP M 30 -32.76 -26.21 -17.66
N SER M 31 -32.46 -25.80 -16.43
CA SER M 31 -32.13 -26.72 -15.35
C SER M 31 -33.10 -26.49 -14.20
N TYR M 32 -33.53 -27.57 -13.57
CA TYR M 32 -34.48 -27.50 -12.47
C TYR M 32 -34.36 -28.78 -11.65
N TYR M 33 -35.15 -28.85 -10.58
CA TYR M 33 -35.23 -30.04 -9.75
C TYR M 33 -36.69 -30.36 -9.52
N ILE M 34 -36.97 -31.64 -9.32
CA ILE M 34 -38.32 -32.09 -9.00
C ILE M 34 -38.28 -32.73 -7.62
N PHE M 35 -39.16 -32.27 -6.75
CA PHE M 35 -39.24 -32.75 -5.38
C PHE M 35 -40.50 -33.57 -5.21
N TRP M 36 -40.42 -34.56 -4.33
CA TRP M 36 -41.56 -35.42 -4.02
C TRP M 36 -41.82 -35.33 -2.52
N TYR M 37 -42.95 -34.74 -2.17
CA TYR M 37 -43.38 -34.59 -0.79
C TYR M 37 -44.60 -35.45 -0.53
N LYS M 38 -44.64 -36.05 0.66
CA LYS M 38 -45.83 -36.72 1.16
C LYS M 38 -46.40 -35.88 2.30
N GLN M 39 -47.68 -35.56 2.21
CA GLN M 39 -48.35 -34.84 3.29
C GLN M 39 -49.00 -35.83 4.24
N LEU M 40 -48.52 -35.85 5.47
CA LEU M 40 -49.02 -36.77 6.49
C LEU M 40 -50.43 -36.37 6.90
N PRO M 41 -51.15 -37.27 7.58
CA PRO M 41 -52.45 -36.86 8.15
C PRO M 41 -52.32 -35.68 9.09
N SER M 42 -51.18 -35.52 9.75
CA SER M 42 -50.85 -34.32 10.52
C SER M 42 -50.50 -33.14 9.65
N LYS M 43 -50.63 -33.30 8.32
CA LYS M 43 -50.34 -32.25 7.34
C LYS M 43 -48.91 -31.76 7.43
N GLU M 44 -48.00 -32.65 7.84
CA GLU M 44 -46.57 -32.34 7.90
C GLU M 44 -45.95 -32.70 6.55
N MET M 45 -45.77 -31.69 5.70
CA MET M 45 -45.15 -31.90 4.40
C MET M 45 -43.72 -32.40 4.57
N ILE M 46 -43.48 -33.63 4.13
CA ILE M 46 -42.22 -34.32 4.37
C ILE M 46 -41.51 -34.54 3.04
N PHE M 47 -40.24 -34.16 2.97
CA PHE M 47 -39.45 -34.37 1.77
C PHE M 47 -39.04 -35.83 1.66
N LEU M 48 -39.17 -36.39 0.46
CA LEU M 48 -38.85 -37.78 0.21
C LEU M 48 -37.64 -37.97 -0.70
N ILE M 49 -37.65 -37.33 -1.86
CA ILE M 49 -36.59 -37.53 -2.85
C ILE M 49 -36.47 -36.27 -3.71
N ARG M 50 -35.25 -36.01 -4.18
CA ARG M 50 -34.95 -34.89 -5.04
C ARG M 50 -34.43 -35.39 -6.38
N GLN M 51 -35.04 -34.92 -7.46
CA GLN M 51 -34.66 -35.34 -8.82
C GLN M 51 -34.47 -34.10 -9.67
N GLY M 52 -33.26 -33.89 -10.16
CA GLY M 52 -32.99 -32.74 -11.00
C GLY M 52 -33.14 -33.04 -12.47
N SER M 53 -33.23 -31.96 -13.26
CA SER M 53 -33.38 -32.09 -14.70
C SER M 53 -32.14 -32.68 -15.37
N ASP M 54 -30.95 -32.46 -14.81
CA ASP M 54 -29.73 -32.91 -15.42
C ASP M 54 -28.99 -33.90 -14.54
N GLU M 55 -29.73 -34.84 -13.96
CA GLU M 55 -29.14 -35.87 -13.10
C GLU M 55 -29.70 -37.23 -13.49
N GLN M 56 -28.99 -38.28 -13.10
CA GLN M 56 -29.50 -39.62 -13.25
C GLN M 56 -30.72 -39.81 -12.37
N ASN M 57 -31.60 -40.72 -12.78
CA ASN M 57 -32.84 -40.98 -12.05
C ASN M 57 -32.56 -41.23 -10.57
N ALA M 58 -33.20 -40.41 -9.72
CA ALA M 58 -32.87 -40.37 -8.31
C ALA M 58 -33.37 -41.62 -7.59
N LYS M 59 -32.68 -41.96 -6.50
CA LYS M 59 -33.01 -43.14 -5.70
C LYS M 59 -32.69 -42.83 -4.25
N SER M 60 -33.59 -43.20 -3.34
CA SER M 60 -33.42 -42.96 -1.91
C SER M 60 -33.77 -44.23 -1.14
N GLY M 61 -33.23 -45.36 -1.62
CA GLY M 61 -33.55 -46.64 -1.00
C GLY M 61 -34.91 -47.14 -1.44
N ARG M 62 -35.89 -47.05 -0.54
CA ARG M 62 -37.26 -47.40 -0.91
C ARG M 62 -37.78 -46.50 -2.02
N TYR M 63 -37.49 -45.21 -1.94
CA TYR M 63 -38.00 -44.26 -2.91
C TYR M 63 -37.09 -44.19 -4.12
N SER M 64 -37.71 -44.06 -5.29
CA SER M 64 -36.97 -43.99 -6.55
C SER M 64 -37.78 -43.17 -7.53
N VAL M 65 -37.09 -42.59 -8.50
CA VAL M 65 -37.69 -41.75 -9.51
C VAL M 65 -37.32 -42.28 -10.89
N ASN M 66 -38.27 -42.23 -11.81
CA ASN M 66 -38.02 -42.54 -13.21
C ASN M 66 -38.22 -41.24 -14.00
N PHE M 67 -37.16 -40.45 -14.06
CA PHE M 67 -37.24 -39.12 -14.64
C PHE M 67 -37.21 -39.18 -16.16
N LYS M 68 -37.90 -38.23 -16.79
CA LYS M 68 -37.85 -38.03 -18.23
C LYS M 68 -37.60 -36.56 -18.50
N LYS M 69 -36.88 -36.27 -19.58
CA LYS M 69 -36.59 -34.90 -19.98
C LYS M 69 -37.47 -34.42 -21.11
N ALA M 70 -37.57 -35.18 -22.20
CA ALA M 70 -38.46 -34.82 -23.29
C ALA M 70 -39.92 -35.05 -22.96
N ALA M 71 -40.24 -36.16 -22.30
CA ALA M 71 -41.61 -36.46 -21.88
C ALA M 71 -42.00 -35.75 -20.60
N LYS M 72 -41.03 -35.25 -19.84
CA LYS M 72 -41.28 -34.55 -18.57
C LYS M 72 -42.10 -35.42 -17.62
N SER M 73 -41.78 -36.70 -17.58
CA SER M 73 -42.39 -37.66 -16.67
C SER M 73 -41.37 -38.01 -15.59
N VAL M 74 -41.59 -37.49 -14.39
CA VAL M 74 -40.65 -37.66 -13.29
C VAL M 74 -41.37 -38.46 -12.20
N ALA M 75 -42.23 -39.38 -12.65
CA ALA M 75 -43.07 -40.18 -11.76
C ALA M 75 -42.28 -40.89 -10.67
N LEU M 76 -42.55 -40.55 -9.42
CA LEU M 76 -41.94 -41.25 -8.30
C LEU M 76 -42.48 -42.67 -8.20
N THR M 77 -41.60 -43.59 -7.87
CA THR M 77 -41.97 -44.97 -7.61
C THR M 77 -41.58 -45.33 -6.20
N ILE M 78 -42.53 -45.78 -5.42
CA ILE M 78 -42.27 -46.32 -4.08
C ILE M 78 -42.27 -47.83 -4.19
N SER M 79 -41.42 -48.47 -3.40
CA SER M 79 -41.26 -49.92 -3.46
C SER M 79 -41.26 -50.49 -2.05
N ALA M 80 -41.78 -51.71 -1.93
CA ALA M 80 -41.91 -52.40 -0.64
C ALA M 80 -42.63 -51.51 0.37
N LEU M 81 -43.86 -51.13 0.03
CA LEU M 81 -44.65 -50.24 0.86
C LEU M 81 -44.85 -50.82 2.25
N GLN M 82 -44.68 -49.98 3.26
CA GLN M 82 -45.03 -50.35 4.62
C GLN M 82 -46.47 -49.93 4.90
N LEU M 83 -47.00 -50.38 6.03
CA LEU M 83 -48.36 -50.02 6.41
C LEU M 83 -48.48 -48.51 6.64
N GLU M 84 -47.48 -47.92 7.28
CA GLU M 84 -47.47 -46.47 7.54
C GLU M 84 -46.72 -45.76 6.42
N ASP M 85 -47.26 -45.88 5.22
CA ASP M 85 -46.75 -45.15 4.06
C ASP M 85 -47.85 -44.42 3.31
N SER M 86 -49.08 -44.41 3.82
CA SER M 86 -50.20 -43.76 3.17
C SER M 86 -50.22 -42.28 3.52
N ALA M 87 -50.28 -41.43 2.51
CA ALA M 87 -50.27 -39.98 2.68
C ALA M 87 -50.73 -39.37 1.37
N LYS M 88 -50.63 -38.04 1.28
CA LYS M 88 -50.92 -37.31 0.05
C LYS M 88 -49.58 -36.89 -0.55
N TYR M 89 -49.22 -37.47 -1.68
CA TYR M 89 -47.90 -37.31 -2.26
C TYR M 89 -47.93 -36.18 -3.28
N PHE M 90 -47.01 -35.23 -3.13
CA PHE M 90 -46.99 -34.02 -3.94
C PHE M 90 -45.75 -34.00 -4.81
N CYS M 91 -45.96 -33.80 -6.11
CA CYS M 91 -44.89 -33.62 -7.06
C CYS M 91 -44.55 -32.13 -7.13
N ALA M 92 -43.40 -31.76 -6.57
CA ALA M 92 -43.03 -30.36 -6.40
C ALA M 92 -41.96 -30.00 -7.42
N LEU M 93 -42.24 -29.01 -8.27
CA LEU M 93 -41.29 -28.52 -9.25
C LEU M 93 -40.74 -27.18 -8.77
N GLY M 94 -39.45 -27.16 -8.43
CA GLY M 94 -38.76 -25.93 -8.11
C GLY M 94 -37.39 -25.92 -8.76
N ALA M 95 -36.73 -24.76 -8.68
CA ALA M 95 -35.36 -24.61 -9.15
C ALA M 95 -34.52 -23.91 -8.07
N PRO M 96 -34.37 -24.53 -6.88
CA PRO M 96 -33.57 -23.87 -5.84
C PRO M 96 -32.13 -23.66 -6.24
N HIS M 97 -31.39 -24.73 -6.47
CA HIS M 97 -29.94 -24.59 -6.67
C HIS M 97 -29.60 -24.43 -8.15
N THR M 98 -30.28 -23.49 -8.79
CA THR M 98 -30.08 -23.19 -10.19
C THR M 98 -29.83 -21.70 -10.34
N TYR M 99 -28.75 -21.35 -11.03
CA TYR M 99 -28.36 -19.96 -11.22
C TYR M 99 -28.46 -19.50 -12.66
N TRP M 100 -28.58 -20.42 -13.62
CA TRP M 100 -28.67 -20.09 -15.03
C TRP M 100 -29.81 -20.88 -15.66
N GLY M 101 -30.48 -20.27 -16.62
CA GLY M 101 -31.56 -20.90 -17.34
C GLY M 101 -32.95 -20.61 -16.82
N ILE M 102 -33.17 -19.48 -16.17
CA ILE M 102 -34.48 -19.07 -15.69
C ILE M 102 -34.68 -17.63 -16.12
N SER M 103 -35.80 -17.02 -15.71
CA SER M 103 -36.10 -15.63 -16.06
C SER M 103 -34.96 -14.69 -15.66
N THR M 104 -34.95 -13.49 -16.23
CA THR M 104 -33.86 -12.54 -16.04
C THR M 104 -34.08 -11.66 -14.80
N ASP M 105 -34.83 -12.14 -13.81
CA ASP M 105 -35.05 -11.37 -12.60
C ASP M 105 -33.79 -11.32 -11.75
N LEU M 106 -33.73 -10.33 -10.86
CA LEU M 106 -32.60 -10.14 -9.96
C LEU M 106 -32.69 -10.99 -8.70
N SER M 107 -33.48 -12.06 -8.73
CA SER M 107 -33.70 -12.90 -7.57
C SER M 107 -32.62 -13.98 -7.45
N SER M 108 -32.24 -14.27 -6.21
CA SER M 108 -31.13 -15.16 -5.91
C SER M 108 -31.58 -16.57 -5.56
N TRP M 109 -32.68 -17.02 -6.15
CA TRP M 109 -33.21 -18.39 -6.07
C TRP M 109 -33.66 -18.78 -4.67
N ASP M 110 -33.36 -17.96 -3.66
CA ASP M 110 -33.96 -18.15 -2.36
C ASP M 110 -35.35 -17.55 -2.30
N THR M 111 -35.69 -16.70 -3.28
CA THR M 111 -37.01 -16.12 -3.43
C THR M 111 -37.91 -16.92 -4.35
N ARG M 112 -37.40 -18.04 -4.88
CA ARG M 112 -38.11 -18.82 -5.89
C ARG M 112 -39.11 -19.75 -5.22
N GLN M 113 -40.32 -19.78 -5.78
CA GLN M 113 -41.42 -20.57 -5.25
C GLN M 113 -41.33 -22.01 -5.75
N MET M 114 -41.80 -22.92 -4.92
CA MET M 114 -41.90 -24.34 -5.26
C MET M 114 -43.31 -24.61 -5.75
N PHE M 115 -43.44 -24.89 -7.04
CA PHE M 115 -44.74 -25.17 -7.61
C PHE M 115 -45.16 -26.61 -7.31
N PHE M 116 -46.42 -26.78 -6.93
CA PHE M 116 -46.94 -28.04 -6.46
C PHE M 116 -48.02 -28.54 -7.40
N GLY M 117 -48.12 -29.87 -7.51
CA GLY M 117 -49.29 -30.47 -8.08
C GLY M 117 -50.39 -30.62 -7.06
N THR M 118 -51.59 -30.90 -7.54
CA THR M 118 -52.73 -31.02 -6.63
C THR M 118 -52.62 -32.23 -5.71
N GLY M 119 -51.58 -33.03 -5.85
CA GLY M 119 -51.34 -34.14 -4.94
C GLY M 119 -52.07 -35.40 -5.36
N ILE M 120 -51.50 -36.53 -4.92
CA ILE M 120 -52.13 -37.83 -5.10
C ILE M 120 -52.13 -38.54 -3.75
N LYS M 121 -53.31 -38.86 -3.24
CA LYS M 121 -53.41 -39.61 -2.00
C LYS M 121 -53.12 -41.08 -2.27
N LEU M 122 -52.31 -41.69 -1.42
CA LEU M 122 -52.02 -43.11 -1.51
C LEU M 122 -52.63 -43.81 -0.32
N PHE M 123 -53.41 -44.86 -0.58
CA PHE M 123 -53.92 -45.72 0.48
C PHE M 123 -53.18 -47.05 0.42
N VAL M 124 -52.49 -47.40 1.51
CA VAL M 124 -51.77 -48.66 1.60
C VAL M 124 -52.74 -49.70 2.16
N GLU M 125 -53.45 -50.39 1.26
CA GLU M 125 -54.30 -51.49 1.69
C GLU M 125 -53.45 -52.65 2.18
N PRO M 126 -53.96 -53.45 3.11
CA PRO M 126 -53.21 -54.64 3.54
C PRO M 126 -53.22 -55.73 2.48
N ARG M 127 -52.28 -56.66 2.64
CA ARG M 127 -52.09 -57.73 1.67
C ARG M 127 -53.25 -58.72 1.73
N SER M 128 -53.44 -59.45 0.63
CA SER M 128 -54.43 -60.50 0.60
C SER M 128 -54.05 -61.61 1.58
N GLN M 129 -55.05 -62.12 2.29
CA GLN M 129 -54.83 -63.09 3.35
C GLN M 129 -56.17 -63.74 3.68
N PRO M 130 -56.16 -64.91 4.33
CA PRO M 130 -57.42 -65.58 4.65
C PRO M 130 -58.31 -64.72 5.53
N HIS M 131 -59.62 -64.85 5.32
CA HIS M 131 -60.59 -64.04 6.04
C HIS M 131 -60.53 -64.32 7.53
N THR M 132 -60.66 -63.28 8.33
CA THR M 132 -60.50 -63.35 9.78
C THR M 132 -61.80 -63.02 10.47
N LYS M 133 -62.17 -63.84 11.46
CA LYS M 133 -63.38 -63.61 12.23
C LYS M 133 -63.13 -62.57 13.33
N PRO M 134 -63.97 -61.54 13.44
CA PRO M 134 -63.72 -60.48 14.43
C PRO M 134 -64.34 -60.77 15.79
N SER M 135 -63.58 -60.42 16.83
CA SER M 135 -64.11 -60.42 18.19
C SER M 135 -64.73 -59.07 18.49
N VAL M 136 -65.91 -59.08 19.10
CA VAL M 136 -66.72 -57.87 19.26
C VAL M 136 -66.87 -57.54 20.73
N PHE M 137 -66.55 -56.30 21.09
CA PHE M 137 -66.84 -55.74 22.41
C PHE M 137 -67.64 -54.47 22.19
N VAL M 138 -68.75 -54.35 22.93
CA VAL M 138 -69.57 -53.15 22.92
C VAL M 138 -69.26 -52.32 24.14
N MET M 139 -68.81 -51.09 23.92
CA MET M 139 -68.27 -50.22 24.96
C MET M 139 -69.35 -49.26 25.41
N LYS M 140 -69.61 -49.21 26.71
CA LYS M 140 -70.60 -48.30 27.27
C LYS M 140 -70.05 -47.67 28.54
N ASN M 141 -70.08 -46.34 28.60
CA ASN M 141 -69.73 -45.61 29.82
C ASN M 141 -70.41 -44.24 29.75
N GLY M 142 -71.51 -44.10 30.49
CA GLY M 142 -72.22 -42.83 30.56
C GLY M 142 -73.13 -42.57 29.37
N THR M 143 -74.09 -43.47 29.13
CA THR M 143 -75.11 -43.29 28.11
C THR M 143 -74.48 -43.10 26.72
N ASN M 144 -73.36 -43.78 26.48
CA ASN M 144 -72.69 -43.76 25.20
C ASN M 144 -72.26 -45.16 24.85
N VAL M 145 -72.58 -45.60 23.63
CA VAL M 145 -72.35 -46.98 23.19
C VAL M 145 -71.38 -46.97 22.02
N ALA M 146 -70.26 -47.67 22.18
CA ALA M 146 -69.25 -47.79 21.14
C ALA M 146 -68.96 -49.27 20.89
N CYS M 147 -69.10 -49.71 19.64
CA CYS M 147 -68.92 -51.15 19.33
C CYS M 147 -67.61 -51.34 18.54
N LEU M 148 -66.55 -51.79 19.22
CA LEU M 148 -65.26 -52.05 18.52
C LEU M 148 -65.26 -53.51 18.01
N VAL M 149 -64.93 -53.70 16.73
CA VAL M 149 -64.87 -55.09 16.15
C VAL M 149 -63.40 -55.37 15.75
N GLU M 151 -59.41 -57.69 14.11
CA GLU M 151 -59.16 -58.94 13.41
C GLU M 151 -60.30 -59.26 12.45
N PHE M 152 -60.46 -58.45 11.42
CA PHE M 152 -61.46 -58.71 10.39
C PHE M 152 -60.91 -58.26 9.05
N TYR M 153 -60.94 -59.14 8.05
CA TYR M 153 -60.43 -58.85 6.73
C TYR M 153 -61.38 -59.49 5.71
N PRO M 154 -61.72 -58.78 4.63
CA PRO M 154 -61.30 -57.41 4.26
C PRO M 154 -62.04 -56.34 5.04
N LYS M 155 -61.97 -55.10 4.56
CA LYS M 155 -62.72 -54.00 5.24
C LYS M 155 -64.22 -54.21 5.00
N ASP M 156 -64.78 -55.31 5.51
CA ASP M 156 -66.22 -55.62 5.24
C ASP M 156 -66.87 -56.22 6.49
N ILE M 157 -66.67 -55.62 7.66
CA ILE M 157 -67.36 -56.12 8.89
C ILE M 157 -68.88 -56.01 8.66
N ARG M 158 -69.34 -54.90 8.06
CA ARG M 158 -70.79 -54.69 7.82
C ARG M 158 -71.55 -54.85 9.15
N ILE M 159 -71.06 -54.21 10.22
CA ILE M 159 -71.70 -54.31 11.56
C ILE M 159 -73.23 -54.30 11.40
N LYS M 166 -82.50 -45.34 20.04
CA LYS M 166 -81.41 -44.87 19.19
C LYS M 166 -81.41 -43.35 19.10
N ILE M 167 -80.74 -42.70 20.05
CA ILE M 167 -80.66 -41.24 20.03
C ILE M 167 -79.91 -40.75 18.79
N THR M 168 -78.75 -41.33 18.54
CA THR M 168 -77.98 -41.03 17.34
C THR M 168 -76.88 -42.07 17.18
N GLU M 169 -76.64 -42.49 15.94
CA GLU M 169 -75.58 -43.43 15.61
C GLU M 169 -74.68 -42.82 14.56
N PHE M 170 -73.37 -42.84 14.81
CA PHE M 170 -72.42 -42.19 13.93
C PHE M 170 -71.71 -43.22 13.05
N ASP M 171 -71.14 -42.73 11.95
CA ASP M 171 -70.47 -43.57 10.95
C ASP M 171 -69.37 -44.40 11.59
N PRO M 172 -69.35 -45.71 11.39
CA PRO M 172 -68.24 -46.52 11.90
C PRO M 172 -66.94 -46.15 11.21
N ALA M 173 -65.86 -46.27 11.97
CA ALA M 173 -64.52 -45.93 11.50
C ALA M 173 -63.72 -47.21 11.30
N ILE M 174 -63.39 -47.51 10.06
CA ILE M 174 -62.61 -48.69 9.69
C ILE M 174 -61.15 -48.26 9.49
N VAL M 175 -60.25 -48.86 10.26
CA VAL M 175 -58.84 -48.52 10.22
C VAL M 175 -58.02 -49.78 10.04
N ILE M 176 -56.83 -49.64 9.47
CA ILE M 176 -55.94 -50.77 9.23
C ILE M 176 -55.12 -50.99 10.50
N SER M 177 -55.36 -52.11 11.18
CA SER M 177 -54.65 -52.40 12.41
C SER M 177 -53.17 -52.67 12.13
N PRO M 178 -52.29 -52.40 13.11
CA PRO M 178 -50.87 -52.71 12.93
C PRO M 178 -50.60 -54.19 12.70
N SER M 179 -51.59 -55.03 13.02
CA SER M 179 -51.49 -56.47 12.82
C SER M 179 -51.71 -56.89 11.37
N GLY M 180 -51.65 -55.95 10.43
CA GLY M 180 -51.89 -56.26 9.04
C GLY M 180 -53.32 -56.71 8.78
N LYS M 181 -54.26 -56.05 9.46
CA LYS M 181 -55.69 -56.39 9.36
C LYS M 181 -56.51 -55.12 9.50
N TYR M 182 -57.81 -55.26 9.73
CA TYR M 182 -58.69 -54.13 9.95
C TYR M 182 -59.30 -54.20 11.33
N ASN M 183 -59.53 -53.03 11.92
CA ASN M 183 -60.28 -52.87 13.16
C ASN M 183 -61.24 -51.71 12.99
N ALA M 184 -62.46 -51.86 13.49
CA ALA M 184 -63.50 -50.87 13.29
C ALA M 184 -64.18 -50.52 14.60
N VAL M 185 -64.66 -49.29 14.69
CA VAL M 185 -65.42 -48.82 15.84
C VAL M 185 -66.71 -48.18 15.33
N LYS M 186 -67.85 -48.64 15.86
CA LYS M 186 -69.12 -47.99 15.65
C LYS M 186 -69.55 -47.34 16.96
N LEU M 187 -69.74 -46.03 16.94
CA LEU M 187 -70.14 -45.28 18.12
C LEU M 187 -71.53 -44.69 17.88
N GLY M 188 -72.43 -44.95 18.80
CA GLY M 188 -73.78 -44.42 18.70
C GLY M 188 -74.43 -44.38 20.07
N LYS M 189 -75.35 -43.43 20.24
CA LYS M 189 -76.07 -43.27 21.50
C LYS M 189 -77.24 -44.24 21.51
N SER M 199 -74.31 -55.74 15.05
CA SER M 199 -73.58 -56.87 15.63
C SER M 199 -72.58 -57.44 14.64
N VAL M 200 -72.36 -58.75 14.72
CA VAL M 200 -71.39 -59.39 13.83
C VAL M 200 -72.04 -59.73 12.50
N GLN M 201 -71.33 -59.42 11.42
CA GLN M 201 -71.74 -59.85 10.09
C GLN M 201 -70.58 -60.33 9.21
N HIS M 202 -69.33 -60.08 9.60
CA HIS M 202 -68.17 -60.42 8.79
C HIS M 202 -68.05 -61.92 8.58
N LYS N 9 -51.56 -26.00 15.95
CA LYS N 9 -51.77 -26.70 14.70
C LYS N 9 -53.07 -26.25 14.03
N SER N 10 -53.94 -25.61 14.80
CA SER N 10 -55.19 -25.07 14.29
C SER N 10 -55.38 -23.65 14.82
N VAL N 11 -55.96 -22.79 13.97
CA VAL N 11 -56.26 -21.42 14.32
C VAL N 11 -57.65 -21.10 13.79
N THR N 12 -58.61 -20.92 14.68
CA THR N 12 -59.98 -20.56 14.32
C THR N 12 -60.21 -19.09 14.62
N ARG N 13 -60.60 -18.32 13.61
CA ARG N 13 -60.79 -16.90 13.77
C ARG N 13 -62.01 -16.45 12.97
N PRO N 14 -62.84 -15.56 13.52
CA PRO N 14 -64.02 -15.09 12.78
C PRO N 14 -63.67 -14.38 11.49
N THR N 15 -64.65 -14.21 10.61
CA THR N 15 -64.47 -13.38 9.44
C THR N 15 -64.28 -11.93 9.84
N ARG N 16 -63.52 -11.19 9.03
CA ARG N 16 -63.18 -9.79 9.30
C ARG N 16 -62.46 -9.67 10.65
N SER N 17 -61.36 -10.41 10.75
CA SER N 17 -60.56 -10.44 11.98
C SER N 17 -59.11 -10.65 11.59
N SER N 18 -58.27 -11.00 12.56
CA SER N 18 -56.84 -11.17 12.34
C SER N 18 -56.40 -12.54 12.84
N ALA N 19 -55.66 -13.27 12.01
CA ALA N 19 -55.15 -14.59 12.34
C ALA N 19 -53.63 -14.56 12.40
N GLU N 20 -53.08 -15.18 13.43
CA GLU N 20 -51.63 -15.24 13.65
C GLU N 20 -51.16 -16.65 13.31
N ILE N 21 -50.28 -16.76 12.33
CA ILE N 21 -49.76 -18.04 11.86
C ILE N 21 -48.31 -18.15 12.31
N THR N 22 -48.11 -18.74 13.49
CA THR N 22 -46.75 -19.08 13.90
C THR N 22 -46.37 -20.44 13.32
N CYS N 23 -45.09 -20.77 13.41
CA CYS N 23 -44.64 -22.09 12.99
C CYS N 23 -43.34 -22.42 13.71
N ASP N 24 -42.81 -23.61 13.41
CA ASP N 24 -41.72 -24.19 14.18
C ASP N 24 -40.42 -24.30 13.39
N LEU N 25 -40.29 -23.52 12.32
CA LEU N 25 -39.03 -23.51 11.56
C LEU N 25 -37.92 -22.96 12.44
N THR N 26 -36.98 -23.84 12.82
CA THR N 26 -35.86 -23.46 13.67
C THR N 26 -34.61 -23.14 12.86
N VAL N 27 -34.81 -22.66 11.64
CA VAL N 27 -33.70 -22.32 10.75
C VAL N 27 -33.07 -21.01 11.19
N ILE N 28 -31.76 -21.02 11.34
CA ILE N 28 -31.02 -19.89 11.92
C ILE N 28 -30.47 -18.97 10.84
N ASN N 29 -29.88 -19.53 9.77
CA ASN N 29 -29.27 -18.74 8.71
C ASN N 29 -30.24 -18.49 7.56
N ALA N 30 -31.53 -18.31 7.89
CA ALA N 30 -32.54 -18.08 6.88
C ALA N 30 -32.39 -16.69 6.28
N PHE N 31 -32.65 -16.58 4.98
CA PHE N 31 -32.71 -15.30 4.30
C PHE N 31 -34.08 -14.98 3.72
N TYR N 32 -34.88 -15.99 3.39
CA TYR N 32 -36.24 -15.80 2.93
C TYR N 32 -37.13 -16.86 3.56
N ILE N 33 -38.35 -16.46 3.91
CA ILE N 33 -39.33 -17.35 4.53
C ILE N 33 -40.60 -17.31 3.68
N HIS N 34 -40.93 -18.43 3.06
CA HIS N 34 -42.07 -18.53 2.17
C HIS N 34 -43.28 -19.06 2.92
N TRP N 35 -44.45 -18.51 2.63
CA TRP N 35 -45.69 -18.90 3.28
C TRP N 35 -46.59 -19.58 2.27
N TYR N 36 -46.74 -20.89 2.39
CA TYR N 36 -47.53 -21.70 1.47
C TYR N 36 -48.90 -21.97 2.06
N LEU N 37 -49.93 -21.84 1.24
CA LEU N 37 -51.30 -22.19 1.62
C LEU N 37 -51.72 -23.44 0.88
N HIS N 38 -52.04 -24.50 1.61
CA HIS N 38 -52.67 -25.69 1.05
C HIS N 38 -54.15 -25.66 1.40
N GLN N 39 -54.99 -25.42 0.41
CA GLN N 39 -56.44 -25.31 0.64
C GLN N 39 -57.17 -26.64 0.48
N GLU N 40 -56.44 -27.75 0.65
CA GLU N 40 -57.03 -29.09 0.79
C GLU N 40 -58.02 -29.39 -0.34
N GLY N 41 -57.45 -29.48 -1.54
CA GLY N 41 -58.21 -29.73 -2.75
C GLY N 41 -57.53 -29.11 -3.95
N LYS N 42 -56.63 -28.17 -3.68
CA LYS N 42 -55.77 -27.57 -4.67
C LYS N 42 -54.31 -27.86 -4.29
N ALA N 43 -53.39 -27.29 -5.05
CA ALA N 43 -51.99 -27.44 -4.72
C ALA N 43 -51.58 -26.41 -3.67
N PRO N 44 -50.63 -26.75 -2.80
CA PRO N 44 -50.07 -25.74 -1.90
C PRO N 44 -49.42 -24.62 -2.70
N GLN N 45 -49.82 -23.39 -2.39
CA GLN N 45 -49.42 -22.23 -3.18
C GLN N 45 -48.88 -21.14 -2.26
N ARG N 46 -47.88 -20.42 -2.75
CA ARG N 46 -47.30 -19.31 -2.01
C ARG N 46 -48.18 -18.07 -2.12
N LEU N 47 -48.42 -17.43 -0.97
CA LEU N 47 -49.00 -16.10 -0.98
C LEU N 47 -47.91 -15.03 -1.05
N LEU N 48 -46.81 -15.28 -0.37
CA LEU N 48 -45.72 -14.32 -0.26
C LEU N 48 -44.53 -15.04 0.37
N TYR N 49 -43.36 -14.42 0.25
CA TYR N 49 -42.21 -14.81 1.04
C TYR N 49 -41.70 -13.58 1.77
N TYR N 50 -41.11 -13.82 2.94
CA TYR N 50 -40.60 -12.75 3.79
C TYR N 50 -39.10 -12.62 3.60
N ASP N 51 -38.67 -11.49 3.06
CA ASP N 51 -37.25 -11.18 2.98
C ASP N 51 -36.73 -10.95 4.40
N VAL N 52 -36.01 -11.93 4.95
CA VAL N 52 -35.65 -11.87 6.35
C VAL N 52 -34.65 -10.76 6.64
N SER N 53 -33.65 -10.57 5.78
CA SER N 53 -32.63 -9.56 6.03
C SER N 53 -33.20 -8.15 5.93
N ASN N 54 -33.93 -7.86 4.86
CA ASN N 54 -34.44 -6.52 4.62
C ASN N 54 -35.82 -6.27 5.22
N SER N 55 -36.51 -7.32 5.68
CA SER N 55 -37.85 -7.22 6.25
C SER N 55 -38.84 -6.62 5.24
N LYS N 56 -39.00 -7.35 4.15
CA LYS N 56 -39.98 -7.03 3.12
C LYS N 56 -40.88 -8.23 2.85
N ASP N 57 -42.12 -7.93 2.46
CA ASP N 57 -43.09 -8.94 2.04
C ASP N 57 -43.33 -8.79 0.55
N VAL N 58 -43.18 -9.88 -0.19
CA VAL N 58 -43.35 -9.88 -1.63
C VAL N 58 -44.61 -10.67 -1.93
N LEU N 59 -45.73 -9.96 -2.14
CA LEU N 59 -46.99 -10.60 -2.50
C LEU N 59 -46.96 -10.97 -3.98
N GLU N 60 -47.49 -12.14 -4.30
CA GLU N 60 -47.56 -12.57 -5.69
C GLU N 60 -48.51 -11.69 -6.49
N SER N 61 -48.25 -11.63 -7.80
CA SER N 61 -48.92 -10.71 -8.71
C SER N 61 -50.44 -10.81 -8.61
N GLY N 62 -51.12 -9.68 -8.80
CA GLY N 62 -52.57 -9.62 -8.76
C GLY N 62 -53.17 -9.52 -7.38
N LEU N 63 -52.36 -9.52 -6.32
CA LEU N 63 -52.88 -9.42 -4.97
C LEU N 63 -52.92 -7.96 -4.53
N SER N 64 -53.43 -7.73 -3.31
CA SER N 64 -53.56 -6.39 -2.77
C SER N 64 -52.71 -6.25 -1.52
N PRO N 65 -51.90 -5.20 -1.41
CA PRO N 65 -51.12 -5.00 -0.19
C PRO N 65 -52.01 -4.78 1.03
N GLY N 66 -51.49 -5.16 2.19
CA GLY N 66 -52.25 -5.09 3.42
C GLY N 66 -53.05 -6.34 3.74
N LYS N 67 -52.89 -7.41 2.95
CA LYS N 67 -53.54 -8.68 3.23
C LYS N 67 -52.65 -9.63 4.02
N TYR N 68 -51.33 -9.53 3.87
CA TYR N 68 -50.40 -10.46 4.50
C TYR N 68 -49.22 -9.70 5.06
N TYR N 69 -48.89 -9.97 6.32
CA TYR N 69 -47.76 -9.34 6.99
C TYR N 69 -47.00 -10.41 7.78
N THR N 70 -45.68 -10.35 7.71
CA THR N 70 -44.81 -11.31 8.41
C THR N 70 -44.21 -10.61 9.63
N HIS N 71 -44.59 -11.08 10.82
CA HIS N 71 -44.13 -10.50 12.07
C HIS N 71 -42.95 -11.27 12.61
N THR N 72 -42.03 -10.55 13.26
CA THR N 72 -40.80 -11.13 13.82
C THR N 72 -40.85 -10.99 15.33
N PRO N 73 -41.47 -11.94 16.03
CA PRO N 73 -41.58 -11.81 17.50
C PRO N 73 -40.26 -11.95 18.21
N ARG N 74 -39.36 -12.79 17.72
CA ARG N 74 -38.05 -12.97 18.30
C ARG N 74 -37.03 -13.03 17.18
N ARG N 75 -35.82 -13.48 17.50
CA ARG N 75 -34.75 -13.55 16.53
C ARG N 75 -34.76 -14.97 15.95
N TRP N 76 -34.90 -15.10 14.63
CA TRP N 76 -35.38 -16.33 13.99
C TRP N 76 -36.77 -16.74 14.47
N SER N 77 -37.75 -15.89 14.19
CA SER N 77 -39.15 -16.24 14.44
C SER N 77 -40.02 -15.44 13.49
N TRP N 78 -41.08 -16.07 12.99
CA TRP N 78 -41.93 -15.43 11.99
C TRP N 78 -43.39 -15.81 12.23
N ILE N 79 -44.28 -14.89 11.87
CA ILE N 79 -45.72 -15.07 12.02
C ILE N 79 -46.42 -14.36 10.88
N LEU N 80 -47.32 -15.06 10.19
CA LEU N 80 -48.09 -14.46 9.12
C LEU N 80 -49.35 -13.82 9.69
N ILE N 81 -49.60 -12.56 9.33
CA ILE N 81 -50.75 -11.81 9.80
C ILE N 81 -51.75 -11.68 8.65
N LEU N 82 -53.02 -11.93 8.94
CA LEU N 82 -54.08 -11.89 7.95
C LEU N 82 -55.12 -10.87 8.39
N ARG N 83 -55.20 -9.75 7.67
CA ARG N 83 -56.20 -8.74 7.96
C ARG N 83 -57.48 -9.02 7.17
N ASN N 84 -58.61 -8.66 7.79
CA ASN N 84 -59.96 -8.84 7.23
C ASN N 84 -60.14 -10.25 6.64
N LEU N 85 -60.08 -11.22 7.54
CA LEU N 85 -60.22 -12.62 7.17
C LEU N 85 -61.55 -12.87 6.47
N ILE N 86 -61.50 -13.69 5.42
CA ILE N 86 -62.68 -14.19 4.73
C ILE N 86 -62.60 -15.71 4.70
N GLU N 87 -63.70 -16.33 4.27
CA GLU N 87 -63.75 -17.79 4.30
C GLU N 87 -62.82 -18.42 3.27
N ASN N 88 -62.60 -17.75 2.15
CA ASN N 88 -61.65 -18.25 1.16
C ASN N 88 -60.25 -18.32 1.73
N ASP N 89 -59.95 -17.50 2.74
CA ASP N 89 -58.63 -17.43 3.35
C ASP N 89 -58.36 -18.67 4.20
N SER N 90 -59.40 -19.49 4.40
CA SER N 90 -59.24 -20.70 5.20
C SER N 90 -58.36 -21.72 4.48
N GLY N 91 -57.59 -22.47 5.27
CA GLY N 91 -56.75 -23.51 4.69
C GLY N 91 -55.66 -23.91 5.67
N VAL N 92 -54.60 -24.48 5.13
CA VAL N 92 -53.42 -24.86 5.89
C VAL N 92 -52.25 -24.03 5.40
N TYR N 93 -51.49 -23.49 6.35
CA TYR N 93 -50.39 -22.58 6.05
C TYR N 93 -49.08 -23.17 6.53
N TYR N 94 -48.05 -23.09 5.68
CA TYR N 94 -46.70 -23.52 6.01
C TYR N 94 -45.75 -22.34 5.86
N CYS N 95 -44.74 -22.27 6.72
CA CYS N 95 -43.58 -21.44 6.48
C CYS N 95 -42.49 -22.32 5.87
N ALA N 96 -42.02 -21.93 4.69
CA ALA N 96 -41.08 -22.74 3.92
C ALA N 96 -39.83 -21.94 3.64
N THR N 97 -38.67 -22.51 3.97
CA THR N 97 -37.38 -21.96 3.58
C THR N 97 -36.57 -23.05 2.91
N TRP N 98 -35.78 -22.66 1.91
CA TRP N 98 -34.98 -23.62 1.18
C TRP N 98 -33.87 -24.17 2.05
N ASP N 99 -33.68 -25.48 2.01
CA ASP N 99 -32.56 -26.17 2.63
C ASP N 99 -31.63 -26.65 1.52
N ARG N 100 -30.50 -27.24 1.92
CA ARG N 100 -29.53 -27.68 0.91
C ARG N 100 -30.11 -28.74 -0.02
N PRO N 101 -30.74 -29.82 0.46
CA PRO N 101 -31.31 -30.80 -0.48
C PRO N 101 -32.75 -30.50 -0.89
N SER N 102 -33.47 -29.66 -0.14
CA SER N 102 -34.90 -29.50 -0.36
C SER N 102 -35.35 -28.15 0.19
N LYS N 103 -36.66 -27.99 0.30
CA LYS N 103 -37.27 -26.85 0.97
C LYS N 103 -37.87 -27.35 2.29
N LEU N 104 -37.34 -26.85 3.40
CA LEU N 104 -37.86 -27.27 4.70
C LEU N 104 -39.23 -26.68 4.93
N PHE N 105 -40.08 -27.44 5.62
CA PHE N 105 -41.45 -27.04 5.89
C PHE N 105 -41.74 -27.14 7.38
N GLY N 106 -42.48 -26.17 7.89
CA GLY N 106 -42.97 -26.25 9.25
C GLY N 106 -44.06 -27.31 9.38
N SER N 107 -44.45 -27.55 10.63
CA SER N 107 -45.49 -28.55 10.88
C SER N 107 -46.81 -28.18 10.23
N GLY N 108 -47.05 -26.90 9.98
CA GLY N 108 -48.26 -26.48 9.29
C GLY N 108 -49.42 -26.28 10.24
N THR N 109 -50.03 -25.09 10.19
CA THR N 109 -51.19 -24.79 11.01
C THR N 109 -52.39 -24.63 10.09
N THR N 110 -53.54 -25.07 10.58
CA THR N 110 -54.78 -24.97 9.81
C THR N 110 -55.57 -23.75 10.27
N LEU N 111 -55.85 -22.85 9.34
CA LEU N 111 -56.64 -21.65 9.61
C LEU N 111 -58.04 -21.90 9.06
N VAL N 112 -58.99 -22.05 9.97
CA VAL N 112 -60.41 -22.11 9.60
C VAL N 112 -61.05 -20.79 9.95
N VAL N 113 -61.72 -20.18 8.98
CA VAL N 113 -62.33 -18.88 9.20
C VAL N 113 -63.84 -19.10 9.29
N THR N 114 -64.36 -19.00 10.51
CA THR N 114 -65.81 -19.18 10.74
C THR N 114 -66.49 -17.85 10.61
N ASP N 115 -67.78 -17.83 10.30
CA ASP N 115 -68.55 -16.55 10.24
C ASP N 115 -68.17 -15.71 11.47
N LYS N 116 -68.36 -16.26 12.67
CA LYS N 116 -68.03 -15.54 13.92
C LYS N 116 -67.58 -16.57 14.97
N ALA N 120 -68.79 -20.98 20.74
CA ALA N 120 -69.31 -21.51 22.00
C ALA N 120 -68.15 -22.24 22.68
N ASP N 121 -68.47 -23.04 23.69
CA ASP N 121 -67.45 -23.91 24.26
C ASP N 121 -67.13 -25.01 23.26
N VAL N 122 -66.13 -24.79 22.42
CA VAL N 122 -65.81 -25.70 21.33
C VAL N 122 -64.58 -26.51 21.70
N SER N 123 -64.30 -26.61 23.00
CA SER N 123 -63.29 -27.52 23.50
C SER N 123 -63.75 -28.95 23.24
N PRO N 124 -62.84 -29.90 23.04
CA PRO N 124 -63.27 -31.29 22.86
C PRO N 124 -63.72 -31.91 24.18
N LYS N 125 -64.94 -32.42 24.21
CA LYS N 125 -65.50 -32.96 25.44
C LYS N 125 -65.10 -34.42 25.58
N PRO N 126 -64.30 -34.77 26.59
CA PRO N 126 -63.80 -36.14 26.68
C PRO N 126 -64.82 -37.13 27.23
N THR N 127 -65.36 -37.97 26.35
CA THR N 127 -66.14 -39.12 26.77
C THR N 127 -65.23 -40.33 26.86
N ILE N 128 -65.21 -40.96 28.03
CA ILE N 128 -64.19 -41.94 28.38
C ILE N 128 -64.84 -43.31 28.52
N PHE N 129 -64.29 -44.30 27.83
CA PHE N 129 -64.83 -45.66 27.82
C PHE N 129 -63.79 -46.60 28.43
N LEU N 130 -63.84 -46.74 29.75
CA LEU N 130 -63.03 -47.74 30.43
C LEU N 130 -63.58 -49.11 30.10
N PRO N 131 -62.78 -50.01 29.52
CA PRO N 131 -63.31 -51.33 29.16
C PRO N 131 -63.63 -52.17 30.38
N ALA N 134 -63.88 -57.98 30.11
CA ALA N 134 -64.23 -58.98 29.11
C ALA N 134 -63.04 -59.33 28.20
N GLU N 135 -62.36 -58.32 27.66
CA GLU N 135 -61.23 -58.61 26.77
C GLU N 135 -60.08 -59.26 27.51
N THR N 136 -59.78 -58.79 28.72
CA THR N 136 -58.74 -59.43 29.54
C THR N 136 -59.14 -60.84 29.96
N LYS N 137 -60.43 -61.13 30.01
CA LYS N 137 -60.88 -62.51 30.19
C LYS N 137 -60.66 -63.32 28.92
N LEU N 138 -60.86 -62.69 27.75
CA LEU N 138 -60.82 -63.39 26.48
C LEU N 138 -59.41 -63.44 25.89
N GLN N 139 -58.79 -62.28 25.63
CA GLN N 139 -57.48 -62.23 24.99
C GLN N 139 -56.38 -61.75 25.93
N LYS N 140 -56.66 -61.65 27.25
CA LYS N 140 -55.79 -61.03 28.24
C LYS N 140 -55.11 -59.78 27.70
N ALA N 141 -55.87 -58.99 26.93
CA ALA N 141 -55.37 -57.74 26.37
C ALA N 141 -56.58 -56.90 26.00
N GLY N 142 -56.79 -55.80 26.72
CA GLY N 142 -57.93 -54.93 26.51
C GLY N 142 -57.61 -53.74 25.63
N THR N 143 -58.48 -52.74 25.69
CA THR N 143 -58.29 -51.52 24.94
C THR N 143 -59.04 -50.38 25.62
N TYR N 144 -58.44 -49.19 25.61
CA TYR N 144 -59.06 -47.98 26.13
C TYR N 144 -59.38 -47.06 24.97
N LEU N 145 -60.64 -46.69 24.82
CA LEU N 145 -61.07 -45.81 23.74
C LEU N 145 -61.62 -44.52 24.34
N CYS N 146 -61.11 -43.39 23.85
CA CYS N 146 -61.50 -42.07 24.35
C CYS N 146 -62.19 -41.32 23.23
N LEU N 147 -63.37 -40.79 23.53
CA LEU N 147 -64.16 -40.04 22.55
C LEU N 147 -64.14 -38.56 22.90
N LEU N 148 -64.04 -37.73 21.87
CA LEU N 148 -64.10 -36.28 22.02
C LEU N 148 -65.11 -35.74 21.03
N GLU N 149 -66.13 -35.05 21.52
CA GLU N 149 -67.27 -34.65 20.72
C GLU N 149 -67.42 -33.13 20.70
N LYS N 150 -68.17 -32.66 19.70
CA LYS N 150 -68.55 -31.25 19.52
C LYS N 150 -67.41 -30.29 19.85
N PHE N 151 -66.32 -30.43 19.10
CA PHE N 151 -65.20 -29.49 19.15
C PHE N 151 -65.08 -28.78 17.81
N PHE N 152 -64.50 -27.58 17.85
CA PHE N 152 -64.25 -26.84 16.63
C PHE N 152 -62.87 -26.22 16.75
N PRO N 153 -62.03 -26.34 15.72
CA PRO N 153 -62.29 -27.00 14.43
C PRO N 153 -62.06 -28.49 14.46
N ASP N 154 -62.22 -29.16 13.31
CA ASP N 154 -61.97 -30.59 13.22
C ASP N 154 -60.50 -30.91 13.44
N VAL N 155 -59.62 -29.93 13.26
CA VAL N 155 -58.19 -30.14 13.38
C VAL N 155 -57.85 -30.47 14.83
N ILE N 156 -57.52 -31.73 15.08
CA ILE N 156 -57.22 -32.23 16.41
C ILE N 156 -56.18 -33.33 16.28
N LYS N 157 -55.56 -33.68 17.41
CA LYS N 157 -54.52 -34.70 17.41
C LYS N 157 -54.63 -35.49 18.70
N ILE N 158 -55.03 -36.74 18.60
CA ILE N 158 -55.16 -37.63 19.75
C ILE N 158 -54.11 -38.72 19.64
N HIS N 159 -53.19 -38.75 20.59
CA HIS N 159 -52.20 -39.82 20.69
C HIS N 159 -52.05 -40.20 22.16
N TRP N 160 -51.51 -41.39 22.40
CA TRP N 160 -51.50 -41.97 23.73
C TRP N 160 -50.07 -42.19 24.19
N GLN N 161 -49.79 -41.83 25.44
CA GLN N 161 -48.47 -41.98 26.02
C GLN N 161 -48.57 -42.63 27.39
N GLU N 162 -47.42 -43.02 27.93
CA GLU N 162 -47.33 -43.54 29.28
C GLU N 162 -47.01 -42.42 30.26
N LYS N 163 -47.34 -42.63 31.53
CA LYS N 163 -46.96 -41.67 32.56
C LYS N 163 -45.45 -41.63 32.76
N LYS N 164 -44.72 -42.62 32.23
CA LYS N 164 -43.28 -42.71 32.44
C LYS N 164 -42.47 -42.13 31.30
N SER N 165 -43.04 -42.03 30.11
CA SER N 165 -42.29 -41.63 28.92
C SER N 165 -43.15 -40.79 28.00
N ASN N 166 -42.47 -40.00 27.16
CA ASN N 166 -43.11 -39.23 26.11
C ASN N 166 -43.28 -40.03 24.81
N ILE N 168 -44.76 -41.82 21.82
CA ILE N 168 -46.04 -41.82 21.12
C ILE N 168 -46.42 -43.27 20.84
N LEU N 169 -47.24 -43.86 21.71
CA LEU N 169 -47.64 -45.24 21.55
C LEU N 169 -48.53 -45.39 20.33
N GLY N 170 -48.33 -46.48 19.58
CA GLY N 170 -49.16 -46.76 18.44
C GLY N 170 -50.61 -46.98 18.86
N SER N 171 -51.46 -45.99 18.58
CA SER N 171 -52.86 -46.02 19.00
C SER N 171 -53.73 -45.92 17.77
N GLN N 172 -54.67 -46.85 17.63
CA GLN N 172 -55.62 -46.80 16.52
C GLN N 172 -56.48 -45.55 16.62
N GLU N 173 -56.64 -44.86 15.51
CA GLU N 173 -57.30 -43.55 15.47
C GLU N 173 -58.44 -43.59 14.46
N GLY N 174 -59.66 -43.40 14.95
CA GLY N 174 -60.81 -43.32 14.06
C GLY N 174 -60.84 -41.98 13.35
N ASN N 175 -61.75 -41.83 12.39
CA ASN N 175 -61.85 -40.61 11.61
C ASN N 175 -62.63 -39.55 12.40
N THR N 176 -62.72 -38.36 11.82
CA THR N 176 -63.46 -37.26 12.40
C THR N 176 -64.79 -37.09 11.65
N MET N 177 -65.85 -36.84 12.40
CA MET N 177 -67.19 -36.74 11.83
C MET N 177 -67.88 -35.49 12.35
N LYS N 178 -68.43 -34.70 11.43
CA LYS N 178 -69.20 -33.52 11.80
C LYS N 178 -70.53 -33.94 12.43
N THR N 179 -70.83 -33.39 13.61
CA THR N 179 -72.08 -33.75 14.28
C THR N 179 -73.25 -32.93 13.72
N ASN N 180 -73.26 -31.63 13.98
CA ASN N 180 -74.17 -30.72 13.31
C ASN N 180 -73.37 -29.62 12.59
N ASP N 181 -72.52 -28.93 13.36
CA ASP N 181 -71.57 -27.98 12.84
C ASP N 181 -70.20 -28.11 13.49
N THR N 182 -70.10 -28.86 14.58
CA THR N 182 -68.84 -29.19 15.24
C THR N 182 -68.49 -30.63 14.86
N TYR N 183 -67.42 -31.15 15.47
CA TYR N 183 -66.84 -32.41 15.00
C TYR N 183 -66.66 -33.37 16.16
N MET N 184 -66.49 -34.64 15.81
CA MET N 184 -66.34 -35.73 16.76
C MET N 184 -65.20 -36.62 16.30
N LYS N 185 -64.45 -37.17 17.25
CA LYS N 185 -63.32 -38.03 16.92
C LYS N 185 -62.98 -38.89 18.14
N PHE N 186 -62.59 -40.13 17.90
CA PHE N 186 -62.21 -41.04 18.97
C PHE N 186 -60.88 -41.72 18.64
N SER N 187 -60.36 -42.45 19.61
CA SER N 187 -59.11 -43.19 19.47
C SER N 187 -59.05 -44.26 20.53
N TRP N 188 -58.47 -45.40 20.18
CA TRP N 188 -58.30 -46.49 21.12
C TRP N 188 -56.90 -47.08 21.00
N LEU N 189 -56.44 -47.70 22.10
CA LEU N 189 -55.08 -48.27 22.12
C LEU N 189 -55.17 -49.72 22.64
N THR N 190 -55.01 -50.69 21.73
CA THR N 190 -55.09 -52.11 22.13
C THR N 190 -54.02 -52.41 23.15
N VAL N 191 -54.36 -52.35 24.43
CA VAL N 191 -53.37 -52.59 25.51
C VAL N 191 -53.11 -54.11 25.62
N PRO N 192 -51.85 -54.57 25.45
CA PRO N 192 -51.54 -55.99 25.57
C PRO N 192 -52.05 -56.54 26.90
N LYS N 198 -51.57 -50.76 33.14
CA LYS N 198 -50.82 -49.56 33.44
C LYS N 198 -51.68 -48.35 33.11
N GLU N 199 -51.18 -47.17 33.50
CA GLU N 199 -51.93 -45.92 33.32
C GLU N 199 -51.46 -45.25 32.04
N HIS N 200 -52.11 -45.60 30.94
CA HIS N 200 -51.82 -44.99 29.65
C HIS N 200 -52.70 -43.77 29.44
N ARG N 201 -52.06 -42.60 29.30
CA ARG N 201 -52.79 -41.35 29.16
C ARG N 201 -53.10 -41.07 27.70
N CYS N 202 -54.08 -40.21 27.47
CA CYS N 202 -54.59 -39.90 26.14
C CYS N 202 -54.44 -38.40 25.91
N ILE N 203 -53.30 -38.00 25.34
CA ILE N 203 -53.05 -36.58 25.08
C ILE N 203 -53.91 -36.13 23.90
N VAL N 204 -54.62 -35.03 24.09
CA VAL N 204 -55.46 -34.43 23.05
C VAL N 204 -54.91 -33.03 22.78
N ARG N 205 -54.57 -32.77 21.52
CA ARG N 205 -54.06 -31.46 21.12
C ARG N 205 -55.12 -30.78 20.26
N HIS N 206 -55.75 -29.75 20.80
CA HIS N 206 -56.74 -28.96 20.09
C HIS N 206 -56.45 -27.48 20.29
N GLU N 207 -57.02 -26.66 19.41
CA GLU N 207 -56.90 -25.22 19.58
C GLU N 207 -57.59 -24.77 20.86
N ASN N 208 -58.90 -25.02 20.95
CA ASN N 208 -59.68 -24.65 22.13
C ASN N 208 -59.55 -25.76 23.17
N ASN N 209 -58.94 -25.43 24.31
CA ASN N 209 -58.78 -26.39 25.39
C ASN N 209 -58.91 -25.65 26.72
N LYS N 210 -58.60 -26.36 27.80
CA LYS N 210 -58.65 -25.78 29.13
C LYS N 210 -57.28 -25.24 29.53
N GLY N 212 -55.60 -23.01 28.29
CA GLY N 212 -54.76 -22.69 27.15
C GLY N 212 -53.95 -23.85 26.63
N VAL N 213 -53.28 -24.57 27.53
CA VAL N 213 -52.44 -25.71 27.17
C VAL N 213 -53.31 -26.80 26.55
N ASP N 214 -52.69 -27.72 25.81
CA ASP N 214 -53.44 -28.79 25.18
C ASP N 214 -54.05 -29.73 26.22
N GLN N 215 -54.99 -30.55 25.77
CA GLN N 215 -55.77 -31.38 26.66
C GLN N 215 -55.05 -32.68 26.98
N GLU N 216 -55.61 -33.43 27.93
CA GLU N 216 -55.02 -34.67 28.40
C GLU N 216 -56.09 -35.42 29.19
N ILE N 217 -56.11 -36.74 29.04
CA ILE N 217 -57.09 -37.57 29.73
C ILE N 217 -56.37 -38.74 30.38
N ILE N 218 -56.74 -39.02 31.64
CA ILE N 218 -56.19 -40.15 32.40
C ILE N 218 -57.01 -41.40 32.12
N PHE N 219 -56.36 -42.56 32.25
CA PHE N 219 -57.03 -43.86 32.18
C PHE N 219 -56.46 -44.78 33.25
N PRO N 220 -57.30 -45.32 34.12
CA PRO N 220 -56.82 -46.23 35.17
C PRO N 220 -56.81 -47.67 34.68
N PRO N 221 -56.18 -48.59 35.45
CA PRO N 221 -56.20 -50.01 35.08
C PRO N 221 -57.61 -50.60 35.01
CHC PEB O . -9.62 -4.87 -39.41
NC PEB O . -9.17 -5.00 -41.85
C1C PEB O . -9.62 -4.51 -43.04
C2C PEB O . -10.69 -3.66 -42.75
C3C PEB O . -10.86 -3.65 -41.36
C4C PEB O . -9.90 -4.51 -40.83
CMC PEB O . -11.89 -2.90 -40.58
CAC PEB O . -11.50 -2.90 -43.76
CBC PEB O . -12.88 -3.52 -43.97
CGC PEB O . -12.92 -5.05 -44.15
O1C PEB O . -12.04 -5.57 -44.87
O2C PEB O . -13.83 -5.65 -43.54
ND PEB O . -8.98 -2.49 -39.10
C1D PEB O . -8.71 -3.85 -38.71
C2D PEB O . -8.95 -3.80 -37.23
C3D PEB O . -9.46 -2.60 -36.89
C4D PEB O . -9.41 -1.71 -38.09
CMD PEB O . -8.82 -5.06 -36.44
CAD PEB O . -9.96 -2.16 -35.59
CBD PEB O . -9.67 -2.60 -34.37
OD PEB O . -9.70 -0.53 -38.17
NA PEB O . -6.01 -10.61 -45.15
C1A PEB O . -5.12 -11.64 -45.36
C2A PEB O . -3.97 -11.48 -44.38
C3A PEB O . -4.41 -10.32 -43.47
C4A PEB O . -5.63 -9.76 -44.15
CMA PEB O . -3.69 -12.78 -43.66
CBA PEB O . -2.40 -9.62 -42.08
OA PEB O . -5.25 -12.52 -46.18
CHA PEB O . -6.38 -8.75 -43.66
CAA PEB O . -3.34 -9.26 -43.22
NB PEB O . -7.82 -6.85 -43.71
C1B PEB O . -6.92 -7.59 -44.31
C2B PEB O . -6.59 -7.07 -45.64
C3B PEB O . -7.37 -5.96 -45.81
C4B PEB O . -8.14 -5.82 -44.58
CHB PEB O . -9.05 -4.84 -44.30
CMB PEB O . -5.62 -7.64 -46.62
CAB PEB O . -7.42 -5.05 -46.99
CBB PEB O . -8.76 -5.11 -47.72
CGB PEB O . -9.66 -3.87 -47.52
O1B PEB O . -9.19 -2.92 -46.88
O2B PEB O . -10.80 -3.93 -48.03
CHC PEB P . 12.68 29.47 -30.06
NC PEB P . 14.00 31.55 -30.48
C1C PEB P . 15.23 32.09 -30.15
C2C PEB P . 15.90 31.16 -29.36
C3C PEB P . 15.05 30.05 -29.21
C4C PEB P . 13.88 30.33 -29.91
CMC PEB P . 15.38 28.81 -28.43
CAC PEB P . 17.25 31.30 -28.78
CBC PEB P . 18.31 30.68 -29.71
CGC PEB P . 18.45 31.33 -31.10
O1C PEB P . 19.46 32.02 -31.29
O2C PEB P . 17.52 31.11 -31.92
ND PEB P . 14.11 27.92 -31.37
C1D PEB P . 12.82 28.53 -31.27
C2D PEB P . 11.92 27.32 -31.21
C3D PEB P . 12.63 26.20 -31.37
C4D PEB P . 14.08 26.57 -31.43
CMD PEB P . 10.45 27.49 -31.22
CAD PEB P . 12.09 24.90 -31.74
CBD PEB P . 12.76 23.80 -32.08
OD PEB P . 15.05 25.84 -31.51
NA PEB P . 11.49 38.47 -31.82
C1A PEB P . 10.42 39.31 -31.79
C2A PEB P . 9.32 38.63 -31.01
C3A PEB P . 9.84 37.19 -30.83
C4A PEB P . 11.30 37.27 -31.18
CMA PEB P . 9.09 39.36 -29.70
CBA PEB P . 7.65 36.34 -31.88
OA PEB P . 10.40 40.42 -32.29
CHA PEB P . 12.03 36.19 -31.50
CAA PEB P . 9.14 36.13 -31.68
NB PEB P . 13.70 34.56 -31.08
C1B PEB P . 13.36 35.82 -31.13
C2B PEB P . 14.49 36.69 -30.81
C3B PEB P . 15.53 35.86 -30.53
C4B PEB P . 15.03 34.51 -30.72
CHB PEB P . 15.71 33.35 -30.56
CMB PEB P . 14.49 38.19 -30.76
CAB PEB P . 16.92 36.22 -30.14
CBB PEB P . 17.03 36.48 -28.64
CGB PEB P . 18.22 37.36 -28.23
O1B PEB P . 17.98 38.42 -27.62
O2B PEB P . 19.35 36.93 -28.55
CHC PEB Q . -2.73 32.03 -45.69
NC PEB Q . -3.92 33.47 -47.33
C1C PEB Q . -3.70 34.17 -48.49
C2C PEB Q . -2.36 33.98 -48.84
C3C PEB Q . -1.79 33.15 -47.85
C4C PEB Q . -2.79 32.85 -46.92
CMC PEB Q . -0.37 32.68 -47.79
CAC PEB Q . -1.65 34.54 -50.02
CBC PEB Q . -1.65 33.57 -51.20
CGC PEB Q . -2.93 33.52 -52.04
O1C PEB Q . -2.94 34.11 -53.14
O2C PEB Q . -3.89 32.89 -51.54
ND PEB Q . -2.53 29.87 -46.92
C1D PEB Q . -3.25 30.58 -45.90
C2D PEB Q . -3.03 29.72 -44.70
C3D PEB Q . -2.38 28.59 -45.05
C4D PEB Q . -2.00 28.71 -46.48
CMD PEB Q . -3.35 30.23 -43.35
CAD PEB Q . -1.96 27.54 -44.15
CBD PEB Q . -1.34 26.39 -44.47
OD PEB Q . -1.36 27.92 -47.16
NA PEB Q . -9.85 36.37 -46.51
C1A PEB Q . -10.88 36.99 -45.87
C2A PEB Q . -12.00 35.98 -45.72
C3A PEB Q . -11.50 34.73 -46.46
C4A PEB Q . -10.08 35.05 -46.85
CMA PEB Q . -12.36 35.74 -44.26
CBA PEB Q . -12.77 35.54 -48.50
OA PEB Q . -10.87 38.14 -45.49
CHA PEB Q . -9.17 34.27 -47.46
CAA PEB Q . -12.37 34.34 -47.66
NB PEB Q . -6.80 34.37 -48.05
C1B PEB Q . -8.06 34.72 -48.27
C2B PEB Q . -8.18 35.61 -49.41
C3B PEB Q . -6.92 35.78 -49.88
C4B PEB Q . -6.04 35.01 -49.03
CHB PEB Q . -4.69 34.92 -49.17
CMB PEB Q . -9.45 36.19 -49.93
CAB PEB Q . -6.47 36.61 -51.05
CBB PEB Q . -6.32 38.08 -50.68
CGB PEB Q . -5.41 38.36 -49.47
O1B PEB Q . -5.93 38.90 -48.47
O2B PEB Q . -4.22 38.02 -49.59
CHC PEB R . -14.97 17.11 -36.38
NC PEB R . -17.37 17.22 -36.98
C1C PEB R . -18.28 16.70 -37.85
C2C PEB R . -17.59 15.79 -38.65
C3C PEB R . -16.25 15.79 -38.24
C4C PEB R . -16.15 16.70 -37.19
CMC PEB R . -15.14 14.97 -38.82
CAC PEB R . -18.16 14.95 -39.75
CBC PEB R . -18.02 15.63 -41.10
CGC PEB R . -18.49 17.10 -41.16
O1C PEB R . -19.71 17.32 -41.05
O2C PEB R . -17.60 17.96 -41.30
ND PEB R . -14.52 14.81 -35.65
C1D PEB R . -14.68 16.16 -35.21
C2D PEB R . -13.34 16.43 -34.57
C3D PEB R . -12.51 15.38 -34.77
C4D PEB R . -13.30 14.30 -35.43
CMD PEB R . -13.07 17.73 -33.92
CAD PEB R . -11.17 15.24 -34.24
CBD PEB R . -10.03 15.39 -34.89
OD PEB R . -12.91 13.18 -35.72
NA PEB R . -21.75 22.44 -35.38
C1A PEB R . -22.37 23.54 -34.90
C2A PEB R . -22.05 23.66 -33.43
C3A PEB R . -21.01 22.56 -33.17
C4A PEB R . -21.03 21.74 -34.44
CMA PEB R . -21.57 25.07 -33.09
CBA PEB R . -20.03 21.24 -31.22
OA PEB R . -23.06 24.30 -35.56
CHA PEB R . -20.43 20.55 -34.67
CAA PEB R . -21.30 21.73 -31.91
NB PEB R . -19.75 18.82 -36.21
C1B PEB R . -20.72 19.54 -35.68
C2B PEB R . -22.01 19.17 -36.22
C3B PEB R . -21.78 18.18 -37.12
C4B PEB R . -20.34 17.96 -37.12
CHB PEB R . -19.66 17.05 -37.88
CMB PEB R . -23.32 19.76 -35.84
CAB PEB R . -22.78 17.44 -37.96
CBB PEB R . -22.65 17.73 -39.45
CGB PEB R . -22.65 16.47 -40.34
O1B PEB R . -22.38 15.38 -39.80
O2B PEB R . -22.90 16.65 -41.55
CHC PUB S . -16.72 37.82 -16.98
NC PUB S . -17.71 36.37 -18.73
C1C PUB S . -18.96 35.86 -19.02
C2C PUB S . -19.91 36.28 -18.01
C3C PUB S . -19.18 37.04 -17.12
C4C PUB S . -17.88 37.09 -17.58
CMC PUB S . -19.71 37.72 -15.89
CAC PUB S . -21.38 35.95 -17.98
CBC PUB S . -21.70 34.70 -17.15
CGC PUB S . -23.18 34.38 -17.07
O1C PUB S . -23.79 34.18 -18.14
O2C PUB S . -23.72 34.34 -15.95
ND PUB S . -17.73 40.11 -17.16
C1D PUB S . -16.64 39.24 -17.57
C2D PUB S . -15.45 40.02 -17.07
C3D PUB S . -15.86 41.18 -16.55
C4D PUB S . -17.31 41.23 -16.55
CMD PUB S . -14.05 39.52 -17.21
CBD PUB S . -14.65 43.32 -17.09
OD PUB S . -18.03 42.13 -16.11
NA PUB S . -14.82 34.75 -25.05
C1A PUB S . -13.64 34.82 -25.67
C2A PUB S . -12.91 36.03 -25.19
C3A PUB S . -13.44 36.17 -23.95
C4A PUB S . -14.83 35.54 -23.83
CMA PUB S . -11.52 36.43 -25.60
CBA PUB S . -13.02 38.27 -22.55
OA PUB S . -13.25 33.97 -26.48
CHA PUB S . -15.06 34.55 -22.67
CAA PUB S . -12.77 36.79 -22.74
CAD PUB S . -15.00 42.30 -16.02
NB PUB S . -17.05 34.96 -21.21
C1B PUB S . -16.51 34.42 -22.33
C2B PUB S . -17.51 33.78 -23.04
C3B PUB S . -18.71 33.94 -22.33
C4B PUB S . -18.40 34.68 -21.15
CHB PUB S . -19.25 35.09 -20.13
CMB PUB S . -17.39 33.05 -24.34
CAB PUB S . -20.05 33.41 -22.71
CBB PUB S . -21.20 34.41 -22.66
CGB PUB S . -20.96 35.68 -23.47
O1B PUB S . -20.05 36.45 -23.10
O2B PUB S . -21.68 35.89 -24.47
CHC PEB T . -8.23 22.04 -6.00
NC PEB T . -7.07 24.06 -5.11
C1C PEB T . -6.10 24.36 -4.18
C2C PEB T . -5.65 23.18 -3.60
C3C PEB T . -6.38 22.13 -4.19
C4C PEB T . -7.25 22.71 -5.11
CMC PEB T . -6.23 20.69 -3.88
CAC PEB T . -4.60 23.04 -2.54
CBC PEB T . -3.19 22.88 -3.13
CGC PEB T . -2.52 24.17 -3.64
O1C PEB T . -2.00 24.15 -4.76
O2C PEB T . -2.58 25.15 -2.86
ND PEB T . -6.34 20.94 -7.15
C1D PEB T . -7.59 21.61 -7.33
C2D PEB T . -8.42 20.56 -8.01
C3D PEB T . -7.72 19.42 -8.13
C4D PEB T . -6.34 19.67 -7.60
CMD PEB T . -9.87 20.80 -8.22
CAD PEB T . -8.21 18.15 -8.61
CBD PEB T . -7.49 17.10 -9.01
OD PEB T . -5.40 18.90 -7.57
NA PEB T . -9.61 30.86 -4.73
C1A PEB T . -10.55 31.81 -4.96
C2A PEB T . -11.58 31.19 -5.88
C3A PEB T . -11.13 29.73 -6.05
C4A PEB T . -9.80 29.66 -5.34
CMA PEB T . -12.96 31.36 -5.27
CBA PEB T . -12.15 29.73 -8.39
OA PEB T . -10.55 32.92 -4.50
CHA PEB T . -8.81 28.79 -5.64
CAA PEB T . -11.02 29.25 -7.50
NB PEB T . -7.38 27.03 -4.90
C1B PEB T . -7.68 28.30 -4.87
C2B PEB T . -6.74 29.06 -4.04
C3B PEB T . -5.86 28.14 -3.56
C4B PEB T . -6.26 26.86 -4.10
CHB PEB T . -5.65 25.67 -3.87
CMB PEB T . -6.73 30.51 -3.77
CAB PEB T . -4.70 28.38 -2.64
CBB PEB T . -5.07 28.20 -1.18
CGB PEB T . -4.08 28.82 -0.18
O1B PEB T . -3.23 28.06 0.34
O2B PEB T . -4.19 30.04 0.02
CHC PEB U . 38.49 10.97 20.87
NC PEB U . 39.64 9.22 22.13
C1C PEB U . 40.05 7.92 22.03
C2C PEB U . 39.71 7.46 20.76
C3C PEB U . 39.06 8.53 20.12
C4C PEB U . 39.03 9.59 21.00
CMC PEB U . 38.52 8.51 18.73
CAC PEB U . 39.97 6.09 20.22
CBC PEB U . 41.31 5.96 19.52
CGC PEB U . 42.55 5.99 20.43
O1C PEB U . 42.81 4.98 21.11
O2C PEB U . 43.22 7.05 20.40
ND PEB U . 40.23 11.31 19.17
C1D PEB U . 39.54 11.91 20.27
C2D PEB U . 38.91 13.11 19.63
C3D PEB U . 39.19 13.13 18.32
C4D PEB U . 40.05 11.96 18.01
CMD PEB U . 37.95 13.94 20.41
CAD PEB U . 38.96 14.26 17.44
CBD PEB U . 39.44 14.43 16.20
OD PEB U . 40.53 11.63 16.94
NA PEB U . 40.70 8.92 29.58
C1A PEB U . 40.23 9.07 30.84
C2A PEB U . 38.90 9.77 30.74
C3A PEB U . 38.81 10.19 29.26
C4A PEB U . 39.91 9.43 28.58
CMA PEB U . 37.80 8.83 31.19
CBA PEB U . 38.05 12.56 29.89
OA PEB U . 40.79 8.68 31.84
CHA PEB U . 40.34 9.61 27.31
CAA PEB U . 38.95 11.70 29.02
NB PEB U . 40.37 8.81 25.02
C1B PEB U . 40.62 8.60 26.31
C2B PEB U . 41.21 7.28 26.57
C3B PEB U . 41.29 6.68 25.37
C4B PEB U . 40.77 7.61 24.41
CHB PEB U . 40.72 7.28 23.09
CMB PEB U . 41.63 6.68 27.85
CAB PEB U . 41.81 5.31 25.08
CBB PEB U . 40.76 4.23 25.29
CGB PEB U . 41.31 2.81 25.58
O1B PEB U . 41.10 2.34 26.71
O2B PEB U . 41.90 2.25 24.64
CHC PEB V . 43.88 29.69 30.93
NC PEB V . 44.65 30.73 33.11
C1C PEB V . 45.67 30.60 34.03
C2C PEB V . 46.49 29.58 33.55
C3C PEB V . 45.95 29.10 32.36
C4C PEB V . 44.81 29.85 32.09
CMC PEB V . 46.50 28.01 31.51
CAC PEB V . 47.73 29.08 34.22
CBC PEB V . 48.96 29.88 33.78
CGC PEB V . 48.70 31.37 33.52
O1C PEB V . 48.87 32.16 34.47
O2C PEB V . 48.33 31.67 32.37
ND PEB V . 44.23 31.76 29.46
C1D PEB V . 43.34 30.95 30.25
C2D PEB V . 42.29 30.59 29.24
C3D PEB V . 42.57 31.13 28.03
C4D PEB V . 43.85 31.91 28.16
CMD PEB V . 41.16 29.72 29.66
CAD PEB V . 42.07 30.64 26.77
CBD PEB V . 41.90 29.37 26.37
OD PEB V . 44.43 32.58 27.29
NA PEB V . 41.00 33.23 38.54
C1A PEB V . 40.07 33.59 39.48
C2A PEB V . 39.29 34.75 38.91
C3A PEB V . 39.83 34.91 37.47
C4A PEB V . 41.01 33.98 37.39
CMA PEB V . 37.80 34.50 38.99
CBA PEB V . 41.08 37.02 38.15
OA PEB V . 39.92 33.05 40.56
CHA PEB V . 42.01 33.98 36.47
CAA PEB V . 40.19 36.35 37.11
NB PEB V . 43.82 32.65 35.50
C1B PEB V . 43.29 33.30 36.54
C2B PEB V . 44.18 33.28 37.70
C3B PEB V . 45.26 32.54 37.34
C4B PEB V . 45.02 32.13 35.96
CHB PEB V . 45.86 31.37 35.20
CMB PEB V . 43.94 33.95 39.02
CAB PEB V . 46.49 32.21 38.14
CBB PEB V . 46.26 31.48 39.47
CGB PEB V . 45.79 30.02 39.37
O1B PEB V . 44.67 29.75 39.83
O2B PEB V . 46.59 29.21 38.84
CHC PUB W . 12.94 20.24 39.89
NC PUB W . 13.50 22.59 39.38
C1C PUB W . 12.87 23.82 39.50
C2C PUB W . 11.55 23.64 40.05
C3C PUB W . 11.42 22.29 40.28
C4C PUB W . 12.60 21.69 39.86
CMC PUB W . 10.23 21.58 40.86
CAC PUB W . 10.55 24.73 40.32
CBC PUB W . 9.59 24.98 39.15
CGC PUB W . 8.52 26.02 39.44
O1C PUB W . 8.88 27.16 39.80
O2C PUB W . 7.33 25.68 39.31
ND PUB W . 12.85 19.97 42.39
C1D PUB W . 13.66 19.85 41.20
C2D PUB W . 14.02 18.39 41.24
C3D PUB W . 13.52 17.84 42.35
C4D PUB W . 12.74 18.83 43.07
CMD PUB W . 14.85 17.75 40.19
CBD PUB W . 14.90 16.26 43.75
OD PUB W . 12.10 18.65 44.12
NA PUB W . 19.46 25.20 38.82
C1A PUB W . 20.75 25.43 38.49
C2A PUB W . 21.22 24.24 37.79
C3A PUB W . 20.25 23.31 37.84
C4A PUB W . 18.98 23.91 38.39
CMA PUB W . 22.58 24.04 37.17
CBA PUB W . 19.55 20.90 38.20
OA PUB W . 21.39 26.45 38.72
CHA PUB W . 17.92 24.10 37.29
CAA PUB W . 20.35 21.88 37.37
CAD PUB W . 13.69 16.43 42.83
NB PUB W . 15.62 24.29 38.25
C1B PUB W . 16.74 24.88 37.74
C2B PUB W . 16.56 26.24 37.75
C3B PUB W . 15.30 26.51 38.27
C4B PUB W . 14.69 25.26 38.58
CHB PUB W . 13.44 25.03 39.13
CMB PUB W . 17.54 27.28 37.28
CAB PUB W . 14.67 27.86 38.47
CBB PUB W . 14.27 28.17 39.91
CGB PUB W . 15.42 28.13 40.90
O1B PUB W . 15.99 27.05 41.10
O2B PUB W . 15.74 29.20 41.47
CHC PEB X . 5.80 14.47 20.41
NC PEB X . 5.95 12.30 21.61
C1C PEB X . 5.89 10.96 21.38
C2C PEB X . 5.68 10.77 20.02
C3C PEB X . 5.61 12.05 19.43
C4C PEB X . 5.79 12.97 20.45
CMC PEB X . 5.40 12.35 17.98
CAC PEB X . 5.55 9.46 19.31
CBC PEB X . 6.87 9.07 18.65
CGC PEB X . 8.11 9.17 19.56
O1C PEB X . 8.82 10.20 19.46
O2C PEB X . 8.29 8.22 20.34
ND PEB X . 7.81 14.45 18.98
C1D PEB X . 7.22 15.01 20.17
C2D PEB X . 7.23 16.48 19.86
C3D PEB X . 7.68 16.69 18.61
C4D PEB X . 8.10 15.39 18.05
CMD PEB X . 6.87 17.47 20.91
CAD PEB X . 7.53 17.92 17.85
CBD PEB X . 8.11 18.23 16.70
OD PEB X . 8.61 15.15 16.95
NA PEB X . 5.68 11.37 28.78
C1A PEB X . 5.54 11.78 30.07
C2A PEB X . 5.70 13.28 30.08
C3A PEB X . 5.83 13.67 28.60
C4A PEB X . 5.93 12.36 27.86
CMA PEB X . 4.54 13.90 30.83
CBA PEB X . 7.08 15.82 29.18
OA PEB X . 5.32 11.05 31.01
CHA PEB X . 6.55 12.16 26.67
CAA PEB X . 7.01 14.60 28.28
NB PEB X . 6.26 11.37 24.42
C1B PEB X . 6.41 11.10 25.69
C2B PEB X . 6.43 9.66 25.93
C3B PEB X . 6.29 9.07 24.71
C4B PEB X . 6.18 10.15 23.75
CHB PEB X . 6.02 9.98 22.41
CMB PEB X . 6.59 8.95 27.22
CAB PEB X . 6.23 7.62 24.39
CBB PEB X . 4.84 7.04 24.61
CGB PEB X . 4.75 5.52 24.47
O1B PEB X . 5.30 5.00 23.48
O2B PEB X . 4.15 4.91 25.38
CHC PEB Y . 26.64 38.51 22.56
NC PEB Y . 26.27 40.15 24.40
C1C PEB Y . 26.44 41.49 24.69
C2C PEB Y . 27.05 42.06 23.55
C3C PEB Y . 27.21 41.04 22.59
C4C PEB Y . 26.68 39.89 23.14
CMC PEB Y . 27.81 41.22 21.24
CAC PEB Y . 27.45 43.50 23.40
CBC PEB Y . 28.89 43.76 23.81
CGC PEB Y . 29.16 43.53 25.29
O1C PEB Y . 28.68 44.34 26.11
O2C PEB Y . 29.85 42.55 25.62
ND PEB Y . 25.88 38.70 20.24
C1D PEB Y . 25.53 38.21 21.56
C2D PEB Y . 25.56 36.73 21.31
C3D PEB Y . 26.08 36.48 20.09
C4D PEB Y . 26.03 37.71 19.34
CMD PEB Y . 25.13 35.74 22.35
CAD PEB Y . 26.60 35.19 19.62
CBD PEB Y . 27.06 34.91 18.44
OD PEB Y . 26.11 37.85 18.12
NA PEB Y . 21.87 41.39 30.65
C1A PEB Y . 21.78 40.93 31.93
C2A PEB Y . 21.08 39.60 31.90
C3A PEB Y . 21.22 39.17 30.43
C4A PEB Y . 21.97 40.31 29.78
CMA PEB Y . 21.60 38.60 32.91
CBA PEB Y . 19.89 38.18 28.50
OA PEB Y . 22.20 41.49 32.93
CHA PEB Y . 22.64 40.29 28.55
CAA PEB Y . 19.84 38.88 29.83
NB PEB Y . 24.77 41.17 27.73
C1B PEB Y . 23.43 41.30 28.04
C2B PEB Y . 23.00 42.61 27.60
C3B PEB Y . 23.75 42.85 26.49
C4B PEB Y . 24.94 42.02 26.67
CHB PEB Y . 26.11 42.12 25.90
CMB PEB Y . 21.99 43.51 28.25
CAB PEB Y . 23.45 43.72 25.31
CBB PEB Y . 23.72 45.22 25.56
CGB PEB Y . 25.19 45.58 25.64
O1B PEB Y . 25.74 46.04 24.61
O2B PEB Y . 25.79 45.40 26.72
CHC PEB Z . 8.21 -28.31 -13.57
NC PEB Z . 7.53 -28.98 -15.87
C1C PEB Z . 7.71 -28.62 -17.18
C2C PEB Z . 8.54 -27.49 -17.18
C3C PEB Z . 8.85 -27.20 -15.84
C4C PEB Z . 8.21 -28.15 -15.05
CMC PEB Z . 9.72 -26.09 -15.36
CAC PEB Z . 9.00 -26.74 -18.37
CBC PEB Z . 10.30 -27.29 -18.96
CGC PEB Z . 10.20 -28.70 -19.55
O1C PEB Z . 9.66 -28.82 -20.67
O2C PEB Z . 10.69 -29.61 -18.86
ND PEB Z . 10.67 -28.63 -13.68
C1D PEB Z . 9.45 -29.06 -13.05
C2D PEB Z . 9.72 -28.78 -11.60
C3D PEB Z . 10.96 -28.27 -11.45
C4D PEB Z . 11.59 -28.15 -12.81
CMD PEB Z . 8.76 -29.21 -10.57
CAD PEB Z . 11.65 -28.07 -10.19
CBD PEB Z . 12.96 -27.86 -10.00
OD PEB Z . 12.69 -27.74 -13.10
NA PEB Z . 2.23 -33.87 -17.41
C1A PEB Z . 1.01 -34.37 -17.06
C2A PEB Z . 0.56 -33.64 -15.82
C3A PEB Z . 1.78 -32.79 -15.41
C4A PEB Z . 2.72 -32.89 -16.59
CMA PEB Z . -0.70 -32.84 -16.10
CBA PEB Z . 1.47 -33.55 -13.00
OA PEB Z . 0.43 -35.24 -17.65
CHA PEB Z . 4.01 -32.52 -16.59
CAA PEB Z . 2.45 -33.25 -14.12
NB PEB Z . 5.66 -30.86 -17.15
C1B PEB Z . 4.73 -31.70 -17.54
C2B PEB Z . 4.60 -31.70 -19.00
C3B PEB Z . 5.48 -30.78 -19.46
C4B PEB Z . 6.16 -30.24 -18.29
CHB PEB Z . 7.12 -29.29 -18.28
CMB PEB Z . 3.66 -32.52 -19.81
CAB PEB Z . 5.74 -30.37 -20.86
CBB PEB Z . 4.91 -29.14 -21.25
CGB PEB Z . 4.80 -28.88 -22.76
O1B PEB Z . 3.67 -28.81 -23.26
O2B PEB Z . 5.89 -28.76 -23.37
CHC PEB AA . 5.07 -45.62 -0.78
NC PEB AA . 4.41 -48.01 -0.92
C1C PEB AA . 4.74 -49.18 -1.55
C2C PEB AA . 5.83 -48.90 -2.38
C3C PEB AA . 6.12 -47.53 -2.22
C4C PEB AA . 5.22 -47.01 -1.31
CMC PEB AA . 7.20 -46.77 -2.91
CAC PEB AA . 6.53 -49.87 -3.26
CBC PEB AA . 7.64 -50.64 -2.54
CGC PEB AA . 7.19 -51.40 -1.27
O1C PEB AA . 6.65 -52.50 -1.42
O2C PEB AA . 7.42 -50.81 -0.19
ND PEB AA . 7.10 -46.00 0.60
C1D PEB AA . 5.76 -45.48 0.59
C2D PEB AA . 5.99 -44.05 0.97
C3D PEB AA . 7.30 -43.82 1.19
C4D PEB AA . 8.04 -45.09 0.92
CMD PEB AA . 4.88 -43.07 0.89
CAD PEB AA . 7.92 -42.52 1.33
CBD PEB AA . 9.21 -42.25 1.56
OD PEB AA . 9.23 -45.30 0.99
NA PEB AA . 0.14 -50.00 2.61
C1A PEB AA . -1.12 -49.88 3.10
C2A PEB AA . -1.01 -49.40 4.53
C3A PEB AA . 0.50 -49.12 4.71
C4A PEB AA . 1.15 -49.72 3.47
CMA PEB AA . -1.91 -48.21 4.77
CBA PEB AA . 0.57 -51.08 6.25
OA PEB AA . -2.13 -50.09 2.46
CHA PEB AA . 2.44 -50.06 3.18
CAA PEB AA . 1.03 -49.65 6.03
NB PEB AA . 3.39 -49.94 0.94
C1B PEB AA . 2.72 -50.60 1.86
C2B PEB AA . 2.30 -51.91 1.38
C3B PEB AA . 2.76 -52.01 0.10
C4B PEB AA . 3.44 -50.76 -0.18
CHB PEB AA . 4.06 -50.40 -1.33
CMB PEB AA . 1.52 -52.90 2.18
CAB PEB AA . 2.60 -53.15 -0.85
CBB PEB AA . 1.15 -53.30 -1.33
CGB PEB AA . 0.63 -52.12 -2.17
O1B PEB AA . -0.40 -51.55 -1.79
O2B PEB AA . 1.29 -51.85 -3.19
CHC PUB BA . -19.80 -25.44 4.22
NC PUB BA . -18.66 -26.56 6.12
C1C PUB BA . -18.91 -26.75 7.46
C2C PUB BA . -20.14 -26.08 7.84
C3C PUB BA . -20.62 -25.52 6.66
C4C PUB BA . -19.72 -25.82 5.66
CMC PUB BA . -21.87 -24.71 6.50
CAC PUB BA . -20.75 -26.03 9.21
CBC PUB BA . -20.29 -24.83 10.04
CGC PUB BA . -20.94 -24.73 11.40
O1C PUB BA . -20.80 -25.68 12.19
O2C PUB BA . -21.60 -23.70 11.66
ND PUB BA . -21.82 -26.84 3.67
C1D PUB BA . -20.43 -26.57 3.38
C2D PUB BA . -20.50 -26.22 1.91
C3D PUB BA . -21.77 -26.35 1.49
C4D PUB BA . -22.62 -26.70 2.60
CMD PUB BA . -19.30 -25.83 1.12
CBD PUB BA . -22.25 -27.44 -0.72
OD PUB BA . -23.84 -26.88 2.58
NA PUB BA . -14.32 -31.51 5.80
C1A PUB BA . -13.29 -32.29 5.40
C2A PUB BA . -12.73 -31.69 4.21
C3A PUB BA . -13.48 -30.62 3.88
C4A PUB BA . -14.51 -30.35 4.96
CMA PUB BA . -11.55 -32.18 3.43
CBA PUB BA . -14.66 -29.28 2.07
OA PUB BA . -12.90 -33.32 5.96
CHA PUB BA . -14.20 -29.08 5.75
CAA PUB BA . -13.34 -29.76 2.66
CAD PUB BA . -22.28 -26.15 0.09
NB PUB BA . -16.26 -28.14 6.83
C1B PUB BA . -15.13 -28.88 6.91
C2B PUB BA . -15.01 -29.38 8.19
C3B PUB BA . -16.11 -28.93 8.92
C4B PUB BA . -16.91 -28.13 8.05
CHB PUB BA . -18.10 -27.48 8.33
CMB PUB BA . -13.92 -30.25 8.73
CAB PUB BA . -16.41 -29.23 10.36
CBB PUB BA . -17.78 -29.85 10.62
CGB PUB BA . -18.04 -31.12 9.83
O1B PUB BA . -18.12 -31.05 8.59
O2B PUB BA . -18.17 -32.19 10.47
CHC PEB CA . -9.05 -6.86 4.67
NC PEB CA . -10.33 -6.70 2.54
C1C PEB CA . -10.45 -5.93 1.43
C2C PEB CA . -9.51 -4.90 1.55
C3C PEB CA . -8.85 -5.08 2.78
C4C PEB CA . -9.38 -6.21 3.37
CMC PEB CA . -7.77 -4.22 3.34
CAC PEB CA . -9.26 -3.80 0.57
CBC PEB CA . -8.10 -4.11 -0.36
CGC PEB CA . -8.28 -5.36 -1.24
O1C PEB CA . -7.46 -6.29 -1.11
O2C PEB CA . -9.26 -5.34 -2.02
ND PEB CA . -6.71 -7.33 3.98
C1D PEB CA . -7.90 -7.88 4.55
C2D PEB CA . -7.41 -8.38 5.88
C3D PEB CA . -6.10 -8.11 6.03
C4D PEB CA . -5.63 -7.44 4.78
CMD PEB CA . -8.29 -9.22 6.73
CAD PEB CA . -5.37 -8.15 7.27
CBD PEB CA . -4.04 -8.22 7.43
OD PEB CA . -4.50 -7.04 4.52
NA PEB CA . -16.46 -10.24 0.92
C1A PEB CA . -17.50 -11.07 1.21
C2A PEB CA . -17.13 -11.83 2.46
C3A PEB CA . -15.79 -11.20 2.91
C4A PEB CA . -15.40 -10.29 1.77
CMA PEB CA . -18.26 -11.71 3.47
CBA PEB CA . -15.17 -13.36 4.14
OA PEB CA . -18.52 -11.15 0.56
CHA PEB CA . -14.13 -9.94 1.44
CAA PEB CA . -14.70 -12.23 3.25
NB PEB CA . -12.61 -8.10 1.17
C1B PEB CA . -13.62 -8.81 0.71
C2B PEB CA . -14.06 -8.29 -0.57
C3B PEB CA . -13.27 -7.23 -0.86
C4B PEB CA . -12.34 -7.11 0.25
CHB PEB CA . -11.36 -6.16 0.37
CMB PEB CA . -15.17 -8.81 -1.43
CAB PEB CA . -13.32 -6.33 -2.05
CBB PEB CA . -14.35 -5.23 -1.86
CGB PEB CA . -14.66 -4.41 -3.12
O1B PEB CA . -13.74 -4.21 -3.93
O2B PEB CA . -15.84 -4.00 -3.22
CHC PEB DA . 4.52 -33.18 16.58
NC PEB DA . 3.25 -34.11 18.48
C1C PEB DA . 3.43 -34.79 19.65
C2C PEB DA . 4.80 -35.02 19.79
C3C PEB DA . 5.44 -34.46 18.67
C4C PEB DA . 4.44 -33.90 17.87
CMC PEB DA . 6.91 -34.46 18.40
CAC PEB DA . 5.46 -35.73 20.93
CBC PEB DA . 5.82 -37.17 20.60
CGC PEB DA . 4.83 -37.93 19.71
O1C PEB DA . 3.74 -38.28 20.20
O2C PEB DA . 5.21 -38.14 18.53
ND PEB DA . 5.98 -31.45 17.52
C1D PEB DA . 4.78 -31.68 16.77
C2D PEB DA . 5.06 -30.98 15.47
C3D PEB DA . 6.33 -30.53 15.47
C4D PEB DA . 6.92 -30.79 16.80
CMD PEB DA . 4.06 -31.01 14.38
CAD PEB DA . 6.98 -29.82 14.38
CBD PEB DA . 8.13 -29.16 14.42
OD PEB DA . 8.04 -30.48 17.22
NA PEB DA . -3.69 -35.89 19.10
C1A PEB DA . -5.02 -36.13 19.05
C2A PEB DA . -5.70 -34.83 18.68
C3A PEB DA . -4.55 -33.87 18.33
C4A PEB DA . -3.32 -34.60 18.81
CMA PEB DA . -6.68 -35.05 17.54
CBA PEB DA . -4.02 -31.38 18.14
OA PEB DA . -5.54 -37.20 19.28
CHA PEB DA . -2.07 -34.12 18.91
CAA PEB DA . -4.70 -32.47 18.95
NB PEB DA . 0.30 -34.50 19.36
C1B PEB DA . -0.98 -34.56 19.75
C2B PEB DA . -1.12 -35.10 21.10
C3B PEB DA . 0.14 -35.38 21.52
C4B PEB DA . 1.03 -35.01 20.43
CHB PEB DA . 2.37 -35.16 20.51
CMB PEB DA . -2.37 -35.30 21.88
CAB PEB DA . 0.56 -35.95 22.84
CBB PEB DA . 1.07 -37.38 22.78
CGB PEB DA . 2.38 -37.64 23.56
O1B PEB DA . 2.99 -36.64 23.98
O2B PEB DA . 2.69 -38.84 23.71
CHC PEB EA . -0.73 40.96 -9.16
NC PEB EA . -2.42 41.60 -10.87
C1C PEB EA . -3.65 41.23 -11.34
C2C PEB EA . -4.06 40.15 -10.57
C3C PEB EA . -3.05 39.87 -9.63
C4C PEB EA . -2.03 40.80 -9.85
CMC PEB EA . -3.09 38.79 -8.60
CAC PEB EA . -5.35 39.43 -10.72
CBC PEB EA . -6.47 40.01 -9.86
CGC PEB EA . -6.93 41.42 -10.24
O1C PEB EA . -7.62 41.56 -11.28
O2C PEB EA . -6.57 42.33 -9.47
ND PEB EA . -1.98 41.37 -7.05
C1D PEB EA . -0.85 41.76 -7.84
C2D PEB EA . 0.29 41.49 -6.90
C3D PEB EA . -0.17 41.03 -5.73
C4D PEB EA . -1.66 40.93 -5.82
CMD PEB EA . 1.69 41.84 -7.29
CAD PEB EA . 0.59 40.96 -4.49
CBD PEB EA . 0.14 40.67 -3.27
OD PEB EA . -2.44 40.55 -4.98
NA PEB EA . -1.33 46.24 -16.53
C1A PEB EA . -0.43 46.69 -17.44
C2A PEB EA . 0.93 46.13 -17.06
C3A PEB EA . 0.68 45.45 -15.70
C4A PEB EA . -0.83 45.43 -15.54
CMA PEB EA . 1.47 45.20 -18.14
CBA PEB EA . 2.06 47.44 -14.95
OA PEB EA . -0.69 47.42 -18.38
CHA PEB EA . -1.49 45.16 -14.40
CAA PEB EA . 1.39 46.14 -14.54
NB PEB EA . -2.69 43.44 -13.20
C1B PEB EA . -2.65 44.32 -14.17
C2B PEB EA . -3.91 44.34 -14.91
C3B PEB EA . -4.70 43.40 -14.32
C4B PEB EA . -3.93 42.83 -13.25
CHB PEB EA . -4.35 41.86 -12.40
CMB PEB EA . -4.25 45.20 -16.06
CAB PEB EA . -6.09 43.00 -14.70
CBB PEB EA . -6.08 41.82 -15.67
CGB PEB EA . -7.40 41.59 -16.43
O1B PEB EA . -7.42 41.79 -17.65
O2B PEB EA . -8.37 41.21 -15.72
CHC PEB FA . 12.29 58.96 -6.30
NC PEB FA . 12.54 61.36 -6.80
C1C PEB FA . 11.80 62.50 -7.00
C2C PEB FA . 10.46 62.15 -6.85
C3C PEB FA . 10.42 60.76 -6.56
C4C PEB FA . 11.74 60.32 -6.55
CMC PEB FA . 9.20 59.94 -6.32
CAC PEB FA . 9.28 63.05 -6.97
CBC PEB FA . 8.91 63.70 -5.63
CGC PEB FA . 9.89 64.77 -5.13
O1C PEB FA . 9.61 65.97 -5.34
O2C PEB FA . 10.90 64.35 -4.52
ND PEB FA . 11.97 59.34 -3.89
C1D PEB FA . 12.88 58.84 -4.88
C2D PEB FA . 13.05 57.41 -4.46
C3D PEB FA . 12.44 57.21 -3.27
C4D PEB FA . 11.67 58.44 -2.93
CMD PEB FA . 13.55 56.41 -5.43
CAD PEB FA . 12.59 56.04 -2.43
CBD PEB FA . 11.79 55.64 -1.44
OD PEB FA . 10.92 58.64 -1.99
NA PEB FA . 17.46 63.30 -10.59
C1A PEB FA . 18.45 63.36 -11.52
C2A PEB FA . 19.75 63.00 -10.81
C3A PEB FA . 19.35 62.75 -9.35
C4A PEB FA . 17.86 62.97 -9.33
CMA PEB FA . 20.45 61.83 -11.49
CBA PEB FA . 20.13 65.10 -8.77
OA PEB FA . 18.30 63.63 -12.69
CHA PEB FA . 17.04 62.94 -8.25
CAA PEB FA . 20.09 63.64 -8.35
NB PEB FA . 14.69 63.04 -7.69
C1B PEB FA . 15.78 63.64 -8.10
C2B PEB FA . 15.56 65.05 -8.35
C3B PEB FA . 14.24 65.28 -8.07
C4B PEB FA . 13.69 64.00 -7.65
CHB PEB FA . 12.40 63.75 -7.29
CMB PEB FA . 16.58 66.04 -8.81
CAB PEB FA . 13.47 66.56 -8.18
CBB PEB FA . 12.97 66.79 -9.59
CGB PEB FA . 12.30 65.57 -10.24
O1B PEB FA . 12.94 64.96 -11.12
O2B PEB FA . 11.15 65.30 -9.85
CHC PUB GA . 28.08 38.00 -25.39
NC PUB GA . 29.23 39.19 -23.53
C1C PUB GA . 30.54 39.40 -23.12
C2C PUB GA . 31.44 38.71 -24.03
C3C PUB GA . 30.63 38.11 -24.97
C4C PUB GA . 29.32 38.41 -24.65
CMC PUB GA . 31.08 37.29 -26.14
CAC PUB GA . 32.93 38.68 -23.92
CBC PUB GA . 33.47 37.48 -23.13
CGC PUB GA . 34.98 37.41 -23.08
O1C PUB GA . 35.61 38.37 -22.60
O2C PUB GA . 35.53 36.38 -23.52
ND PUB GA . 28.60 39.30 -27.49
C1D PUB GA . 27.66 39.09 -26.39
C2D PUB GA . 26.41 38.73 -27.14
C3D PUB GA . 26.65 38.81 -28.47
C4D PUB GA . 28.04 39.12 -28.69
CMD PUB GA . 25.13 38.39 -26.46
CBD PUB GA . 24.96 39.87 -29.99
OD PUB GA . 28.61 39.23 -29.78
NA PUB GA . 26.17 44.12 -19.28
C1A PUB GA . 24.90 44.42 -18.98
C2A PUB GA . 24.04 43.69 -19.91
C3A PUB GA . 24.84 42.98 -20.73
C4A PUB GA . 26.29 43.14 -20.34
CMA PUB GA . 22.53 43.65 -19.98
CBA PUB GA . 24.25 42.79 -23.19
OA PUB GA . 24.58 45.17 -18.05
CHA PUB GA . 26.83 41.81 -19.80
CAA PUB GA . 24.39 42.09 -21.86
CAD PUB GA . 25.66 38.58 -29.57
NB PUB GA . 28.73 40.83 -21.10
C1B PUB GA . 28.28 41.59 -20.08
C2B PUB GA . 29.36 42.09 -19.39
C3B PUB GA . 30.51 41.63 -20.01
C4B PUB GA . 30.11 40.81 -21.10
CHB PUB GA . 30.91 40.14 -22.02
CMB PUB GA . 29.33 42.98 -18.18
CAB PUB GA . 31.93 41.91 -19.61
CBB PUB GA . 32.81 42.51 -20.71
CGB PUB GA . 32.22 43.76 -21.35
O1B PUB GA . 31.19 43.66 -22.03
O2B PUB GA . 32.82 44.84 -21.16
CHC PEB HA . 23.54 19.61 -15.67
NC PEB HA . 22.48 19.31 -17.90
C1C PEB HA . 21.57 18.52 -18.57
C2C PEB HA . 21.12 17.58 -17.63
C3C PEB HA . 21.78 17.83 -16.41
C4C PEB HA . 22.61 18.93 -16.62
CMC PEB HA . 21.62 17.08 -15.13
CAC PEB HA . 20.12 16.49 -17.87
CBC PEB HA . 18.77 16.74 -17.21
CGC PEB HA . 17.98 17.95 -17.74
O1C PEB HA . 17.53 18.75 -16.91
O2C PEB HA . 17.86 18.02 -18.99
ND PEB HA . 21.90 20.03 -13.84
C1D PEB HA . 22.90 20.62 -14.69
C2D PEB HA . 23.88 21.16 -13.69
C3D PEB HA . 23.52 20.81 -12.45
C4D PEB HA . 22.21 20.11 -12.52
CMD PEB HA . 25.04 21.98 -14.13
CAD PEB HA . 24.36 20.86 -11.26
CBD PEB HA . 23.96 20.83 -9.99
OD PEB HA . 21.52 19.69 -11.61
NA PEB HA . 23.24 23.12 -24.02
C1A PEB HA . 23.92 23.87 -24.93
C2A PEB HA . 25.10 24.50 -24.21
C3A PEB HA . 24.80 24.21 -22.73
C4A PEB HA . 23.76 23.12 -22.76
CMA PEB HA . 26.43 23.94 -24.71
CBA PEB HA . 25.50 26.38 -21.62
OA PEB HA . 23.61 24.01 -26.10
CHA PEB HA . 23.07 22.71 -21.67
CAA PEB HA . 24.35 25.45 -21.96
NB PEB HA . 22.37 20.69 -20.66
C1B PEB HA . 22.11 21.65 -21.53
C2B PEB HA . 20.83 21.46 -22.22
C3B PEB HA . 20.35 20.28 -21.70
C4B PEB HA . 21.31 19.81 -20.72
CHB PEB HA . 21.22 18.69 -19.94
CMB PEB HA . 20.19 22.36 -23.27
CAB PEB HA . 19.09 19.55 -22.02
CBB PEB HA . 19.45 18.30 -22.83
CGB PEB HA . 18.26 17.42 -23.28
O1B PEB HA . 17.13 17.69 -22.84
O2B PEB HA . 18.55 16.51 -24.08
CHC PEB IA . 28.00 46.69 1.73
NC PEB IA . 30.30 47.51 1.50
C1C PEB IA . 31.26 48.23 2.15
C2C PEB IA . 30.71 48.63 3.37
C3C PEB IA . 29.40 48.12 3.43
C4C PEB IA . 29.18 47.42 2.24
CMC PEB IA . 28.49 48.34 4.59
CAC PEB IA . 31.41 49.45 4.42
CBC PEB IA . 30.98 50.91 4.39
CGC PEB IA . 30.40 51.40 3.04
O1C PEB IA . 31.20 51.56 2.10
O2C PEB IA . 29.18 51.60 3.02
ND PEB IA . 27.34 45.60 3.82
C1D PEB IA . 27.74 45.36 2.47
C2D PEB IA . 26.55 44.62 1.94
C3D PEB IA . 25.83 44.16 2.99
C4D PEB IA . 26.20 44.97 4.19
CMD PEB IA . 26.48 44.24 0.51
CAD PEB IA . 25.30 42.81 3.08
CBD PEB IA . 24.79 42.27 4.19
OD PEB IA . 25.72 45.02 5.30
NA PEB IA . 32.87 49.16 -4.35
C1A PEB IA . 33.50 49.45 -5.52
C2A PEB IA . 33.76 48.13 -6.22
C3A PEB IA . 32.75 47.21 -5.53
C4A PEB IA . 32.69 47.82 -4.16
CMA PEB IA . 33.58 48.25 -7.73
CBA PEB IA . 31.90 44.81 -5.51
OA PEB IA . 33.77 50.57 -5.92
CHA PEB IA . 32.84 47.18 -2.97
CAA PEB IA . 33.12 45.73 -5.54
NB PEB IA . 32.39 47.71 -0.66
C1B PEB IA . 33.20 47.74 -1.69
C2B PEB IA . 34.46 48.39 -1.37
C3B PEB IA . 34.37 48.76 -0.06
C4B PEB IA . 33.06 48.33 0.38
CHB PEB IA . 32.55 48.50 1.64
CMB PEB IA . 35.59 48.57 -2.33
CAB PEB IA . 35.39 49.46 0.78
CBB PEB IA . 35.01 50.88 1.16
CGB PEB IA . 34.60 51.12 2.64
O1B PEB IA . 34.54 50.13 3.38
O2B PEB IA . 34.37 52.30 2.95
CHC PEB JA . -16.86 -17.15 -11.50
NC PEB JA . -17.36 -19.25 -10.26
C1C PEB JA . -17.54 -19.72 -8.99
C2C PEB JA . -17.38 -18.63 -8.13
C3C PEB JA . -17.10 -17.51 -8.94
C4C PEB JA . -17.10 -17.93 -10.25
CMC PEB JA . -16.85 -16.11 -8.47
CAC PEB JA . -17.48 -18.64 -6.64
CBC PEB JA . -18.88 -18.31 -6.16
CGC PEB JA . -19.98 -19.32 -6.53
O1C PEB JA . -19.98 -20.41 -5.94
O2C PEB JA . -20.78 -18.95 -7.41
ND PEB JA . -18.73 -15.65 -10.93
C1D PEB JA . -18.09 -16.36 -11.98
C2D PEB JA . -17.71 -15.26 -12.93
C3D PEB JA . -18.07 -14.07 -12.41
C4D PEB JA . -18.75 -14.31 -11.11
CMD PEB JA . -17.09 -15.56 -14.23
CAD PEB JA . -18.05 -12.80 -13.12
CBD PEB JA . -18.65 -11.66 -12.76
OD PEB JA . -19.25 -13.49 -10.35
NA PEB JA . -17.50 -25.91 -13.41
C1A PEB JA . -16.82 -26.74 -14.26
C2A PEB JA . -15.75 -25.92 -14.92
C3A PEB JA . -16.05 -24.47 -14.50
C4A PEB JA . -17.06 -24.60 -13.38
CMA PEB JA . -14.35 -26.40 -14.52
CBA PEB JA . -15.82 -23.84 -16.94
OA PEB JA . -17.07 -27.91 -14.41
CHA PEB JA . -17.70 -23.60 -12.76
CAA PEB JA . -16.57 -23.61 -15.65
NB PEB JA . -17.73 -22.08 -10.87
C1B PEB JA . -17.79 -23.31 -11.34
C2B PEB JA . -17.95 -24.27 -10.26
C3B PEB JA . -17.97 -23.55 -9.09
C4B PEB JA . -17.85 -22.16 -9.49
CHB PEB JA . -17.83 -21.08 -8.67
CMB PEB JA . -18.04 -25.74 -10.41
CAB PEB JA . -18.13 -24.05 -7.69
CBB PEB JA . -16.96 -24.94 -7.21
CGB PEB JA . -17.34 -26.08 -6.25
O1B PEB JA . -17.60 -27.22 -6.72
O2B PEB JA . -17.36 -25.76 -5.04
CHC PEB KA . -23.31 -19.97 -32.41
NC PEB KA . -24.39 -21.49 -34.05
C1C PEB KA . -25.51 -22.26 -34.22
C2C PEB KA . -26.27 -22.12 -33.05
C3C PEB KA . -25.58 -21.24 -32.21
C4C PEB KA . -24.41 -20.86 -32.86
CMC PEB KA . -26.02 -20.79 -30.85
CAC PEB KA . -27.59 -22.76 -32.76
CBC PEB KA . -28.76 -21.89 -33.19
CGC PEB KA . -28.79 -21.51 -34.69
O1C PEB KA . -29.44 -22.24 -35.47
O2C PEB KA . -28.15 -20.48 -35.00
ND PEB KA . -24.62 -17.94 -32.97
C1D PEB KA . -23.35 -18.59 -33.09
C2D PEB KA . -22.43 -17.60 -32.41
C3D PEB KA . -23.12 -16.51 -32.03
C4D PEB KA . -24.57 -16.73 -32.37
CMD PEB KA . -21.04 -17.98 -32.09
CAD PEB KA . -22.61 -15.40 -31.24
CBD PEB KA . -23.27 -14.33 -30.82
OD PEB KA . -25.51 -15.99 -32.15
NA PEB KA . -21.28 -24.41 -39.27
C1A PEB KA . -20.31 -24.94 -40.06
C2A PEB KA . -19.57 -23.78 -40.69
C3A PEB KA . -20.21 -22.52 -40.10
C4A PEB KA . -21.35 -23.05 -39.25
CMA PEB KA . -18.06 -23.90 -40.45
CBA PEB KA . -21.63 -22.12 -42.17
OA PEB KA . -20.10 -26.12 -40.21
CHA PEB KA . -22.32 -22.33 -38.66
CAA PEB KA . -20.68 -21.51 -41.15
NB PEB KA . -23.88 -22.48 -36.81
C1B PEB KA . -23.53 -22.83 -38.03
C2B PEB KA . -24.49 -23.74 -38.63
C3B PEB KA . -25.46 -23.94 -37.68
C4B PEB KA . -25.07 -23.13 -36.54
CHB PEB KA . -25.78 -23.04 -35.38
CMB PEB KA . -24.40 -24.33 -39.99
CAB PEB KA . -26.68 -24.79 -37.78
CBB PEB KA . -26.36 -26.25 -37.48
CGB PEB KA . -25.58 -26.50 -36.18
O1B PEB KA . -24.35 -26.69 -36.27
O2B PEB KA . -26.25 -26.49 -35.13
CHC PUB LA . 8.61 -25.25 -31.29
NC PUB LA . 7.58 -23.93 -33.12
C1C PUB LA . 7.97 -23.49 -34.37
C2C PUB LA . 9.34 -23.87 -34.63
C3C PUB LA . 9.74 -24.59 -33.52
C4C PUB LA . 8.67 -24.61 -32.64
CMC PUB LA . 11.06 -25.24 -33.31
CAC PUB LA . 10.13 -23.55 -35.86
CBC PUB LA . 11.03 -22.32 -35.71
CGC PUB LA . 11.81 -21.97 -36.96
O1C PUB LA . 11.63 -22.65 -37.99
O2C PUB LA . 12.63 -21.02 -36.91
ND PUB LA . 8.85 -27.60 -32.16
C1D PUB LA . 8.03 -26.68 -31.40
C2D PUB LA . 7.97 -27.37 -30.06
C3D PUB LA . 8.62 -28.54 -30.14
C4D PUB LA . 9.22 -28.69 -31.44
CMD PUB LA . 7.25 -26.79 -28.90
CBD PUB LA . 7.64 -30.60 -29.09
OD PUB LA . 9.93 -29.62 -31.85
NA PUB LA . 1.46 -23.49 -34.20
C1A PUB LA . 0.12 -23.45 -34.23
C2A PUB LA . -0.35 -23.12 -32.90
C3A PUB LA . 0.73 -22.94 -32.11
C4A PUB LA . 2.01 -23.18 -32.89
CMA PUB LA . -1.77 -22.97 -32.46
CBA PUB LA . 0.59 -23.73 -29.71
OA PUB LA . -0.58 -23.65 -35.22
CHA PUB LA . 2.86 -21.91 -32.98
CAA PUB LA . 0.73 -22.56 -30.65
CAD PUB LA . 8.75 -29.58 -29.06
NB PUB LA . 5.12 -22.46 -33.88
C1B PUB LA . 3.88 -21.96 -34.05
C2B PUB LA . 3.75 -21.54 -35.36
C3B PUB LA . 4.97 -21.77 -36.00
C4B PUB LA . 5.85 -22.35 -35.05
CHB PUB LA . 7.15 -22.77 -35.24
CMB PUB LA . 2.53 -20.92 -36.00
CAB PUB LA . 5.30 -21.48 -37.44
CBB PUB LA . 5.64 -22.72 -38.26
CGB PUB LA . 4.57 -23.79 -38.27
O1B PUB LA . 4.29 -24.36 -37.20
O2B PUB LA . 4.01 -24.05 -39.36
CHC PEB MA . 14.36 -8.72 -18.67
NC PEB MA . 14.71 -10.78 -17.38
C1C PEB MA . 15.01 -11.21 -16.12
C2C PEB MA . 15.16 -10.09 -15.31
C3C PEB MA . 14.95 -8.96 -16.13
C4C PEB MA . 14.67 -9.43 -17.40
CMC PEB MA . 15.01 -7.53 -15.70
CAC PEB MA . 15.50 -10.08 -13.85
CBC PEB MA . 14.25 -9.94 -12.96
CGC PEB MA . 13.36 -11.19 -12.87
O1C PEB MA . 12.14 -11.05 -13.09
O2C PEB MA . 13.94 -12.26 -12.56
ND PEB MA . 12.22 -7.96 -17.73
C1D PEB MA . 12.84 -8.62 -18.84
C2D PEB MA . 12.46 -7.73 -19.98
C3D PEB MA . 11.85 -6.62 -19.52
C4D PEB MA . 11.64 -6.79 -18.06
CMD PEB MA . 12.91 -8.05 -21.36
CAD PEB MA . 11.67 -5.38 -20.25
CBD PEB MA . 10.81 -4.40 -19.95
OD PEB MA . 11.05 -6.06 -17.29
NA PEB MA . 15.91 -17.74 -19.65
C1A PEB MA . 16.19 -18.72 -20.55
C2A PEB MA . 15.85 -18.17 -21.92
C3A PEB MA . 15.43 -16.71 -21.66
C4A PEB MA . 15.42 -16.57 -20.16
CMA PEB MA . 17.06 -18.33 -22.82
CBA PEB MA . 13.86 -16.83 -23.68
OA PEB MA . 16.63 -19.81 -20.28
CHA PEB MA . 14.66 -15.69 -19.47
CAA PEB MA . 14.08 -16.29 -22.28
NB PEB MA . 14.79 -13.82 -17.92
C1B PEB MA . 14.88 -15.13 -18.15
C2B PEB MA . 15.18 -15.90 -16.94
C3B PEB MA . 15.30 -14.99 -15.95
C4B PEB MA . 15.07 -13.70 -16.55
CHB PEB MA . 15.12 -12.57 -15.78
CMB PEB MA . 15.33 -17.37 -16.77
CAB PEB MA . 15.61 -15.24 -14.50
CBB PEB MA . 17.09 -15.48 -14.24
CGB PEB MA . 17.44 -15.81 -12.77
O1B PEB MA . 17.10 -15.00 -11.90
O2B PEB MA . 18.05 -16.88 -12.58
CHC PEB NA . 15.81 3.28 34.76
NC PEB NA . 16.36 5.17 36.28
C1C PEB NA . 16.02 6.47 36.55
C2C PEB NA . 15.02 6.81 35.64
C3C PEB NA . 14.79 5.69 34.83
C4C PEB NA . 15.63 4.68 35.25
CMC PEB NA . 13.80 5.60 33.71
CAC PEB NA . 14.35 8.14 35.53
CBC PEB NA . 13.11 8.24 36.42
CGC PEB NA . 13.35 8.09 37.93
O1C PEB NA . 13.73 9.10 38.55
O2C PEB NA . 13.12 6.97 38.40
ND PEB NA . 13.45 2.81 35.32
C1D PEB NA . 14.79 2.30 35.35
C2D PEB NA . 14.66 1.05 34.53
C3D PEB NA . 13.39 0.89 34.11
C4D PEB NA . 12.59 2.04 34.62
CMD PEB NA . 15.84 0.19 34.27
CAD PEB NA . 12.83 -0.31 33.52
CBD PEB NA . 11.55 -0.58 33.29
OD PEB NA . 11.41 2.27 34.45
NA PEB NA . 22.31 5.42 40.68
C1A PEB NA . 23.63 5.14 40.78
C2A PEB NA . 24.02 4.38 39.53
C3A PEB NA . 22.68 4.09 38.84
C4A PEB NA . 21.69 4.97 39.55
CMA PEB NA . 24.99 5.20 38.70
CBA PEB NA . 23.38 1.64 38.60
OA PEB NA . 24.35 5.45 41.70
CHA PEB NA . 20.34 4.93 39.41
CAA PEB NA . 22.25 2.61 38.88
NB PEB NA . 18.40 5.84 38.33
C1B PEB NA . 19.41 5.99 39.15
C2B PEB NA . 19.42 7.33 39.75
C3B PEB NA . 18.34 7.98 39.21
C4B PEB NA . 17.72 7.03 38.32
CHB PEB NA . 16.60 7.26 37.56
CMB PEB NA . 20.39 7.87 40.73
CAB PEB NA . 17.89 9.38 39.48
CBB PEB NA . 18.48 10.36 38.48
CGB PEB NA . 18.33 11.84 38.89
O1B PEB NA . 19.33 12.57 38.77
O2B PEB NA . 17.21 12.18 39.31
CHC PEB OA . 24.01 -14.90 44.30
NC PEB OA . 24.59 -16.25 46.31
C1C PEB OA . 24.77 -16.10 47.66
C2C PEB OA . 24.56 -14.77 47.97
C3C PEB OA . 24.23 -14.12 46.77
C4C PEB OA . 24.26 -15.07 45.76
CMC PEB OA . 23.92 -12.67 46.58
CAC PEB OA . 24.66 -14.23 49.35
CBC PEB OA . 23.31 -14.29 50.07
CGC PEB OA . 22.63 -15.67 50.14
O1C PEB OA . 22.70 -16.30 51.22
O2C PEB OA . 22.06 -16.06 49.10
ND PEB OA . 22.06 -16.45 44.29
C1D PEB OA . 23.29 -16.10 43.64
C2D PEB OA . 22.84 -15.77 42.25
C3D PEB OA . 21.53 -16.03 42.12
C4D PEB OA . 21.00 -16.43 43.46
CMD PEB OA . 23.72 -14.98 41.36
CAD PEB OA . 20.71 -15.78 40.94
CBD PEB OA . 19.46 -16.19 40.71
OD PEB OA . 19.85 -16.69 43.78
NA PEB OA . 30.32 -19.43 46.50
C1A PEB OA . 31.34 -19.23 45.63
C2A PEB OA . 30.95 -19.86 44.31
C3A PEB OA . 29.52 -20.41 44.55
C4A PEB OA . 29.24 -20.10 46.01
CMA PEB OA . 31.05 -18.86 43.17
CBA PEB OA . 30.26 -22.77 45.06
OA PEB OA . 32.38 -18.66 45.88
CHA PEB OA . 28.12 -20.36 46.72
CAA PEB OA . 29.37 -21.88 44.21
NB PEB OA . 26.46 -18.72 47.35
C1B PEB OA . 27.52 -19.43 47.64
C2B PEB OA . 28.02 -19.17 48.98
C3B PEB OA . 27.18 -18.24 49.52
C4B PEB OA . 26.19 -17.98 48.48
CHB PEB OA . 25.13 -17.13 48.56
CMB PEB OA . 29.23 -19.82 49.59
CAB PEB OA . 27.20 -17.62 50.87
CBB PEB OA . 28.43 -16.74 51.11
CGB PEB OA . 28.57 -15.53 50.16
O1B PEB OA . 29.49 -15.56 49.33
O2B PEB OA . 27.72 -14.62 50.32
CHC PUB PA . 45.09 -6.00 21.68
NC PUB PA . 44.13 -8.26 21.86
C1C PUB PA . 44.43 -9.52 21.38
C2C PUB PA . 45.60 -9.46 20.53
C3C PUB PA . 45.97 -8.13 20.52
C4C PUB PA . 45.10 -7.45 21.33
CMC PUB PA . 47.13 -7.55 19.77
CAC PUB PA . 46.25 -10.63 19.84
CBC PUB PA . 45.63 -10.98 18.49
CGC PUB PA . 46.34 -12.11 17.76
O1C PUB PA . 46.47 -13.20 18.36
O2C PUB PA . 46.73 -11.91 16.60
ND PUB PA . 47.33 -5.90 22.81
C1D PUB PA . 45.91 -5.68 22.94
C2D PUB PA . 45.88 -4.20 23.25
C3D PUB PA . 47.13 -3.74 23.34
C4D PUB PA . 48.06 -4.80 23.02
CMD PUB PA . 44.61 -3.45 23.42
CBD PUB PA . 47.75 -2.16 25.20
OD PUB PA . 49.30 -4.72 22.96
NA PUB PA . 40.66 -10.78 26.72
C1A PUB PA . 39.76 -11.12 27.65
C2A PUB PA . 38.85 -10.00 27.80
C3A PUB PA . 39.29 -9.00 27.03
C4A PUB PA . 40.41 -9.49 26.14
CMA PUB PA . 37.65 -9.93 28.70
CBA PUB PA . 39.83 -6.54 26.69
OA PUB PA . 39.72 -12.19 28.27
CHA PUB PA . 39.93 -9.69 24.69
CAA PUB PA . 38.78 -7.59 26.97
CAD PUB PA . 47.57 -2.34 23.69
NB PUB PA . 41.89 -9.87 23.14
C1B PUB PA . 40.92 -10.45 23.88
C2B PUB PA . 41.01 -11.83 23.76
C3B PUB PA . 42.09 -12.10 22.92
C4B PUB PA . 42.63 -10.85 22.51
CHB PUB PA . 43.74 -10.67 21.69
CMB PUB PA . 40.14 -12.86 24.39
CAB PUB PA . 42.57 -13.46 22.48
CBB PUB PA . 44.02 -13.77 22.84
CGB PUB PA . 44.33 -13.70 24.33
O1B PUB PA . 44.29 -12.58 24.88
O2B PUB PA . 44.62 -14.75 24.92
CHC PEB QA . 31.17 -1.17 5.79
NC PEB QA . 32.12 1.03 6.37
C1C PEB QA . 31.96 2.37 6.11
C2C PEB QA . 30.87 2.49 5.22
C3C PEB QA . 30.41 1.19 4.97
C4C PEB QA . 31.21 0.31 5.69
CMC PEB QA . 29.26 0.81 4.07
CAC PEB QA . 30.32 3.76 4.67
CBC PEB QA . 29.14 4.28 5.48
CGC PEB QA . 29.45 4.64 6.94
O1C PEB QA . 28.83 4.02 7.82
O2C PEB QA . 30.32 5.52 7.12
ND PEB QA . 28.93 -1.08 6.81
C1D PEB QA . 30.23 -1.66 6.91
C2D PEB QA . 29.92 -3.13 6.82
C3D PEB QA . 28.59 -3.32 6.66
C4D PEB QA . 27.93 -1.98 6.67
CMD PEB QA . 31.00 -4.13 7.01
CAD PEB QA . 27.96 -4.55 6.25
CBD PEB QA . 26.66 -4.85 6.32
OD PEB QA . 26.75 -1.73 6.56
NA PEB QA . 38.50 2.17 9.58
C1A PEB QA . 39.70 1.77 10.06
C2A PEB QA . 39.66 0.27 10.21
C3A PEB QA . 38.30 -0.13 9.60
C4A PEB QA . 37.58 1.18 9.37
CMA PEB QA . 40.89 -0.32 9.57
CBA PEB QA . 38.26 -2.28 10.99
OA PEB QA . 40.64 2.51 10.29
CHA PEB QA . 36.24 1.36 9.32
CAA PEB QA . 37.46 -1.11 10.43
NB PEB QA . 34.40 2.08 7.93
C1B PEB QA . 35.44 2.39 8.68
C2B PEB QA . 35.62 3.83 8.77
C3B PEB QA . 34.62 4.38 8.01
C4B PEB QA . 33.87 3.27 7.48
CHB PEB QA . 32.77 3.38 6.67
CMB PEB QA . 36.65 4.59 9.51
CAB PEB QA . 34.35 5.82 7.75
CBB PEB QA . 35.22 6.36 6.61
CGB PEB QA . 34.89 7.81 6.20
O1B PEB QA . 33.75 8.23 6.44
O2B PEB QA . 35.82 8.43 5.66
CHC PEB RA . 23.92 -24.95 25.53
NC PEB RA . 25.49 -26.84 25.44
C1C PEB RA . 25.55 -28.19 25.60
C2C PEB RA . 24.26 -28.63 25.91
C3C PEB RA . 23.43 -27.49 25.94
C4C PEB RA . 24.24 -26.40 25.65
CMC PEB RA . 21.97 -27.49 26.23
CAC PEB RA . 23.84 -30.04 26.16
CBC PEB RA . 23.80 -30.39 27.65
CGC PEB RA . 25.04 -30.00 28.48
O1C PEB RA . 25.97 -30.83 28.54
O2C PEB RA . 25.00 -28.89 29.02
ND PEB RA . 22.25 -25.39 23.78
C1D PEB RA . 23.37 -24.59 24.14
C2D PEB RA . 22.79 -23.21 24.12
C3D PEB RA . 21.45 -23.28 23.94
C4D PEB RA . 21.10 -24.70 23.66
CMD PEB RA . 23.64 -22.03 24.44
CAD PEB RA . 20.54 -22.15 23.88
CBD PEB RA . 19.28 -22.17 23.46
OD PEB RA . 20.02 -25.16 23.36
NA PEB RA . 32.70 -26.94 26.01
C1A PEB RA . 34.05 -26.74 26.06
C2A PEB RA . 34.40 -25.75 24.99
C3A PEB RA . 33.05 -25.27 24.42
C4A PEB RA . 32.06 -26.23 25.04
CMA PEB RA . 35.26 -24.62 25.57
CBA PEB RA . 32.02 -24.19 22.35
OA PEB RA . 34.80 -27.28 26.84
CHA PEB RA . 30.73 -26.32 24.79
CAA PEB RA . 32.99 -25.23 22.89
NB PEB RA . 28.53 -27.28 25.17
C1B PEB RA . 29.83 -27.44 24.92
C2B PEB RA . 30.21 -28.85 24.79
C3B PEB RA . 29.07 -29.55 24.99
C4B PEB RA . 28.02 -28.58 25.22
CHB PEB RA . 26.73 -28.94 25.45
CMB PEB RA . 31.55 -29.42 24.52
CAB PEB RA . 28.92 -31.05 24.95
CBB PEB RA . 28.50 -31.69 26.28
CGB PEB RA . 27.20 -32.51 26.19
O1B PEB RA . 26.53 -32.42 25.15
O2B PEB RA . 26.94 -33.21 27.19
#